data_3F7F
#
_entry.id   3F7F
#
_cell.length_a   52.680
_cell.length_b   117.478
_cell.length_c   146.287
_cell.angle_alpha   89.94
_cell.angle_beta   89.77
_cell.angle_gamma   89.89
#
_symmetry.space_group_name_H-M   'P 1'
#
loop_
_entity.id
_entity.type
_entity.pdbx_description
1 polymer 'Nucleoporin NUP120'
2 non-polymer 'MERCURY (II) ION'
#
_entity_poly.entity_id   1
_entity_poly.type   'polypeptide(L)'
_entity_poly.pdbx_seq_one_letter_code
;MACLSRIDANLLQYYEKPEPNNTVDLYVSNNSNNNGLKEGDKSISTPVPQPYGSEYSNCLLLSNSEYICYHFSSRSTLLT
FYPLSDAYHGKTINIHLPNASMNQRYTLTIQEVEQQLLVNVILKDGSFLTLQLPLSFLFSSANTLNGEWFHLQNPYDFTV
RVPHFLFYVSPQFSVVFLEDGGLLGLKKVDGVHYEPLLFNDNSYLKCLTRFFSRSSKSDYDSVISCKLFHERYLIVLTQN
CHLKIWDLTSFTLIQDYDMVSQSDSDPSHFRKVEAVGEYLSLYNNTLVTLLPLENGLFQMGTLLVDSSGILTYTFQNNIP
TNLSASAIWSIVDLVLTRPLELNVEASYLNLIVLWKSGTASKLQILNVNDESFKNYEWIESVNKSLVDLQSEHDLDIVTK
TGDVERGFCNLKSRYGTQIFERAQQILSENKIIMAHNEDEEYLANLETILRDVKTAFNEASSITLYGDEIILVNCFQPYN
HSLYKLNTTVENWFYNMHSETDGSELFKYLRTLNGFASTLSNDVLRSISKKFLDIITGELPDSMTTVEKFTDIFKNCLEN
QFEITNLKILFDELNSFDIPVVLNDLINNQMKPGIFWKKDFISAIKFDGFTSIISLESLHQLLSIHYRITLQVLLTFVLF
DLDTEIFGQHISTLLDLHYKQFLLLNLYRQDKCLLAEVLLKDSSEFSFGVKFFNYGQLIAYIDSLNSNVYNASITENSFF
MTFFRSYII
;
_entity_poly.pdbx_strand_id   A,B,C,D
#
loop_
_chem_comp.id
_chem_comp.type
_chem_comp.name
_chem_comp.formula
HG non-polymer 'MERCURY (II) ION' 'Hg 2'
#
# COMPACT_ATOMS: atom_id res chain seq x y z
N MET A 1 -48.12 -27.42 36.43
CA MET A 1 -47.61 -28.64 35.73
C MET A 1 -46.11 -28.54 35.40
N ALA A 2 -45.72 -27.52 34.62
CA ALA A 2 -44.33 -27.32 34.20
C ALA A 2 -43.61 -26.27 35.07
N CYS A 3 -42.63 -26.70 35.85
CA CYS A 3 -41.91 -25.80 36.74
C CYS A 3 -40.55 -25.36 36.25
N LEU A 4 -40.07 -26.01 35.21
CA LEU A 4 -38.78 -25.64 34.65
C LEU A 4 -38.95 -25.21 33.20
N SER A 5 -38.04 -24.36 32.73
CA SER A 5 -38.10 -23.93 31.35
C SER A 5 -36.76 -24.28 30.69
N ARG A 6 -36.75 -24.25 29.36
CA ARG A 6 -35.56 -24.59 28.62
C ARG A 6 -34.84 -23.36 28.04
N ILE A 7 -33.54 -23.31 28.32
CA ILE A 7 -32.66 -22.25 27.87
C ILE A 7 -31.59 -22.90 27.00
N ASP A 8 -31.63 -22.66 25.70
CA ASP A 8 -30.63 -23.30 24.84
C ASP A 8 -29.36 -22.54 24.70
N ALA A 9 -28.26 -23.25 24.88
CA ALA A 9 -26.96 -22.62 24.80
C ALA A 9 -26.06 -23.15 23.70
N ASN A 10 -25.69 -22.28 22.78
CA ASN A 10 -24.77 -22.67 21.72
C ASN A 10 -23.52 -21.84 22.00
N LEU A 11 -22.56 -22.46 22.67
CA LEU A 11 -21.33 -21.82 23.06
C LEU A 11 -20.59 -20.94 22.04
N LEU A 12 -20.90 -21.08 20.75
CA LEU A 12 -20.20 -20.27 19.75
C LEU A 12 -21.13 -19.23 19.11
N GLN A 13 -22.31 -19.09 19.68
CA GLN A 13 -23.30 -18.18 19.16
C GLN A 13 -22.84 -16.75 18.92
N TYR A 14 -22.11 -16.19 19.88
CA TYR A 14 -21.62 -14.81 19.77
C TYR A 14 -20.53 -14.59 18.71
N TYR A 15 -20.04 -15.66 18.11
CA TYR A 15 -18.97 -15.50 17.13
C TYR A 15 -19.35 -15.82 15.70
N GLU A 16 -18.59 -15.25 14.78
CA GLU A 16 -18.82 -15.47 13.36
C GLU A 16 -18.25 -16.82 12.94
N LYS A 17 -17.00 -17.08 13.30
CA LYS A 17 -16.37 -18.36 12.98
C LYS A 17 -17.10 -19.46 13.75
N PRO A 18 -17.80 -20.38 13.05
CA PRO A 18 -18.54 -21.50 13.64
C PRO A 18 -17.62 -22.63 14.05
N GLU A 19 -16.46 -22.26 14.61
CA GLU A 19 -15.47 -23.24 15.06
C GLU A 19 -14.29 -22.50 15.69
N PRO A 20 -13.87 -22.92 16.89
CA PRO A 20 -12.74 -22.27 17.55
C PRO A 20 -11.56 -22.24 16.58
N ASN A 21 -10.67 -21.28 16.72
CA ASN A 21 -9.53 -21.25 15.82
C ASN A 21 -8.49 -22.24 16.36
N ASN A 22 -8.44 -22.37 17.67
CA ASN A 22 -7.51 -23.28 18.32
C ASN A 22 -8.10 -24.68 18.52
N THR A 23 -7.87 -25.54 17.52
CA THR A 23 -8.35 -26.92 17.52
C THR A 23 -7.18 -27.84 17.18
N VAL A 24 -6.84 -28.74 18.09
CA VAL A 24 -5.72 -29.65 17.83
C VAL A 24 -6.17 -31.08 17.58
N ASP A 25 -5.54 -31.75 16.62
CA ASP A 25 -5.88 -33.12 16.29
C ASP A 25 -4.79 -34.12 16.64
N LEU A 26 -5.01 -34.90 17.71
CA LEU A 26 -4.06 -35.92 18.13
C LEU A 26 -4.44 -37.24 17.48
N TYR A 27 -3.47 -37.92 16.91
CA TYR A 27 -3.74 -39.19 16.26
C TYR A 27 -3.12 -40.37 17.02
N VAL A 28 -3.79 -41.50 17.00
CA VAL A 28 -3.34 -42.71 17.69
C VAL A 28 -2.93 -43.80 16.72
N SER A 29 -1.83 -44.49 17.04
CA SER A 29 -1.31 -45.58 16.22
C SER A 29 -1.92 -46.93 16.65
N GLY A 53 -18.52 -34.99 17.20
CA GLY A 53 -18.97 -36.12 17.99
C GLY A 53 -20.46 -36.07 18.25
N SER A 54 -21.25 -36.77 17.41
CA SER A 54 -22.70 -36.79 17.52
C SER A 54 -23.37 -38.10 17.97
N GLU A 55 -22.75 -38.87 18.85
CA GLU A 55 -23.40 -40.09 19.30
C GLU A 55 -23.45 -40.11 20.82
N TYR A 56 -22.55 -39.37 21.46
CA TYR A 56 -22.55 -39.29 22.91
C TYR A 56 -21.79 -38.08 23.36
N SER A 57 -22.27 -37.44 24.42
CA SER A 57 -21.61 -36.28 24.96
C SER A 57 -21.96 -36.09 26.42
N ASN A 58 -20.97 -35.68 27.20
CA ASN A 58 -21.16 -35.48 28.62
C ASN A 58 -20.20 -34.42 29.09
N CYS A 59 -20.39 -33.99 30.34
CA CYS A 59 -19.55 -32.98 30.99
C CYS A 59 -19.01 -33.46 32.31
N LEU A 60 -17.69 -33.38 32.48
CA LEU A 60 -17.10 -33.81 33.73
C LEU A 60 -16.43 -32.63 34.44
N LEU A 61 -16.62 -32.57 35.76
CA LEU A 61 -16.01 -31.52 36.57
C LEU A 61 -14.60 -31.97 36.91
N LEU A 62 -13.67 -31.02 37.04
CA LEU A 62 -12.28 -31.37 37.34
C LEU A 62 -11.78 -30.80 38.66
N SER A 63 -10.46 -30.75 38.77
CA SER A 63 -9.81 -30.24 39.97
C SER A 63 -9.88 -28.72 40.02
N ASN A 64 -9.70 -28.09 38.87
CA ASN A 64 -9.71 -26.63 38.78
C ASN A 64 -11.11 -26.03 38.77
N SER A 65 -12.12 -26.83 39.11
CA SER A 65 -13.49 -26.31 39.13
C SER A 65 -13.97 -25.87 37.75
N GLU A 66 -13.28 -26.34 36.72
CA GLU A 66 -13.64 -26.04 35.35
C GLU A 66 -14.41 -27.26 34.86
N TYR A 67 -15.19 -27.07 33.81
CA TYR A 67 -15.97 -28.16 33.24
C TYR A 67 -15.44 -28.53 31.87
N ILE A 68 -15.18 -29.81 31.63
CA ILE A 68 -14.68 -30.24 30.33
C ILE A 68 -15.75 -31.07 29.63
N CYS A 69 -15.94 -30.84 28.34
CA CYS A 69 -16.94 -31.58 27.59
C CYS A 69 -16.26 -32.55 26.67
N TYR A 70 -16.89 -33.69 26.44
CA TYR A 70 -16.35 -34.65 25.53
C TYR A 70 -17.47 -35.25 24.70
N HIS A 71 -17.18 -35.49 23.44
CA HIS A 71 -18.11 -36.09 22.48
C HIS A 71 -17.44 -37.27 21.81
N PHE A 72 -18.15 -38.38 21.75
CA PHE A 72 -17.63 -39.57 21.09
C PHE A 72 -18.38 -39.55 19.77
N SER A 73 -17.66 -39.41 18.65
CA SER A 73 -18.31 -39.35 17.33
C SER A 73 -19.28 -40.51 17.13
N SER A 74 -20.07 -40.46 16.05
CA SER A 74 -21.03 -41.52 15.75
C SER A 74 -20.32 -42.86 15.64
N ARG A 75 -19.27 -42.90 14.84
CA ARG A 75 -18.50 -44.11 14.59
C ARG A 75 -17.64 -44.57 15.76
N SER A 76 -17.69 -43.85 16.86
CA SER A 76 -16.89 -44.23 18.02
C SER A 76 -15.43 -44.29 17.63
N THR A 77 -15.04 -43.47 16.66
CA THR A 77 -13.65 -43.42 16.21
C THR A 77 -12.95 -42.13 16.62
N LEU A 78 -13.74 -41.16 17.06
CA LEU A 78 -13.19 -39.88 17.46
C LEU A 78 -13.68 -39.42 18.81
N LEU A 79 -12.78 -38.88 19.61
CA LEU A 79 -13.12 -38.39 20.93
C LEU A 79 -12.78 -36.89 20.88
N THR A 80 -13.67 -36.04 21.37
CA THR A 80 -13.40 -34.62 21.33
C THR A 80 -13.48 -33.97 22.72
N PHE A 81 -12.58 -33.04 23.00
CA PHE A 81 -12.59 -32.37 24.29
C PHE A 81 -12.58 -30.85 24.12
N TYR A 82 -13.34 -30.15 24.95
CA TYR A 82 -13.37 -28.70 24.91
C TYR A 82 -13.95 -28.20 26.22
N PRO A 83 -13.46 -27.05 26.70
CA PRO A 83 -13.93 -26.46 27.96
C PRO A 83 -15.29 -25.78 27.87
N LEU A 84 -16.20 -26.18 28.76
CA LEU A 84 -17.53 -25.62 28.80
C LEU A 84 -17.54 -24.11 28.87
N SER A 85 -16.69 -23.53 29.72
CA SER A 85 -16.65 -22.08 29.91
C SER A 85 -15.85 -21.28 28.93
N ASP A 86 -15.11 -21.93 28.05
CA ASP A 86 -14.31 -21.20 27.07
C ASP A 86 -14.25 -21.97 25.77
N ALA A 87 -15.41 -22.22 25.17
CA ALA A 87 -15.45 -22.99 23.94
C ALA A 87 -14.80 -22.33 22.74
N TYR A 88 -14.96 -21.02 22.61
CA TYR A 88 -14.38 -20.33 21.45
C TYR A 88 -12.87 -20.16 21.50
N HIS A 89 -12.37 -19.46 22.52
CA HIS A 89 -10.94 -19.21 22.65
C HIS A 89 -10.21 -20.39 23.24
N GLY A 90 -10.95 -21.18 24.01
CA GLY A 90 -10.37 -22.38 24.61
C GLY A 90 -10.01 -23.38 23.53
N LYS A 91 -9.25 -24.39 23.89
CA LYS A 91 -8.84 -25.36 22.90
C LYS A 91 -9.68 -26.62 22.90
N THR A 92 -10.17 -27.00 21.72
CA THR A 92 -10.90 -28.23 21.65
C THR A 92 -9.89 -29.22 21.07
N ILE A 93 -9.85 -30.41 21.65
CA ILE A 93 -8.91 -31.43 21.23
C ILE A 93 -9.63 -32.63 20.61
N ASN A 94 -9.33 -32.93 19.35
CA ASN A 94 -9.92 -34.10 18.69
C ASN A 94 -8.93 -35.27 18.76
N ILE A 95 -9.28 -36.32 19.50
CA ILE A 95 -8.39 -37.48 19.59
C ILE A 95 -8.87 -38.58 18.65
N HIS A 96 -8.19 -38.74 17.52
CA HIS A 96 -8.54 -39.76 16.55
C HIS A 96 -8.18 -41.17 17.05
N LEU A 97 -8.88 -42.18 16.55
CA LEU A 97 -8.62 -43.55 17.00
C LEU A 97 -8.43 -44.54 15.85
N PRO A 98 -7.54 -45.54 16.03
CA PRO A 98 -7.23 -46.58 15.05
C PRO A 98 -8.52 -47.23 14.54
N ASN A 99 -9.41 -47.55 15.48
CA ASN A 99 -10.69 -48.11 15.11
C ASN A 99 -11.68 -47.97 16.26
N ALA A 100 -12.96 -48.08 15.92
CA ALA A 100 -14.04 -47.96 16.89
C ALA A 100 -13.79 -48.75 18.15
N SER A 101 -14.53 -48.42 19.21
CA SER A 101 -14.38 -49.18 20.43
C SER A 101 -15.31 -50.37 20.19
N MET A 102 -15.26 -51.36 21.07
CA MET A 102 -16.07 -52.56 20.93
C MET A 102 -17.56 -52.24 20.86
N ASN A 103 -18.06 -51.60 21.92
CA ASN A 103 -19.47 -51.25 22.04
C ASN A 103 -19.70 -49.80 22.42
N GLN A 104 -19.40 -48.91 21.48
CA GLN A 104 -19.61 -47.48 21.69
C GLN A 104 -19.08 -46.98 23.02
N ARG A 105 -19.67 -45.88 23.48
CA ARG A 105 -19.26 -45.25 24.73
C ARG A 105 -19.42 -46.15 25.94
N TYR A 106 -19.94 -47.35 25.72
CA TYR A 106 -20.13 -48.29 26.83
C TYR A 106 -18.81 -49.01 27.15
N THR A 107 -17.95 -49.14 26.14
CA THR A 107 -16.64 -49.78 26.32
C THR A 107 -15.56 -48.73 26.55
N LEU A 108 -15.99 -47.53 26.96
CA LEU A 108 -15.07 -46.41 27.21
C LEU A 108 -15.23 -45.84 28.61
N THR A 109 -14.14 -45.28 29.14
CA THR A 109 -14.14 -44.70 30.47
C THR A 109 -13.29 -43.43 30.50
N ILE A 110 -13.66 -42.48 31.36
CA ILE A 110 -12.93 -41.23 31.48
C ILE A 110 -13.01 -40.70 32.91
N GLN A 111 -11.92 -40.85 33.65
CA GLN A 111 -11.90 -40.37 35.03
C GLN A 111 -10.66 -39.50 35.18
N GLU A 112 -10.64 -38.69 36.22
CA GLU A 112 -9.49 -37.83 36.46
C GLU A 112 -8.68 -38.41 37.62
N VAL A 113 -7.53 -39.00 37.31
CA VAL A 113 -6.68 -39.59 38.34
C VAL A 113 -6.00 -38.53 39.21
N GLU A 114 -4.82 -38.07 38.77
CA GLU A 114 -4.08 -37.04 39.48
C GLU A 114 -3.55 -36.06 38.45
N GLN A 115 -4.24 -34.92 38.33
CA GLN A 115 -3.86 -33.88 37.39
C GLN A 115 -3.90 -34.42 35.98
N GLN A 116 -4.74 -35.42 35.72
CA GLN A 116 -4.84 -35.97 34.38
C GLN A 116 -6.17 -36.61 34.01
N LEU A 117 -6.44 -36.65 32.71
CA LEU A 117 -7.65 -37.27 32.21
C LEU A 117 -7.25 -38.65 31.73
N LEU A 118 -7.62 -39.67 32.48
CA LEU A 118 -7.29 -41.03 32.11
C LEU A 118 -8.46 -41.62 31.33
N VAL A 119 -8.19 -41.94 30.06
CA VAL A 119 -9.20 -42.49 29.16
C VAL A 119 -8.88 -43.94 28.77
N ASN A 120 -9.77 -44.86 29.11
CA ASN A 120 -9.57 -46.26 28.74
C ASN A 120 -10.63 -46.63 27.71
N VAL A 121 -10.23 -47.39 26.69
CA VAL A 121 -11.17 -47.76 25.65
C VAL A 121 -10.88 -49.11 25.00
N ILE A 122 -11.66 -50.12 25.39
CA ILE A 122 -11.50 -51.44 24.80
C ILE A 122 -11.94 -51.27 23.35
N LEU A 123 -10.99 -51.35 22.42
CA LEU A 123 -11.33 -51.17 21.02
C LEU A 123 -11.99 -52.39 20.42
N LYS A 124 -12.49 -52.26 19.19
CA LYS A 124 -13.17 -53.37 18.52
C LYS A 124 -12.27 -54.59 18.39
N ASP A 125 -11.10 -54.42 17.78
CA ASP A 125 -10.18 -55.54 17.60
C ASP A 125 -9.96 -56.36 18.89
N GLY A 126 -10.06 -55.69 20.04
CA GLY A 126 -9.88 -56.36 21.31
C GLY A 126 -8.78 -55.70 22.11
N SER A 127 -8.24 -54.59 21.60
CA SER A 127 -7.17 -53.83 22.24
C SER A 127 -7.72 -53.08 23.44
N PHE A 128 -6.84 -52.63 24.32
CA PHE A 128 -7.26 -51.88 25.50
C PHE A 128 -6.46 -50.59 25.60
N LEU A 129 -6.80 -49.63 24.73
CA LEU A 129 -6.15 -48.33 24.67
C LEU A 129 -6.22 -47.55 25.97
N THR A 130 -5.12 -46.85 26.29
CA THR A 130 -5.06 -46.05 27.50
C THR A 130 -4.60 -44.64 27.13
N LEU A 131 -5.47 -43.65 27.32
CA LEU A 131 -5.12 -42.27 27.01
C LEU A 131 -4.80 -41.49 28.28
N GLN A 132 -3.71 -40.74 28.26
CA GLN A 132 -3.32 -39.94 29.42
C GLN A 132 -3.15 -38.51 28.95
N LEU A 133 -4.16 -37.69 29.24
CA LEU A 133 -4.14 -36.30 28.86
C LEU A 133 -3.92 -35.43 30.07
N PRO A 134 -2.77 -34.72 30.11
CA PRO A 134 -2.41 -33.83 31.21
C PRO A 134 -3.45 -32.72 31.39
N LEU A 135 -3.96 -32.58 32.60
CA LEU A 135 -4.95 -31.54 32.89
C LEU A 135 -4.47 -30.21 32.35
N SER A 136 -3.18 -29.96 32.40
CA SER A 136 -2.63 -28.70 31.91
C SER A 136 -2.87 -28.60 30.40
N PHE A 137 -2.38 -29.58 29.65
CA PHE A 137 -2.54 -29.60 28.20
C PHE A 137 -3.94 -29.21 27.76
N LEU A 138 -4.94 -29.62 28.53
CA LEU A 138 -6.34 -29.33 28.20
C LEU A 138 -6.66 -27.85 28.25
N PHE A 139 -5.96 -27.12 29.09
CA PHE A 139 -6.21 -25.69 29.22
C PHE A 139 -5.05 -24.84 28.74
N SER A 140 -4.06 -25.47 28.12
CA SER A 140 -2.89 -24.75 27.63
C SER A 140 -3.22 -24.17 26.27
N SER A 141 -2.17 -23.79 25.56
CA SER A 141 -2.30 -23.21 24.23
C SER A 141 -1.58 -24.18 23.29
N ALA A 142 -0.85 -25.10 23.91
CA ALA A 142 -0.07 -26.11 23.20
C ALA A 142 -0.85 -26.87 22.14
N ASN A 143 -0.23 -27.06 20.99
CA ASN A 143 -0.82 -27.79 19.88
C ASN A 143 -0.01 -29.06 19.69
N THR A 144 0.81 -29.36 20.70
CA THR A 144 1.69 -30.53 20.73
C THR A 144 1.59 -31.19 22.10
N LEU A 145 1.87 -32.49 22.14
CA LEU A 145 1.84 -33.21 23.41
C LEU A 145 3.08 -34.11 23.49
N ASN A 146 3.80 -34.03 24.62
CA ASN A 146 5.02 -34.80 24.82
C ASN A 146 4.78 -36.04 25.67
N GLY A 147 5.64 -37.03 25.49
CA GLY A 147 5.55 -38.26 26.28
C GLY A 147 4.63 -39.32 25.70
N GLU A 148 4.22 -40.24 26.55
CA GLU A 148 3.33 -41.32 26.13
C GLU A 148 1.91 -41.04 26.62
N TRP A 149 1.08 -40.44 25.76
CA TRP A 149 -0.29 -40.16 26.14
C TRP A 149 -1.22 -41.32 25.81
N PHE A 150 -0.65 -42.40 25.26
CA PHE A 150 -1.45 -43.56 24.90
C PHE A 150 -0.65 -44.86 24.87
N HIS A 151 -1.25 -45.94 25.35
CA HIS A 151 -0.61 -47.26 25.39
C HIS A 151 -1.57 -48.36 24.96
N LEU A 152 -1.39 -48.91 23.76
CA LEU A 152 -2.25 -50.00 23.33
C LEU A 152 -1.85 -51.22 24.15
N GLN A 153 -2.77 -52.15 24.35
CA GLN A 153 -2.49 -53.32 25.17
C GLN A 153 -3.50 -54.44 24.92
N ASN A 154 -3.05 -55.69 24.98
CA ASN A 154 -3.93 -56.83 24.76
C ASN A 154 -3.92 -57.76 25.96
N PRO A 155 -4.63 -57.39 27.03
CA PRO A 155 -4.70 -58.19 28.26
C PRO A 155 -5.32 -59.57 28.06
N TYR A 156 -6.62 -59.60 27.73
CA TYR A 156 -7.36 -60.84 27.52
C TYR A 156 -7.69 -61.00 26.04
N ASP A 157 -8.05 -62.22 25.64
CA ASP A 157 -8.41 -62.47 24.24
C ASP A 157 -9.91 -62.28 24.08
N PHE A 158 -10.30 -61.14 23.50
CA PHE A 158 -11.72 -60.87 23.32
C PHE A 158 -12.29 -61.37 22.00
N THR A 159 -11.53 -62.20 21.29
CA THR A 159 -12.01 -62.75 20.01
C THR A 159 -13.05 -63.82 20.30
N VAL A 160 -12.87 -64.53 21.41
CA VAL A 160 -13.80 -65.57 21.80
C VAL A 160 -15.00 -64.96 22.51
N ARG A 161 -14.84 -64.65 23.79
CA ARG A 161 -15.89 -64.05 24.60
C ARG A 161 -15.86 -62.52 24.53
N VAL A 162 -16.60 -61.97 23.57
CA VAL A 162 -16.68 -60.54 23.34
C VAL A 162 -17.30 -59.73 24.50
N PRO A 163 -16.58 -58.71 25.00
CA PRO A 163 -17.04 -57.86 26.10
C PRO A 163 -17.99 -56.80 25.56
N HIS A 164 -18.71 -56.11 26.43
CA HIS A 164 -19.61 -55.08 25.93
C HIS A 164 -19.80 -53.88 26.87
N PHE A 165 -19.27 -53.95 28.08
CA PHE A 165 -19.44 -52.87 29.03
C PHE A 165 -18.28 -52.74 30.03
N LEU A 166 -17.49 -51.68 29.87
CA LEU A 166 -16.32 -51.39 30.72
C LEU A 166 -16.74 -50.53 31.91
N PHE A 167 -16.23 -50.82 33.10
CA PHE A 167 -16.63 -50.06 34.27
C PHE A 167 -15.52 -49.69 35.23
N TYR A 168 -15.19 -48.41 35.33
CA TYR A 168 -14.14 -47.96 36.24
C TYR A 168 -14.56 -48.21 37.69
N VAL A 169 -13.55 -48.40 38.56
CA VAL A 169 -13.74 -48.65 39.98
C VAL A 169 -12.66 -47.90 40.77
N SER A 170 -11.45 -47.94 40.21
CA SER A 170 -10.29 -47.30 40.81
C SER A 170 -9.21 -47.08 39.76
N PRO A 171 -8.24 -46.21 40.06
CA PRO A 171 -7.13 -45.90 39.15
C PRO A 171 -6.46 -47.14 38.55
N GLN A 172 -6.37 -48.19 39.35
CA GLN A 172 -5.74 -49.42 38.91
C GLN A 172 -6.72 -50.57 38.68
N PHE A 173 -7.86 -50.56 39.37
CA PHE A 173 -8.84 -51.63 39.20
C PHE A 173 -10.22 -51.25 38.65
N SER A 174 -10.64 -51.98 37.60
CA SER A 174 -11.93 -51.77 36.95
C SER A 174 -12.34 -53.03 36.14
N VAL A 175 -13.57 -53.48 36.32
CA VAL A 175 -14.08 -54.68 35.65
C VAL A 175 -14.55 -54.53 34.19
N VAL A 176 -14.79 -55.67 33.56
CA VAL A 176 -15.25 -55.75 32.17
C VAL A 176 -16.47 -56.67 32.17
N PHE A 177 -17.54 -56.25 31.50
CA PHE A 177 -18.73 -57.08 31.44
C PHE A 177 -18.84 -57.71 30.06
N LEU A 178 -19.04 -59.02 30.04
CA LEU A 178 -19.14 -59.78 28.79
C LEU A 178 -20.54 -60.03 28.26
N GLU A 179 -20.64 -60.13 26.94
CA GLU A 179 -21.92 -60.38 26.27
C GLU A 179 -22.55 -61.69 26.73
N ASP A 180 -21.73 -62.69 27.06
CA ASP A 180 -22.25 -63.96 27.51
C ASP A 180 -22.70 -63.95 28.98
N GLY A 181 -22.30 -62.91 29.72
CA GLY A 181 -22.69 -62.80 31.12
C GLY A 181 -21.55 -62.75 32.10
N GLY A 182 -20.36 -63.11 31.63
CA GLY A 182 -19.18 -63.12 32.49
C GLY A 182 -18.54 -61.79 32.86
N LEU A 183 -18.00 -61.75 34.07
CA LEU A 183 -17.32 -60.55 34.57
C LEU A 183 -15.84 -60.80 34.67
N LEU A 184 -15.06 -60.11 33.86
CA LEU A 184 -13.61 -60.25 33.90
C LEU A 184 -13.13 -59.22 34.94
N GLY A 185 -11.88 -59.35 35.37
CA GLY A 185 -11.35 -58.40 36.31
C GLY A 185 -10.21 -57.73 35.57
N LEU A 186 -9.68 -56.64 36.08
CA LEU A 186 -8.58 -55.98 35.38
C LEU A 186 -7.78 -55.15 36.37
N LYS A 187 -6.73 -55.76 36.91
CA LYS A 187 -5.87 -55.10 37.88
C LYS A 187 -4.60 -54.55 37.24
N LYS A 188 -4.25 -53.34 37.65
CA LYS A 188 -3.07 -52.66 37.17
C LYS A 188 -1.98 -52.95 38.19
N VAL A 189 -0.82 -53.39 37.71
CA VAL A 189 0.30 -53.71 38.57
C VAL A 189 1.26 -52.53 38.69
N ASP A 190 2.01 -52.27 37.62
CA ASP A 190 2.95 -51.15 37.59
C ASP A 190 2.18 -49.84 37.46
N GLY A 191 1.94 -49.44 36.22
CA GLY A 191 1.21 -48.21 35.95
C GLY A 191 0.70 -48.21 34.52
N VAL A 192 0.95 -49.31 33.81
CA VAL A 192 0.53 -49.43 32.42
C VAL A 192 0.02 -50.82 32.01
N HIS A 193 0.33 -51.84 32.81
CA HIS A 193 -0.13 -53.18 32.47
C HIS A 193 -1.32 -53.68 33.30
N TYR A 194 -2.23 -54.37 32.62
CA TYR A 194 -3.44 -54.90 33.25
C TYR A 194 -3.51 -56.43 33.15
N GLU A 195 -3.94 -57.08 34.23
CA GLU A 195 -4.06 -58.53 34.25
C GLU A 195 -5.45 -58.95 34.71
N PRO A 196 -6.12 -59.82 33.94
CA PRO A 196 -7.47 -60.33 34.23
C PRO A 196 -7.68 -61.20 35.48
N LEU A 197 -8.22 -60.60 36.55
CA LEU A 197 -8.52 -61.32 37.80
C LEU A 197 -9.95 -61.85 37.79
N LEU A 198 -10.16 -63.00 37.15
CA LEU A 198 -11.50 -63.63 37.03
C LEU A 198 -12.29 -63.93 38.31
N PHE A 199 -13.59 -63.64 38.24
CA PHE A 199 -14.51 -63.87 39.36
C PHE A 199 -15.18 -65.23 39.17
N ASN A 200 -15.65 -65.80 40.27
CA ASN A 200 -16.31 -67.10 40.24
C ASN A 200 -17.70 -66.92 39.63
N ASP A 201 -18.03 -67.72 38.63
CA ASP A 201 -19.35 -67.62 38.01
C ASP A 201 -19.91 -69.01 37.69
N ASN A 202 -21.05 -69.31 38.29
CA ASN A 202 -21.72 -70.59 38.09
C ASN A 202 -23.12 -70.41 37.50
N SER A 203 -23.43 -69.18 37.12
CA SER A 203 -24.72 -68.86 36.54
C SER A 203 -24.83 -69.50 35.17
N TYR A 204 -23.73 -70.08 34.71
CA TYR A 204 -23.69 -70.72 33.39
C TYR A 204 -24.29 -72.13 33.41
N LEU A 205 -24.31 -72.75 34.59
CA LEU A 205 -24.83 -74.11 34.77
C LEU A 205 -26.33 -74.25 34.47
N LYS A 206 -26.98 -73.12 34.23
CA LYS A 206 -28.41 -73.10 33.92
C LYS A 206 -28.59 -73.67 32.52
N CYS A 207 -27.47 -73.95 31.86
CA CYS A 207 -27.45 -74.51 30.50
C CYS A 207 -27.84 -75.98 30.56
N LEU A 208 -27.76 -76.56 31.76
CA LEU A 208 -28.10 -77.97 32.00
C LEU A 208 -29.61 -78.12 31.91
N THR A 209 -30.30 -76.99 31.77
CA THR A 209 -31.75 -76.98 31.66
C THR A 209 -32.14 -76.98 30.19
N ARG A 210 -33.28 -77.59 29.89
CA ARG A 210 -33.76 -77.64 28.51
C ARG A 210 -34.19 -76.24 28.06
N PHE A 211 -33.97 -75.25 28.92
CA PHE A 211 -34.37 -73.89 28.63
C PHE A 211 -33.24 -72.92 28.25
N PHE A 212 -32.00 -73.37 28.34
CA PHE A 212 -30.89 -72.52 27.97
C PHE A 212 -29.72 -73.33 27.40
N SER A 213 -29.13 -72.81 26.34
CA SER A 213 -28.01 -73.45 25.68
C SER A 213 -26.86 -72.45 25.63
N ARG A 214 -25.68 -72.85 26.09
CA ARG A 214 -24.52 -71.96 26.07
C ARG A 214 -24.33 -71.43 24.64
N SER A 215 -24.57 -72.32 23.67
CA SER A 215 -24.42 -72.03 22.25
C SER A 215 -25.51 -71.12 21.68
N SER A 216 -26.44 -70.70 22.53
CA SER A 216 -27.55 -69.86 22.12
C SER A 216 -27.21 -68.38 21.99
N LYS A 217 -27.77 -67.75 20.96
CA LYS A 217 -27.55 -66.34 20.69
C LYS A 217 -28.41 -65.53 21.67
N SER A 218 -29.41 -66.18 22.25
CA SER A 218 -30.29 -65.57 23.23
C SER A 218 -29.84 -66.14 24.58
N ASP A 219 -30.79 -66.34 25.48
CA ASP A 219 -30.50 -66.90 26.80
C ASP A 219 -29.53 -66.07 27.66
N TYR A 220 -28.72 -65.24 27.02
CA TYR A 220 -27.77 -64.38 27.70
C TYR A 220 -28.44 -63.42 28.69
N ASP A 221 -27.83 -63.24 29.85
CA ASP A 221 -28.37 -62.33 30.86
C ASP A 221 -27.27 -61.36 31.29
N SER A 222 -26.72 -60.64 30.31
CA SER A 222 -25.64 -59.69 30.52
C SER A 222 -26.03 -58.41 31.25
N VAL A 223 -25.06 -57.79 31.92
CA VAL A 223 -25.29 -56.55 32.65
C VAL A 223 -25.59 -55.39 31.70
N ILE A 224 -26.53 -54.53 32.10
CA ILE A 224 -26.94 -53.38 31.31
C ILE A 224 -26.74 -52.07 32.08
N SER A 225 -26.40 -52.20 33.36
CA SER A 225 -26.16 -51.06 34.24
C SER A 225 -25.32 -51.53 35.41
N CYS A 226 -24.51 -50.63 35.96
CA CYS A 226 -23.63 -50.98 37.05
C CYS A 226 -23.22 -49.77 37.88
N LYS A 227 -23.25 -49.93 39.20
CA LYS A 227 -22.88 -48.86 40.12
C LYS A 227 -22.01 -49.34 41.28
N LEU A 228 -20.86 -48.70 41.46
CA LEU A 228 -19.97 -49.07 42.55
C LEU A 228 -20.45 -48.44 43.86
N PHE A 229 -20.67 -49.27 44.86
CA PHE A 229 -21.13 -48.81 46.16
C PHE A 229 -20.01 -48.92 47.19
N HIS A 230 -19.96 -47.97 48.11
CA HIS A 230 -18.94 -47.94 49.16
C HIS A 230 -17.58 -48.52 48.73
N GLU A 231 -17.14 -48.14 47.53
CA GLU A 231 -15.86 -48.58 47.00
C GLU A 231 -15.63 -50.09 47.00
N ARG A 232 -16.60 -50.86 47.49
CA ARG A 232 -16.47 -52.32 47.56
C ARG A 232 -17.47 -53.13 46.74
N TYR A 233 -18.75 -52.96 47.07
CA TYR A 233 -19.82 -53.68 46.39
C TYR A 233 -20.12 -53.12 45.01
N LEU A 234 -20.29 -54.01 44.05
CA LEU A 234 -20.56 -53.64 42.68
C LEU A 234 -21.97 -54.04 42.26
N ILE A 235 -22.95 -53.16 42.50
CA ILE A 235 -24.34 -53.43 42.16
C ILE A 235 -24.53 -53.51 40.64
N VAL A 236 -25.14 -54.58 40.14
CA VAL A 236 -25.36 -54.73 38.69
C VAL A 236 -26.81 -55.07 38.29
N LEU A 237 -27.17 -54.73 37.06
CA LEU A 237 -28.50 -54.98 36.53
C LEU A 237 -28.44 -55.76 35.23
N THR A 238 -29.07 -56.93 35.21
CA THR A 238 -29.07 -57.76 34.03
C THR A 238 -30.26 -57.46 33.13
N GLN A 239 -30.21 -58.01 31.93
CA GLN A 239 -31.26 -57.81 30.94
C GLN A 239 -32.59 -58.35 31.41
N ASN A 240 -32.55 -59.24 32.39
CA ASN A 240 -33.77 -59.81 32.94
C ASN A 240 -34.10 -59.14 34.26
N CYS A 241 -33.52 -57.96 34.45
CA CYS A 241 -33.71 -57.15 35.64
C CYS A 241 -33.44 -57.87 36.95
N HIS A 242 -32.32 -58.58 36.99
CA HIS A 242 -31.91 -59.27 38.20
C HIS A 242 -30.85 -58.36 38.81
N LEU A 243 -30.97 -58.07 40.10
CA LEU A 243 -29.99 -57.21 40.76
C LEU A 243 -28.92 -58.02 41.48
N LYS A 244 -27.92 -58.49 40.74
CA LYS A 244 -26.83 -59.26 41.34
C LYS A 244 -25.80 -58.33 41.96
N ILE A 245 -25.52 -58.49 43.25
CA ILE A 245 -24.54 -57.65 43.94
C ILE A 245 -23.22 -58.38 44.19
N TRP A 246 -22.13 -57.80 43.70
CA TRP A 246 -20.81 -58.41 43.87
C TRP A 246 -19.97 -57.74 44.94
N ASP A 247 -19.27 -58.57 45.73
CA ASP A 247 -18.40 -58.08 46.77
C ASP A 247 -16.99 -58.24 46.23
N LEU A 248 -16.29 -57.13 45.99
CA LEU A 248 -14.94 -57.21 45.45
C LEU A 248 -13.88 -57.58 46.49
N THR A 249 -14.31 -57.80 47.73
CA THR A 249 -13.41 -58.21 48.80
C THR A 249 -13.34 -59.72 48.75
N SER A 250 -14.39 -60.32 48.17
CA SER A 250 -14.51 -61.75 48.04
C SER A 250 -14.53 -62.13 46.57
N PHE A 251 -14.87 -61.17 45.72
CA PHE A 251 -14.98 -61.42 44.30
C PHE A 251 -16.01 -62.54 44.20
N THR A 252 -16.99 -62.47 45.09
CA THR A 252 -18.06 -63.46 45.18
C THR A 252 -19.45 -62.85 45.05
N LEU A 253 -20.34 -63.53 44.31
CA LEU A 253 -21.70 -63.04 44.17
C LEU A 253 -22.34 -63.12 45.55
N ILE A 254 -22.70 -61.97 46.10
CA ILE A 254 -23.27 -61.90 47.43
C ILE A 254 -24.80 -61.86 47.46
N GLN A 255 -25.41 -61.36 46.39
CA GLN A 255 -26.86 -61.28 46.33
C GLN A 255 -27.36 -61.57 44.93
N ASP A 256 -28.66 -61.81 44.81
CA ASP A 256 -29.25 -62.06 43.51
C ASP A 256 -30.75 -61.90 43.64
N TYR A 257 -31.21 -60.67 43.50
CA TYR A 257 -32.63 -60.35 43.62
C TYR A 257 -33.29 -60.39 42.25
N ASP A 258 -34.61 -60.61 42.25
CA ASP A 258 -35.41 -60.64 41.03
C ASP A 258 -36.33 -59.44 41.11
N MET A 259 -35.87 -58.32 40.56
CA MET A 259 -36.62 -57.07 40.56
C MET A 259 -38.09 -57.17 40.16
N VAL A 260 -38.39 -58.03 39.19
CA VAL A 260 -39.76 -58.17 38.70
C VAL A 260 -40.81 -58.87 39.57
N SER A 261 -40.43 -59.96 40.22
CA SER A 261 -41.37 -60.73 41.04
C SER A 261 -42.28 -59.93 41.99
N GLN A 262 -41.77 -58.81 42.50
CA GLN A 262 -42.52 -57.98 43.45
C GLN A 262 -43.74 -57.26 42.90
N SER A 263 -43.66 -56.69 41.70
CA SER A 263 -44.81 -56.02 41.11
C SER A 263 -45.70 -57.10 40.50
N ASP A 264 -46.85 -56.71 39.96
CA ASP A 264 -47.77 -57.69 39.37
C ASP A 264 -47.08 -58.51 38.29
N SER A 265 -46.95 -59.80 38.54
CA SER A 265 -46.32 -60.72 37.61
C SER A 265 -47.13 -60.81 36.33
N ASP A 266 -46.70 -60.08 35.31
CA ASP A 266 -47.38 -60.11 34.02
C ASP A 266 -46.81 -61.17 33.09
N PRO A 267 -47.54 -62.28 32.89
CA PRO A 267 -47.03 -63.32 31.99
C PRO A 267 -46.85 -62.69 30.60
N SER A 268 -47.87 -61.91 30.21
CA SER A 268 -47.91 -61.21 28.92
C SER A 268 -46.52 -60.84 28.41
N HIS A 269 -46.00 -59.69 28.82
CA HIS A 269 -44.68 -59.31 28.35
C HIS A 269 -43.86 -58.38 29.24
N PHE A 270 -42.62 -58.77 29.41
CA PHE A 270 -41.61 -58.07 30.19
C PHE A 270 -40.49 -57.90 29.17
N ARG A 271 -40.18 -56.65 28.85
CA ARG A 271 -39.14 -56.34 27.87
C ARG A 271 -37.72 -56.53 28.41
N LYS A 272 -37.14 -57.71 28.19
CA LYS A 272 -35.78 -57.94 28.67
C LYS A 272 -34.92 -56.87 28.01
N VAL A 273 -34.42 -55.94 28.81
CA VAL A 273 -33.61 -54.85 28.30
C VAL A 273 -32.63 -55.38 27.25
N GLU A 274 -32.81 -54.91 26.02
CA GLU A 274 -32.00 -55.35 24.90
C GLU A 274 -30.82 -54.46 24.55
N ALA A 275 -30.31 -53.71 25.52
CA ALA A 275 -29.17 -52.83 25.28
C ALA A 275 -28.71 -52.11 26.56
N VAL A 276 -27.40 -51.95 26.71
CA VAL A 276 -26.83 -51.27 27.88
C VAL A 276 -27.35 -49.83 27.90
N GLY A 277 -27.82 -49.38 29.06
CA GLY A 277 -28.34 -48.04 29.21
C GLY A 277 -28.30 -47.53 30.65
N GLU A 278 -28.90 -46.38 30.90
CA GLU A 278 -28.90 -45.81 32.25
C GLU A 278 -30.17 -46.21 32.99
N TYR A 279 -30.17 -47.43 33.53
CA TYR A 279 -31.33 -47.95 34.22
C TYR A 279 -31.30 -47.83 35.73
N LEU A 280 -30.25 -47.22 36.27
CA LEU A 280 -30.17 -47.03 37.71
C LEU A 280 -29.08 -46.08 38.13
N SER A 281 -29.29 -45.43 39.28
CA SER A 281 -28.32 -44.50 39.84
C SER A 281 -28.63 -44.39 41.32
N LEU A 282 -27.60 -44.23 42.14
CA LEU A 282 -27.81 -44.15 43.57
C LEU A 282 -27.25 -42.89 44.18
N TYR A 283 -27.93 -42.40 45.22
CA TYR A 283 -27.48 -41.22 45.91
C TYR A 283 -26.64 -41.72 47.07
N ASN A 284 -27.19 -41.69 48.28
CA ASN A 284 -26.44 -42.17 49.44
C ASN A 284 -26.52 -43.68 49.48
N ASN A 285 -27.51 -44.19 50.21
CA ASN A 285 -27.72 -45.61 50.35
C ASN A 285 -29.07 -45.95 49.71
N THR A 286 -29.62 -45.00 48.95
CA THR A 286 -30.88 -45.24 48.28
C THR A 286 -30.54 -45.59 46.84
N LEU A 287 -31.37 -46.42 46.21
CA LEU A 287 -31.11 -46.81 44.84
C LEU A 287 -32.41 -46.97 44.09
N VAL A 288 -32.48 -46.40 42.89
CA VAL A 288 -33.68 -46.51 42.06
C VAL A 288 -33.34 -47.31 40.81
N THR A 289 -34.32 -48.02 40.27
CA THR A 289 -34.08 -48.85 39.10
C THR A 289 -35.21 -48.70 38.10
N LEU A 290 -34.89 -48.71 36.81
CA LEU A 290 -35.91 -48.55 35.79
C LEU A 290 -36.30 -49.87 35.15
N LEU A 291 -37.45 -50.41 35.54
CA LEU A 291 -37.95 -51.67 35.00
C LEU A 291 -38.95 -51.43 33.86
N PRO A 292 -38.90 -52.29 32.83
CA PRO A 292 -39.76 -52.24 31.63
C PRO A 292 -41.18 -52.80 31.80
N LEU A 293 -42.16 -51.90 31.91
CA LEU A 293 -43.58 -52.26 32.05
C LEU A 293 -44.35 -51.17 31.32
N GLU A 294 -44.10 -51.09 30.02
CA GLU A 294 -44.67 -50.09 29.12
C GLU A 294 -43.74 -48.90 29.31
N ASN A 295 -42.55 -49.23 29.83
CA ASN A 295 -41.51 -48.26 30.14
C ASN A 295 -42.12 -47.38 31.22
N GLY A 296 -42.44 -47.99 32.36
CA GLY A 296 -43.04 -47.23 33.43
C GLY A 296 -42.75 -47.60 34.87
N LEU A 297 -41.63 -48.25 35.16
CA LEU A 297 -41.36 -48.59 36.55
C LEU A 297 -40.04 -48.11 37.13
N PHE A 298 -40.15 -47.36 38.22
CA PHE A 298 -39.00 -46.81 38.92
C PHE A 298 -38.93 -47.39 40.33
N GLN A 299 -38.32 -48.56 40.48
CA GLN A 299 -38.22 -49.17 41.80
C GLN A 299 -37.08 -48.58 42.59
N MET A 300 -37.34 -48.29 43.86
CA MET A 300 -36.33 -47.71 44.72
C MET A 300 -36.38 -48.24 46.13
N GLY A 301 -35.36 -49.02 46.49
CA GLY A 301 -35.27 -49.58 47.82
C GLY A 301 -34.08 -48.91 48.49
N THR A 302 -33.42 -49.60 49.40
CA THR A 302 -32.25 -49.03 50.06
C THR A 302 -31.22 -50.11 50.36
N LEU A 303 -29.94 -49.76 50.24
CA LEU A 303 -28.87 -50.70 50.54
C LEU A 303 -28.62 -50.56 52.04
N LEU A 304 -28.18 -51.62 52.71
CA LEU A 304 -27.95 -51.52 54.15
C LEU A 304 -27.15 -52.64 54.81
N VAL A 305 -26.09 -52.23 55.50
CA VAL A 305 -25.16 -53.09 56.25
C VAL A 305 -24.00 -52.25 56.77
N LEU A 311 -24.29 -57.00 53.24
CA LEU A 311 -24.92 -56.08 52.31
C LEU A 311 -26.33 -56.53 51.94
N THR A 312 -27.29 -55.63 52.07
CA THR A 312 -28.68 -55.98 51.78
C THR A 312 -29.48 -54.91 51.05
N TYR A 313 -30.18 -55.31 50.00
CA TYR A 313 -31.03 -54.39 49.24
C TYR A 313 -32.46 -54.68 49.67
N THR A 314 -33.18 -53.64 50.06
CA THR A 314 -34.53 -53.85 50.52
C THR A 314 -35.59 -52.93 49.91
N PHE A 315 -36.52 -53.56 49.20
CA PHE A 315 -37.63 -52.92 48.52
C PHE A 315 -38.28 -51.81 49.34
N GLN A 316 -39.00 -50.92 48.66
CA GLN A 316 -39.69 -49.81 49.31
C GLN A 316 -41.00 -49.51 48.61
N ASN A 317 -40.96 -49.51 47.28
CA ASN A 317 -42.15 -49.26 46.46
C ASN A 317 -41.78 -49.11 45.00
N ASN A 318 -42.77 -49.33 44.14
CA ASN A 318 -42.58 -49.20 42.71
C ASN A 318 -43.34 -47.97 42.24
N ILE A 319 -42.62 -46.96 41.77
CA ILE A 319 -43.24 -45.74 41.29
C ILE A 319 -43.37 -45.78 39.78
N PRO A 320 -44.62 -45.82 39.30
CA PRO A 320 -44.84 -45.85 37.86
C PRO A 320 -44.45 -44.52 37.28
N THR A 321 -44.54 -44.43 35.97
CA THR A 321 -44.19 -43.21 35.27
C THR A 321 -45.48 -42.65 34.68
N ASN A 322 -45.55 -41.34 34.53
CA ASN A 322 -46.73 -40.75 33.93
C ASN A 322 -46.42 -40.38 32.49
N LEU A 323 -46.40 -41.38 31.63
CA LEU A 323 -46.13 -41.17 30.21
C LEU A 323 -47.28 -41.76 29.40
N SER A 324 -47.61 -41.10 28.29
CA SER A 324 -48.70 -41.56 27.44
C SER A 324 -48.35 -41.44 25.96
N ALA A 325 -49.38 -41.40 25.10
CA ALA A 325 -49.21 -41.32 23.65
C ALA A 325 -48.58 -42.65 23.22
N SER A 326 -48.89 -43.70 23.96
CA SER A 326 -48.39 -45.07 23.75
C SER A 326 -47.23 -45.38 24.70
N ALA A 327 -46.60 -44.32 25.21
CA ALA A 327 -45.45 -44.41 26.13
C ALA A 327 -44.19 -44.81 25.34
N ILE A 328 -43.89 -44.05 24.29
CA ILE A 328 -42.72 -44.32 23.43
C ILE A 328 -41.48 -43.47 23.71
N TRP A 329 -41.13 -43.35 24.98
CA TRP A 329 -39.96 -42.60 25.34
C TRP A 329 -38.88 -43.54 25.80
N SER A 330 -37.64 -43.17 25.59
CA SER A 330 -36.51 -43.98 25.99
C SER A 330 -35.73 -43.19 27.04
N ILE A 331 -35.26 -43.87 28.07
CA ILE A 331 -34.50 -43.20 29.11
C ILE A 331 -33.16 -42.80 28.48
N VAL A 332 -32.73 -41.56 28.74
CA VAL A 332 -31.46 -41.06 28.19
C VAL A 332 -30.42 -41.07 29.31
N ASP A 333 -30.85 -40.60 30.47
CA ASP A 333 -30.01 -40.53 31.65
C ASP A 333 -30.91 -40.11 32.81
N LEU A 334 -30.61 -40.63 33.99
CA LEU A 334 -31.37 -40.30 35.17
C LEU A 334 -30.34 -39.99 36.25
N VAL A 335 -30.72 -39.16 37.21
CA VAL A 335 -29.80 -38.79 38.27
C VAL A 335 -30.55 -38.53 39.57
N LEU A 336 -30.33 -39.41 40.54
CA LEU A 336 -30.96 -39.30 41.85
C LEU A 336 -30.07 -38.39 42.69
N THR A 337 -30.66 -37.40 43.35
CA THR A 337 -29.86 -36.47 44.14
C THR A 337 -30.64 -35.73 45.22
N ARG A 338 -29.91 -34.91 45.98
CA ARG A 338 -30.47 -34.10 47.05
C ARG A 338 -31.65 -33.32 46.47
N PRO A 339 -32.64 -33.03 47.30
CA PRO A 339 -33.82 -32.29 46.81
C PRO A 339 -33.48 -30.96 46.16
N LEU A 340 -34.47 -30.38 45.49
CA LEU A 340 -34.31 -29.10 44.81
C LEU A 340 -35.19 -28.11 45.55
N GLU A 341 -35.44 -26.96 44.93
CA GLU A 341 -36.28 -25.94 45.55
C GLU A 341 -37.59 -25.80 44.78
N LEU A 342 -38.28 -26.91 44.62
CA LEU A 342 -39.55 -26.95 43.90
C LEU A 342 -40.68 -26.24 44.64
N ASN A 343 -41.86 -26.25 44.04
CA ASN A 343 -43.04 -25.58 44.60
C ASN A 343 -43.66 -26.31 45.79
N VAL A 344 -43.06 -27.40 46.23
CA VAL A 344 -43.56 -28.17 47.36
C VAL A 344 -42.44 -28.45 48.35
N GLU A 345 -42.59 -27.95 49.58
CA GLU A 345 -41.58 -28.13 50.62
C GLU A 345 -41.42 -29.59 51.03
N ALA A 346 -42.54 -30.33 50.98
CA ALA A 346 -42.56 -31.75 51.31
C ALA A 346 -41.66 -32.51 50.34
N SER A 347 -40.36 -32.52 50.63
CA SER A 347 -39.38 -33.18 49.80
C SER A 347 -38.28 -33.86 50.60
N TYR A 348 -37.82 -35.00 50.11
CA TYR A 348 -36.76 -35.78 50.74
C TYR A 348 -35.64 -36.04 49.72
N LEU A 349 -36.04 -36.52 48.53
CA LEU A 349 -35.10 -36.81 47.46
C LEU A 349 -35.68 -36.35 46.13
N ASN A 350 -34.81 -36.24 45.13
CA ASN A 350 -35.20 -35.81 43.79
C ASN A 350 -34.54 -36.68 42.72
N LEU A 351 -35.35 -37.10 41.76
CA LEU A 351 -34.87 -37.92 40.67
C LEU A 351 -35.06 -37.14 39.39
N ILE A 352 -33.95 -36.76 38.76
CA ILE A 352 -34.04 -36.01 37.50
C ILE A 352 -34.02 -37.05 36.39
N VAL A 353 -35.05 -37.02 35.54
CA VAL A 353 -35.17 -38.01 34.48
C VAL A 353 -35.24 -37.41 33.11
N LEU A 354 -34.41 -37.92 32.21
CA LEU A 354 -34.37 -37.41 30.84
C LEU A 354 -34.79 -38.51 29.89
N TRP A 355 -35.91 -38.29 29.20
CA TRP A 355 -36.41 -39.26 28.23
C TRP A 355 -36.18 -38.66 26.87
N LYS A 356 -36.29 -39.49 25.84
CA LYS A 356 -36.13 -39.05 24.47
C LYS A 356 -37.02 -39.89 23.56
N SER A 357 -37.49 -39.28 22.48
CA SER A 357 -38.31 -39.96 21.51
C SER A 357 -37.97 -39.32 20.19
N GLY A 358 -36.89 -39.79 19.59
CA GLY A 358 -36.46 -39.21 18.34
C GLY A 358 -35.60 -38.06 18.79
N THR A 359 -35.76 -36.90 18.16
CA THR A 359 -34.98 -35.73 18.54
C THR A 359 -35.74 -34.84 19.52
N ALA A 360 -36.89 -35.32 19.97
CA ALA A 360 -37.71 -34.59 20.93
C ALA A 360 -37.29 -35.11 22.31
N SER A 361 -37.29 -34.27 23.32
CA SER A 361 -36.89 -34.73 24.65
C SER A 361 -37.89 -34.41 25.73
N LYS A 362 -37.73 -35.06 26.87
CA LYS A 362 -38.64 -34.84 27.97
C LYS A 362 -37.85 -34.88 29.26
N LEU A 363 -37.93 -33.81 30.05
CA LEU A 363 -37.21 -33.81 31.31
C LEU A 363 -38.20 -33.67 32.44
N GLN A 364 -38.07 -34.54 33.42
CA GLN A 364 -38.98 -34.51 34.56
C GLN A 364 -38.13 -34.64 35.78
N ILE A 365 -38.76 -34.38 36.92
CA ILE A 365 -38.09 -34.50 38.22
C ILE A 365 -39.08 -35.23 39.11
N LEU A 366 -38.69 -36.37 39.66
CA LEU A 366 -39.56 -37.11 40.55
C LEU A 366 -39.22 -36.62 41.94
N ASN A 367 -40.21 -36.06 42.61
CA ASN A 367 -40.03 -35.55 43.96
C ASN A 367 -40.68 -36.50 44.94
N VAL A 368 -39.86 -37.11 45.80
CA VAL A 368 -40.34 -38.02 46.83
C VAL A 368 -40.44 -37.23 48.14
N ASN A 369 -41.64 -37.19 48.70
CA ASN A 369 -41.90 -36.43 49.92
C ASN A 369 -41.23 -36.91 51.20
N ASP A 370 -41.68 -38.05 51.70
CA ASP A 370 -41.17 -38.64 52.94
C ASP A 370 -40.15 -39.76 52.66
N GLU A 371 -39.57 -40.31 53.73
CA GLU A 371 -38.59 -41.39 53.60
C GLU A 371 -39.26 -42.69 53.16
N SER A 372 -40.58 -42.62 53.07
CA SER A 372 -41.39 -43.75 52.60
C SER A 372 -41.56 -43.48 51.12
N PHE A 373 -41.00 -44.33 50.28
CA PHE A 373 -41.11 -44.10 48.85
C PHE A 373 -42.52 -44.38 48.33
N LYS A 374 -43.52 -43.92 49.08
CA LYS A 374 -44.90 -44.13 48.70
C LYS A 374 -45.64 -42.83 48.39
N ASN A 375 -45.15 -41.71 48.92
CA ASN A 375 -45.76 -40.41 48.62
C ASN A 375 -44.78 -39.56 47.80
N TYR A 376 -45.20 -39.28 46.57
CA TYR A 376 -44.36 -38.52 45.64
C TYR A 376 -45.19 -37.70 44.65
N GLU A 377 -44.52 -36.89 43.83
CA GLU A 377 -45.19 -36.09 42.81
C GLU A 377 -44.30 -35.87 41.59
N TRP A 378 -44.87 -36.02 40.39
CA TRP A 378 -44.12 -35.83 39.14
C TRP A 378 -44.12 -34.38 38.66
N ILE A 379 -42.93 -33.79 38.59
CA ILE A 379 -42.81 -32.40 38.12
C ILE A 379 -42.28 -32.32 36.69
N GLU A 380 -43.08 -31.77 35.80
CA GLU A 380 -42.71 -31.66 34.41
C GLU A 380 -42.09 -30.31 34.04
N SER A 381 -41.64 -30.19 32.81
CA SER A 381 -41.04 -28.94 32.37
C SER A 381 -41.26 -28.70 30.90
N VAL A 382 -41.05 -27.47 30.45
CA VAL A 382 -41.22 -27.11 29.04
C VAL A 382 -40.06 -27.71 28.26
N ASN A 383 -40.36 -28.36 27.15
CA ASN A 383 -39.29 -29.00 26.41
C ASN A 383 -38.85 -28.38 25.12
N LYS A 384 -39.26 -27.13 24.93
CA LYS A 384 -38.87 -26.36 23.78
C LYS A 384 -38.58 -25.00 24.42
N SER A 385 -37.61 -24.26 23.88
CA SER A 385 -37.26 -22.95 24.41
C SER A 385 -38.30 -21.92 23.97
N LEU A 386 -38.40 -20.82 24.69
CA LEU A 386 -39.35 -19.80 24.32
C LEU A 386 -39.03 -19.34 22.90
N VAL A 387 -37.78 -19.08 22.59
CA VAL A 387 -37.48 -18.65 21.24
C VAL A 387 -38.03 -19.67 20.22
N ASP A 388 -37.93 -20.96 20.53
CA ASP A 388 -38.46 -22.00 19.64
C ASP A 388 -39.98 -22.01 19.61
N LEU A 389 -40.62 -21.94 20.77
CA LEU A 389 -42.09 -21.95 20.82
C LEU A 389 -42.71 -20.73 20.11
N GLN A 390 -42.09 -19.56 20.27
CA GLN A 390 -42.64 -18.37 19.63
C GLN A 390 -42.54 -18.51 18.13
N SER A 391 -41.46 -19.11 17.66
CA SER A 391 -41.30 -19.27 16.23
C SER A 391 -42.32 -20.25 15.69
N GLU A 392 -42.50 -21.36 16.41
CA GLU A 392 -43.43 -22.39 16.01
C GLU A 392 -44.85 -21.88 15.99
N HIS A 393 -45.27 -21.26 17.09
CA HIS A 393 -46.64 -20.76 17.22
C HIS A 393 -46.91 -19.33 16.74
N ASP A 394 -46.04 -18.82 15.88
CA ASP A 394 -46.19 -17.47 15.35
C ASP A 394 -46.63 -16.52 16.48
N LEU A 395 -45.81 -16.44 17.53
CA LEU A 395 -46.12 -15.60 18.68
C LEU A 395 -45.13 -14.45 18.83
N ASP A 396 -44.22 -14.34 17.87
CA ASP A 396 -43.20 -13.30 17.90
C ASP A 396 -43.65 -12.01 17.22
N ILE A 397 -43.73 -10.92 18.01
CA ILE A 397 -44.17 -9.62 17.53
C ILE A 397 -43.01 -8.66 17.34
N VAL A 398 -41.88 -8.99 17.96
CA VAL A 398 -40.74 -8.11 17.91
C VAL A 398 -39.89 -8.14 16.63
N THR A 399 -39.44 -9.33 16.23
CA THR A 399 -38.61 -9.47 15.02
C THR A 399 -39.09 -8.65 13.82
N LYS A 400 -38.20 -7.82 13.27
CA LYS A 400 -38.54 -6.96 12.13
C LYS A 400 -38.96 -7.76 10.90
N THR A 401 -39.97 -7.25 10.19
CA THR A 401 -40.44 -7.92 9.00
C THR A 401 -40.02 -7.17 7.72
N GLY A 402 -40.49 -7.67 6.60
CA GLY A 402 -40.18 -7.04 5.32
C GLY A 402 -39.29 -7.80 4.37
N ASP A 403 -38.24 -7.12 3.95
CA ASP A 403 -37.24 -7.61 3.01
C ASP A 403 -36.91 -9.10 3.16
N VAL A 404 -36.30 -9.65 2.10
CA VAL A 404 -35.88 -11.05 2.08
C VAL A 404 -34.52 -11.21 2.77
N GLU A 405 -33.69 -10.18 2.66
CA GLU A 405 -32.37 -10.20 3.29
C GLU A 405 -32.54 -9.87 4.78
N ARG A 406 -33.65 -9.21 5.08
CA ARG A 406 -34.03 -8.85 6.44
C ARG A 406 -34.33 -10.19 7.12
N GLY A 407 -35.01 -11.06 6.38
CA GLY A 407 -35.36 -12.38 6.88
C GLY A 407 -34.14 -13.27 6.96
N PHE A 408 -33.07 -12.85 6.30
CA PHE A 408 -31.83 -13.59 6.28
C PHE A 408 -31.04 -13.24 7.55
N CYS A 409 -31.02 -11.94 7.86
CA CYS A 409 -30.34 -11.44 9.04
C CYS A 409 -31.05 -11.96 10.27
N ASN A 410 -32.38 -12.00 10.19
CA ASN A 410 -33.17 -12.49 11.30
C ASN A 410 -32.77 -13.91 11.66
N LEU A 411 -32.81 -14.80 10.67
CA LEU A 411 -32.46 -16.21 10.88
C LEU A 411 -31.02 -16.43 11.28
N LYS A 412 -30.12 -15.77 10.55
CA LYS A 412 -28.68 -15.88 10.82
C LYS A 412 -28.41 -15.48 12.27
N SER A 413 -28.95 -14.34 12.67
CA SER A 413 -28.82 -13.84 14.03
C SER A 413 -29.49 -14.80 15.02
N ARG A 414 -30.69 -15.25 14.67
CA ARG A 414 -31.43 -16.15 15.54
C ARG A 414 -30.75 -17.49 15.79
N TYR A 415 -30.19 -18.08 14.74
CA TYR A 415 -29.60 -19.40 14.83
C TYR A 415 -28.13 -19.52 15.17
N GLY A 416 -27.33 -18.55 14.77
CA GLY A 416 -25.93 -18.65 15.06
C GLY A 416 -25.24 -19.26 13.87
N THR A 417 -23.99 -18.86 13.66
CA THR A 417 -23.22 -19.33 12.53
C THR A 417 -23.04 -20.83 12.36
N GLN A 418 -22.77 -21.56 13.43
CA GLN A 418 -22.58 -23.00 13.31
C GLN A 418 -23.78 -23.66 12.61
N ILE A 419 -24.98 -23.33 13.07
CA ILE A 419 -26.19 -23.90 12.51
C ILE A 419 -26.50 -23.31 11.14
N PHE A 420 -26.47 -21.99 11.03
CA PHE A 420 -26.82 -21.38 9.76
C PHE A 420 -26.02 -21.95 8.62
N GLU A 421 -24.71 -22.01 8.80
CA GLU A 421 -23.83 -22.52 7.77
C GLU A 421 -24.03 -24.00 7.50
N ARG A 422 -24.46 -24.75 8.52
CA ARG A 422 -24.71 -26.19 8.32
C ARG A 422 -25.98 -26.37 7.51
N ALA A 423 -26.89 -25.40 7.62
CA ALA A 423 -28.15 -25.45 6.88
C ALA A 423 -27.91 -25.01 5.43
N GLN A 424 -27.01 -24.06 5.23
CA GLN A 424 -26.75 -23.64 3.87
C GLN A 424 -25.92 -24.71 3.15
N GLN A 425 -25.37 -25.63 3.94
CA GLN A 425 -24.58 -26.73 3.39
C GLN A 425 -25.59 -27.74 2.85
N ILE A 426 -26.48 -28.18 3.72
CA ILE A 426 -27.51 -29.14 3.37
C ILE A 426 -28.38 -28.63 2.21
N LEU A 427 -28.37 -27.32 1.97
CA LEU A 427 -29.16 -26.75 0.88
C LEU A 427 -28.52 -27.00 -0.48
N SER A 428 -27.26 -26.62 -0.62
CA SER A 428 -26.55 -26.82 -1.88
C SER A 428 -26.38 -28.31 -2.19
N GLU A 429 -26.09 -29.09 -1.15
CA GLU A 429 -25.91 -30.53 -1.29
C GLU A 429 -27.16 -31.14 -1.90
N ASN A 430 -28.28 -30.49 -1.66
CA ASN A 430 -29.55 -30.96 -2.19
C ASN A 430 -29.97 -30.12 -3.39
N LYS A 431 -29.01 -29.39 -3.96
CA LYS A 431 -29.22 -28.56 -5.14
C LYS A 431 -30.22 -27.43 -5.03
N ILE A 432 -30.43 -26.99 -3.79
CA ILE A 432 -31.35 -25.90 -3.51
C ILE A 432 -30.54 -24.62 -3.45
N ILE A 433 -30.44 -23.93 -4.57
CA ILE A 433 -29.66 -22.70 -4.66
C ILE A 433 -30.49 -21.42 -4.86
N MET A 434 -30.06 -20.37 -4.19
CA MET A 434 -30.72 -19.08 -4.23
C MET A 434 -30.73 -18.45 -5.63
N ALA A 435 -31.92 -18.30 -6.20
CA ALA A 435 -32.09 -17.72 -7.54
C ALA A 435 -31.61 -16.26 -7.63
N HIS A 436 -32.29 -15.39 -6.91
CA HIS A 436 -31.95 -13.97 -6.90
C HIS A 436 -32.04 -13.46 -5.47
N ASN A 437 -31.83 -12.15 -5.31
CA ASN A 437 -31.90 -11.51 -4.00
C ASN A 437 -33.22 -11.74 -3.27
N GLU A 438 -34.31 -11.82 -4.03
CA GLU A 438 -35.64 -11.99 -3.44
C GLU A 438 -36.29 -13.35 -3.60
N ASP A 439 -35.47 -14.40 -3.67
CA ASP A 439 -36.00 -15.75 -3.83
C ASP A 439 -36.69 -16.22 -2.55
N GLU A 440 -37.88 -15.70 -2.30
CA GLU A 440 -38.62 -16.07 -1.11
C GLU A 440 -38.79 -17.57 -0.99
N GLU A 441 -38.96 -18.21 -2.15
CA GLU A 441 -39.13 -19.66 -2.26
C GLU A 441 -37.99 -20.38 -1.53
N TYR A 442 -36.82 -19.75 -1.59
CA TYR A 442 -35.59 -20.22 -0.96
C TYR A 442 -35.70 -20.07 0.54
N LEU A 443 -35.67 -18.81 0.99
CA LEU A 443 -35.78 -18.50 2.40
C LEU A 443 -36.76 -19.44 3.08
N ALA A 444 -37.85 -19.74 2.40
CA ALA A 444 -38.85 -20.64 2.96
C ALA A 444 -38.21 -21.99 3.30
N ASN A 445 -37.21 -22.38 2.52
CA ASN A 445 -36.53 -23.64 2.75
C ASN A 445 -35.61 -23.54 3.95
N LEU A 446 -34.79 -22.50 3.96
CA LEU A 446 -33.85 -22.23 5.04
C LEU A 446 -34.54 -22.36 6.38
N GLU A 447 -35.73 -21.80 6.47
CA GLU A 447 -36.51 -21.85 7.69
C GLU A 447 -36.55 -23.26 8.24
N THR A 448 -37.06 -24.15 7.42
CA THR A 448 -37.24 -25.54 7.79
C THR A 448 -35.96 -26.28 8.10
N ILE A 449 -34.93 -26.04 7.29
CA ILE A 449 -33.67 -26.72 7.54
C ILE A 449 -33.07 -26.24 8.85
N LEU A 450 -32.94 -24.92 9.00
CA LEU A 450 -32.40 -24.35 10.24
C LEU A 450 -33.12 -25.00 11.39
N ARG A 451 -34.45 -24.97 11.36
CA ARG A 451 -35.22 -25.57 12.43
C ARG A 451 -34.80 -27.03 12.67
N ASP A 452 -34.65 -27.80 11.59
CA ASP A 452 -34.27 -29.19 11.71
C ASP A 452 -32.83 -29.40 12.16
N VAL A 453 -31.90 -28.64 11.57
CA VAL A 453 -30.51 -28.75 11.99
C VAL A 453 -30.44 -28.46 13.49
N LYS A 454 -31.11 -27.40 13.93
CA LYS A 454 -31.10 -27.08 15.35
C LYS A 454 -31.60 -28.31 16.11
N THR A 455 -32.78 -28.79 15.74
CA THR A 455 -33.37 -29.95 16.40
C THR A 455 -32.40 -31.11 16.42
N ALA A 456 -31.67 -31.30 15.32
CA ALA A 456 -30.69 -32.37 15.24
C ALA A 456 -29.58 -32.08 16.25
N PHE A 457 -28.91 -30.93 16.07
CA PHE A 457 -27.82 -30.49 16.95
C PHE A 457 -28.24 -30.65 18.39
N ASN A 458 -29.51 -30.43 18.66
CA ASN A 458 -30.03 -30.52 20.02
C ASN A 458 -30.47 -31.88 20.54
N GLU A 459 -30.25 -32.96 19.81
CA GLU A 459 -30.67 -34.25 20.37
C GLU A 459 -30.04 -34.48 21.76
N ALA A 460 -30.88 -34.86 22.73
CA ALA A 460 -30.41 -35.09 24.10
C ALA A 460 -29.48 -36.31 24.24
N SER A 461 -28.44 -36.16 25.07
CA SER A 461 -27.47 -37.22 25.29
C SER A 461 -27.19 -37.61 26.75
N SER A 462 -27.12 -36.64 27.66
CA SER A 462 -26.88 -36.95 29.07
C SER A 462 -27.18 -35.78 29.95
N ILE A 463 -27.15 -36.02 31.26
CA ILE A 463 -27.40 -34.95 32.21
C ILE A 463 -26.10 -34.61 32.93
N THR A 464 -25.93 -33.34 33.24
CA THR A 464 -24.74 -32.90 33.97
C THR A 464 -25.34 -32.00 35.01
N LEU A 465 -24.98 -32.22 36.27
CA LEU A 465 -25.50 -31.35 37.33
C LEU A 465 -24.47 -30.26 37.50
N TYR A 466 -24.62 -29.18 36.75
CA TYR A 466 -23.72 -28.04 36.83
C TYR A 466 -23.87 -27.44 38.24
N GLY A 467 -22.77 -27.17 38.91
CA GLY A 467 -22.85 -26.62 40.25
C GLY A 467 -23.39 -27.61 41.26
N ASP A 468 -24.26 -27.15 42.15
CA ASP A 468 -24.83 -28.01 43.17
C ASP A 468 -26.15 -28.60 42.73
N GLU A 469 -26.91 -27.83 41.94
CA GLU A 469 -28.23 -28.28 41.53
C GLU A 469 -28.71 -27.88 40.14
N ILE A 470 -27.85 -27.28 39.33
CA ILE A 470 -28.29 -26.87 38.00
C ILE A 470 -28.43 -28.03 37.01
N ILE A 471 -29.66 -28.29 36.59
CA ILE A 471 -29.90 -29.37 35.64
C ILE A 471 -29.41 -28.90 34.28
N LEU A 472 -28.56 -29.70 33.65
CA LEU A 472 -28.02 -29.32 32.36
C LEU A 472 -28.06 -30.53 31.46
N VAL A 473 -28.32 -30.31 30.18
CA VAL A 473 -28.36 -31.42 29.25
C VAL A 473 -27.33 -31.17 28.17
N ASN A 474 -26.57 -32.21 27.84
CA ASN A 474 -25.52 -32.14 26.83
C ASN A 474 -26.03 -32.75 25.55
N CYS A 475 -25.92 -32.00 24.46
CA CYS A 475 -26.43 -32.45 23.16
C CYS A 475 -25.52 -33.22 22.24
N PHE A 476 -26.11 -33.79 21.20
CA PHE A 476 -25.34 -34.56 20.23
C PHE A 476 -24.30 -33.70 19.52
N GLN A 477 -24.70 -32.50 19.09
CA GLN A 477 -23.76 -31.62 18.38
C GLN A 477 -22.89 -30.83 19.36
N PRO A 478 -21.55 -30.92 19.19
CA PRO A 478 -20.64 -30.19 20.08
C PRO A 478 -20.90 -28.68 20.11
N TYR A 479 -20.78 -28.10 21.32
CA TYR A 479 -20.98 -26.68 21.57
C TYR A 479 -22.44 -26.32 21.75
N ASN A 480 -23.27 -27.33 21.92
CA ASN A 480 -24.70 -27.11 22.10
C ASN A 480 -25.11 -27.78 23.39
N HIS A 481 -25.65 -27.00 24.33
CA HIS A 481 -26.09 -27.57 25.58
C HIS A 481 -27.45 -26.95 25.87
N SER A 482 -28.17 -27.52 26.83
CA SER A 482 -29.46 -27.00 27.19
C SER A 482 -29.68 -26.92 28.67
N LEU A 483 -29.78 -25.72 29.21
CA LEU A 483 -30.01 -25.59 30.64
C LEU A 483 -31.50 -25.56 30.94
N TYR A 484 -31.90 -26.34 31.94
CA TYR A 484 -33.29 -26.38 32.34
C TYR A 484 -33.37 -25.55 33.60
N LYS A 485 -33.99 -24.38 33.45
CA LYS A 485 -34.12 -23.42 34.53
C LYS A 485 -35.42 -23.38 35.31
N LEU A 486 -35.28 -23.39 36.63
CA LEU A 486 -36.42 -23.32 37.54
C LEU A 486 -37.15 -22.02 37.19
N ASN A 487 -38.47 -22.08 37.02
CA ASN A 487 -39.24 -20.88 36.68
C ASN A 487 -39.58 -19.99 37.89
N THR A 488 -39.59 -18.68 37.64
CA THR A 488 -39.94 -17.72 38.66
C THR A 488 -41.46 -17.72 38.69
N THR A 489 -42.06 -16.98 39.61
CA THR A 489 -43.52 -16.96 39.67
C THR A 489 -44.14 -16.60 38.33
N VAL A 490 -43.85 -15.40 37.85
CA VAL A 490 -44.40 -14.91 36.60
C VAL A 490 -44.23 -15.87 35.45
N GLU A 491 -43.05 -16.49 35.37
CA GLU A 491 -42.78 -17.45 34.30
C GLU A 491 -43.76 -18.60 34.38
N ASN A 492 -43.98 -19.12 35.58
CA ASN A 492 -44.91 -20.22 35.78
C ASN A 492 -46.30 -19.89 35.27
N TRP A 493 -46.75 -18.66 35.48
CA TRP A 493 -48.07 -18.30 35.00
C TRP A 493 -48.07 -18.33 33.52
N PHE A 494 -47.00 -17.79 32.94
CA PHE A 494 -46.86 -17.74 31.50
C PHE A 494 -46.93 -19.14 30.86
N TYR A 495 -46.12 -20.05 31.39
CA TYR A 495 -46.02 -21.41 30.91
C TYR A 495 -47.14 -22.35 31.30
N ASN A 496 -48.14 -21.82 32.02
CA ASN A 496 -49.24 -22.66 32.47
C ASN A 496 -50.58 -21.99 32.44
N MET A 497 -50.79 -21.09 31.48
CA MET A 497 -52.06 -20.40 31.33
C MET A 497 -53.19 -21.41 31.17
N HIS A 498 -53.00 -22.35 30.25
CA HIS A 498 -54.02 -23.37 29.98
C HIS A 498 -53.88 -24.56 30.88
N SER A 499 -53.80 -24.35 32.19
CA SER A 499 -53.66 -25.48 33.10
C SER A 499 -53.93 -25.18 34.57
N GLU A 500 -53.20 -24.24 35.15
CA GLU A 500 -53.38 -23.89 36.55
C GLU A 500 -54.85 -23.98 36.92
N THR A 501 -55.25 -25.09 37.53
CA THR A 501 -56.63 -25.29 37.94
C THR A 501 -57.00 -24.15 38.89
N ASP A 502 -56.13 -23.96 39.87
CA ASP A 502 -56.29 -22.93 40.89
C ASP A 502 -55.56 -21.65 40.47
N GLY A 503 -54.63 -21.19 41.30
CA GLY A 503 -53.88 -19.99 40.99
C GLY A 503 -54.44 -18.79 41.72
N SER A 504 -53.56 -17.81 41.93
CA SER A 504 -53.90 -16.57 42.62
C SER A 504 -54.78 -15.65 41.78
N GLU A 505 -55.18 -14.53 42.36
CA GLU A 505 -56.01 -13.56 41.67
C GLU A 505 -55.28 -13.05 40.44
N LEU A 506 -54.01 -12.68 40.63
CA LEU A 506 -53.17 -12.17 39.56
C LEU A 506 -53.04 -13.19 38.44
N PHE A 507 -52.94 -14.46 38.80
CA PHE A 507 -52.86 -15.48 37.77
C PHE A 507 -54.13 -15.48 36.95
N LYS A 508 -55.27 -15.53 37.64
CA LYS A 508 -56.58 -15.53 36.98
C LYS A 508 -56.78 -14.26 36.16
N TYR A 509 -56.27 -13.14 36.68
CA TYR A 509 -56.37 -11.86 35.99
C TYR A 509 -55.56 -11.91 34.69
N LEU A 510 -54.32 -12.37 34.78
CA LEU A 510 -53.48 -12.45 33.58
C LEU A 510 -54.10 -13.42 32.57
N ARG A 511 -54.58 -14.56 33.04
CA ARG A 511 -55.15 -15.54 32.14
C ARG A 511 -56.32 -14.98 31.33
N THR A 512 -57.20 -14.22 31.98
CA THR A 512 -58.34 -13.69 31.25
C THR A 512 -57.90 -12.56 30.35
N LEU A 513 -56.77 -11.93 30.68
CA LEU A 513 -56.26 -10.86 29.83
C LEU A 513 -55.70 -11.53 28.59
N ASN A 514 -55.04 -12.66 28.77
CA ASN A 514 -54.47 -13.40 27.66
C ASN A 514 -55.61 -13.97 26.82
N GLY A 515 -56.64 -14.46 27.52
CA GLY A 515 -57.79 -15.00 26.85
C GLY A 515 -58.27 -14.08 25.73
N PHE A 516 -58.34 -12.77 26.00
CA PHE A 516 -58.78 -11.84 24.96
C PHE A 516 -57.73 -11.46 23.94
N ALA A 517 -56.52 -11.17 24.41
CA ALA A 517 -55.43 -10.75 23.53
C ALA A 517 -55.03 -11.86 22.55
N SER A 518 -55.21 -13.11 22.94
CA SER A 518 -54.84 -14.21 22.06
C SER A 518 -55.72 -14.29 20.83
N THR A 519 -56.91 -13.70 20.89
CA THR A 519 -57.83 -13.75 19.75
C THR A 519 -57.53 -12.74 18.67
N LEU A 520 -56.66 -11.78 18.99
CA LEU A 520 -56.24 -10.74 18.04
C LEU A 520 -55.16 -11.36 17.15
N SER A 521 -54.72 -10.65 16.13
CA SER A 521 -53.68 -11.20 15.26
C SER A 521 -52.35 -10.47 15.48
N ASN A 522 -51.28 -11.06 14.97
CA ASN A 522 -49.96 -10.46 15.10
C ASN A 522 -49.88 -9.06 14.52
N ASP A 523 -50.42 -8.87 13.32
CA ASP A 523 -50.37 -7.53 12.71
C ASP A 523 -51.10 -6.50 13.57
N VAL A 524 -52.15 -6.92 14.26
CA VAL A 524 -52.88 -5.99 15.12
C VAL A 524 -52.08 -5.68 16.38
N LEU A 525 -51.58 -6.73 17.02
CA LEU A 525 -50.78 -6.56 18.23
C LEU A 525 -49.56 -5.69 17.95
N ARG A 526 -48.86 -5.93 16.83
CA ARG A 526 -47.69 -5.13 16.47
C ARG A 526 -48.06 -3.67 16.29
N SER A 527 -49.20 -3.41 15.66
CA SER A 527 -49.60 -2.03 15.39
C SER A 527 -49.89 -1.32 16.68
N ILE A 528 -50.32 -2.09 17.66
CA ILE A 528 -50.65 -1.56 18.98
C ILE A 528 -49.38 -1.26 19.78
N SER A 529 -48.42 -2.17 19.68
CA SER A 529 -47.16 -2.03 20.39
C SER A 529 -46.49 -0.77 19.84
N LYS A 530 -46.48 -0.64 18.52
CA LYS A 530 -45.88 0.52 17.86
C LYS A 530 -46.51 1.81 18.40
N LYS A 531 -47.83 1.80 18.58
CA LYS A 531 -48.52 2.98 19.07
C LYS A 531 -48.07 3.32 20.49
N PHE A 532 -47.87 2.30 21.32
CA PHE A 532 -47.41 2.57 22.67
C PHE A 532 -46.03 3.19 22.64
N LEU A 533 -45.18 2.78 21.68
CA LEU A 533 -43.84 3.34 21.54
C LEU A 533 -43.93 4.79 21.09
N ASP A 534 -44.95 5.09 20.28
CA ASP A 534 -45.12 6.45 19.79
C ASP A 534 -45.48 7.38 20.92
N ILE A 535 -46.17 6.85 21.94
CA ILE A 535 -46.51 7.69 23.06
C ILE A 535 -45.23 8.12 23.74
N ILE A 536 -44.29 7.21 23.89
CA ILE A 536 -43.02 7.53 24.52
C ILE A 536 -42.10 8.34 23.63
N THR A 537 -42.13 8.08 22.33
CA THR A 537 -41.25 8.82 21.43
C THR A 537 -41.84 10.17 21.08
N GLY A 538 -43.15 10.32 21.21
CA GLY A 538 -43.74 11.59 20.90
C GLY A 538 -44.43 11.68 19.56
N GLU A 539 -44.38 10.62 18.75
CA GLU A 539 -45.06 10.62 17.45
C GLU A 539 -46.55 10.83 17.73
N LEU A 540 -46.94 10.50 18.95
CA LEU A 540 -48.29 10.75 19.38
C LEU A 540 -47.98 11.91 20.35
N PRO A 541 -48.17 13.15 19.87
CA PRO A 541 -47.93 14.40 20.58
C PRO A 541 -48.24 14.40 22.07
N ASP A 542 -47.29 14.94 22.83
CA ASP A 542 -47.40 15.05 24.27
C ASP A 542 -48.56 15.97 24.61
N SER A 543 -48.97 16.74 23.61
CA SER A 543 -50.08 17.68 23.75
C SER A 543 -51.38 16.95 24.01
N MET A 544 -51.53 15.76 23.41
CA MET A 544 -52.75 14.99 23.57
C MET A 544 -52.96 14.47 24.98
N THR A 545 -54.22 14.20 25.29
CA THR A 545 -54.61 13.68 26.59
C THR A 545 -54.49 12.17 26.50
N THR A 546 -54.26 11.52 27.63
CA THR A 546 -54.15 10.09 27.62
C THR A 546 -55.34 9.47 26.89
N VAL A 547 -56.54 9.92 27.27
CA VAL A 547 -57.77 9.41 26.65
C VAL A 547 -57.77 9.60 25.13
N GLU A 548 -57.12 10.66 24.66
CA GLU A 548 -57.06 10.93 23.22
C GLU A 548 -56.18 9.93 22.46
N LYS A 549 -55.01 9.64 23.03
CA LYS A 549 -54.06 8.69 22.43
C LYS A 549 -54.67 7.28 22.42
N PHE A 550 -55.31 6.89 23.51
CA PHE A 550 -55.94 5.57 23.55
C PHE A 550 -57.05 5.53 22.52
N THR A 551 -57.67 6.68 22.30
CA THR A 551 -58.74 6.79 21.32
C THR A 551 -58.15 6.62 19.94
N ASP A 552 -57.03 7.30 19.70
CA ASP A 552 -56.31 7.22 18.43
C ASP A 552 -55.91 5.75 18.15
N ILE A 553 -55.26 5.11 19.13
CA ILE A 553 -54.83 3.73 19.03
C ILE A 553 -55.99 2.80 18.69
N PHE A 554 -57.10 2.99 19.38
CA PHE A 554 -58.29 2.17 19.15
C PHE A 554 -58.77 2.25 17.71
N LYS A 555 -59.17 3.44 17.30
CA LYS A 555 -59.66 3.62 15.94
C LYS A 555 -58.69 3.13 14.87
N ASN A 556 -57.40 3.39 15.04
CA ASN A 556 -56.41 2.98 14.04
C ASN A 556 -55.98 1.54 14.13
N CYS A 557 -56.09 0.94 15.30
CA CYS A 557 -55.63 -0.42 15.49
C CYS A 557 -56.63 -1.51 15.84
N LEU A 558 -57.48 -1.23 16.81
CA LEU A 558 -58.46 -2.20 17.29
C LEU A 558 -59.85 -2.24 16.68
N GLU A 559 -60.38 -1.09 16.30
CA GLU A 559 -61.73 -1.05 15.74
C GLU A 559 -61.92 -2.03 14.57
N ASN A 560 -62.98 -2.84 14.64
CA ASN A 560 -63.28 -3.81 13.61
C ASN A 560 -62.26 -4.92 13.55
N GLN A 561 -61.41 -5.00 14.57
CA GLN A 561 -60.38 -6.01 14.57
C GLN A 561 -60.53 -7.13 15.60
N PHE A 562 -61.71 -7.21 16.24
CA PHE A 562 -61.94 -8.26 17.20
C PHE A 562 -63.42 -8.58 17.30
N GLU A 563 -63.74 -9.74 17.87
CA GLU A 563 -65.12 -10.16 18.03
C GLU A 563 -65.70 -9.50 19.27
N ILE A 564 -66.78 -8.76 19.09
CA ILE A 564 -67.43 -8.08 20.19
C ILE A 564 -67.86 -9.11 21.24
N THR A 565 -68.09 -10.34 20.82
CA THR A 565 -68.48 -11.37 21.76
C THR A 565 -67.37 -11.53 22.81
N ASN A 566 -66.14 -11.65 22.35
CA ASN A 566 -64.97 -11.81 23.22
C ASN A 566 -64.72 -10.63 24.15
N LEU A 567 -65.09 -9.43 23.73
CA LEU A 567 -64.91 -8.25 24.58
C LEU A 567 -65.81 -8.37 25.79
N LYS A 568 -67.00 -8.94 25.57
CA LYS A 568 -67.98 -9.14 26.62
C LYS A 568 -67.40 -10.10 27.64
N ILE A 569 -66.88 -11.22 27.15
CA ILE A 569 -66.27 -12.22 28.01
C ILE A 569 -65.21 -11.53 28.82
N LEU A 570 -64.36 -10.75 28.15
CA LEU A 570 -63.30 -10.04 28.85
C LEU A 570 -63.87 -9.07 29.87
N PHE A 571 -64.79 -8.21 29.43
CA PHE A 571 -65.41 -7.22 30.30
C PHE A 571 -65.98 -7.88 31.57
N ASP A 572 -66.67 -9.00 31.39
CA ASP A 572 -67.28 -9.71 32.51
C ASP A 572 -66.24 -10.20 33.51
N GLU A 573 -65.35 -11.07 33.05
CA GLU A 573 -64.29 -11.61 33.93
C GLU A 573 -63.53 -10.49 34.65
N LEU A 574 -63.25 -9.41 33.95
CA LEU A 574 -62.53 -8.29 34.54
C LEU A 574 -63.21 -7.76 35.80
N ASN A 575 -64.54 -7.68 35.78
CA ASN A 575 -65.26 -7.15 36.92
C ASN A 575 -65.11 -7.90 38.23
N SER A 576 -64.61 -9.13 38.18
CA SER A 576 -64.43 -9.91 39.39
C SER A 576 -63.07 -9.67 40.03
N PHE A 577 -62.36 -8.66 39.55
CA PHE A 577 -61.03 -8.36 40.07
C PHE A 577 -60.93 -6.99 40.69
N ASP A 578 -60.15 -6.93 41.76
CA ASP A 578 -59.91 -5.66 42.43
C ASP A 578 -58.72 -5.03 41.70
N ILE A 579 -58.87 -4.84 40.40
CA ILE A 579 -57.84 -4.29 39.53
C ILE A 579 -56.69 -3.51 40.18
N PRO A 580 -56.99 -2.45 40.96
CA PRO A 580 -55.90 -1.69 41.59
C PRO A 580 -54.96 -2.58 42.40
N VAL A 581 -55.52 -3.45 43.23
CA VAL A 581 -54.73 -4.35 44.06
C VAL A 581 -53.87 -5.29 43.23
N VAL A 582 -54.47 -5.91 42.24
CA VAL A 582 -53.79 -6.84 41.33
C VAL A 582 -52.64 -6.19 40.53
N LEU A 583 -52.93 -5.06 39.87
CA LEU A 583 -51.92 -4.37 39.09
C LEU A 583 -50.76 -3.91 39.96
N ASN A 584 -51.08 -3.58 41.21
CA ASN A 584 -50.07 -3.12 42.14
C ASN A 584 -49.09 -4.23 42.47
N ASP A 585 -49.61 -5.43 42.65
CA ASP A 585 -48.77 -6.58 42.94
C ASP A 585 -47.98 -6.94 41.67
N LEU A 586 -48.64 -6.87 40.52
CA LEU A 586 -47.97 -7.19 39.27
C LEU A 586 -46.87 -6.17 39.01
N ILE A 587 -47.21 -4.89 39.03
CA ILE A 587 -46.23 -3.86 38.77
C ILE A 587 -45.25 -3.56 39.89
N ASN A 588 -45.65 -3.69 41.15
CA ASN A 588 -44.72 -3.37 42.23
C ASN A 588 -44.03 -4.53 42.96
N ASN A 589 -44.44 -5.75 42.66
CA ASN A 589 -43.82 -6.93 43.27
C ASN A 589 -43.24 -7.86 42.22
N GLN A 590 -44.10 -8.34 41.33
CA GLN A 590 -43.68 -9.26 40.28
C GLN A 590 -42.77 -8.68 39.20
N MET A 591 -43.26 -7.73 38.42
CA MET A 591 -42.46 -7.17 37.35
C MET A 591 -41.27 -6.30 37.72
N LYS A 592 -41.50 -5.28 38.53
CA LYS A 592 -40.37 -4.43 38.91
C LYS A 592 -39.55 -5.09 39.99
N PRO A 593 -38.33 -5.52 39.63
CA PRO A 593 -37.40 -6.19 40.55
C PRO A 593 -37.03 -5.32 41.77
N GLY A 594 -35.99 -5.72 42.49
CA GLY A 594 -35.63 -4.97 43.67
C GLY A 594 -34.22 -4.48 43.81
N ILE A 595 -34.04 -3.57 44.77
CA ILE A 595 -32.74 -2.98 45.07
C ILE A 595 -31.80 -4.06 45.58
N PHE A 596 -30.51 -3.92 45.24
CA PHE A 596 -29.52 -4.92 45.64
C PHE A 596 -28.45 -4.38 46.57
N TRP A 597 -28.34 -5.00 47.74
CA TRP A 597 -27.29 -4.63 48.69
C TRP A 597 -26.26 -5.70 48.39
N LYS A 598 -26.05 -5.91 47.09
CA LYS A 598 -25.14 -6.91 46.53
C LYS A 598 -25.37 -8.29 47.13
N LYS A 599 -26.33 -9.03 46.57
CA LYS A 599 -26.64 -10.36 47.04
C LYS A 599 -25.82 -11.44 46.36
N ASP A 600 -24.52 -11.40 46.63
CA ASP A 600 -23.54 -12.34 46.12
C ASP A 600 -23.84 -13.07 44.82
N PHE A 601 -23.20 -12.59 43.76
CA PHE A 601 -23.33 -13.20 42.44
C PHE A 601 -21.85 -13.41 42.15
N ILE A 602 -21.30 -14.53 42.64
CA ILE A 602 -19.89 -14.85 42.47
C ILE A 602 -19.31 -14.08 41.30
N SER A 603 -18.45 -13.10 41.60
CA SER A 603 -17.84 -12.29 40.56
C SER A 603 -16.80 -13.12 39.82
N ALA A 604 -17.01 -13.32 38.52
CA ALA A 604 -16.09 -14.12 37.71
C ALA A 604 -14.75 -13.42 37.45
N ILE A 605 -13.66 -14.15 37.72
CA ILE A 605 -12.30 -13.64 37.53
C ILE A 605 -11.88 -13.64 36.07
N LYS A 606 -12.56 -14.45 35.26
CA LYS A 606 -12.29 -14.58 33.83
C LYS A 606 -13.63 -14.69 33.09
N PHE A 607 -13.66 -14.34 31.80
CA PHE A 607 -14.90 -14.40 31.03
C PHE A 607 -15.44 -15.81 30.93
N ASP A 608 -16.66 -16.01 31.44
CA ASP A 608 -17.29 -17.30 31.41
C ASP A 608 -18.33 -17.30 30.30
N GLY A 609 -17.92 -17.82 29.14
CA GLY A 609 -18.80 -17.87 27.98
C GLY A 609 -20.09 -18.61 28.22
N PHE A 610 -20.03 -19.66 29.02
CA PHE A 610 -21.23 -20.43 29.29
C PHE A 610 -22.26 -19.62 30.03
N THR A 611 -21.91 -19.09 31.19
CA THR A 611 -22.93 -18.35 31.93
C THR A 611 -23.33 -17.12 31.19
N SER A 612 -22.43 -16.57 30.39
CA SER A 612 -22.78 -15.38 29.65
C SER A 612 -24.06 -15.59 28.84
N ILE A 613 -24.00 -16.54 27.89
CA ILE A 613 -25.13 -16.84 27.04
C ILE A 613 -26.30 -17.38 27.85
N ILE A 614 -26.03 -18.18 28.87
CA ILE A 614 -27.12 -18.68 29.70
C ILE A 614 -27.86 -17.51 30.36
N SER A 615 -27.11 -16.47 30.72
CA SER A 615 -27.73 -15.34 31.35
C SER A 615 -28.51 -14.54 30.36
N LEU A 616 -27.89 -14.24 29.22
CA LEU A 616 -28.57 -13.45 28.21
C LEU A 616 -29.84 -14.14 27.75
N GLU A 617 -29.79 -15.43 27.43
CA GLU A 617 -30.98 -16.15 27.01
C GLU A 617 -32.07 -16.10 28.09
N SER A 618 -31.68 -16.30 29.34
CA SER A 618 -32.64 -16.25 30.46
C SER A 618 -33.25 -14.89 30.58
N LEU A 619 -32.42 -13.86 30.44
CA LEU A 619 -32.91 -12.48 30.52
C LEU A 619 -33.90 -12.22 29.41
N HIS A 620 -33.63 -12.80 28.26
CA HIS A 620 -34.50 -12.63 27.10
C HIS A 620 -35.86 -13.32 27.30
N GLN A 621 -35.87 -14.46 27.97
CA GLN A 621 -37.14 -15.14 28.21
C GLN A 621 -38.02 -14.31 29.15
N LEU A 622 -37.44 -13.90 30.27
CA LEU A 622 -38.15 -13.10 31.27
C LEU A 622 -38.71 -11.81 30.70
N LEU A 623 -37.91 -11.10 29.91
CA LEU A 623 -38.40 -9.86 29.34
C LEU A 623 -39.46 -10.07 28.26
N SER A 624 -39.34 -11.18 27.53
CA SER A 624 -40.32 -11.50 26.50
C SER A 624 -41.63 -11.75 27.23
N ILE A 625 -41.57 -12.55 28.28
CA ILE A 625 -42.76 -12.83 29.04
C ILE A 625 -43.32 -11.48 29.60
N HIS A 626 -42.45 -10.67 30.21
CA HIS A 626 -42.91 -9.37 30.74
C HIS A 626 -43.58 -8.53 29.65
N TYR A 627 -43.00 -8.57 28.46
CA TYR A 627 -43.48 -7.83 27.33
C TYR A 627 -44.90 -8.20 26.91
N ARG A 628 -45.21 -9.49 26.95
CA ARG A 628 -46.54 -9.90 26.56
C ARG A 628 -47.53 -9.45 27.63
N ILE A 629 -47.19 -9.71 28.89
CA ILE A 629 -48.06 -9.32 29.97
C ILE A 629 -48.36 -7.81 29.89
N THR A 630 -47.29 -7.01 29.85
CA THR A 630 -47.37 -5.55 29.79
C THR A 630 -48.26 -5.07 28.67
N LEU A 631 -48.04 -5.59 27.47
CA LEU A 631 -48.84 -5.18 26.32
C LEU A 631 -50.31 -5.52 26.58
N GLN A 632 -50.57 -6.74 27.01
CA GLN A 632 -51.94 -7.17 27.31
C GLN A 632 -52.63 -6.26 28.30
N VAL A 633 -51.95 -5.89 29.36
CA VAL A 633 -52.52 -4.99 30.37
C VAL A 633 -52.79 -3.62 29.75
N LEU A 634 -51.79 -3.08 29.07
CA LEU A 634 -51.95 -1.78 28.42
C LEU A 634 -53.17 -1.82 27.49
N LEU A 635 -53.35 -2.95 26.82
CA LEU A 635 -54.45 -3.14 25.90
C LEU A 635 -55.79 -2.89 26.57
N THR A 636 -55.98 -3.45 27.76
CA THR A 636 -57.25 -3.26 28.46
C THR A 636 -57.49 -1.79 28.79
N PHE A 637 -56.42 -1.02 29.01
CA PHE A 637 -56.58 0.40 29.31
C PHE A 637 -57.04 1.24 28.13
N VAL A 638 -56.82 0.77 26.91
CA VAL A 638 -57.25 1.57 25.78
C VAL A 638 -58.63 1.14 25.34
N LEU A 639 -59.10 0.01 25.87
CA LEU A 639 -60.41 -0.52 25.53
C LEU A 639 -61.51 -0.13 26.49
N PHE A 640 -61.20 -0.16 27.77
CA PHE A 640 -62.22 0.14 28.76
C PHE A 640 -62.01 1.50 29.39
N ASP A 641 -63.05 2.01 30.02
CA ASP A 641 -62.93 3.33 30.63
C ASP A 641 -62.31 3.27 32.02
N LEU A 642 -60.99 3.13 32.10
CA LEU A 642 -60.37 3.10 33.40
C LEU A 642 -59.92 4.51 33.65
N ASP A 643 -60.19 5.05 34.84
CA ASP A 643 -59.81 6.42 35.11
C ASP A 643 -58.38 6.67 34.77
N THR A 644 -58.17 7.39 33.69
CA THR A 644 -56.85 7.73 33.21
C THR A 644 -56.08 8.52 34.28
N GLU A 645 -56.80 9.03 35.27
CA GLU A 645 -56.20 9.79 36.36
C GLU A 645 -55.81 8.87 37.51
N ILE A 646 -56.72 7.97 37.92
CA ILE A 646 -56.41 7.04 39.00
C ILE A 646 -55.22 6.18 38.59
N PHE A 647 -55.35 5.53 37.43
CA PHE A 647 -54.32 4.65 36.90
C PHE A 647 -53.26 5.39 36.12
N GLY A 648 -53.22 6.71 36.25
CA GLY A 648 -52.22 7.49 35.56
C GLY A 648 -50.82 6.99 35.85
N GLN A 649 -50.55 6.65 37.10
CA GLN A 649 -49.23 6.17 37.47
C GLN A 649 -48.93 4.86 36.76
N HIS A 650 -49.80 3.89 37.00
CA HIS A 650 -49.67 2.57 36.40
C HIS A 650 -49.55 2.64 34.88
N ILE A 651 -50.40 3.44 34.25
CA ILE A 651 -50.36 3.57 32.80
C ILE A 651 -49.00 4.06 32.28
N SER A 652 -48.43 5.06 32.95
CA SER A 652 -47.15 5.58 32.51
C SER A 652 -45.99 4.66 32.90
N THR A 653 -46.17 3.87 33.96
CA THR A 653 -45.12 2.95 34.35
C THR A 653 -45.10 1.80 33.36
N LEU A 654 -46.28 1.41 32.90
CA LEU A 654 -46.39 0.33 31.95
C LEU A 654 -45.83 0.78 30.60
N LEU A 655 -46.22 1.95 30.14
CA LEU A 655 -45.73 2.43 28.87
C LEU A 655 -44.21 2.55 28.86
N ASP A 656 -43.64 2.82 30.03
CA ASP A 656 -42.20 2.98 30.14
C ASP A 656 -41.54 1.60 30.15
N LEU A 657 -42.19 0.64 30.80
CA LEU A 657 -41.65 -0.71 30.89
C LEU A 657 -41.76 -1.38 29.53
N HIS A 658 -42.83 -1.08 28.82
CA HIS A 658 -43.07 -1.65 27.50
C HIS A 658 -41.95 -1.19 26.57
N TYR A 659 -41.69 0.12 26.57
CA TYR A 659 -40.66 0.67 25.71
C TYR A 659 -39.32 0.01 25.98
N LYS A 660 -38.92 -0.07 27.23
CA LYS A 660 -37.65 -0.69 27.54
C LYS A 660 -37.64 -2.16 27.10
N GLN A 661 -38.74 -2.88 27.37
CA GLN A 661 -38.89 -4.30 26.98
C GLN A 661 -38.67 -4.47 25.48
N PHE A 662 -39.39 -3.67 24.72
CA PHE A 662 -39.29 -3.71 23.28
C PHE A 662 -37.85 -3.52 22.89
N LEU A 663 -37.30 -2.35 23.20
CA LEU A 663 -35.91 -2.04 22.90
C LEU A 663 -34.97 -3.20 23.20
N LEU A 664 -35.00 -3.71 24.42
CA LEU A 664 -34.10 -4.78 24.77
C LEU A 664 -34.29 -5.98 23.85
N LEU A 665 -35.54 -6.39 23.65
CA LEU A 665 -35.84 -7.54 22.81
C LEU A 665 -35.35 -7.25 21.39
N ASN A 666 -35.39 -5.97 21.02
CA ASN A 666 -34.97 -5.54 19.70
C ASN A 666 -33.45 -5.63 19.59
N LEU A 667 -32.74 -5.20 20.61
CA LEU A 667 -31.29 -5.26 20.56
C LEU A 667 -30.83 -6.71 20.64
N TYR A 668 -31.60 -7.54 21.32
CA TYR A 668 -31.24 -8.95 21.45
C TYR A 668 -31.18 -9.61 20.09
N ARG A 669 -32.18 -9.35 19.25
CA ARG A 669 -32.16 -10.00 17.96
C ARG A 669 -31.38 -9.23 16.90
N GLN A 670 -30.95 -8.04 17.24
CA GLN A 670 -30.18 -7.27 16.28
C GLN A 670 -28.70 -7.65 16.37
N ASP A 671 -28.25 -8.03 17.57
CA ASP A 671 -26.84 -8.38 17.76
C ASP A 671 -26.53 -8.92 19.19
N LYS A 672 -26.81 -10.19 19.42
CA LYS A 672 -26.58 -10.83 20.73
C LYS A 672 -25.26 -10.52 21.39
N CYS A 673 -24.15 -10.67 20.68
CA CYS A 673 -22.84 -10.41 21.27
C CYS A 673 -22.74 -8.99 21.79
N LEU A 674 -22.96 -8.02 20.93
CA LEU A 674 -22.90 -6.63 21.34
C LEU A 674 -23.78 -6.40 22.58
N LEU A 675 -24.99 -6.93 22.60
CA LEU A 675 -25.87 -6.74 23.74
C LEU A 675 -25.24 -7.26 25.02
N ALA A 676 -24.82 -8.52 25.00
CA ALA A 676 -24.21 -9.12 26.16
C ALA A 676 -23.06 -8.23 26.63
N GLU A 677 -22.28 -7.74 25.67
CA GLU A 677 -21.14 -6.88 25.97
C GLU A 677 -21.49 -5.58 26.71
N VAL A 678 -22.44 -4.81 26.18
CA VAL A 678 -22.83 -3.57 26.80
C VAL A 678 -23.57 -3.89 28.07
N LEU A 679 -24.21 -5.04 28.11
CA LEU A 679 -24.98 -5.39 29.29
C LEU A 679 -24.11 -5.91 30.42
N LEU A 680 -22.97 -6.50 30.13
CA LEU A 680 -22.08 -6.99 31.19
C LEU A 680 -21.00 -5.95 31.54
N LYS A 681 -20.86 -4.95 30.68
CA LYS A 681 -19.90 -3.88 30.90
C LYS A 681 -20.67 -2.73 31.55
N ASP A 682 -21.92 -3.02 31.90
CA ASP A 682 -22.79 -2.05 32.55
C ASP A 682 -22.52 -2.16 34.05
N SER A 683 -22.46 -3.40 34.55
CA SER A 683 -22.17 -3.64 35.96
C SER A 683 -20.65 -3.53 36.17
N SER A 684 -20.25 -2.66 37.10
CA SER A 684 -18.84 -2.42 37.41
C SER A 684 -18.06 -3.63 37.98
N GLU A 685 -18.33 -3.98 39.24
CA GLU A 685 -17.63 -5.10 39.89
C GLU A 685 -17.86 -6.46 39.24
N PHE A 686 -18.76 -6.51 38.26
CA PHE A 686 -19.07 -7.75 37.56
C PHE A 686 -18.80 -7.60 36.06
N SER A 687 -17.72 -6.88 35.76
CA SER A 687 -17.30 -6.59 34.40
C SER A 687 -16.73 -7.77 33.60
N PHE A 688 -16.75 -8.97 34.16
CA PHE A 688 -16.21 -10.13 33.47
C PHE A 688 -17.25 -11.24 33.30
N GLY A 689 -18.27 -11.20 34.13
CA GLY A 689 -19.32 -12.20 34.07
C GLY A 689 -19.67 -12.59 35.48
N VAL A 690 -20.32 -13.73 35.64
CA VAL A 690 -20.71 -14.19 36.97
C VAL A 690 -20.55 -15.70 37.06
N LYS A 691 -20.70 -16.21 38.29
CA LYS A 691 -20.60 -17.63 38.57
C LYS A 691 -21.76 -17.97 39.50
N PHE A 692 -22.79 -18.63 39.00
CA PHE A 692 -23.93 -19.01 39.84
C PHE A 692 -23.85 -20.53 40.04
N PHE A 693 -24.15 -20.99 41.25
CA PHE A 693 -24.07 -22.42 41.52
C PHE A 693 -25.41 -23.10 41.79
N ASN A 694 -26.40 -22.34 42.28
CA ASN A 694 -27.73 -22.90 42.54
C ASN A 694 -28.75 -22.11 41.73
N TYR A 695 -30.01 -22.49 41.78
CA TYR A 695 -31.04 -21.80 41.01
C TYR A 695 -31.34 -20.43 41.58
N GLY A 696 -31.22 -20.30 42.89
CA GLY A 696 -31.46 -19.01 43.52
C GLY A 696 -30.48 -17.97 43.02
N GLN A 697 -29.20 -18.32 43.01
CA GLN A 697 -28.20 -17.39 42.55
C GLN A 697 -28.49 -17.01 41.10
N LEU A 698 -28.85 -18.00 40.29
CA LEU A 698 -29.13 -17.76 38.87
C LEU A 698 -30.31 -16.80 38.71
N ILE A 699 -31.42 -17.15 39.32
CA ILE A 699 -32.58 -16.31 39.24
C ILE A 699 -32.22 -14.90 39.70
N ALA A 700 -31.52 -14.80 40.83
CA ALA A 700 -31.13 -13.52 41.37
C ALA A 700 -30.36 -12.68 40.36
N TYR A 701 -29.35 -13.28 39.76
CA TYR A 701 -28.55 -12.56 38.77
C TYR A 701 -29.40 -12.09 37.59
N ILE A 702 -30.33 -12.94 37.13
CA ILE A 702 -31.19 -12.57 36.03
C ILE A 702 -32.05 -11.40 36.47
N ASP A 703 -32.73 -11.54 37.61
CA ASP A 703 -33.56 -10.44 38.11
C ASP A 703 -32.72 -9.20 38.23
N SER A 704 -31.46 -9.41 38.53
CA SER A 704 -30.52 -8.30 38.66
C SER A 704 -30.36 -7.59 37.33
N LEU A 705 -30.08 -8.35 36.27
CA LEU A 705 -29.92 -7.75 34.96
C LEU A 705 -31.21 -7.07 34.51
N ASN A 706 -32.34 -7.60 34.98
CA ASN A 706 -33.62 -7.03 34.62
C ASN A 706 -33.69 -5.60 35.16
N SER A 707 -33.21 -5.39 36.38
CA SER A 707 -33.25 -4.05 36.97
C SER A 707 -32.42 -3.10 36.13
N ASN A 708 -31.23 -3.54 35.76
CA ASN A 708 -30.40 -2.70 34.93
C ASN A 708 -31.18 -2.27 33.70
N VAL A 709 -32.06 -3.15 33.22
CA VAL A 709 -32.85 -2.80 32.05
C VAL A 709 -34.01 -1.90 32.43
N TYR A 710 -34.70 -2.13 33.54
CA TYR A 710 -35.79 -1.20 33.88
C TYR A 710 -35.34 0.15 34.45
N ASN A 711 -34.12 0.23 34.99
CA ASN A 711 -33.62 1.49 35.54
C ASN A 711 -32.82 2.28 34.51
N ALA A 712 -32.51 1.68 33.37
CA ALA A 712 -31.75 2.41 32.36
C ALA A 712 -32.49 3.67 31.91
N SER A 713 -31.74 4.67 31.53
CA SER A 713 -32.32 5.91 31.06
C SER A 713 -32.61 5.78 29.57
N ILE A 714 -33.72 6.36 29.12
CA ILE A 714 -34.08 6.28 27.72
C ILE A 714 -34.28 7.66 27.10
N THR A 715 -33.73 8.68 27.73
CA THR A 715 -33.89 10.01 27.18
C THR A 715 -32.73 10.25 26.22
N GLU A 716 -33.06 10.78 25.05
CA GLU A 716 -32.03 11.05 24.07
C GLU A 716 -31.48 12.43 24.34
N ASN A 717 -30.21 12.50 24.72
CA ASN A 717 -29.60 13.79 25.06
C ASN A 717 -29.06 14.67 23.94
N SER A 718 -29.40 14.35 22.68
CA SER A 718 -28.94 15.09 21.50
C SER A 718 -29.50 14.46 20.21
N PHE A 719 -29.41 15.18 19.10
CA PHE A 719 -29.91 14.67 17.83
C PHE A 719 -29.17 13.38 17.48
N PHE A 720 -27.93 13.22 17.93
CA PHE A 720 -27.20 11.99 17.67
C PHE A 720 -27.91 10.77 18.24
N MET A 721 -28.32 10.88 19.50
CA MET A 721 -28.99 9.75 20.15
C MET A 721 -30.37 9.46 19.57
N THR A 722 -31.05 10.52 19.15
CA THR A 722 -32.37 10.42 18.54
C THR A 722 -32.27 9.70 17.22
N PHE A 723 -31.26 10.05 16.44
CA PHE A 723 -31.02 9.41 15.16
C PHE A 723 -30.78 7.92 15.46
N PHE A 724 -29.80 7.65 16.33
CA PHE A 724 -29.50 6.26 16.64
C PHE A 724 -30.77 5.47 16.86
N ARG A 725 -31.54 5.87 17.86
CA ARG A 725 -32.77 5.17 18.20
C ARG A 725 -33.78 5.01 17.06
N SER A 726 -34.02 6.08 16.31
CA SER A 726 -34.98 6.06 15.22
C SER A 726 -34.56 5.08 14.16
N TYR A 727 -33.27 5.10 13.89
CA TYR A 727 -32.69 4.23 12.88
C TYR A 727 -32.80 2.78 13.30
N ILE A 728 -32.59 2.49 14.58
CA ILE A 728 -32.64 1.12 15.10
C ILE A 728 -33.97 0.59 15.60
N ILE A 729 -34.68 1.36 16.42
CA ILE A 729 -35.96 0.90 16.95
C ILE A 729 -36.97 0.76 15.83
N MET B 1 -8.39 31.48 -6.48
CA MET B 1 -8.94 31.25 -7.84
C MET B 1 -10.44 30.92 -7.82
N ALA B 2 -10.84 29.88 -7.09
CA ALA B 2 -12.24 29.45 -6.98
C ALA B 2 -12.90 29.95 -5.69
N CYS B 3 -13.87 30.85 -5.81
CA CYS B 3 -14.55 31.41 -4.64
C CYS B 3 -15.90 30.83 -4.36
N LEU B 4 -16.43 30.06 -5.28
CA LEU B 4 -17.73 29.45 -5.07
C LEU B 4 -17.60 27.94 -5.14
N SER B 5 -18.49 27.23 -4.46
CA SER B 5 -18.48 25.79 -4.50
C SER B 5 -19.85 25.31 -5.02
N ARG B 6 -19.90 24.05 -5.42
CA ARG B 6 -21.12 23.47 -5.94
C ARG B 6 -21.84 22.56 -4.94
N ILE B 7 -23.12 22.85 -4.77
CA ILE B 7 -23.99 22.09 -3.87
C ILE B 7 -25.10 21.50 -4.72
N ASP B 8 -25.10 20.19 -4.94
CA ASP B 8 -26.13 19.62 -5.79
C ASP B 8 -27.40 19.26 -5.06
N ALA B 9 -28.51 19.70 -5.64
CA ALA B 9 -29.80 19.44 -5.03
C ALA B 9 -30.76 18.59 -5.87
N ASN B 10 -31.12 17.45 -5.33
CA ASN B 10 -32.08 16.62 -6.02
C ASN B 10 -33.30 16.62 -5.11
N LEU B 11 -34.25 17.49 -5.45
CA LEU B 11 -35.46 17.66 -4.69
C LEU B 11 -36.21 16.43 -4.15
N LEU B 12 -35.96 15.25 -4.71
CA LEU B 12 -36.66 14.04 -4.24
C LEU B 12 -35.73 13.08 -3.50
N GLN B 13 -34.52 13.55 -3.25
CA GLN B 13 -33.53 12.75 -2.57
C GLN B 13 -33.98 12.06 -1.29
N TYR B 14 -34.65 12.81 -0.40
CA TYR B 14 -35.12 12.26 0.87
C TYR B 14 -36.23 11.21 0.76
N TYR B 15 -36.77 11.01 -0.43
CA TYR B 15 -37.86 10.06 -0.57
C TYR B 15 -37.54 8.80 -1.35
N GLU B 16 -38.32 7.76 -1.09
CA GLU B 16 -38.13 6.49 -1.75
C GLU B 16 -38.76 6.55 -3.14
N LYS B 17 -40.01 7.00 -3.23
CA LYS B 17 -40.66 7.14 -4.52
C LYS B 17 -39.94 8.20 -5.34
N PRO B 18 -39.28 7.81 -6.45
CA PRO B 18 -38.54 8.72 -7.34
C PRO B 18 -39.49 9.51 -8.25
N GLU B 19 -40.61 9.94 -7.69
CA GLU B 19 -41.61 10.70 -8.43
C GLU B 19 -42.75 11.08 -7.49
N PRO B 20 -43.14 12.37 -7.48
CA PRO B 20 -44.24 12.81 -6.61
C PRO B 20 -45.45 11.91 -6.87
N ASN B 21 -46.31 11.75 -5.88
CA ASN B 21 -47.48 10.92 -6.11
C ASN B 21 -48.53 11.77 -6.84
N ASN B 22 -48.53 13.06 -6.54
CA ASN B 22 -49.46 13.99 -7.15
C ASN B 22 -48.90 14.60 -8.43
N THR B 23 -49.18 13.96 -9.56
CA THR B 23 -48.72 14.40 -10.87
C THR B 23 -49.92 14.40 -11.82
N VAL B 24 -50.27 15.57 -12.36
CA VAL B 24 -51.40 15.64 -13.27
C VAL B 24 -50.98 15.86 -14.72
N ASP B 25 -51.67 15.18 -15.64
CA ASP B 25 -51.36 15.30 -17.06
C ASP B 25 -52.48 16.01 -17.86
N LEU B 26 -52.24 17.25 -18.24
CA LEU B 26 -53.20 18.00 -19.04
C LEU B 26 -52.87 17.82 -20.51
N TYR B 27 -53.88 17.52 -21.32
CA TYR B 27 -53.65 17.31 -22.75
C TYR B 27 -54.28 18.43 -23.57
N VAL B 28 -53.62 18.76 -24.69
CA VAL B 28 -54.08 19.82 -25.59
C VAL B 28 -54.55 19.27 -26.93
N SER B 29 -55.65 19.83 -27.43
CA SER B 29 -56.22 19.42 -28.72
C SER B 29 -55.64 20.24 -29.87
N GLY B 53 -38.76 16.49 -18.95
CA GLY B 53 -38.31 17.60 -19.77
C GLY B 53 -36.81 17.80 -19.69
N SER B 54 -36.08 17.21 -20.64
CA SER B 54 -34.61 17.28 -20.68
C SER B 54 -33.97 18.12 -21.79
N GLU B 55 -34.56 19.23 -22.19
CA GLU B 55 -33.93 20.03 -23.22
C GLU B 55 -33.83 21.47 -22.76
N TYR B 56 -34.70 21.85 -21.83
CA TYR B 56 -34.65 23.19 -21.27
C TYR B 56 -35.37 23.25 -19.95
N SER B 57 -34.82 24.03 -19.03
CA SER B 57 -35.46 24.17 -17.73
C SER B 57 -35.04 25.47 -17.08
N ASN B 58 -36.00 26.09 -16.40
CA ASN B 58 -35.75 27.36 -15.77
C ASN B 58 -36.67 27.49 -14.58
N CYS B 59 -36.43 28.54 -13.78
CA CYS B 59 -37.23 28.84 -12.59
C CYS B 59 -37.75 30.25 -12.61
N LEU B 60 -39.05 30.42 -12.42
CA LEU B 60 -39.63 31.75 -12.41
C LEU B 60 -40.23 32.07 -11.03
N LEU B 61 -40.00 33.29 -10.55
CA LEU B 61 -40.55 33.73 -9.27
C LEU B 61 -41.97 34.22 -9.54
N LEU B 62 -42.87 34.05 -8.57
CA LEU B 62 -44.25 34.48 -8.76
C LEU B 62 -44.70 35.56 -7.78
N SER B 63 -46.01 35.69 -7.66
CA SER B 63 -46.61 36.66 -6.76
C SER B 63 -46.51 36.22 -5.31
N ASN B 64 -46.72 34.92 -5.08
CA ASN B 64 -46.67 34.36 -3.73
C ASN B 64 -45.26 34.13 -3.20
N SER B 65 -44.25 34.67 -3.88
CA SER B 65 -42.88 34.50 -3.44
C SER B 65 -42.42 33.05 -3.48
N GLU B 66 -43.16 32.25 -4.24
CA GLU B 66 -42.84 30.84 -4.42
C GLU B 66 -42.12 30.75 -5.75
N TYR B 67 -41.35 29.69 -5.94
CA TYR B 67 -40.62 29.47 -7.18
C TYR B 67 -41.21 28.32 -7.95
N ILE B 68 -41.51 28.52 -9.23
CA ILE B 68 -42.07 27.44 -10.04
C ILE B 68 -41.03 27.03 -11.10
N CYS B 69 -40.89 25.73 -11.31
CA CYS B 69 -39.93 25.24 -12.29
C CYS B 69 -40.66 24.69 -13.48
N TYR B 70 -40.05 24.84 -14.64
CA TYR B 70 -40.64 24.29 -15.84
C TYR B 70 -39.56 23.70 -16.70
N HIS B 71 -39.91 22.59 -17.35
CA HIS B 71 -39.02 21.86 -18.25
C HIS B 71 -39.74 21.63 -19.56
N PHE B 72 -39.06 21.91 -20.66
CA PHE B 72 -39.62 21.68 -21.97
C PHE B 72 -38.92 20.41 -22.40
N SER B 73 -39.66 19.32 -22.62
CA SER B 73 -39.06 18.04 -23.01
C SER B 73 -38.13 18.20 -24.21
N SER B 74 -37.38 17.15 -24.53
CA SER B 74 -36.45 17.18 -25.65
C SER B 74 -37.19 17.53 -26.94
N ARG B 75 -38.26 16.81 -27.21
CA ARG B 75 -39.08 17.00 -28.40
C ARG B 75 -39.90 18.26 -28.43
N SER B 76 -39.80 19.08 -27.39
CA SER B 76 -40.56 20.31 -27.35
C SER B 76 -42.05 20.01 -27.47
N THR B 77 -42.44 18.82 -27.02
CA THR B 77 -43.84 18.41 -27.08
C THR B 77 -44.50 18.38 -25.70
N LEU B 78 -43.68 18.47 -24.65
CA LEU B 78 -44.20 18.44 -23.30
C LEU B 78 -43.64 19.56 -22.45
N LEU B 79 -44.51 20.16 -21.66
CA LEU B 79 -44.11 21.24 -20.76
C LEU B 79 -44.41 20.72 -19.34
N THR B 80 -43.49 20.88 -18.41
CA THR B 80 -43.73 20.38 -17.07
C THR B 80 -43.60 21.48 -16.02
N PHE B 81 -44.46 21.45 -15.01
CA PHE B 81 -44.41 22.46 -13.95
C PHE B 81 -44.38 21.81 -12.58
N TYR B 82 -43.57 22.36 -11.68
CA TYR B 82 -43.52 21.84 -10.32
C TYR B 82 -42.88 22.91 -9.44
N PRO B 83 -43.33 23.01 -8.18
CA PRO B 83 -42.81 23.99 -7.23
C PRO B 83 -41.44 23.65 -6.66
N LEU B 84 -40.51 24.61 -6.77
CA LEU B 84 -39.16 24.43 -6.27
C LEU B 84 -39.11 23.99 -4.81
N SER B 85 -39.93 24.62 -3.97
CA SER B 85 -39.92 24.33 -2.54
C SER B 85 -40.74 23.15 -2.07
N ASP B 86 -41.52 22.56 -2.95
CA ASP B 86 -42.32 21.42 -2.55
C ASP B 86 -42.45 20.42 -3.70
N ALA B 87 -41.31 19.92 -4.17
CA ALA B 87 -41.33 19.02 -5.30
C ALA B 87 -42.01 17.68 -5.04
N TYR B 88 -41.83 17.12 -3.86
CA TYR B 88 -42.42 15.83 -3.56
C TYR B 88 -43.93 15.84 -3.34
N HIS B 89 -44.38 16.59 -2.35
CA HIS B 89 -45.80 16.67 -2.01
C HIS B 89 -46.53 17.63 -2.91
N GLY B 90 -45.79 18.59 -3.44
CA GLY B 90 -46.37 19.57 -4.34
C GLY B 90 -46.79 18.88 -5.63
N LYS B 91 -47.55 19.58 -6.46
CA LYS B 91 -48.02 18.97 -7.68
C LYS B 91 -47.22 19.35 -8.89
N THR B 92 -46.78 18.35 -9.65
CA THR B 92 -46.07 18.66 -10.86
C THR B 92 -47.13 18.47 -11.94
N ILE B 93 -47.17 19.40 -12.87
CA ILE B 93 -48.14 19.36 -13.95
C ILE B 93 -47.47 19.15 -15.31
N ASN B 94 -47.82 18.05 -16.00
CA ASN B 94 -47.28 17.80 -17.33
C ASN B 94 -48.28 18.28 -18.38
N ILE B 95 -47.94 19.30 -19.16
CA ILE B 95 -48.85 19.80 -20.18
C ILE B 95 -48.45 19.27 -21.56
N HIS B 96 -49.16 18.26 -22.04
CA HIS B 96 -48.85 17.68 -23.34
C HIS B 96 -49.23 18.61 -24.48
N LEU B 97 -48.58 18.46 -25.63
CA LEU B 97 -48.85 19.33 -26.77
C LEU B 97 -49.10 18.56 -28.08
N PRO B 98 -50.01 19.09 -28.94
CA PRO B 98 -50.37 18.50 -30.24
C PRO B 98 -49.13 18.22 -31.06
N ASN B 99 -48.21 19.18 -31.09
CA ASN B 99 -46.95 18.98 -31.79
C ASN B 99 -45.92 19.98 -31.29
N ALA B 100 -44.66 19.67 -31.55
CA ALA B 100 -43.54 20.52 -31.14
C ALA B 100 -43.77 21.99 -31.48
N SER B 101 -42.99 22.86 -30.85
CA SER B 101 -43.10 24.27 -31.16
C SER B 101 -42.22 24.40 -32.40
N MET B 102 -42.26 25.56 -33.04
CA MET B 102 -41.47 25.79 -34.25
C MET B 102 -39.98 25.59 -34.02
N ASN B 103 -39.43 26.37 -33.08
CA ASN B 103 -38.02 26.34 -32.76
C ASN B 103 -37.74 26.21 -31.27
N GLN B 104 -38.05 25.05 -30.72
CA GLN B 104 -37.81 24.78 -29.32
C GLN B 104 -38.28 25.88 -28.39
N ARG B 105 -37.65 25.95 -27.22
CA ARG B 105 -38.00 26.93 -26.21
C ARG B 105 -37.83 28.36 -26.67
N TYR B 106 -37.33 28.53 -27.90
CA TYR B 106 -37.14 29.89 -28.42
C TYR B 106 -38.46 30.44 -28.95
N THR B 107 -39.36 29.56 -29.38
CA THR B 107 -40.67 29.97 -29.89
C THR B 107 -41.72 29.88 -28.77
N LEU B 108 -41.25 29.86 -27.53
CA LEU B 108 -42.13 29.75 -26.37
C LEU B 108 -41.93 30.89 -25.37
N THR B 109 -42.97 31.22 -24.63
CA THR B 109 -42.92 32.29 -23.65
C THR B 109 -43.74 31.93 -22.41
N ILE B 110 -43.32 32.42 -21.25
CA ILE B 110 -44.03 32.15 -20.01
C ILE B 110 -43.90 33.33 -19.05
N GLN B 111 -44.96 34.11 -18.91
CA GLN B 111 -44.91 35.25 -18.01
C GLN B 111 -46.12 35.13 -17.10
N GLU B 112 -46.10 35.85 -15.99
CA GLU B 112 -47.21 35.82 -15.07
C GLU B 112 -48.00 37.13 -15.22
N VAL B 113 -49.17 37.05 -15.82
CA VAL B 113 -50.01 38.25 -16.02
C VAL B 113 -50.63 38.73 -14.71
N GLU B 114 -51.80 38.20 -14.39
CA GLU B 114 -52.51 38.55 -13.16
C GLU B 114 -53.06 37.28 -12.56
N GLN B 115 -52.35 36.78 -11.55
CA GLN B 115 -52.72 35.55 -10.86
C GLN B 115 -52.74 34.38 -11.82
N GLN B 116 -51.93 34.46 -12.87
CA GLN B 116 -51.90 33.36 -13.84
C GLN B 116 -50.58 33.19 -14.60
N LEU B 117 -50.36 31.97 -15.08
CA LEU B 117 -49.18 31.67 -15.86
C LEU B 117 -49.63 31.68 -17.31
N LEU B 118 -49.25 32.71 -18.04
CA LEU B 118 -49.63 32.81 -19.44
C LEU B 118 -48.51 32.23 -20.29
N VAL B 119 -48.82 31.14 -20.98
CA VAL B 119 -47.86 30.46 -21.83
C VAL B 119 -48.22 30.56 -23.32
N ASN B 120 -47.34 31.17 -24.11
CA ASN B 120 -47.58 31.28 -25.56
C ASN B 120 -46.56 30.40 -26.27
N VAL B 121 -47.00 29.70 -27.31
CA VAL B 121 -46.11 28.81 -28.02
C VAL B 121 -46.45 28.65 -29.50
N ILE B 122 -45.70 29.33 -30.36
CA ILE B 122 -45.91 29.20 -31.79
C ILE B 122 -45.51 27.77 -32.11
N LEU B 123 -46.49 26.94 -32.46
CA LEU B 123 -46.20 25.54 -32.76
C LEU B 123 -45.58 25.37 -34.14
N LYS B 124 -45.11 24.15 -34.43
CA LYS B 124 -44.49 23.86 -35.71
C LYS B 124 -45.41 24.15 -36.87
N ASP B 125 -46.59 23.55 -36.87
CA ASP B 125 -47.54 23.76 -37.96
C ASP B 125 -47.73 25.25 -38.30
N GLY B 126 -47.58 26.12 -37.30
CA GLY B 126 -47.74 27.54 -37.52
C GLY B 126 -48.81 28.10 -36.60
N SER B 127 -49.32 27.27 -35.70
CA SER B 127 -50.35 27.66 -34.73
C SER B 127 -49.75 28.54 -33.65
N PHE B 128 -50.60 29.24 -32.91
CA PHE B 128 -50.12 30.10 -31.84
C PHE B 128 -50.89 29.80 -30.56
N LEU B 129 -50.56 28.66 -29.94
CA LEU B 129 -51.18 28.18 -28.72
C LEU B 129 -51.06 29.16 -27.55
N THR B 130 -52.12 29.26 -26.76
CA THR B 130 -52.13 30.15 -25.61
C THR B 130 -52.56 29.35 -24.39
N LEU B 131 -51.67 29.19 -23.41
CA LEU B 131 -51.99 28.45 -22.19
C LEU B 131 -52.25 29.41 -21.04
N GLN B 132 -53.34 29.17 -20.31
CA GLN B 132 -53.66 30.00 -19.16
C GLN B 132 -53.81 29.10 -17.94
N LEU B 133 -52.77 29.08 -17.11
CA LEU B 133 -52.78 28.26 -15.92
C LEU B 133 -52.93 29.14 -14.68
N PRO B 134 -54.06 28.97 -13.98
CA PRO B 134 -54.37 29.74 -12.76
C PRO B 134 -53.31 29.51 -11.68
N LEU B 135 -52.75 30.61 -11.17
CA LEU B 135 -51.72 30.50 -10.14
C LEU B 135 -52.19 29.57 -9.03
N SER B 136 -53.49 29.57 -8.74
CA SER B 136 -54.01 28.71 -7.70
C SER B 136 -53.83 27.24 -8.10
N PHE B 137 -54.36 26.87 -9.25
CA PHE B 137 -54.25 25.49 -9.75
C PHE B 137 -52.86 24.92 -9.57
N LEU B 138 -51.84 25.74 -9.77
CA LEU B 138 -50.45 25.31 -9.64
C LEU B 138 -50.08 24.87 -8.23
N PHE B 139 -50.74 25.45 -7.23
CA PHE B 139 -50.46 25.10 -5.84
C PHE B 139 -51.60 24.40 -5.16
N SER B 140 -52.63 24.04 -5.93
CA SER B 140 -53.79 23.37 -5.37
C SER B 140 -53.50 21.89 -5.27
N SER B 141 -54.57 21.12 -5.10
CA SER B 141 -54.47 19.67 -5.00
C SER B 141 -55.24 19.13 -6.19
N ALA B 142 -55.97 20.02 -6.84
CA ALA B 142 -56.80 19.70 -8.00
C ALA B 142 -56.07 18.92 -9.09
N ASN B 143 -56.74 17.91 -9.62
CA ASN B 143 -56.20 17.09 -10.69
C ASN B 143 -57.04 17.35 -11.93
N THR B 144 -57.84 18.42 -11.85
CA THR B 144 -58.73 18.84 -12.92
C THR B 144 -58.61 20.35 -13.11
N LEU B 145 -58.90 20.83 -14.31
CA LEU B 145 -58.86 22.26 -14.58
C LEU B 145 -60.11 22.66 -15.35
N ASN B 146 -60.79 23.71 -14.89
CA ASN B 146 -62.02 24.18 -15.52
C ASN B 146 -61.79 25.38 -16.42
N GLY B 147 -62.67 25.56 -17.39
CA GLY B 147 -62.58 26.70 -18.29
C GLY B 147 -61.71 26.46 -19.51
N GLU B 148 -61.28 27.57 -20.13
CA GLU B 148 -60.44 27.50 -21.31
C GLU B 148 -59.00 27.84 -20.94
N TRP B 149 -58.19 26.81 -20.67
CA TRP B 149 -56.80 27.06 -20.32
C TRP B 149 -55.92 27.08 -21.56
N PHE B 150 -56.52 26.93 -22.74
CA PHE B 150 -55.76 26.97 -23.99
C PHE B 150 -56.60 27.37 -25.20
N HIS B 151 -55.99 28.16 -26.08
CA HIS B 151 -56.67 28.65 -27.29
C HIS B 151 -55.75 28.58 -28.50
N LEU B 152 -55.97 27.62 -29.40
CA LEU B 152 -55.15 27.55 -30.61
C LEU B 152 -55.56 28.74 -31.48
N GLN B 153 -54.65 29.20 -32.33
CA GLN B 153 -54.93 30.37 -33.15
C GLN B 153 -53.95 30.48 -34.32
N ASN B 154 -54.44 30.96 -35.47
CA ASN B 154 -53.59 31.08 -36.65
C ASN B 154 -53.58 32.53 -37.14
N PRO B 155 -52.81 33.40 -36.46
CA PRO B 155 -52.73 34.82 -36.83
C PRO B 155 -52.14 35.08 -38.21
N TYR B 156 -50.87 34.74 -38.39
CA TYR B 156 -50.16 34.94 -39.65
C TYR B 156 -49.88 33.58 -40.31
N ASP B 157 -49.56 33.59 -41.59
CA ASP B 157 -49.25 32.34 -42.30
C ASP B 157 -47.75 32.08 -42.21
N PHE B 158 -47.36 31.16 -41.35
CA PHE B 158 -45.94 30.86 -41.18
C PHE B 158 -45.42 29.77 -42.11
N THR B 159 -46.23 29.39 -43.10
CA THR B 159 -45.81 28.34 -44.05
C THR B 159 -44.77 28.95 -45.00
N VAL B 160 -44.93 30.22 -45.30
CA VAL B 160 -44.02 30.90 -46.19
C VAL B 160 -42.78 31.35 -45.42
N ARG B 161 -42.90 32.47 -44.71
CA ARG B 161 -41.79 33.02 -43.92
C ARG B 161 -41.81 32.45 -42.49
N VAL B 162 -41.08 31.35 -42.30
CA VAL B 162 -40.97 30.65 -41.02
C VAL B 162 -40.30 31.48 -39.91
N PRO B 163 -40.98 31.63 -38.76
CA PRO B 163 -40.47 32.38 -37.61
C PRO B 163 -39.51 31.51 -36.81
N HIS B 164 -38.74 32.09 -35.89
CA HIS B 164 -37.83 31.26 -35.12
C HIS B 164 -37.58 31.75 -33.69
N PHE B 165 -38.09 32.93 -33.34
CA PHE B 165 -37.86 33.48 -32.01
C PHE B 165 -38.98 34.41 -31.53
N LEU B 166 -39.75 33.92 -30.56
CA LEU B 166 -40.88 34.66 -29.97
C LEU B 166 -40.41 35.49 -28.79
N PHE B 167 -40.88 36.73 -28.67
CA PHE B 167 -40.43 37.58 -27.58
C PHE B 167 -41.50 38.40 -26.87
N TYR B 168 -41.78 38.08 -25.61
CA TYR B 168 -42.79 38.82 -24.86
C TYR B 168 -42.35 40.26 -24.64
N VAL B 169 -43.33 41.15 -24.50
CA VAL B 169 -43.10 42.59 -24.28
C VAL B 169 -44.14 43.10 -23.29
N SER B 170 -45.36 42.62 -23.46
CA SER B 170 -46.49 43.01 -22.61
C SER B 170 -47.59 41.96 -22.72
N PRO B 171 -48.54 41.98 -21.77
CA PRO B 171 -49.67 41.05 -21.74
C PRO B 171 -50.40 40.91 -23.07
N GLN B 172 -50.48 42.01 -23.81
CA GLN B 172 -51.16 42.02 -25.10
C GLN B 172 -50.21 42.15 -26.30
N PHE B 173 -49.04 42.75 -26.10
CA PHE B 173 -48.10 42.92 -27.20
C PHE B 173 -46.72 42.24 -27.06
N SER B 174 -46.35 41.48 -28.10
CA SER B 174 -45.08 40.77 -28.17
C SER B 174 -44.72 40.41 -29.62
N VAL B 175 -43.49 40.70 -30.03
CA VAL B 175 -43.03 40.44 -31.40
C VAL B 175 -42.62 39.01 -31.74
N VAL B 176 -42.42 38.77 -33.04
CA VAL B 176 -42.01 37.48 -33.58
C VAL B 176 -40.82 37.74 -34.49
N PHE B 177 -39.76 36.96 -34.34
CA PHE B 177 -38.59 37.14 -35.19
C PHE B 177 -38.54 36.03 -36.23
N LEU B 178 -38.36 36.44 -37.49
CA LEU B 178 -38.33 35.51 -38.61
C LEU B 178 -36.94 35.06 -39.07
N GLU B 179 -36.88 33.85 -39.60
CA GLU B 179 -35.64 33.26 -40.09
C GLU B 179 -35.03 34.10 -41.20
N ASP B 180 -35.86 34.75 -42.00
CA ASP B 180 -35.35 35.58 -43.09
C ASP B 180 -34.86 36.96 -42.60
N GLY B 181 -35.21 37.34 -41.37
CA GLY B 181 -34.76 38.61 -40.83
C GLY B 181 -35.87 39.55 -40.43
N GLY B 182 -37.09 39.26 -40.88
CA GLY B 182 -38.24 40.09 -40.58
C GLY B 182 -38.84 40.02 -39.19
N LEU B 183 -39.34 41.17 -38.73
CA LEU B 183 -39.97 41.27 -37.41
C LEU B 183 -41.46 41.48 -37.56
N LEU B 184 -42.24 40.50 -37.14
CA LEU B 184 -43.68 40.61 -37.21
C LEU B 184 -44.12 41.27 -35.89
N GLY B 185 -45.34 41.75 -35.83
CA GLY B 185 -45.84 42.35 -34.62
C GLY B 185 -46.97 41.45 -34.19
N LEU B 186 -47.47 41.59 -32.97
CA LEU B 186 -48.58 40.74 -32.54
C LEU B 186 -49.32 41.43 -31.41
N LYS B 187 -50.37 42.16 -31.78
CA LYS B 187 -51.18 42.88 -30.80
C LYS B 187 -52.46 42.13 -30.45
N LYS B 188 -52.76 42.14 -29.17
CA LYS B 188 -53.94 41.48 -28.65
C LYS B 188 -55.01 42.56 -28.55
N VAL B 189 -56.18 42.28 -29.09
CA VAL B 189 -57.29 43.23 -29.07
C VAL B 189 -58.22 42.98 -27.88
N ASP B 190 -58.99 41.91 -27.96
CA ASP B 190 -59.91 41.53 -26.89
C ASP B 190 -59.11 40.96 -25.72
N GLY B 191 -58.90 39.65 -25.74
CA GLY B 191 -58.17 38.98 -24.70
C GLY B 191 -57.71 37.62 -25.17
N VAL B 192 -58.00 37.31 -26.43
CA VAL B 192 -57.63 36.01 -27.02
C VAL B 192 -57.16 36.09 -28.48
N HIS B 193 -57.47 37.17 -29.18
CA HIS B 193 -57.05 37.29 -30.57
C HIS B 193 -55.84 38.20 -30.81
N TYR B 194 -54.97 37.77 -31.71
CA TYR B 194 -53.75 38.51 -32.05
C TYR B 194 -53.73 38.90 -33.53
N GLU B 195 -53.27 40.12 -33.81
CA GLU B 195 -53.19 40.61 -35.18
C GLU B 195 -51.80 41.15 -35.47
N PRO B 196 -51.17 40.69 -36.56
CA PRO B 196 -49.82 41.10 -36.99
C PRO B 196 -49.59 42.57 -37.41
N LEU B 197 -49.00 43.37 -36.53
CA LEU B 197 -48.68 44.78 -36.81
C LEU B 197 -47.26 44.91 -37.35
N LEU B 198 -47.09 44.67 -38.65
CA LEU B 198 -45.78 44.72 -39.32
C LEU B 198 -44.95 46.01 -39.22
N PHE B 199 -43.65 45.83 -39.01
CA PHE B 199 -42.68 46.94 -38.89
C PHE B 199 -42.06 47.19 -40.26
N ASN B 200 -41.58 48.41 -40.46
CA ASN B 200 -40.94 48.78 -41.71
C ASN B 200 -39.57 48.11 -41.79
N ASP B 201 -39.29 47.42 -42.89
CA ASP B 201 -37.99 46.77 -43.03
C ASP B 201 -37.47 46.91 -44.46
N ASN B 202 -36.32 47.55 -44.59
CA ASN B 202 -35.69 47.76 -45.90
C ASN B 202 -34.31 47.12 -45.96
N SER B 203 -33.98 46.36 -44.92
CA SER B 203 -32.70 45.67 -44.85
C SER B 203 -32.65 44.58 -45.92
N TYR B 204 -33.78 44.34 -46.57
CA TYR B 204 -33.87 43.32 -47.61
C TYR B 204 -33.30 43.78 -48.95
N LEU B 205 -33.27 45.09 -49.16
CA LEU B 205 -32.77 45.68 -50.40
C LEU B 205 -31.29 45.42 -50.67
N LYS B 206 -30.61 44.81 -49.71
CA LYS B 206 -29.20 44.48 -49.84
C LYS B 206 -29.07 43.34 -50.83
N CYS B 207 -30.22 42.84 -51.29
CA CYS B 207 -30.30 41.74 -52.25
C CYS B 207 -29.93 42.26 -53.63
N LEU B 208 -30.00 43.59 -53.78
CA LEU B 208 -29.68 44.26 -55.05
C LEU B 208 -28.18 44.18 -55.27
N THR B 209 -27.46 43.67 -54.28
CA THR B 209 -26.02 43.53 -54.35
C THR B 209 -25.68 42.14 -54.84
N ARG B 210 -24.56 42.01 -55.55
CA ARG B 210 -24.13 40.72 -56.06
C ARG B 210 -23.69 39.83 -54.90
N PHE B 211 -23.86 40.33 -53.67
CA PHE B 211 -23.44 39.59 -52.49
C PHE B 211 -24.55 38.95 -51.66
N PHE B 212 -25.79 39.20 -52.03
CA PHE B 212 -26.89 38.60 -51.30
C PHE B 212 -28.10 38.37 -52.21
N SER B 213 -28.71 37.20 -52.05
CA SER B 213 -29.88 36.82 -52.83
C SER B 213 -31.00 36.46 -51.87
N ARG B 214 -32.17 37.07 -52.06
CA ARG B 214 -33.32 36.78 -51.19
C ARG B 214 -33.54 35.26 -51.16
N SER B 215 -33.36 34.64 -52.31
CA SER B 215 -33.54 33.20 -52.49
C SER B 215 -32.44 32.34 -51.85
N SER B 216 -31.49 32.99 -51.21
CA SER B 216 -30.37 32.28 -50.59
C SER B 216 -30.68 31.69 -49.22
N LYS B 217 -30.14 30.51 -48.98
CA LYS B 217 -30.33 29.80 -47.73
C LYS B 217 -29.42 30.44 -46.66
N SER B 218 -28.42 31.17 -47.13
CA SER B 218 -27.49 31.88 -46.26
C SER B 218 -27.91 33.35 -46.34
N ASP B 219 -26.94 34.25 -46.27
CA ASP B 219 -27.21 35.69 -46.37
C ASP B 219 -28.11 36.25 -45.26
N TYR B 220 -28.93 35.39 -44.67
CA TYR B 220 -29.85 35.79 -43.59
C TYR B 220 -29.11 36.38 -42.39
N ASP B 221 -29.68 37.43 -41.81
CA ASP B 221 -29.09 38.08 -40.64
C ASP B 221 -30.16 38.20 -39.55
N SER B 222 -30.73 37.06 -39.18
CA SER B 222 -31.78 36.96 -38.17
C SER B 222 -31.32 37.23 -36.74
N VAL B 223 -32.27 37.68 -35.91
CA VAL B 223 -31.98 37.97 -34.51
C VAL B 223 -31.68 36.68 -33.73
N ILE B 224 -30.71 36.76 -32.83
CA ILE B 224 -30.29 35.63 -32.00
C ILE B 224 -30.43 35.92 -30.51
N SER B 225 -30.73 37.18 -30.20
CA SER B 225 -30.92 37.64 -28.83
C SER B 225 -31.74 38.93 -28.87
N CYS B 226 -32.51 39.16 -27.81
CA CYS B 226 -33.37 40.33 -27.76
C CYS B 226 -33.72 40.73 -26.33
N LYS B 227 -33.65 42.03 -26.05
CA LYS B 227 -33.96 42.56 -24.73
C LYS B 227 -34.80 43.84 -24.78
N LEU B 228 -35.93 43.84 -24.07
CA LEU B 228 -36.79 45.00 -24.04
C LEU B 228 -36.26 46.01 -23.04
N PHE B 229 -36.03 47.23 -23.50
CA PHE B 229 -35.52 48.31 -22.66
C PHE B 229 -36.61 49.33 -22.39
N HIS B 230 -36.60 49.90 -21.19
CA HIS B 230 -37.59 50.90 -20.79
C HIS B 230 -38.96 50.71 -21.44
N GLU B 231 -39.44 49.47 -21.46
CA GLU B 231 -40.75 49.14 -22.01
C GLU B 231 -41.01 49.64 -23.43
N ARG B 232 -40.04 50.34 -24.02
CA ARG B 232 -40.22 50.88 -25.38
C ARG B 232 -39.25 50.34 -26.44
N TYR B 233 -37.96 50.57 -26.21
CA TYR B 233 -36.92 50.13 -27.15
C TYR B 233 -36.67 48.64 -27.07
N LEU B 234 -36.54 48.03 -28.24
CA LEU B 234 -36.30 46.60 -28.34
C LEU B 234 -34.92 46.31 -28.90
N ILE B 235 -33.92 46.22 -28.02
CA ILE B 235 -32.55 45.94 -28.43
C ILE B 235 -32.41 44.53 -29.00
N VAL B 236 -31.84 44.39 -30.19
CA VAL B 236 -31.68 43.07 -30.82
C VAL B 236 -30.26 42.77 -31.31
N LEU B 237 -29.92 41.48 -31.41
CA LEU B 237 -28.61 41.04 -31.86
C LEU B 237 -28.73 40.07 -33.02
N THR B 238 -28.12 40.42 -34.15
CA THR B 238 -28.18 39.57 -35.32
C THR B 238 -27.02 38.60 -35.36
N GLN B 239 -27.12 37.64 -36.28
CA GLN B 239 -26.09 36.61 -36.44
C GLN B 239 -24.75 37.20 -36.84
N ASN B 240 -24.78 38.43 -37.36
CA ASN B 240 -23.56 39.09 -37.76
C ASN B 240 -23.18 40.12 -36.71
N CYS B 241 -23.73 39.93 -35.52
CA CYS B 241 -23.48 40.78 -34.38
C CYS B 241 -23.73 42.25 -34.63
N HIS B 242 -24.86 42.55 -35.24
CA HIS B 242 -25.24 43.93 -35.48
C HIS B 242 -26.26 44.23 -34.39
N LEU B 243 -26.09 45.36 -33.70
CA LEU B 243 -27.02 45.72 -32.64
C LEU B 243 -28.09 46.71 -33.14
N LYS B 244 -29.13 46.18 -33.79
CA LYS B 244 -30.22 47.02 -34.29
C LYS B 244 -31.21 47.32 -33.17
N ILE B 245 -31.44 48.61 -32.90
CA ILE B 245 -32.38 49.00 -31.84
C ILE B 245 -33.70 49.50 -32.41
N TRP B 246 -34.80 48.88 -32.00
CA TRP B 246 -36.12 49.27 -32.48
C TRP B 246 -36.92 50.09 -31.47
N ASP B 247 -37.61 51.12 -31.97
CA ASP B 247 -38.43 51.97 -31.14
C ASP B 247 -39.86 51.50 -31.42
N LEU B 248 -40.47 50.86 -30.43
CA LEU B 248 -41.83 50.33 -30.56
C LEU B 248 -42.92 51.39 -30.60
N THR B 249 -42.53 52.65 -30.45
CA THR B 249 -43.49 53.76 -30.54
C THR B 249 -43.69 54.00 -32.02
N SER B 250 -42.56 54.21 -32.70
CA SER B 250 -42.49 54.47 -34.13
C SER B 250 -42.52 53.16 -34.95
N PHE B 251 -42.05 52.08 -34.33
CA PHE B 251 -41.95 50.79 -35.00
C PHE B 251 -40.94 50.98 -36.13
N THR B 252 -39.96 51.85 -35.89
CA THR B 252 -38.93 52.15 -36.86
C THR B 252 -37.52 51.89 -36.31
N LEU B 253 -36.66 51.32 -37.16
CA LEU B 253 -35.28 51.03 -36.77
C LEU B 253 -34.60 52.34 -36.42
N ILE B 254 -34.19 52.48 -35.17
CA ILE B 254 -33.56 53.69 -34.67
C ILE B 254 -32.04 53.67 -34.67
N GLN B 255 -31.45 52.48 -34.60
CA GLN B 255 -30.00 52.36 -34.58
C GLN B 255 -29.55 51.12 -35.32
N ASP B 256 -28.28 51.06 -35.64
CA ASP B 256 -27.73 49.90 -36.33
C ASP B 256 -26.22 49.94 -36.19
N TYR B 257 -25.73 49.40 -35.07
CA TYR B 257 -24.31 49.36 -34.80
C TYR B 257 -23.68 48.07 -35.30
N ASP B 258 -22.38 48.13 -35.56
CA ASP B 258 -21.62 46.97 -36.02
C ASP B 258 -20.65 46.62 -34.89
N MET B 259 -21.11 45.75 -34.00
CA MET B 259 -20.33 45.32 -32.84
C MET B 259 -18.89 44.92 -33.13
N VAL B 260 -18.67 44.24 -34.25
CA VAL B 260 -17.33 43.75 -34.60
C VAL B 260 -16.28 44.76 -35.05
N SER B 261 -16.68 45.79 -35.77
CA SER B 261 -15.71 46.77 -36.27
C SER B 261 -14.70 47.28 -35.25
N GLN B 262 -15.17 47.61 -34.05
CA GLN B 262 -14.32 48.17 -32.99
C GLN B 262 -13.06 47.40 -32.59
N SER B 263 -13.17 46.10 -32.33
CA SER B 263 -11.97 45.34 -31.97
C SER B 263 -11.17 45.09 -33.24
N ASP B 264 -10.05 44.37 -33.14
CA ASP B 264 -9.22 44.09 -34.31
C ASP B 264 -10.00 43.38 -35.41
N SER B 265 -10.37 44.15 -36.44
CA SER B 265 -11.13 43.60 -37.57
C SER B 265 -10.42 42.39 -38.15
N ASP B 266 -10.90 41.20 -37.81
CA ASP B 266 -10.33 39.97 -38.31
C ASP B 266 -11.07 39.38 -39.50
N PRO B 267 -10.61 39.67 -40.73
CA PRO B 267 -11.30 39.13 -41.90
C PRO B 267 -11.22 37.61 -41.81
N SER B 268 -10.18 37.12 -41.13
CA SER B 268 -9.94 35.69 -40.95
C SER B 268 -11.25 34.96 -40.71
N HIS B 269 -11.76 35.01 -39.48
CA HIS B 269 -13.04 34.37 -39.20
C HIS B 269 -13.75 34.89 -37.97
N PHE B 270 -14.97 35.36 -38.23
CA PHE B 270 -15.87 35.89 -37.23
C PHE B 270 -17.04 34.92 -37.34
N ARG B 271 -17.22 34.10 -36.32
CA ARG B 271 -18.28 33.09 -36.31
C ARG B 271 -19.68 33.71 -36.27
N LYS B 272 -20.30 33.90 -37.43
CA LYS B 272 -21.64 34.46 -37.44
C LYS B 272 -22.50 33.50 -36.63
N VAL B 273 -22.95 33.96 -35.46
CA VAL B 273 -23.76 33.14 -34.57
C VAL B 273 -24.78 32.34 -35.39
N GLU B 274 -24.62 31.02 -35.34
CA GLU B 274 -25.48 30.13 -36.11
C GLU B 274 -26.66 29.52 -35.34
N ALA B 275 -27.12 30.22 -34.30
CA ALA B 275 -28.25 29.73 -33.51
C ALA B 275 -28.64 30.71 -32.39
N VAL B 276 -29.96 30.83 -32.16
CA VAL B 276 -30.47 31.72 -31.11
C VAL B 276 -29.92 31.26 -29.77
N GLY B 277 -29.41 32.21 -28.98
CA GLY B 277 -28.85 31.89 -27.68
C GLY B 277 -28.84 33.08 -26.73
N GLU B 278 -28.20 32.93 -25.56
CA GLU B 278 -28.14 34.01 -24.59
C GLU B 278 -26.85 34.81 -24.77
N TYR B 279 -26.86 35.72 -25.74
CA TYR B 279 -25.69 36.53 -26.05
C TYR B 279 -25.67 37.90 -25.44
N LEU B 280 -26.69 38.24 -24.67
CA LEU B 280 -26.71 39.53 -24.00
C LEU B 280 -27.76 39.65 -22.92
N SER B 281 -27.50 40.52 -21.95
CA SER B 281 -28.43 40.77 -20.85
C SER B 281 -28.07 42.12 -20.28
N LEU B 282 -29.07 42.86 -19.83
CA LEU B 282 -28.82 44.18 -19.29
C LEU B 282 -29.33 44.37 -17.88
N TYR B 283 -28.60 45.15 -17.10
CA TYR B 283 -28.99 45.44 -15.74
C TYR B 283 -29.81 46.73 -15.81
N ASN B 284 -29.22 47.85 -15.40
CA ASN B 284 -29.95 49.11 -15.46
C ASN B 284 -29.89 49.65 -16.88
N ASN B 285 -28.90 50.48 -17.14
CA ASN B 285 -28.70 51.07 -18.44
C ASN B 285 -27.38 50.55 -19.02
N THR B 286 -26.85 49.51 -18.38
CA THR B 286 -25.61 48.92 -18.87
C THR B 286 -26.01 47.69 -19.67
N LEU B 287 -25.22 47.34 -20.68
CA LEU B 287 -25.54 46.17 -21.49
C LEU B 287 -24.26 45.49 -21.94
N VAL B 288 -24.21 44.17 -21.78
CA VAL B 288 -23.05 43.39 -22.20
C VAL B 288 -23.46 42.49 -23.35
N THR B 289 -22.52 42.19 -24.24
CA THR B 289 -22.81 41.36 -25.40
C THR B 289 -21.71 40.34 -25.62
N LEU B 290 -22.08 39.14 -26.03
CA LEU B 290 -21.08 38.09 -26.24
C LEU B 290 -20.73 37.91 -27.72
N LEU B 291 -19.58 38.43 -28.13
CA LEU B 291 -19.14 38.31 -29.52
C LEU B 291 -18.17 37.15 -29.69
N PRO B 292 -18.27 36.44 -30.84
CA PRO B 292 -17.44 35.28 -31.22
C PRO B 292 -16.02 35.58 -31.74
N LEU B 293 -15.03 35.38 -30.88
CA LEU B 293 -13.62 35.59 -31.22
C LEU B 293 -12.85 34.53 -30.45
N GLU B 294 -13.14 33.28 -30.80
CA GLU B 294 -12.57 32.08 -30.17
C GLU B 294 -13.47 31.90 -28.95
N ASN B 295 -14.65 32.53 -29.05
CA ASN B 295 -15.66 32.53 -28.00
C ASN B 295 -15.00 33.25 -26.83
N GLY B 296 -14.65 34.51 -27.05
CA GLY B 296 -13.99 35.26 -26.00
C GLY B 296 -14.25 36.75 -25.88
N LEU B 297 -15.37 37.26 -26.35
CA LEU B 297 -15.60 38.69 -26.21
C LEU B 297 -16.90 39.11 -25.54
N PHE B 298 -16.74 39.88 -24.47
CA PHE B 298 -17.86 40.40 -23.69
C PHE B 298 -17.89 41.93 -23.76
N GLN B 299 -18.50 42.47 -24.80
CA GLN B 299 -18.58 43.92 -24.94
C GLN B 299 -19.69 44.50 -24.09
N MET B 300 -19.37 45.59 -23.41
CA MET B 300 -20.34 46.24 -22.55
C MET B 300 -20.26 47.75 -22.59
N GLY B 301 -21.28 48.37 -23.17
CA GLY B 301 -21.34 49.81 -23.26
C GLY B 301 -22.49 50.24 -22.38
N THR B 302 -23.13 51.35 -22.71
CA THR B 302 -24.27 51.81 -21.91
C THR B 302 -25.31 52.49 -22.80
N LEU B 303 -26.58 52.28 -22.48
CA LEU B 303 -27.67 52.89 -23.24
C LEU B 303 -27.85 54.26 -22.60
N LEU B 304 -28.31 55.26 -23.36
CA LEU B 304 -28.48 56.59 -22.79
C LEU B 304 -29.30 57.60 -23.60
N VAL B 305 -30.32 58.15 -22.95
CA VAL B 305 -31.24 59.16 -23.51
C VAL B 305 -32.36 59.38 -22.50
N LEU B 311 -32.30 57.62 -28.15
CA LEU B 311 -31.68 56.42 -27.60
C LEU B 311 -30.30 56.19 -28.19
N THR B 312 -29.30 56.00 -27.33
CA THR B 312 -27.94 55.79 -27.80
C THR B 312 -27.14 54.74 -27.04
N TYR B 313 -26.48 53.86 -27.80
CA TYR B 313 -25.63 52.83 -27.21
C TYR B 313 -24.20 53.29 -27.39
N THR B 314 -23.45 53.29 -26.29
CA THR B 314 -22.08 53.76 -26.39
C THR B 314 -21.03 52.87 -25.75
N PHE B 315 -20.14 52.39 -26.61
CA PHE B 315 -19.02 51.51 -26.26
C PHE B 315 -18.33 51.91 -24.97
N GLN B 316 -17.61 50.95 -24.37
CA GLN B 316 -16.88 51.19 -23.14
C GLN B 316 -15.59 50.39 -23.13
N ASN B 317 -15.66 49.13 -23.56
CA ASN B 317 -14.51 48.25 -23.63
C ASN B 317 -14.91 46.82 -23.94
N ASN B 318 -13.96 46.07 -24.47
CA ASN B 318 -14.19 44.69 -24.80
C ASN B 318 -13.41 43.81 -23.82
N ILE B 319 -14.14 43.06 -23.00
CA ILE B 319 -13.50 42.19 -22.04
C ILE B 319 -13.42 40.78 -22.56
N PRO B 320 -12.19 40.31 -22.81
CA PRO B 320 -12.02 38.95 -23.31
C PRO B 320 -12.40 37.99 -22.23
N THR B 321 -12.35 36.71 -22.57
CA THR B 321 -12.69 35.65 -21.63
C THR B 321 -11.42 34.88 -21.34
N ASN B 322 -11.33 34.30 -20.16
CA ASN B 322 -10.15 33.51 -19.83
C ASN B 322 -10.49 32.04 -19.95
N LEU B 323 -10.57 31.56 -21.17
CA LEU B 323 -10.89 30.16 -21.44
C LEU B 323 -9.77 29.56 -22.29
N SER B 324 -9.46 28.29 -22.05
CA SER B 324 -8.41 27.60 -22.80
C SER B 324 -8.81 26.18 -23.16
N ALA B 325 -7.81 25.34 -23.42
CA ALA B 325 -8.03 23.95 -23.82
C ALA B 325 -8.70 23.97 -25.19
N SER B 326 -8.40 25.02 -25.96
CA SER B 326 -8.93 25.28 -27.31
C SER B 326 -10.05 26.32 -27.25
N ALA B 327 -10.64 26.46 -26.06
CA ALA B 327 -11.77 27.38 -25.81
C ALA B 327 -13.05 26.80 -26.41
N ILE B 328 -13.39 25.56 -26.02
CA ILE B 328 -14.58 24.88 -26.52
C ILE B 328 -15.79 24.88 -25.59
N TRP B 329 -16.09 26.04 -25.05
CA TRP B 329 -17.24 26.18 -24.17
C TRP B 329 -18.32 26.95 -24.89
N SER B 330 -19.56 26.65 -24.55
CA SER B 330 -20.70 27.33 -25.16
C SER B 330 -21.41 28.07 -24.05
N ILE B 331 -21.88 29.29 -24.35
CA ILE B 331 -22.59 30.06 -23.35
C ILE B 331 -23.94 29.38 -23.12
N VAL B 332 -24.34 29.21 -21.86
CA VAL B 332 -25.61 28.57 -21.52
C VAL B 332 -26.61 29.64 -21.13
N ASP B 333 -26.13 30.57 -20.32
CA ASP B 333 -26.94 31.69 -19.84
C ASP B 333 -25.99 32.63 -19.09
N LEU B 334 -26.25 33.92 -19.19
CA LEU B 334 -25.44 34.91 -18.51
C LEU B 334 -26.42 35.85 -17.83
N VAL B 335 -25.99 36.48 -16.75
CA VAL B 335 -26.87 37.38 -16.02
C VAL B 335 -26.06 38.49 -15.38
N LEU B 336 -26.28 39.71 -15.89
CA LEU B 336 -25.61 40.90 -15.37
C LEU B 336 -26.45 41.42 -14.21
N THR B 337 -25.82 41.69 -13.07
CA THR B 337 -26.58 42.16 -11.91
C THR B 337 -25.75 42.93 -10.89
N ARG B 338 -26.43 43.39 -9.85
CA ARG B 338 -25.81 44.12 -8.75
C ARG B 338 -24.64 43.29 -8.24
N PRO B 339 -23.60 43.94 -7.72
CA PRO B 339 -22.44 43.21 -7.22
C PRO B 339 -22.76 42.17 -6.16
N LEU B 340 -21.79 41.32 -5.89
CA LEU B 340 -21.94 40.27 -4.88
C LEU B 340 -21.01 40.61 -3.73
N GLU B 341 -20.76 39.65 -2.86
CA GLU B 341 -19.87 39.88 -1.72
C GLU B 341 -18.60 39.07 -1.87
N LEU B 342 -17.93 39.26 -3.00
CA LEU B 342 -16.68 38.57 -3.32
C LEU B 342 -15.52 39.01 -2.43
N ASN B 343 -14.35 38.42 -2.67
CA ASN B 343 -13.14 38.70 -1.91
C ASN B 343 -12.49 40.05 -2.22
N VAL B 344 -13.11 40.83 -3.10
CA VAL B 344 -12.58 42.14 -3.46
C VAL B 344 -13.69 43.20 -3.35
N GLU B 345 -13.49 44.19 -2.49
CA GLU B 345 -14.47 45.27 -2.28
C GLU B 345 -14.63 46.14 -3.53
N ALA B 346 -13.54 46.30 -4.28
CA ALA B 346 -13.53 47.07 -5.52
C ALA B 346 -14.49 46.42 -6.52
N SER B 347 -15.78 46.75 -6.38
CA SER B 347 -16.80 46.19 -7.26
C SER B 347 -17.90 47.20 -7.60
N TYR B 348 -18.40 47.12 -8.83
CA TYR B 348 -19.45 48.00 -9.33
C TYR B 348 -20.61 47.15 -9.87
N LEU B 349 -20.26 46.18 -10.72
CA LEU B 349 -21.24 45.27 -11.31
C LEU B 349 -20.70 43.85 -11.33
N ASN B 350 -21.60 42.90 -11.53
CA ASN B 350 -21.24 41.49 -11.58
C ASN B 350 -21.95 40.77 -12.72
N LEU B 351 -21.18 39.98 -13.46
CA LEU B 351 -21.72 39.24 -14.58
C LEU B 351 -21.56 37.76 -14.28
N ILE B 352 -22.66 37.07 -14.08
CA ILE B 352 -22.61 35.64 -13.79
C ILE B 352 -22.69 34.94 -15.13
N VAL B 353 -21.68 34.11 -15.42
CA VAL B 353 -21.62 33.42 -16.70
C VAL B 353 -21.59 31.91 -16.58
N LEU B 354 -22.47 31.26 -17.32
CA LEU B 354 -22.54 29.80 -17.30
C LEU B 354 -22.15 29.26 -18.66
N TRP B 355 -21.07 28.49 -18.71
CA TRP B 355 -20.62 27.89 -19.96
C TRP B 355 -20.88 26.41 -19.84
N LYS B 356 -20.82 25.72 -20.97
CA LYS B 356 -21.02 24.28 -20.99
C LYS B 356 -20.18 23.68 -22.10
N SER B 357 -19.74 22.45 -21.89
CA SER B 357 -18.96 21.73 -22.89
C SER B 357 -19.33 20.29 -22.69
N GLY B 358 -20.43 19.90 -23.31
CA GLY B 358 -20.89 18.54 -23.16
C GLY B 358 -21.71 18.60 -21.89
N THR B 359 -21.54 17.62 -21.00
CA THR B 359 -22.29 17.63 -19.76
C THR B 359 -21.48 18.23 -18.62
N ALA B 360 -20.33 18.80 -18.97
CA ALA B 360 -19.46 19.45 -18.00
C ALA B 360 -19.84 20.92 -18.02
N SER B 361 -19.79 21.60 -16.88
CA SER B 361 -20.15 23.02 -16.87
C SER B 361 -19.10 23.91 -16.24
N LYS B 362 -19.24 25.21 -16.48
CA LYS B 362 -18.29 26.15 -15.95
C LYS B 362 -19.04 27.39 -15.53
N LEU B 363 -18.91 27.79 -14.29
CA LEU B 363 -19.60 28.99 -13.83
C LEU B 363 -18.56 30.00 -13.37
N GLN B 364 -18.69 31.21 -13.86
CA GLN B 364 -17.73 32.24 -13.48
C GLN B 364 -18.53 33.47 -13.18
N ILE B 365 -17.87 34.44 -12.57
CA ILE B 365 -18.50 35.72 -12.24
C ILE B 365 -17.49 36.78 -12.69
N LEU B 366 -17.91 37.68 -13.57
CA LEU B 366 -17.02 38.75 -14.01
C LEU B 366 -17.29 39.90 -13.08
N ASN B 367 -16.26 40.33 -12.37
CA ASN B 367 -16.40 41.44 -11.44
C ASN B 367 -15.74 42.67 -12.01
N VAL B 368 -16.54 43.69 -12.29
CA VAL B 368 -16.05 44.96 -12.83
C VAL B 368 -15.89 45.94 -11.66
N ASN B 369 -14.66 46.42 -11.47
CA ASN B 369 -14.35 47.31 -10.36
C ASN B 369 -15.00 48.69 -10.38
N ASP B 370 -14.54 49.53 -11.31
CA ASP B 370 -15.03 50.90 -11.45
C ASP B 370 -16.07 51.04 -12.57
N GLU B 371 -16.64 52.24 -12.71
CA GLU B 371 -17.65 52.50 -13.74
C GLU B 371 -17.02 52.49 -15.14
N SER B 372 -15.70 52.35 -15.15
CA SER B 372 -14.93 52.26 -16.38
C SER B 372 -14.81 50.77 -16.62
N PHE B 373 -15.42 50.27 -17.69
CA PHE B 373 -15.34 48.84 -17.94
C PHE B 373 -13.96 48.41 -18.43
N LYS B 374 -12.93 48.94 -17.77
CA LYS B 374 -11.56 48.62 -18.14
C LYS B 374 -10.81 47.88 -17.04
N ASN B 375 -11.26 48.02 -15.79
CA ASN B 375 -10.63 47.31 -14.67
C ASN B 375 -11.61 46.27 -14.12
N TYR B 376 -11.23 45.00 -14.25
CA TYR B 376 -12.08 43.91 -13.82
C TYR B 376 -11.26 42.68 -13.40
N GLU B 377 -11.94 41.65 -12.89
CA GLU B 377 -11.28 40.42 -12.48
C GLU B 377 -12.21 39.21 -12.64
N TRP B 378 -11.69 38.12 -13.20
CA TRP B 378 -12.47 36.89 -13.41
C TRP B 378 -12.46 35.94 -12.20
N ILE B 379 -13.64 35.72 -11.61
CA ILE B 379 -13.75 34.83 -10.45
C ILE B 379 -14.32 33.47 -10.84
N GLU B 380 -13.53 32.43 -10.62
CA GLU B 380 -13.95 31.08 -10.97
C GLU B 380 -14.55 30.32 -9.80
N SER B 381 -15.04 29.12 -10.06
CA SER B 381 -15.62 28.32 -9.00
C SER B 381 -15.45 26.84 -9.27
N VAL B 382 -15.66 26.01 -8.24
CA VAL B 382 -15.51 24.56 -8.38
C VAL B 382 -16.71 24.05 -9.16
N ASN B 383 -16.47 23.19 -10.15
CA ASN B 383 -17.57 22.74 -10.96
C ASN B 383 -18.03 21.32 -10.79
N LYS B 384 -17.62 20.74 -9.68
CA LYS B 384 -18.02 19.40 -9.31
C LYS B 384 -18.26 19.57 -7.82
N SER B 385 -19.23 18.84 -7.26
CA SER B 385 -19.52 18.93 -5.83
C SER B 385 -18.49 18.14 -5.04
N LEU B 386 -18.34 18.45 -3.77
CA LEU B 386 -17.38 17.74 -2.95
C LEU B 386 -17.72 16.26 -2.97
N VAL B 387 -18.98 15.92 -2.80
CA VAL B 387 -19.31 14.50 -2.83
C VAL B 387 -18.81 13.87 -4.13
N ASP B 388 -18.93 14.58 -5.26
CA ASP B 388 -18.46 14.08 -6.56
C ASP B 388 -16.95 14.01 -6.63
N LEU B 389 -16.27 15.07 -6.21
CA LEU B 389 -14.80 15.08 -6.23
C LEU B 389 -14.18 14.00 -5.33
N GLN B 390 -14.76 13.77 -4.15
CA GLN B 390 -14.21 12.76 -3.25
C GLN B 390 -14.36 11.40 -3.87
N SER B 391 -15.47 11.17 -4.55
CA SER B 391 -15.68 9.87 -5.16
C SER B 391 -14.71 9.68 -6.30
N GLU B 392 -14.55 10.71 -7.12
CA GLU B 392 -13.64 10.65 -8.25
C GLU B 392 -12.20 10.43 -7.82
N HIS B 393 -11.73 11.25 -6.90
CA HIS B 393 -10.34 11.19 -6.42
C HIS B 393 -10.05 10.26 -5.25
N ASP B 394 -10.94 9.29 -5.01
CA ASP B 394 -10.80 8.36 -3.91
C ASP B 394 -10.29 9.10 -2.67
N LEU B 395 -11.07 10.08 -2.22
CA LEU B 395 -10.70 10.88 -1.06
C LEU B 395 -11.66 10.68 0.11
N ASP B 396 -12.61 9.75 -0.06
CA ASP B 396 -13.59 9.46 0.96
C ASP B 396 -13.15 8.38 1.95
N ILE B 397 -13.01 8.76 3.22
CA ILE B 397 -12.56 7.87 4.28
C ILE B 397 -13.70 7.41 5.16
N VAL B 398 -14.82 8.13 5.09
CA VAL B 398 -15.94 7.82 5.95
C VAL B 398 -16.84 6.66 5.52
N THR B 399 -17.32 6.67 4.28
CA THR B 399 -18.20 5.60 3.77
C THR B 399 -17.73 4.18 4.14
N LYS B 400 -18.61 3.41 4.78
CA LYS B 400 -18.29 2.05 5.21
C LYS B 400 -17.93 1.13 4.04
N THR B 401 -16.94 0.27 4.24
CA THR B 401 -16.52 -0.65 3.20
C THR B 401 -16.97 -2.07 3.50
N GLY B 402 -16.54 -2.99 2.64
CA GLY B 402 -16.88 -4.40 2.83
C GLY B 402 -17.81 -5.03 1.83
N ASP B 403 -18.87 -5.61 2.38
CA ASP B 403 -19.90 -6.32 1.64
C ASP B 403 -20.28 -5.69 0.30
N VAL B 404 -20.93 -6.49 -0.55
CA VAL B 404 -21.38 -6.04 -1.86
C VAL B 404 -22.72 -5.30 -1.74
N GLU B 405 -23.54 -5.72 -0.79
CA GLU B 405 -24.83 -5.09 -0.55
C GLU B 405 -24.59 -3.80 0.23
N ARG B 406 -23.45 -3.76 0.92
CA ARG B 406 -23.03 -2.60 1.69
C ARG B 406 -22.74 -1.53 0.65
N GLY B 407 -22.11 -1.96 -0.45
CA GLY B 407 -21.77 -1.05 -1.52
C GLY B 407 -23.01 -0.66 -2.31
N PHE B 408 -24.08 -1.41 -2.10
CA PHE B 408 -25.35 -1.15 -2.76
C PHE B 408 -26.07 -0.06 -1.99
N CYS B 409 -26.06 -0.20 -0.67
CA CYS B 409 -26.69 0.79 0.22
C CYS B 409 -25.95 2.11 0.10
N ASN B 410 -24.63 2.02 -0.01
CA ASN B 410 -23.81 3.21 -0.12
C ASN B 410 -24.23 4.01 -1.34
N LEU B 411 -24.25 3.37 -2.51
CA LEU B 411 -24.61 4.04 -3.75
C LEU B 411 -26.06 4.53 -3.77
N LYS B 412 -26.98 3.65 -3.36
CA LYS B 412 -28.39 3.96 -3.33
C LYS B 412 -28.62 5.21 -2.47
N SER B 413 -28.02 5.19 -1.28
CA SER B 413 -28.09 6.33 -0.36
C SER B 413 -27.42 7.55 -0.97
N ARG B 414 -26.25 7.34 -1.54
CA ARG B 414 -25.50 8.44 -2.14
C ARG B 414 -26.19 9.14 -3.30
N TYR B 415 -26.81 8.34 -4.18
CA TYR B 415 -27.42 8.89 -5.39
C TYR B 415 -28.88 9.29 -5.34
N GLY B 416 -29.67 8.61 -4.53
CA GLY B 416 -31.07 8.96 -4.49
C GLY B 416 -31.82 8.04 -5.43
N THR B 417 -33.06 7.73 -5.08
CA THR B 417 -33.87 6.84 -5.87
C THR B 417 -34.09 7.19 -7.33
N GLN B 418 -34.35 8.44 -7.66
CA GLN B 418 -34.57 8.80 -9.05
C GLN B 418 -33.42 8.34 -9.95
N ILE B 419 -32.18 8.62 -9.53
CA ILE B 419 -31.01 8.24 -10.28
C ILE B 419 -30.72 6.75 -10.18
N PHE B 420 -30.71 6.23 -8.98
CA PHE B 420 -30.40 4.82 -8.81
C PHE B 420 -31.26 3.94 -9.70
N GLU B 421 -32.56 4.17 -9.66
CA GLU B 421 -33.49 3.38 -10.45
C GLU B 421 -33.32 3.62 -11.94
N ARG B 422 -32.88 4.82 -12.34
CA ARG B 422 -32.67 5.08 -13.76
C ARG B 422 -31.44 4.35 -14.24
N ALA B 423 -30.50 4.11 -13.32
CA ALA B 423 -29.27 3.40 -13.66
C ALA B 423 -29.55 1.90 -13.70
N GLN B 424 -30.43 1.42 -12.85
CA GLN B 424 -30.73 0.00 -12.88
C GLN B 424 -31.61 -0.31 -14.10
N GLN B 425 -32.15 0.75 -14.70
CA GLN B 425 -32.98 0.61 -15.88
C GLN B 425 -32.01 0.40 -17.05
N ILE B 426 -31.11 1.36 -17.21
CA ILE B 426 -30.10 1.31 -18.25
C ILE B 426 -29.27 0.04 -18.18
N LEU B 427 -29.26 -0.63 -17.03
CA LEU B 427 -28.48 -1.86 -16.87
C LEU B 427 -29.17 -3.05 -17.53
N SER B 428 -30.43 -3.27 -17.19
CA SER B 428 -31.18 -4.38 -17.76
C SER B 428 -31.40 -4.18 -19.25
N GLU B 429 -31.66 -2.94 -19.65
CA GLU B 429 -31.89 -2.59 -21.04
C GLU B 429 -30.68 -2.98 -21.86
N ASN B 430 -29.52 -3.01 -21.21
CA ASN B 430 -28.29 -3.38 -21.87
C ASN B 430 -27.89 -4.81 -21.49
N LYS B 431 -28.86 -5.56 -20.96
CA LYS B 431 -28.66 -6.96 -20.56
C LYS B 431 -27.63 -7.24 -19.48
N ILE B 432 -27.37 -6.23 -18.66
CA ILE B 432 -26.42 -6.33 -17.57
C ILE B 432 -27.21 -6.68 -16.32
N ILE B 433 -27.33 -7.97 -16.03
CA ILE B 433 -28.08 -8.44 -14.87
C ILE B 433 -27.23 -9.06 -13.77
N MET B 434 -27.61 -8.77 -12.54
CA MET B 434 -26.91 -9.25 -11.34
C MET B 434 -26.94 -10.77 -11.21
N ALA B 435 -25.76 -11.39 -11.30
CA ALA B 435 -25.64 -12.86 -11.20
C ALA B 435 -26.11 -13.36 -9.84
N HIS B 436 -25.45 -12.87 -8.79
CA HIS B 436 -25.76 -13.26 -7.43
C HIS B 436 -25.53 -12.07 -6.51
N ASN B 437 -25.85 -12.24 -5.23
CA ASN B 437 -25.68 -11.19 -4.23
C ASN B 437 -24.29 -10.60 -4.15
N GLU B 438 -23.28 -11.33 -4.59
CA GLU B 438 -21.91 -10.83 -4.52
C GLU B 438 -21.23 -10.60 -5.86
N ASP B 439 -22.05 -10.35 -6.88
CA ASP B 439 -21.55 -10.10 -8.23
C ASP B 439 -20.83 -8.75 -8.28
N GLU B 440 -19.61 -8.70 -7.73
CA GLU B 440 -18.85 -7.47 -7.71
C GLU B 440 -18.71 -6.87 -9.10
N GLU B 441 -18.59 -7.76 -10.08
CA GLU B 441 -18.45 -7.40 -11.49
C GLU B 441 -19.59 -6.44 -11.90
N TYR B 442 -20.75 -6.68 -11.29
CA TYR B 442 -21.96 -5.90 -11.49
C TYR B 442 -21.80 -4.53 -10.86
N LEU B 443 -21.78 -4.52 -9.52
CA LEU B 443 -21.62 -3.29 -8.76
C LEU B 443 -20.65 -2.36 -9.47
N ALA B 444 -19.58 -2.93 -9.99
CA ALA B 444 -18.59 -2.13 -10.71
C ALA B 444 -19.25 -1.35 -11.84
N ASN B 445 -20.28 -1.93 -12.43
CA ASN B 445 -20.98 -1.28 -13.52
C ASN B 445 -21.85 -0.17 -13.01
N LEU B 446 -22.66 -0.49 -12.00
CA LEU B 446 -23.56 0.47 -11.37
C LEU B 446 -22.83 1.77 -11.08
N GLU B 447 -21.62 1.64 -10.55
CA GLU B 447 -20.80 2.79 -10.22
C GLU B 447 -20.77 3.78 -11.37
N THR B 448 -20.30 3.28 -12.50
CA THR B 448 -20.14 4.09 -13.70
C THR B 448 -21.44 4.64 -14.26
N ILE B 449 -22.48 3.82 -14.27
CA ILE B 449 -23.76 4.30 -14.78
C ILE B 449 -24.29 5.41 -13.89
N LEU B 450 -24.40 5.11 -12.59
CA LEU B 450 -24.87 6.11 -11.61
C LEU B 450 -24.13 7.40 -11.88
N ARG B 451 -22.81 7.33 -11.89
CA ARG B 451 -22.02 8.52 -12.14
C ARG B 451 -22.47 9.23 -13.43
N ASP B 452 -22.66 8.46 -14.50
CA ASP B 452 -23.08 9.04 -15.77
C ASP B 452 -24.51 9.57 -15.77
N VAL B 453 -25.43 8.79 -15.22
CA VAL B 453 -26.81 9.25 -15.15
C VAL B 453 -26.83 10.58 -14.37
N LYS B 454 -26.13 10.64 -13.24
CA LYS B 454 -26.09 11.87 -12.47
C LYS B 454 -25.58 12.97 -13.41
N THR B 455 -24.42 12.74 -14.00
CA THR B 455 -23.84 13.74 -14.90
C THR B 455 -24.83 14.17 -15.97
N ALA B 456 -25.60 13.21 -16.49
CA ALA B 456 -26.60 13.52 -17.51
C ALA B 456 -27.68 14.39 -16.87
N PHE B 457 -28.33 13.86 -15.81
CA PHE B 457 -29.37 14.57 -15.08
C PHE B 457 -28.92 15.99 -14.77
N ASN B 458 -27.63 16.14 -14.51
CA ASN B 458 -27.08 17.43 -14.16
C ASN B 458 -26.65 18.36 -15.28
N GLU B 459 -26.91 18.04 -16.54
CA GLU B 459 -26.49 18.98 -17.58
C GLU B 459 -27.09 20.37 -17.31
N ALA B 460 -26.23 21.40 -17.39
CA ALA B 460 -26.66 22.79 -17.15
C ALA B 460 -27.60 23.34 -18.21
N SER B 461 -28.61 24.10 -17.78
CA SER B 461 -29.61 24.67 -18.68
C SER B 461 -29.83 26.18 -18.57
N SER B 462 -29.86 26.73 -17.34
CA SER B 462 -30.07 28.16 -17.18
C SER B 462 -29.71 28.61 -15.79
N ILE B 463 -29.70 29.92 -15.58
CA ILE B 463 -29.40 30.46 -14.26
C ILE B 463 -30.68 31.04 -13.66
N THR B 464 -30.81 30.93 -12.36
CA THR B 464 -31.95 31.50 -11.65
C THR B 464 -31.32 32.18 -10.48
N LEU B 465 -31.63 33.45 -10.26
CA LEU B 465 -31.05 34.14 -9.12
C LEU B 465 -32.05 33.99 -8.00
N TYR B 466 -31.91 32.92 -7.23
CA TYR B 466 -32.78 32.64 -6.09
C TYR B 466 -32.58 33.77 -5.08
N GLY B 467 -33.66 34.33 -4.58
CA GLY B 467 -33.52 35.41 -3.62
C GLY B 467 -32.96 36.68 -4.23
N ASP B 468 -32.06 37.34 -3.53
CA ASP B 468 -31.47 38.58 -4.04
C ASP B 468 -30.17 38.33 -4.78
N GLU B 469 -29.42 37.31 -4.34
CA GLU B 469 -28.12 37.04 -4.94
C GLU B 469 -27.69 35.59 -5.03
N ILE B 470 -28.55 34.64 -4.71
CA ILE B 470 -28.14 33.24 -4.76
C ILE B 470 -28.06 32.70 -6.17
N ILE B 471 -26.85 32.34 -6.60
CA ILE B 471 -26.67 31.79 -7.93
C ILE B 471 -27.19 30.37 -7.94
N LEU B 472 -28.08 30.07 -8.86
CA LEU B 472 -28.65 28.75 -8.92
C LEU B 472 -28.67 28.29 -10.36
N VAL B 473 -28.44 27.00 -10.58
CA VAL B 473 -28.46 26.49 -11.93
C VAL B 473 -29.52 25.40 -12.02
N ASN B 474 -30.31 25.45 -13.08
CA ASN B 474 -31.38 24.51 -13.30
C ASN B 474 -30.93 23.47 -14.32
N CYS B 475 -31.06 22.20 -13.97
CA CYS B 475 -30.60 21.10 -14.84
C CYS B 475 -31.57 20.51 -15.84
N PHE B 476 -31.02 19.69 -16.73
CA PHE B 476 -31.83 19.06 -17.75
C PHE B 476 -32.87 18.13 -17.14
N GLN B 477 -32.46 17.33 -16.16
CA GLN B 477 -33.40 16.39 -15.53
C GLN B 477 -34.23 17.07 -14.44
N PRO B 478 -35.57 16.98 -14.53
CA PRO B 478 -36.45 17.58 -13.53
C PRO B 478 -36.16 17.12 -12.10
N TYR B 479 -36.23 18.07 -11.16
CA TYR B 479 -36.00 17.85 -9.73
C TYR B 479 -34.51 17.87 -9.38
N ASN B 480 -33.70 18.33 -10.32
CA ASN B 480 -32.26 18.41 -10.10
C ASN B 480 -31.81 19.83 -10.32
N HIS B 481 -31.23 20.44 -9.30
CA HIS B 481 -30.76 21.80 -9.43
C HIS B 481 -29.38 21.83 -8.79
N SER B 482 -28.64 22.91 -9.03
CA SER B 482 -27.32 23.06 -8.46
C SER B 482 -27.07 24.43 -7.91
N LEU B 483 -26.91 24.54 -6.61
CA LEU B 483 -26.64 25.83 -6.02
C LEU B 483 -25.14 26.07 -5.94
N TYR B 484 -24.72 27.26 -6.36
CA TYR B 484 -23.32 27.63 -6.32
C TYR B 484 -23.16 28.55 -5.13
N LYS B 485 -22.55 28.01 -4.09
CA LYS B 485 -22.38 28.71 -2.83
C LYS B 485 -21.04 29.39 -2.58
N LEU B 486 -21.13 30.65 -2.14
CA LEU B 486 -19.98 31.45 -1.81
C LEU B 486 -19.24 30.69 -0.71
N ASN B 487 -17.92 30.52 -0.87
CA ASN B 487 -17.12 29.78 0.12
C ASN B 487 -16.70 30.61 1.34
N THR B 488 -16.70 29.96 2.49
CA THR B 488 -16.29 30.59 3.73
C THR B 488 -14.76 30.59 3.69
N THR B 489 -14.11 31.19 4.68
CA THR B 489 -12.66 31.21 4.68
C THR B 489 -12.06 29.80 4.55
N VAL B 490 -12.36 28.96 5.54
CA VAL B 490 -11.83 27.61 5.57
C VAL B 490 -12.07 26.84 4.29
N GLU B 491 -13.25 27.01 3.71
CA GLU B 491 -13.59 26.32 2.47
C GLU B 491 -12.62 26.75 1.38
N ASN B 492 -12.38 28.06 1.28
CA ASN B 492 -11.47 28.58 0.28
C ASN B 492 -10.10 27.95 0.37
N TRP B 493 -9.61 27.74 1.58
CA TRP B 493 -8.29 27.14 1.74
C TRP B 493 -8.35 25.75 1.21
N PHE B 494 -9.42 25.05 1.57
CA PHE B 494 -9.61 23.67 1.14
C PHE B 494 -9.60 23.53 -0.38
N TYR B 495 -10.40 24.36 -1.04
CA TYR B 495 -10.54 24.34 -2.49
C TYR B 495 -9.42 25.00 -3.28
N ASN B 496 -8.39 25.48 -2.58
CA ASN B 496 -7.30 26.15 -3.26
C ASN B 496 -5.94 25.87 -2.68
N MET B 497 -5.75 24.66 -2.15
CA MET B 497 -4.47 24.27 -1.59
C MET B 497 -3.36 24.42 -2.62
N HIS B 498 -3.60 23.87 -3.81
CA HIS B 498 -2.62 23.92 -4.88
C HIS B 498 -2.75 25.18 -5.72
N SER B 499 -2.79 26.34 -5.08
CA SER B 499 -2.93 27.58 -5.84
C SER B 499 -2.60 28.86 -5.09
N GLU B 500 -3.29 29.11 -3.98
CA GLU B 500 -3.06 30.32 -3.21
C GLU B 500 -1.58 30.66 -3.22
N THR B 501 -1.19 31.60 -4.08
CA THR B 501 0.20 32.02 -4.18
C THR B 501 0.62 32.53 -2.80
N ASP B 502 -0.20 33.42 -2.26
CA ASP B 502 0.01 34.03 -0.96
C ASP B 502 -0.70 33.22 0.12
N GLY B 503 -1.60 33.88 0.86
CA GLY B 503 -2.33 33.22 1.91
C GLY B 503 -1.73 33.49 3.28
N SER B 504 -2.57 33.39 4.30
CA SER B 504 -2.19 33.63 5.68
C SER B 504 -1.32 32.51 6.24
N GLU B 505 -0.88 32.68 7.48
CA GLU B 505 -0.05 31.69 8.14
C GLU B 505 -0.80 30.38 8.25
N LEU B 506 -2.06 30.47 8.68
CA LEU B 506 -2.92 29.30 8.85
C LEU B 506 -3.10 28.59 7.52
N PHE B 507 -3.21 29.34 6.44
CA PHE B 507 -3.35 28.71 5.15
C PHE B 507 -2.12 27.91 4.84
N LYS B 508 -0.96 28.55 4.98
CA LYS B 508 0.33 27.90 4.72
C LYS B 508 0.53 26.71 5.64
N TYR B 509 0.08 26.84 6.89
CA TYR B 509 0.18 25.76 7.87
C TYR B 509 -0.67 24.58 7.43
N LEU B 510 -1.92 24.84 7.06
CA LEU B 510 -2.80 23.76 6.61
C LEU B 510 -2.24 23.10 5.34
N ARG B 511 -1.77 23.91 4.41
CA ARG B 511 -1.25 23.37 3.18
C ARG B 511 -0.09 22.40 3.40
N THR B 512 0.82 22.73 4.30
CA THR B 512 1.95 21.84 4.53
C THR B 512 1.50 20.62 5.30
N LEU B 513 0.41 20.75 6.05
CA LEU B 513 -0.11 19.62 6.80
C LEU B 513 -0.73 18.67 5.79
N ASN B 514 -1.40 19.25 4.79
CA ASN B 514 -2.02 18.46 3.74
C ASN B 514 -0.94 17.82 2.88
N GLY B 515 0.12 18.61 2.63
CA GLY B 515 1.24 18.13 1.86
C GLY B 515 1.70 16.76 2.35
N PHE B 516 1.81 16.58 3.68
CA PHE B 516 2.24 15.29 4.20
C PHE B 516 1.15 14.22 4.26
N ALA B 517 -0.03 14.61 4.72
CA ALA B 517 -1.14 13.66 4.86
C ALA B 517 -1.59 13.10 3.51
N SER B 518 -1.44 13.88 2.45
CA SER B 518 -1.86 13.41 1.14
C SER B 518 -1.01 12.25 0.63
N THR B 519 0.19 12.09 1.17
CA THR B 519 1.07 11.01 0.72
C THR B 519 0.76 9.66 1.34
N LEU B 520 -0.08 9.67 2.37
CA LEU B 520 -0.49 8.45 3.05
C LEU B 520 -1.62 7.84 2.21
N SER B 521 -2.09 6.65 2.56
CA SER B 521 -3.17 6.03 1.78
C SER B 521 -4.45 6.02 2.58
N ASN B 522 -5.55 5.77 1.89
CA ASN B 522 -6.86 5.71 2.53
C ASN B 522 -6.92 4.72 3.68
N ASP B 523 -6.44 3.51 3.46
CA ASP B 523 -6.46 2.50 4.52
C ASP B 523 -5.69 2.94 5.75
N VAL B 524 -4.63 3.72 5.55
CA VAL B 524 -3.85 4.22 6.68
C VAL B 524 -4.61 5.31 7.40
N LEU B 525 -5.09 6.28 6.65
CA LEU B 525 -5.87 7.37 7.23
C LEU B 525 -7.08 6.85 7.99
N ARG B 526 -7.80 5.90 7.42
CA ARG B 526 -8.97 5.32 8.09
C ARG B 526 -8.58 4.66 9.40
N SER B 527 -7.46 3.94 9.41
CA SER B 527 -7.04 3.24 10.61
C SER B 527 -6.70 4.22 11.70
N ILE B 528 -6.24 5.40 11.28
CA ILE B 528 -5.87 6.44 12.21
C ILE B 528 -7.10 7.13 12.78
N SER B 529 -8.07 7.37 11.91
CA SER B 529 -9.31 8.01 12.32
C SER B 529 -9.97 7.10 13.35
N LYS B 530 -10.00 5.81 13.05
CA LYS B 530 -10.61 4.82 13.93
C LYS B 530 -9.95 4.89 15.31
N LYS B 531 -8.62 5.03 15.32
CA LYS B 531 -7.88 5.10 16.57
C LYS B 531 -8.29 6.32 17.37
N PHE B 532 -8.49 7.44 16.68
CA PHE B 532 -8.88 8.64 17.39
C PHE B 532 -10.26 8.44 18.01
N LEU B 533 -11.14 7.70 17.35
CA LEU B 533 -12.48 7.41 17.88
C LEU B 533 -12.37 6.51 19.10
N ASP B 534 -11.37 5.61 19.08
CA ASP B 534 -11.18 4.70 20.20
C ASP B 534 -10.77 5.45 21.44
N ILE B 535 -10.05 6.56 21.26
CA ILE B 535 -9.65 7.34 22.40
C ILE B 535 -10.91 7.89 23.07
N ILE B 536 -11.87 8.34 22.29
CA ILE B 536 -13.10 8.87 22.86
C ILE B 536 -14.04 7.78 23.35
N THR B 537 -14.05 6.64 22.68
CA THR B 537 -14.93 5.56 23.10
C THR B 537 -14.34 4.77 24.23
N GLY B 538 -13.03 4.84 24.39
CA GLY B 538 -12.40 4.09 25.46
C GLY B 538 -11.76 2.78 25.07
N GLU B 539 -11.87 2.38 23.80
CA GLU B 539 -11.22 1.14 23.37
C GLU B 539 -9.72 1.29 23.61
N LEU B 540 -9.30 2.54 23.69
CA LEU B 540 -7.93 2.84 24.03
C LEU B 540 -8.18 3.38 25.44
N PRO B 541 -7.98 2.52 26.44
CA PRO B 541 -8.17 2.79 27.88
C PRO B 541 -7.81 4.18 28.35
N ASP B 542 -8.73 4.73 29.15
CA ASP B 542 -8.57 6.06 29.71
C ASP B 542 -7.38 6.04 30.66
N SER B 543 -6.99 4.84 31.04
CA SER B 543 -5.86 4.64 31.94
C SER B 543 -4.55 5.09 31.29
N MET B 544 -4.46 4.92 29.98
CA MET B 544 -3.25 5.29 29.26
C MET B 544 -3.01 6.80 29.23
N THR B 545 -1.75 7.15 29.04
CA THR B 545 -1.32 8.54 28.97
C THR B 545 -1.47 8.95 27.50
N THR B 546 -1.69 10.24 27.27
CA THR B 546 -1.84 10.70 25.91
C THR B 546 -0.67 10.19 25.06
N VAL B 547 0.55 10.37 25.55
CA VAL B 547 1.74 9.93 24.84
C VAL B 547 1.69 8.42 24.52
N GLU B 548 1.06 7.65 25.39
CA GLU B 548 0.95 6.21 25.18
C GLU B 548 0.03 5.84 24.02
N LYS B 549 -1.13 6.50 23.96
CA LYS B 549 -2.11 6.26 22.90
C LYS B 549 -1.52 6.69 21.56
N PHE B 550 -0.86 7.84 21.53
CA PHE B 550 -0.26 8.30 20.28
C PHE B 550 0.82 7.31 19.86
N THR B 551 1.44 6.70 20.85
CA THR B 551 2.48 5.72 20.59
C THR B 551 1.85 4.49 20.00
N ASP B 552 0.74 4.07 20.59
CA ASP B 552 -0.03 2.91 20.13
C ASP B 552 -0.46 3.14 18.67
N ILE B 553 -1.08 4.29 18.41
CA ILE B 553 -1.56 4.66 17.08
C ILE B 553 -0.43 4.63 16.04
N PHE B 554 0.72 5.20 16.42
CA PHE B 554 1.87 5.22 15.52
C PHE B 554 2.30 3.83 15.12
N LYS B 555 2.71 3.03 16.10
CA LYS B 555 3.16 1.68 15.81
C LYS B 555 2.14 0.85 15.03
N ASN B 556 0.86 0.96 15.37
CA ASN B 556 -0.16 0.17 14.69
C ASN B 556 -0.63 0.73 13.38
N CYS B 557 -0.48 2.04 13.18
CA CYS B 557 -0.98 2.66 11.96
C CYS B 557 0.02 3.33 11.02
N LEU B 558 0.90 4.15 11.58
CA LEU B 558 1.86 4.89 10.79
C LEU B 558 3.25 4.30 10.51
N GLU B 559 3.80 3.55 11.45
CA GLU B 559 5.13 2.97 11.26
C GLU B 559 5.24 2.19 9.94
N ASN B 560 6.29 2.50 9.18
CA ASN B 560 6.54 1.83 7.92
C ASN B 560 5.49 2.16 6.89
N GLN B 561 4.68 3.17 7.17
CA GLN B 561 3.62 3.52 6.24
C GLN B 561 3.79 4.85 5.51
N PHE B 562 4.97 5.46 5.62
CA PHE B 562 5.22 6.71 4.94
C PHE B 562 6.69 6.88 4.63
N GLU B 563 7.00 7.79 3.70
CA GLU B 563 8.38 8.05 3.31
C GLU B 563 9.02 8.99 4.31
N ILE B 564 10.10 8.55 4.93
CA ILE B 564 10.80 9.36 5.91
C ILE B 564 11.24 10.67 5.27
N THR B 565 11.43 10.66 3.96
CA THR B 565 11.83 11.88 3.28
C THR B 565 10.75 12.97 3.51
N ASN B 566 9.50 12.58 3.29
CA ASN B 566 8.36 13.49 3.46
C ASN B 566 8.16 13.99 4.89
N LEU B 567 8.55 13.18 5.87
CA LEU B 567 8.42 13.60 7.27
C LEU B 567 9.37 14.76 7.53
N LYS B 568 10.52 14.72 6.87
CA LYS B 568 11.54 15.75 7.00
C LYS B 568 10.97 17.04 6.44
N ILE B 569 10.41 16.96 5.24
CA ILE B 569 9.81 18.11 4.60
C ILE B 569 8.78 18.68 5.55
N LEU B 570 7.93 17.81 6.09
CA LEU B 570 6.91 18.27 7.02
C LEU B 570 7.54 18.89 8.27
N PHE B 571 8.47 18.17 8.90
CA PHE B 571 9.13 18.66 10.09
C PHE B 571 9.73 20.05 9.88
N ASP B 572 10.39 20.24 8.74
CA ASP B 572 11.01 21.53 8.42
C ASP B 572 10.00 22.65 8.32
N GLU B 573 9.07 22.53 7.39
CA GLU B 573 8.03 23.55 7.18
C GLU B 573 7.31 23.90 8.50
N LEU B 574 7.05 22.89 9.30
CA LEU B 574 6.37 23.08 10.58
C LEU B 574 7.09 24.07 11.48
N ASN B 575 8.43 24.00 11.49
CA ASN B 575 9.20 24.88 12.35
C ASN B 575 9.08 26.38 12.08
N SER B 576 8.54 26.75 10.92
CA SER B 576 8.37 28.16 10.57
C SER B 576 7.03 28.70 11.05
N PHE B 577 6.34 27.93 11.88
CA PHE B 577 5.04 28.36 12.37
C PHE B 577 4.98 28.49 13.86
N ASP B 578 4.24 29.49 14.31
CA ASP B 578 4.05 29.72 15.73
C ASP B 578 2.85 28.85 16.12
N ILE B 579 2.97 27.55 15.86
CA ILE B 579 1.91 26.57 16.14
C ILE B 579 0.81 26.97 17.13
N PRO B 580 1.16 27.34 18.37
CA PRO B 580 0.12 27.72 19.32
C PRO B 580 -0.82 28.79 18.78
N VAL B 581 -0.26 29.85 18.21
CA VAL B 581 -1.04 30.95 17.66
C VAL B 581 -1.95 30.49 16.54
N VAL B 582 -1.39 29.74 15.60
CA VAL B 582 -2.12 29.21 14.44
C VAL B 582 -3.29 28.27 14.82
N LEU B 583 -3.00 27.28 15.67
CA LEU B 583 -4.02 26.33 16.10
C LEU B 583 -5.13 27.02 16.85
N ASN B 584 -4.76 28.09 17.56
CA ASN B 584 -5.72 28.84 18.34
C ASN B 584 -6.72 29.53 17.43
N ASP B 585 -6.21 30.08 16.34
CA ASP B 585 -7.07 30.77 15.37
C ASP B 585 -7.91 29.72 14.64
N LEU B 586 -7.29 28.59 14.32
CA LEU B 586 -8.01 27.52 13.63
C LEU B 586 -9.10 26.96 14.53
N ILE B 587 -8.73 26.57 15.74
CA ILE B 587 -9.69 25.99 16.66
C ILE B 587 -10.63 26.97 17.34
N ASN B 588 -10.20 28.20 17.63
CA ASN B 588 -11.10 29.13 18.31
C ASN B 588 -11.78 30.22 17.47
N ASN B 589 -11.41 30.32 16.20
CA ASN B 589 -12.03 31.30 15.32
C ASN B 589 -12.66 30.63 14.11
N GLN B 590 -11.84 29.93 13.33
CA GLN B 590 -12.30 29.26 12.14
C GLN B 590 -13.24 28.07 12.36
N MET B 591 -12.75 27.00 12.98
CA MET B 591 -13.59 25.82 13.19
C MET B 591 -14.73 25.93 14.16
N LYS B 592 -14.46 26.34 15.40
CA LYS B 592 -15.55 26.45 16.35
C LYS B 592 -16.36 27.70 16.11
N PRO B 593 -17.61 27.53 15.61
CA PRO B 593 -18.52 28.64 15.32
C PRO B 593 -18.82 29.51 16.54
N GLY B 594 -19.84 30.33 16.44
CA GLY B 594 -20.14 31.22 17.56
C GLY B 594 -21.54 31.23 18.11
N ILE B 595 -21.68 31.84 19.29
CA ILE B 595 -22.95 31.96 19.98
C ILE B 595 -23.91 32.82 19.16
N PHE B 596 -25.19 32.48 19.21
CA PHE B 596 -26.18 33.20 18.44
C PHE B 596 -27.21 33.94 19.28
N TRP B 597 -27.31 35.25 19.08
CA TRP B 597 -28.31 36.04 19.77
C TRP B 597 -29.38 36.15 18.69
N LYS B 598 -29.63 34.98 18.08
CA LYS B 598 -30.58 34.81 16.99
C LYS B 598 -30.37 35.82 15.87
N LYS B 599 -29.44 35.51 14.96
CA LYS B 599 -29.14 36.39 13.85
C LYS B 599 -30.02 36.12 12.63
N ASP B 600 -31.30 36.39 12.81
CA ASP B 600 -32.32 36.25 11.78
C ASP B 600 -32.07 35.26 10.65
N PHE B 601 -32.72 34.10 10.77
CA PHE B 601 -32.67 33.04 9.76
C PHE B 601 -34.15 32.89 9.51
N ILE B 602 -34.71 33.73 8.63
CA ILE B 602 -36.14 33.70 8.32
C ILE B 602 -36.74 32.36 8.68
N SER B 603 -37.57 32.34 9.72
CA SER B 603 -38.19 31.10 10.18
C SER B 603 -39.27 30.71 9.19
N ALA B 604 -39.11 29.54 8.56
CA ALA B 604 -40.07 29.06 7.58
C ALA B 604 -41.41 28.62 8.19
N ILE B 605 -42.49 29.13 7.62
CA ILE B 605 -43.84 28.83 8.07
C ILE B 605 -44.33 27.46 7.61
N LYS B 606 -43.67 26.94 6.56
CA LYS B 606 -44.00 25.64 5.97
C LYS B 606 -42.68 24.94 5.59
N PHE B 607 -42.70 23.60 5.50
CA PHE B 607 -41.48 22.87 5.14
C PHE B 607 -40.97 23.24 3.75
N ASP B 608 -39.74 23.74 3.71
CA ASP B 608 -39.13 24.13 2.45
C ASP B 608 -38.15 23.05 2.08
N GLY B 609 -38.59 22.15 1.21
CA GLY B 609 -37.75 21.06 0.77
C GLY B 609 -36.45 21.49 0.10
N PHE B 610 -36.52 22.60 -0.63
CA PHE B 610 -35.34 23.08 -1.31
C PHE B 610 -34.28 23.48 -0.34
N THR B 611 -34.57 24.41 0.55
CA THR B 611 -33.52 24.85 1.46
C THR B 611 -33.11 23.73 2.36
N SER B 612 -34.03 22.81 2.65
CA SER B 612 -33.67 21.71 3.53
C SER B 612 -32.43 20.97 3.02
N ILE B 613 -32.54 20.40 1.82
CA ILE B 613 -31.44 19.66 1.22
C ILE B 613 -30.25 20.58 0.94
N ILE B 614 -30.50 21.81 0.52
CA ILE B 614 -29.40 22.74 0.29
C ILE B 614 -28.62 22.97 1.59
N SER B 615 -29.33 22.99 2.71
CA SER B 615 -28.67 23.20 3.98
C SER B 615 -27.90 21.97 4.37
N LEU B 616 -28.56 20.81 4.31
CA LEU B 616 -27.88 19.58 4.68
C LEU B 616 -26.63 19.35 3.84
N GLU B 617 -26.74 19.47 2.51
CA GLU B 617 -25.56 19.28 1.66
C GLU B 617 -24.44 20.26 2.02
N SER B 618 -24.80 21.52 2.29
CA SER B 618 -23.82 22.54 2.66
C SER B 618 -23.18 22.18 3.97
N LEU B 619 -23.98 21.74 4.93
CA LEU B 619 -23.47 21.35 6.23
C LEU B 619 -22.50 20.20 6.08
N HIS B 620 -22.81 19.31 5.13
CA HIS B 620 -21.98 18.14 4.91
C HIS B 620 -20.64 18.50 4.29
N GLN B 621 -20.62 19.53 3.45
CA GLN B 621 -19.36 19.93 2.84
C GLN B 621 -18.44 20.52 3.91
N LEU B 622 -18.98 21.47 4.67
CA LEU B 622 -18.22 22.13 5.72
C LEU B 622 -17.66 21.16 6.74
N LEU B 623 -18.46 20.19 7.16
CA LEU B 623 -17.95 19.24 8.14
C LEU B 623 -16.94 18.27 7.55
N SER B 624 -17.09 17.95 6.27
CA SER B 624 -16.17 17.07 5.59
C SER B 624 -14.85 17.80 5.56
N ILE B 625 -14.89 19.06 5.15
CA ILE B 625 -13.67 19.84 5.11
C ILE B 625 -13.07 19.90 6.52
N HIS B 626 -13.87 20.24 7.54
CA HIS B 626 -13.38 20.30 8.93
C HIS B 626 -12.74 18.97 9.32
N TYR B 627 -13.38 17.88 8.92
CA TYR B 627 -12.91 16.55 9.24
C TYR B 627 -11.51 16.25 8.71
N ARG B 628 -11.21 16.71 7.49
CA ARG B 628 -9.91 16.44 6.94
C ARG B 628 -8.88 17.28 7.70
N ILE B 629 -9.18 18.56 7.86
CA ILE B 629 -8.28 19.43 8.57
C ILE B 629 -7.95 18.85 9.95
N THR B 630 -8.99 18.59 10.73
CA THR B 630 -8.88 18.04 12.08
C THR B 630 -8.01 16.81 12.15
N LEU B 631 -8.28 15.85 11.27
CA LEU B 631 -7.52 14.60 11.25
C LEU B 631 -6.06 14.92 10.95
N GLN B 632 -5.81 15.75 9.93
CA GLN B 632 -4.44 16.11 9.60
C GLN B 632 -3.69 16.73 10.75
N VAL B 633 -4.33 17.64 11.47
CA VAL B 633 -3.70 18.28 12.63
C VAL B 633 -3.41 17.24 13.71
N LEU B 634 -4.42 16.44 14.04
CA LEU B 634 -4.26 15.40 15.04
C LEU B 634 -3.06 14.51 14.67
N LEU B 635 -2.94 14.24 13.38
CA LEU B 635 -1.86 13.41 12.86
C LEU B 635 -0.50 13.94 13.28
N THR B 636 -0.29 15.24 13.12
CA THR B 636 1.00 15.81 13.50
C THR B 636 1.29 15.62 14.99
N PHE B 637 0.25 15.60 15.81
CA PHE B 637 0.44 15.41 17.25
C PHE B 637 0.88 14.02 17.65
N VAL B 638 0.62 13.03 16.81
CA VAL B 638 1.04 11.68 17.19
C VAL B 638 2.39 11.37 16.58
N LEU B 639 2.84 12.24 15.68
CA LEU B 639 4.12 12.06 15.02
C LEU B 639 5.26 12.82 15.67
N PHE B 640 4.99 14.04 16.07
CA PHE B 640 6.04 14.87 16.66
C PHE B 640 5.88 15.02 18.15
N ASP B 641 6.96 15.41 18.81
CA ASP B 641 6.89 15.55 20.25
C ASP B 641 6.32 16.89 20.67
N LEU B 642 5.01 17.05 20.60
CA LEU B 642 4.43 18.31 21.02
C LEU B 642 4.01 18.09 22.46
N ASP B 643 4.33 19.03 23.34
CA ASP B 643 4.00 18.85 24.74
C ASP B 643 2.55 18.48 24.90
N THR B 644 2.33 17.22 25.25
CA THR B 644 1.00 16.69 25.46
C THR B 644 0.28 17.45 26.57
N GLU B 645 1.05 18.21 27.34
CA GLU B 645 0.50 19.00 28.45
C GLU B 645 0.12 20.40 27.96
N ILE B 646 1.02 21.05 27.22
CA ILE B 646 0.73 22.39 26.69
C ILE B 646 -0.49 22.30 25.79
N PHE B 647 -0.40 21.43 24.80
CA PHE B 647 -1.48 21.24 23.83
C PHE B 647 -2.55 20.28 24.30
N GLY B 648 -2.56 19.98 25.59
CA GLY B 648 -3.56 19.08 26.14
C GLY B 648 -4.96 19.55 25.81
N GLN B 649 -5.21 20.85 25.91
CA GLN B 649 -6.53 21.39 25.61
C GLN B 649 -6.87 21.17 24.14
N HIS B 650 -6.01 21.69 23.28
CA HIS B 650 -6.19 21.55 21.85
C HIS B 650 -6.36 20.10 21.42
N ILE B 651 -5.50 19.22 21.92
CA ILE B 651 -5.59 17.82 21.57
C ILE B 651 -6.95 17.21 21.91
N SER B 652 -7.48 17.52 23.09
CA SER B 652 -8.76 16.96 23.49
C SER B 652 -9.92 17.66 22.78
N THR B 653 -9.73 18.90 22.37
CA THR B 653 -10.79 19.61 21.66
C THR B 653 -10.88 19.05 20.26
N LEU B 654 -9.72 18.72 19.70
CA LEU B 654 -9.67 18.18 18.36
C LEU B 654 -10.25 16.77 18.35
N LEU B 655 -9.85 15.93 19.31
CA LEU B 655 -10.37 14.59 19.36
C LEU B 655 -11.89 14.57 19.53
N ASP B 656 -12.41 15.59 20.18
CA ASP B 656 -13.84 15.69 20.41
C ASP B 656 -14.53 16.17 19.13
N LEU B 657 -13.88 17.08 18.43
CA LEU B 657 -14.46 17.61 17.19
C LEU B 657 -14.42 16.55 16.11
N HIS B 658 -13.35 15.76 16.13
CA HIS B 658 -13.16 14.70 15.15
C HIS B 658 -14.30 13.70 15.31
N TYR B 659 -14.55 13.29 16.54
CA TYR B 659 -15.58 12.32 16.82
C TYR B 659 -16.92 12.79 16.32
N LYS B 660 -17.28 14.01 16.67
CA LYS B 660 -18.56 14.54 16.22
C LYS B 660 -18.61 14.62 14.69
N GLN B 661 -17.52 15.08 14.07
CA GLN B 661 -17.41 15.18 12.60
C GLN B 661 -17.69 13.83 11.96
N PHE B 662 -16.96 12.82 12.43
CA PHE B 662 -17.12 11.48 11.94
C PHE B 662 -18.57 11.10 12.04
N LEU B 663 -19.08 11.01 13.26
CA LEU B 663 -20.47 10.66 13.51
C LEU B 663 -21.43 11.35 12.53
N LEU B 664 -21.36 12.67 12.46
CA LEU B 664 -22.27 13.36 11.57
C LEU B 664 -22.14 12.87 10.13
N LEU B 665 -20.89 12.81 9.65
CA LEU B 665 -20.66 12.37 8.28
C LEU B 665 -21.19 10.95 8.10
N ASN B 666 -21.13 10.18 9.18
CA ASN B 666 -21.59 8.81 9.17
C ASN B 666 -23.11 8.76 9.09
N LEU B 667 -23.79 9.62 9.85
CA LEU B 667 -25.23 9.61 9.82
C LEU B 667 -25.72 10.18 8.52
N TYR B 668 -24.95 11.06 7.91
CA TYR B 668 -25.32 11.66 6.64
C TYR B 668 -25.45 10.59 5.56
N ARG B 669 -24.49 9.68 5.51
CA ARG B 669 -24.56 8.68 4.48
C ARG B 669 -25.35 7.45 4.88
N GLN B 670 -25.73 7.38 6.13
CA GLN B 670 -26.52 6.26 6.58
C GLN B 670 -28.00 6.51 6.29
N ASP B 671 -28.43 7.76 6.34
CA ASP B 671 -29.83 8.10 6.11
C ASP B 671 -30.09 9.62 6.09
N LYS B 672 -29.85 10.26 4.95
CA LYS B 672 -30.06 11.70 4.78
C LYS B 672 -31.35 12.26 5.33
N CYS B 673 -32.49 11.65 4.98
CA CYS B 673 -33.76 12.16 5.47
C CYS B 673 -33.80 12.19 6.98
N LEU B 674 -33.61 11.03 7.61
CA LEU B 674 -33.61 10.97 9.05
C LEU B 674 -32.70 12.04 9.67
N LEU B 675 -31.49 12.22 9.11
CA LEU B 675 -30.58 13.21 9.65
C LEU B 675 -31.18 14.61 9.58
N ALA B 676 -31.64 15.00 8.41
CA ALA B 676 -32.22 16.32 8.24
C ALA B 676 -33.33 16.50 9.27
N GLU B 677 -34.13 15.45 9.46
CA GLU B 677 -35.25 15.49 10.40
C GLU B 677 -34.84 15.76 11.87
N VAL B 678 -33.90 14.96 12.38
CA VAL B 678 -33.45 15.13 13.75
C VAL B 678 -32.66 16.41 13.85
N LEU B 679 -32.05 16.82 12.75
CA LEU B 679 -31.26 18.04 12.78
C LEU B 679 -32.10 19.29 12.69
N LEU B 680 -33.28 19.23 12.06
CA LEU B 680 -34.14 20.42 11.97
C LEU B 680 -35.18 20.44 13.10
N LYS B 681 -35.32 19.29 13.77
CA LYS B 681 -36.25 19.18 14.89
C LYS B 681 -35.44 19.39 16.16
N ASP B 682 -34.19 19.78 15.96
CA ASP B 682 -33.26 20.07 17.06
C ASP B 682 -33.49 21.53 17.46
N SER B 683 -33.58 22.41 16.46
CA SER B 683 -33.83 23.83 16.71
C SER B 683 -35.33 24.03 16.92
N SER B 684 -35.69 24.63 18.05
CA SER B 684 -37.07 24.88 18.43
C SER B 684 -37.86 25.81 17.51
N GLU B 685 -37.57 27.12 17.57
CA GLU B 685 -38.26 28.12 16.76
C GLU B 685 -38.09 27.93 15.24
N PHE B 686 -37.21 27.01 14.85
CA PHE B 686 -36.96 26.75 13.43
C PHE B 686 -37.27 25.30 13.10
N SER B 687 -38.34 24.80 13.72
CA SER B 687 -38.81 23.43 13.55
C SER B 687 -39.43 23.07 12.20
N PHE B 688 -39.41 24.00 11.25
CA PHE B 688 -39.99 23.74 9.94
C PHE B 688 -38.99 23.92 8.80
N GLY B 689 -37.94 24.67 9.09
CA GLY B 689 -36.92 24.93 8.08
C GLY B 689 -36.53 26.38 8.18
N VAL B 690 -35.90 26.89 7.13
CA VAL B 690 -35.49 28.29 7.11
C VAL B 690 -35.68 28.87 5.72
N LYS B 691 -35.49 30.19 5.63
CA LYS B 691 -35.61 30.92 4.39
C LYS B 691 -34.43 31.90 4.35
N PHE B 692 -33.42 31.61 3.52
CA PHE B 692 -32.27 32.50 3.40
C PHE B 692 -32.37 33.18 2.05
N PHE B 693 -32.05 34.47 1.99
CA PHE B 693 -32.16 35.20 0.74
C PHE B 693 -30.81 35.65 0.14
N ASN B 694 -29.80 35.84 0.98
CA ASN B 694 -28.48 36.23 0.50
C ASN B 694 -27.47 35.19 0.94
N TYR B 695 -26.21 35.33 0.55
CA TYR B 695 -25.20 34.35 0.93
C TYR B 695 -24.87 34.43 2.40
N GLY B 696 -24.93 35.64 2.96
CA GLY B 696 -24.63 35.81 4.37
C GLY B 696 -25.61 35.02 5.23
N GLN B 697 -26.89 35.16 4.93
CA GLN B 697 -27.90 34.44 5.68
C GLN B 697 -27.64 32.92 5.56
N LEU B 698 -27.33 32.47 4.35
CA LEU B 698 -27.08 31.06 4.10
C LEU B 698 -25.89 30.56 4.90
N ILE B 699 -24.76 31.23 4.75
CA ILE B 699 -23.59 30.84 5.48
C ILE B 699 -23.89 30.84 6.97
N ALA B 700 -24.57 31.88 7.45
CA ALA B 700 -24.91 31.98 8.86
C ALA B 700 -25.69 30.78 9.35
N TYR B 701 -26.73 30.41 8.61
CA TYR B 701 -27.55 29.27 9.00
C TYR B 701 -26.72 27.98 9.03
N ILE B 702 -25.83 27.81 8.04
CA ILE B 702 -25.00 26.61 8.01
C ILE B 702 -24.09 26.62 9.23
N ASP B 703 -23.39 27.73 9.45
CA ASP B 703 -22.51 27.82 10.62
C ASP B 703 -23.32 27.55 11.86
N SER B 704 -24.58 27.93 11.81
CA SER B 704 -25.49 27.72 12.92
C SER B 704 -25.69 26.22 13.18
N LEU B 705 -26.00 25.48 12.13
CA LEU B 705 -26.21 24.05 12.26
C LEU B 705 -24.91 23.38 12.71
N ASN B 706 -23.77 23.97 12.33
CA ASN B 706 -22.49 23.42 12.71
C ASN B 706 -22.38 23.44 14.22
N SER B 707 -22.78 24.55 14.84
CA SER B 707 -22.72 24.66 16.30
C SER B 707 -23.55 23.58 16.95
N ASN B 708 -24.77 23.39 16.44
CA ASN B 708 -25.61 22.36 16.99
C ASN B 708 -24.85 21.03 16.98
N VAL B 709 -24.00 20.83 15.97
CA VAL B 709 -23.25 19.59 15.87
C VAL B 709 -22.06 19.62 16.82
N TYR B 710 -21.35 20.74 16.94
CA TYR B 710 -20.23 20.73 17.88
C TYR B 710 -20.62 20.85 19.37
N ASN B 711 -21.83 21.35 19.66
CA ASN B 711 -22.28 21.46 21.05
C ASN B 711 -23.09 20.24 21.49
N ALA B 712 -23.45 19.38 20.55
CA ALA B 712 -24.22 18.20 20.93
C ALA B 712 -23.46 17.35 21.94
N SER B 713 -24.22 16.68 22.80
CA SER B 713 -23.61 15.82 23.79
C SER B 713 -23.37 14.45 23.16
N ILE B 714 -22.27 13.81 23.53
CA ILE B 714 -21.97 12.50 22.99
C ILE B 714 -21.75 11.47 24.08
N THR B 715 -22.25 11.74 25.26
CA THR B 715 -22.09 10.78 26.34
C THR B 715 -23.27 9.82 26.29
N GLU B 716 -22.96 8.54 26.39
CA GLU B 716 -24.00 7.52 26.36
C GLU B 716 -24.54 7.35 27.77
N ASN B 717 -25.79 7.71 27.99
CA ASN B 717 -26.36 7.64 29.34
C ASN B 717 -26.93 6.29 29.82
N SER B 718 -26.63 5.20 29.10
CA SER B 718 -27.11 3.85 29.43
C SER B 718 -26.60 2.84 28.40
N PHE B 719 -26.70 1.55 28.71
CA PHE B 719 -26.26 0.51 27.79
C PHE B 719 -27.03 0.63 26.49
N PHE B 720 -28.27 1.13 26.53
CA PHE B 720 -29.04 1.30 25.30
C PHE B 720 -28.32 2.22 24.32
N MET B 721 -27.88 3.36 24.81
CA MET B 721 -27.22 4.33 23.94
C MET B 721 -25.87 3.83 23.44
N THR B 722 -25.19 3.06 24.27
CA THR B 722 -23.89 2.52 23.94
C THR B 722 -24.04 1.51 22.82
N PHE B 723 -25.08 0.69 22.93
CA PHE B 723 -25.37 -0.30 21.91
C PHE B 723 -25.62 0.46 20.62
N PHE B 724 -26.57 1.40 20.67
CA PHE B 724 -26.89 2.16 19.47
C PHE B 724 -25.65 2.60 18.75
N ARG B 725 -24.83 3.39 19.44
CA ARG B 725 -23.62 3.92 18.84
C ARG B 725 -22.65 2.87 18.29
N SER B 726 -22.40 1.80 19.05
CA SER B 726 -21.48 0.75 18.64
C SER B 726 -21.94 0.09 17.39
N TYR B 727 -23.25 -0.15 17.35
CA TYR B 727 -23.87 -0.80 16.23
C TYR B 727 -23.78 0.07 14.98
N ILE B 728 -23.97 1.38 15.13
CA ILE B 728 -23.93 2.32 14.02
C ILE B 728 -22.58 2.93 13.63
N ILE B 729 -21.83 3.43 14.61
CA ILE B 729 -20.55 4.06 14.32
C ILE B 729 -19.58 3.02 13.79
N MET C 1 11.22 -40.89 13.13
CA MET C 1 11.46 -39.54 13.71
C MET C 1 12.93 -39.07 13.59
N ALA C 2 13.86 -39.85 14.15
CA ALA C 2 15.30 -39.51 14.12
C ALA C 2 16.04 -40.29 13.01
N CYS C 3 16.54 -39.58 12.00
CA CYS C 3 17.24 -40.21 10.89
C CYS C 3 18.74 -40.10 10.92
N LEU C 4 19.24 -39.26 11.81
CA LEU C 4 20.68 -39.12 11.93
C LEU C 4 21.13 -39.50 13.33
N SER C 5 22.37 -39.95 13.47
CA SER C 5 22.89 -40.29 14.78
C SER C 5 24.14 -39.45 15.04
N ARG C 6 24.56 -39.40 16.28
CA ARG C 6 25.71 -38.63 16.68
C ARG C 6 26.96 -39.49 16.93
N ILE C 7 28.04 -39.08 16.28
CA ILE C 7 29.34 -39.73 16.36
C ILE C 7 30.32 -38.69 16.91
N ASP C 8 30.74 -38.83 18.16
CA ASP C 8 31.64 -37.86 18.72
C ASP C 8 33.09 -38.10 18.43
N ALA C 9 33.77 -37.05 17.97
CA ALA C 9 35.16 -37.15 17.63
C ALA C 9 36.10 -36.27 18.44
N ASN C 10 37.02 -36.90 19.15
CA ASN C 10 38.00 -36.16 19.90
C ASN C 10 39.32 -36.50 19.22
N LEU C 11 39.74 -35.61 18.33
CA LEU C 11 40.95 -35.79 17.56
C LEU C 11 42.23 -36.31 18.26
N LEU C 12 42.29 -36.22 19.58
CA LEU C 12 43.49 -36.67 20.29
C LEU C 12 43.24 -37.94 21.10
N GLN C 13 42.06 -38.50 20.91
CA GLN C 13 41.67 -39.69 21.64
C GLN C 13 42.67 -40.85 21.66
N TYR C 14 43.22 -41.17 20.49
CA TYR C 14 44.19 -42.26 20.36
C TYR C 14 45.53 -42.02 21.05
N TYR C 15 45.77 -40.81 21.53
CA TYR C 15 47.06 -40.52 22.13
C TYR C 15 47.04 -40.29 23.63
N GLU C 16 48.19 -40.50 24.25
CA GLU C 16 48.33 -40.30 25.69
C GLU C 16 48.49 -38.81 25.99
N LYS C 17 49.39 -38.13 25.29
CA LYS C 17 49.58 -36.70 25.48
C LYS C 17 48.31 -35.98 25.02
N PRO C 18 47.58 -35.33 25.96
CA PRO C 18 46.34 -34.60 25.67
C PRO C 18 46.63 -33.23 25.07
N GLU C 19 47.61 -33.18 24.17
CA GLU C 19 48.01 -31.94 23.50
C GLU C 19 49.14 -32.24 22.51
N PRO C 20 49.00 -31.77 21.27
CA PRO C 20 50.05 -32.02 20.26
C PRO C 20 51.38 -31.57 20.84
N ASN C 21 52.47 -32.16 20.38
CA ASN C 21 53.77 -31.72 20.89
C ASN C 21 54.17 -30.45 20.14
N ASN C 22 53.77 -30.39 18.88
CA ASN C 22 54.08 -29.25 18.03
C ASN C 22 53.00 -28.16 18.11
N THR C 23 53.19 -27.23 19.02
CA THR C 23 52.26 -26.12 19.25
C THR C 23 53.07 -24.82 19.28
N VAL C 24 52.80 -23.90 18.36
CA VAL C 24 53.54 -22.64 18.33
C VAL C 24 52.69 -21.47 18.79
N ASP C 25 53.31 -20.56 19.55
CA ASP C 25 52.62 -19.39 20.06
C ASP C 25 53.12 -18.07 19.45
N LEU C 26 52.33 -17.49 18.54
CA LEU C 26 52.68 -16.23 17.91
C LEU C 26 52.07 -15.09 18.73
N TYR C 27 52.85 -14.06 19.01
CA TYR C 27 52.34 -12.95 19.79
C TYR C 27 52.25 -11.68 18.94
N VAL C 28 51.26 -10.86 19.23
CA VAL C 28 51.03 -9.61 18.51
C VAL C 28 51.29 -8.39 19.37
N SER C 29 51.91 -7.38 18.77
CA SER C 29 52.22 -6.13 19.47
C SER C 29 51.09 -5.11 19.31
N GLY C 53 40.50 -22.20 23.05
CA GLY C 53 39.45 -21.34 22.50
C GLY C 53 38.06 -21.93 22.69
N SER C 54 37.38 -21.52 23.76
CA SER C 54 36.05 -22.02 24.10
C SER C 54 34.86 -21.07 23.94
N GLU C 55 34.86 -20.19 22.95
CA GLU C 55 33.71 -19.31 22.80
C GLU C 55 33.20 -19.39 21.37
N TYR C 56 34.08 -19.79 20.46
CA TYR C 56 33.69 -19.95 19.07
C TYR C 56 34.66 -20.84 18.33
N SER C 57 34.14 -21.66 17.44
CA SER C 57 34.98 -22.52 16.65
C SER C 57 34.29 -22.91 15.36
N ASN C 58 35.09 -23.00 14.30
CA ASN C 58 34.55 -23.32 12.99
C ASN C 58 35.64 -24.00 12.20
N CYS C 59 35.27 -24.53 11.03
CA CYS C 59 36.17 -25.21 10.11
C CYS C 59 36.10 -24.64 8.72
N LEU C 60 37.23 -24.26 8.16
CA LEU C 60 37.25 -23.70 6.81
C LEU C 60 38.04 -24.60 5.87
N LEU C 61 37.50 -24.81 4.66
CA LEU C 61 38.17 -25.61 3.65
C LEU C 61 39.16 -24.71 2.94
N LEU C 62 40.28 -25.27 2.48
CA LEU C 62 41.28 -24.46 1.79
C LEU C 62 41.54 -24.89 0.36
N SER C 63 42.69 -24.47 -0.15
CA SER C 63 43.10 -24.78 -1.50
C SER C 63 43.56 -26.22 -1.64
N ASN C 64 44.29 -26.68 -0.63
CA ASN C 64 44.82 -28.05 -0.62
C ASN C 64 43.80 -29.11 -0.23
N SER C 65 42.53 -28.75 -0.19
CA SER C 65 41.49 -29.71 0.16
C SER C 65 41.64 -30.22 1.58
N GLU C 66 42.37 -29.47 2.39
CA GLU C 66 42.58 -29.81 3.78
C GLU C 66 41.62 -28.92 4.55
N TYR C 67 41.29 -29.31 5.77
CA TYR C 67 40.38 -28.54 6.62
C TYR C 67 41.14 -27.94 7.78
N ILE C 68 40.98 -26.64 8.00
CA ILE C 68 41.67 -25.99 9.12
C ILE C 68 40.62 -25.56 10.16
N CYS C 69 40.93 -25.76 11.43
CA CYS C 69 40.00 -25.38 12.49
C CYS C 69 40.54 -24.19 13.23
N TYR C 70 39.64 -23.35 13.70
CA TYR C 70 40.05 -22.20 14.47
C TYR C 70 39.08 -21.99 15.60
N HIS C 71 39.64 -21.59 16.74
CA HIS C 71 38.88 -21.32 17.96
C HIS C 71 39.24 -19.93 18.46
N PHE C 72 38.23 -19.15 18.80
CA PHE C 72 38.48 -17.83 19.34
C PHE C 72 38.22 -18.05 20.82
N SER C 73 39.23 -17.86 21.67
CA SER C 73 39.07 -18.08 23.11
C SER C 73 37.87 -17.31 23.67
N SER C 74 37.51 -17.58 24.92
CA SER C 74 36.38 -16.93 25.57
C SER C 74 36.55 -15.42 25.53
N ARG C 75 37.72 -14.96 26.00
CA ARG C 75 38.03 -13.55 26.06
C ARG C 75 38.27 -12.88 24.72
N SER C 76 38.15 -13.62 23.63
CA SER C 76 38.38 -13.05 22.32
C SER C 76 39.78 -12.46 22.25
N THR C 77 40.71 -13.02 23.02
CA THR C 77 42.08 -12.54 23.04
C THR C 77 43.04 -13.52 22.38
N LEU C 78 42.55 -14.74 22.13
CA LEU C 78 43.39 -15.75 21.50
C LEU C 78 42.71 -16.43 20.34
N LEU C 79 43.47 -16.66 19.28
CA LEU C 79 42.94 -17.31 18.10
C LEU C 79 43.79 -18.57 17.94
N THR C 80 43.15 -19.72 17.70
CA THR C 80 43.92 -20.95 17.57
C THR C 80 43.66 -21.65 16.25
N PHE C 81 44.71 -22.21 15.65
CA PHE C 81 44.57 -22.92 14.38
C PHE C 81 45.16 -24.31 14.44
N TYR C 82 44.49 -25.29 13.85
CA TYR C 82 44.99 -26.65 13.81
C TYR C 82 44.26 -27.40 12.70
N PRO C 83 44.96 -28.33 12.03
CA PRO C 83 44.38 -29.12 10.94
C PRO C 83 43.45 -30.23 11.38
N LEU C 84 42.24 -30.22 10.84
CA LEU C 84 41.24 -31.21 11.16
C LEU C 84 41.75 -32.64 11.02
N SER C 85 42.45 -32.92 9.92
CA SER C 85 42.94 -34.27 9.64
C SER C 85 44.24 -34.69 10.31
N ASP C 86 44.93 -33.77 10.95
CA ASP C 86 46.18 -34.12 11.60
C ASP C 86 46.36 -33.30 12.88
N ALA C 87 45.42 -33.45 13.80
CA ALA C 87 45.47 -32.67 15.03
C ALA C 87 46.65 -32.99 15.94
N TYR C 88 47.01 -34.26 16.05
CA TYR C 88 48.11 -34.64 16.93
C TYR C 88 49.50 -34.24 16.42
N HIS C 89 49.87 -34.78 15.26
CA HIS C 89 51.20 -34.52 14.69
C HIS C 89 51.24 -33.18 13.99
N GLY C 90 50.07 -32.75 13.51
CA GLY C 90 49.97 -31.47 12.84
C GLY C 90 50.26 -30.34 13.82
N LYS C 91 50.47 -29.15 13.30
CA LYS C 91 50.79 -28.03 14.18
C LYS C 91 49.59 -27.17 14.51
N THR C 92 49.38 -26.92 15.80
CA THR C 92 48.30 -26.03 16.16
C THR C 92 49.04 -24.72 16.45
N ILE C 93 48.47 -23.63 15.98
CA ILE C 93 49.06 -22.31 16.16
C ILE C 93 48.17 -21.42 17.02
N ASN C 94 48.71 -20.95 18.14
CA ASN C 94 47.97 -20.05 19.02
C ASN C 94 48.40 -18.61 18.73
N ILE C 95 47.51 -17.79 18.18
CA ILE C 95 47.84 -16.39 17.90
C ILE C 95 47.31 -15.48 18.99
N HIS C 96 48.19 -15.03 19.88
CA HIS C 96 47.80 -14.15 20.97
C HIS C 96 47.47 -12.75 20.46
N LEU C 97 46.65 -12.02 21.20
CA LEU C 97 46.26 -10.67 20.77
C LEU C 97 46.42 -9.62 21.88
N PRO C 98 46.79 -8.37 21.49
CA PRO C 98 46.99 -7.23 22.41
C PRO C 98 45.76 -7.05 23.30
N ASN C 99 44.58 -7.13 22.70
CA ASN C 99 43.36 -7.04 23.47
C ASN C 99 42.19 -7.60 22.66
N ALA C 100 41.12 -7.94 23.36
CA ALA C 100 39.93 -8.50 22.77
C ALA C 100 39.48 -7.73 21.53
N SER C 101 38.64 -8.35 20.72
CA SER C 101 38.12 -7.68 19.56
C SER C 101 36.96 -6.87 20.13
N MET C 102 36.38 -5.98 19.33
CA MET C 102 35.27 -5.14 19.78
C MET C 102 34.08 -5.98 20.28
N ASN C 103 33.56 -6.80 19.38
CA ASN C 103 32.40 -7.64 19.66
C ASN C 103 32.60 -9.11 19.29
N GLN C 104 33.46 -9.78 20.04
CA GLN C 104 33.71 -11.19 19.82
C GLN C 104 33.96 -11.56 18.37
N ARG C 105 33.70 -12.81 18.04
CA ARG C 105 33.91 -13.32 16.70
C ARG C 105 33.10 -12.59 15.64
N TYR C 106 32.27 -11.66 16.08
CA TYR C 106 31.44 -10.92 15.12
C TYR C 106 32.26 -9.79 14.47
N THR C 107 33.28 -9.30 15.17
CA THR C 107 34.15 -8.24 14.65
C THR C 107 35.41 -8.86 14.06
N LEU C 108 35.34 -10.15 13.73
CA LEU C 108 36.48 -10.87 13.15
C LEU C 108 36.13 -11.53 11.82
N THR C 109 37.13 -11.71 10.97
CA THR C 109 36.94 -12.32 9.67
C THR C 109 38.14 -13.20 9.31
N ILE C 110 37.89 -14.27 8.54
CA ILE C 110 38.95 -15.18 8.13
C ILE C 110 38.64 -15.78 6.76
N GLN C 111 39.33 -15.30 5.75
CA GLN C 111 39.10 -15.81 4.40
C GLN C 111 40.46 -16.18 3.84
N GLU C 112 40.46 -17.00 2.80
CA GLU C 112 41.72 -17.40 2.17
C GLU C 112 41.88 -16.63 0.86
N VAL C 113 42.78 -15.66 0.84
CA VAL C 113 43.00 -14.85 -0.36
C VAL C 113 43.74 -15.66 -1.45
N GLU C 114 45.06 -15.64 -1.40
CA GLU C 114 45.88 -16.37 -2.35
C GLU C 114 47.01 -17.04 -1.59
N GLN C 115 46.84 -18.33 -1.33
CA GLN C 115 47.82 -19.11 -0.62
C GLN C 115 48.02 -18.55 0.78
N GLN C 116 47.00 -17.90 1.32
CA GLN C 116 47.12 -17.34 2.67
C GLN C 116 45.82 -17.21 3.45
N LEU C 117 45.96 -17.19 4.77
CA LEU C 117 44.81 -17.03 5.64
C LEU C 117 44.83 -15.57 6.06
N LEU C 118 43.90 -14.79 5.51
CA LEU C 118 43.82 -13.38 5.85
C LEU C 118 42.82 -13.20 6.98
N VAL C 119 43.31 -12.74 8.11
CA VAL C 119 42.49 -12.53 9.31
C VAL C 119 42.37 -11.06 9.67
N ASN C 120 41.15 -10.53 9.66
CA ASN C 120 40.94 -9.13 10.04
C ASN C 120 40.18 -9.11 11.36
N VAL C 121 40.56 -8.20 12.26
CA VAL C 121 39.91 -8.14 13.55
C VAL C 121 39.87 -6.74 14.16
N ILE C 122 38.72 -6.09 14.08
CA ILE C 122 38.56 -4.77 14.66
C ILE C 122 38.67 -5.01 16.17
N LEU C 123 39.75 -4.55 16.77
CA LEU C 123 39.94 -4.76 18.20
C LEU C 123 39.08 -3.81 19.04
N LYS C 124 39.07 -4.05 20.34
CA LYS C 124 38.28 -3.22 21.26
C LYS C 124 38.66 -1.76 21.18
N ASP C 125 39.95 -1.46 21.41
CA ASP C 125 40.41 -0.08 21.36
C ASP C 125 39.92 0.68 20.12
N GLY C 126 39.74 -0.04 19.03
CA GLY C 126 39.29 0.58 17.80
C GLY C 126 40.26 0.32 16.66
N SER C 127 41.28 -0.49 16.93
CA SER C 127 42.31 -0.85 15.95
C SER C 127 41.72 -1.82 14.92
N PHE C 128 42.41 -1.97 13.80
CA PHE C 128 41.95 -2.88 12.76
C PHE C 128 43.09 -3.81 12.34
N LEU C 129 43.40 -4.78 13.21
CA LEU C 129 44.46 -5.76 13.01
C LEU C 129 44.29 -6.57 11.75
N THR C 130 45.40 -6.86 11.08
CA THR C 130 45.38 -7.65 9.85
C THR C 130 46.40 -8.78 9.98
N LEU C 131 45.93 -10.02 10.01
CA LEU C 131 46.83 -11.17 10.13
C LEU C 131 47.00 -11.84 8.77
N GLN C 132 48.24 -12.16 8.43
CA GLN C 132 48.53 -12.83 7.17
C GLN C 132 49.32 -14.09 7.48
N LEU C 133 48.64 -15.22 7.45
CA LEU C 133 49.27 -16.50 7.74
C LEU C 133 49.41 -17.30 6.46
N PRO C 134 50.66 -17.55 6.04
CA PRO C 134 50.97 -18.31 4.82
C PRO C 134 50.41 -19.72 4.91
N LEU C 135 49.64 -20.11 3.90
CA LEU C 135 49.04 -21.43 3.87
C LEU C 135 50.10 -22.49 4.16
N SER C 136 51.33 -22.26 3.71
CA SER C 136 52.41 -23.21 3.95
C SER C 136 52.67 -23.30 5.45
N PHE C 137 53.00 -22.17 6.07
CA PHE C 137 53.28 -22.14 7.50
C PHE C 137 52.31 -22.97 8.32
N LEU C 138 51.04 -22.98 7.91
CA LEU C 138 50.01 -23.73 8.63
C LEU C 138 50.23 -25.23 8.59
N PHE C 139 50.88 -25.71 7.54
CA PHE C 139 51.12 -27.14 7.40
C PHE C 139 52.58 -27.50 7.46
N SER C 140 53.41 -26.52 7.79
CA SER C 140 54.85 -26.74 7.88
C SER C 140 55.18 -27.33 9.23
N SER C 141 56.45 -27.27 9.57
CA SER C 141 56.95 -27.78 10.85
C SER C 141 57.52 -26.57 11.57
N ALA C 142 57.66 -25.47 10.82
CA ALA C 142 58.20 -24.22 11.32
C ALA C 142 57.55 -23.74 12.61
N ASN C 143 58.39 -23.27 13.53
CA ASN C 143 57.93 -22.75 14.81
C ASN C 143 58.25 -21.26 14.81
N THR C 144 58.57 -20.75 13.62
CA THR C 144 58.92 -19.34 13.40
C THR C 144 58.18 -18.84 12.17
N LEU C 145 57.94 -17.53 12.11
CA LEU C 145 57.29 -16.93 10.95
C LEU C 145 58.04 -15.66 10.56
N ASN C 146 58.37 -15.55 9.28
CA ASN C 146 59.11 -14.39 8.76
C ASN C 146 58.21 -13.37 8.08
N GLY C 147 58.67 -12.12 8.06
CA GLY C 147 57.91 -11.06 7.41
C GLY C 147 56.90 -10.37 8.30
N GLU C 148 55.94 -9.70 7.67
CA GLU C 148 54.90 -8.99 8.40
C GLU C 148 53.60 -9.78 8.34
N TRP C 149 53.34 -10.59 9.36
CA TRP C 149 52.10 -11.37 9.39
C TRP C 149 50.98 -10.59 10.06
N PHE C 150 51.26 -9.36 10.48
CA PHE C 150 50.24 -8.53 11.11
C PHE C 150 50.50 -7.03 10.99
N HIS C 151 49.44 -6.27 10.77
CA HIS C 151 49.52 -4.81 10.62
C HIS C 151 48.40 -4.12 11.38
N LEU C 152 48.72 -3.47 12.50
CA LEU C 152 47.70 -2.74 13.23
C LEU C 152 47.37 -1.50 12.40
N GLN C 153 46.17 -0.97 12.54
CA GLN C 153 45.76 0.18 11.74
C GLN C 153 44.54 0.87 12.34
N ASN C 154 44.48 2.19 12.22
CA ASN C 154 43.36 2.95 12.76
C ASN C 154 42.68 3.76 11.66
N PRO C 155 41.85 3.10 10.84
CA PRO C 155 41.14 3.75 9.74
C PRO C 155 40.15 4.84 10.19
N TYR C 156 39.10 4.41 10.90
CA TYR C 156 38.07 5.32 11.38
C TYR C 156 38.15 5.44 12.90
N ASP C 157 37.51 6.45 13.46
CA ASP C 157 37.52 6.64 14.91
C ASP C 157 36.32 5.94 15.50
N PHE C 158 36.55 4.77 16.10
CA PHE C 158 35.45 4.03 16.68
C PHE C 158 35.16 4.37 18.14
N THR C 159 35.74 5.45 18.64
CA THR C 159 35.51 5.86 20.03
C THR C 159 34.11 6.46 20.13
N VAL C 160 33.69 7.13 19.06
CA VAL C 160 32.38 7.75 19.03
C VAL C 160 31.32 6.72 18.67
N ARG C 161 31.20 6.41 17.39
CA ARG C 161 30.22 5.43 16.89
C ARG C 161 30.83 4.02 16.87
N VAL C 162 30.65 3.29 17.97
CA VAL C 162 31.16 1.93 18.13
C VAL C 162 30.56 0.91 17.15
N PRO C 163 31.41 0.17 16.41
CA PRO C 163 30.97 -0.84 15.45
C PRO C 163 30.68 -2.14 16.19
N HIS C 164 30.03 -3.09 15.53
CA HIS C 164 29.74 -4.34 16.22
C HIS C 164 29.72 -5.58 15.31
N PHE C 165 29.81 -5.39 14.01
CA PHE C 165 29.77 -6.51 13.08
C PHE C 165 30.53 -6.28 11.78
N LEU C 166 31.66 -6.96 11.64
CA LEU C 166 32.55 -6.88 10.47
C LEU C 166 32.14 -7.89 9.41
N PHE C 167 32.12 -7.50 8.14
CA PHE C 167 31.68 -8.42 7.09
C PHE C 167 32.51 -8.42 5.81
N TYR C 168 33.22 -9.50 5.56
CA TYR C 168 34.03 -9.60 4.35
C TYR C 168 33.15 -9.58 3.11
N VAL C 169 33.72 -9.10 2.00
CA VAL C 169 33.04 -9.01 0.71
C VAL C 169 34.03 -9.37 -0.41
N SER C 170 35.25 -8.88 -0.23
CA SER C 170 36.33 -9.10 -1.19
C SER C 170 37.67 -8.86 -0.52
N PRO C 171 38.77 -9.33 -1.15
CA PRO C 171 40.13 -9.17 -0.63
C PRO C 171 40.46 -7.75 -0.19
N GLN C 172 39.93 -6.77 -0.92
CA GLN C 172 40.18 -5.38 -0.62
C GLN C 172 38.97 -4.65 -0.04
N PHE C 173 37.76 -5.10 -0.35
CA PHE C 173 36.55 -4.44 0.17
C PHE C 173 35.64 -5.27 1.08
N SER C 174 35.32 -4.68 2.24
CA SER C 174 34.44 -5.30 3.25
C SER C 174 33.87 -4.23 4.19
N VAL C 175 32.56 -4.27 4.43
CA VAL C 175 31.88 -3.28 5.30
C VAL C 175 31.96 -3.50 6.81
N VAL C 176 31.52 -2.49 7.55
CA VAL C 176 31.51 -2.50 9.01
C VAL C 176 30.10 -2.08 9.43
N PHE C 177 29.51 -2.82 10.35
CA PHE C 177 28.16 -2.47 10.82
C PHE C 177 28.26 -1.86 12.21
N LEU C 178 27.62 -0.70 12.37
CA LEU C 178 27.63 0.04 13.63
C LEU C 178 26.46 -0.19 14.57
N GLU C 179 26.73 -0.05 15.86
CA GLU C 179 25.71 -0.24 16.89
C GLU C 179 24.54 0.73 16.72
N ASP C 180 24.82 1.93 16.22
CA ASP C 180 23.77 2.91 16.02
C ASP C 180 22.95 2.65 14.75
N GLY C 181 23.45 1.79 13.86
CA GLY C 181 22.71 1.48 12.65
C GLY C 181 23.45 1.78 11.36
N GLY C 182 24.53 2.56 11.47
CA GLY C 182 25.30 2.94 10.30
C GLY C 182 26.23 1.92 9.68
N LEU C 183 26.37 1.99 8.36
CA LEU C 183 27.23 1.09 7.62
C LEU C 183 28.44 1.86 7.08
N LEU C 184 29.61 1.53 7.60
CA LEU C 184 30.84 2.17 7.14
C LEU C 184 31.32 1.33 5.95
N GLY C 185 32.24 1.88 5.17
CA GLY C 185 32.78 1.14 4.05
C GLY C 185 34.24 0.95 4.38
N LEU C 186 34.95 0.09 3.68
CA LEU C 186 36.36 -0.10 3.97
C LEU C 186 37.08 -0.63 2.75
N LYS C 187 37.64 0.29 1.95
CA LYS C 187 38.34 -0.08 0.74
C LYS C 187 39.84 -0.10 0.94
N LYS C 188 40.46 -1.13 0.36
CA LYS C 188 41.90 -1.32 0.44
C LYS C 188 42.46 -0.71 -0.84
N VAL C 189 43.46 0.14 -0.70
CA VAL C 189 44.09 0.80 -1.85
C VAL C 189 45.32 0.02 -2.31
N ASP C 190 46.40 0.11 -1.53
CA ASP C 190 47.63 -0.60 -1.84
C ASP C 190 47.46 -2.08 -1.56
N GLY C 191 47.77 -2.48 -0.33
CA GLY C 191 47.64 -3.86 0.06
C GLY C 191 47.62 -3.98 1.57
N VAL C 192 47.67 -2.82 2.25
CA VAL C 192 47.66 -2.78 3.72
C VAL C 192 46.83 -1.64 4.33
N HIS C 193 46.50 -0.62 3.53
CA HIS C 193 45.71 0.49 4.06
C HIS C 193 44.24 0.48 3.66
N TYR C 194 43.39 0.83 4.61
CA TYR C 194 41.94 0.87 4.41
C TYR C 194 41.37 2.27 4.61
N GLU C 195 40.43 2.66 3.75
CA GLU C 195 39.80 3.97 3.86
C GLU C 195 38.29 3.83 3.86
N PRO C 196 37.61 4.45 4.84
CA PRO C 196 36.15 4.43 4.99
C PRO C 196 35.28 5.10 3.91
N LEU C 197 34.67 4.30 3.03
CA LEU C 197 33.79 4.79 1.96
C LEU C 197 32.34 4.76 2.42
N LEU C 198 31.93 5.80 3.17
CA LEU C 198 30.57 5.90 3.71
C LEU C 198 29.37 5.84 2.76
N PHE C 199 28.34 5.10 3.18
CA PHE C 199 27.11 4.93 2.41
C PHE C 199 26.09 5.97 2.86
N ASN C 200 25.15 6.28 1.98
CA ASN C 200 24.11 7.25 2.29
C ASN C 200 23.13 6.61 3.28
N ASP C 201 22.83 7.31 4.37
CA ASP C 201 21.90 6.79 5.35
C ASP C 201 21.00 7.89 5.91
N ASN C 202 19.70 7.73 5.69
CA ASN C 202 18.71 8.70 6.15
C ASN C 202 17.72 8.06 7.12
N SER C 203 17.99 6.82 7.50
CA SER C 203 17.13 6.10 8.42
C SER C 203 17.22 6.73 9.80
N TYR C 204 18.14 7.69 9.95
CA TYR C 204 18.33 8.37 11.22
C TYR C 204 17.29 9.46 11.47
N LEU C 205 16.71 9.98 10.39
CA LEU C 205 15.70 11.05 10.45
C LEU C 205 14.42 10.66 11.19
N LYS C 206 14.30 9.38 11.54
CA LYS C 206 13.15 8.88 12.27
C LYS C 206 13.20 9.42 13.70
N CYS C 207 14.28 10.12 14.00
CA CYS C 207 14.51 10.72 15.31
C CYS C 207 13.61 11.95 15.46
N LEU C 208 13.14 12.46 14.32
CA LEU C 208 12.25 13.62 14.28
C LEU C 208 10.88 13.24 14.83
N THR C 209 10.72 11.94 15.10
CA THR C 209 9.47 11.43 15.64
C THR C 209 9.56 11.37 17.15
N ARG C 210 8.43 11.54 17.82
CA ARG C 210 8.40 11.49 19.28
C ARG C 210 8.66 10.07 19.75
N PHE C 211 8.95 9.18 18.81
CA PHE C 211 9.18 7.78 19.13
C PHE C 211 10.61 7.30 19.10
N PHE C 212 11.53 8.15 18.67
CA PHE C 212 12.93 7.77 18.64
C PHE C 212 13.84 8.98 18.88
N SER C 213 14.87 8.77 19.69
CA SER C 213 15.84 9.82 20.02
C SER C 213 17.22 9.28 19.67
N ARG C 214 17.99 10.05 18.90
CA ARG C 214 19.34 9.63 18.52
C ARG C 214 20.12 9.31 19.80
N SER C 215 19.88 10.10 20.84
CA SER C 215 20.54 9.94 22.13
C SER C 215 20.07 8.74 22.95
N SER C 216 19.14 7.98 22.39
CA SER C 216 18.58 6.82 23.07
C SER C 216 19.45 5.57 23.00
N LYS C 217 19.49 4.84 24.11
CA LYS C 217 20.25 3.62 24.22
C LYS C 217 19.50 2.49 23.50
N SER C 218 18.21 2.71 23.29
CA SER C 218 17.35 1.78 22.58
C SER C 218 17.14 2.38 21.20
N ASP C 219 15.96 2.20 20.63
CA ASP C 219 15.63 2.75 19.32
C ASP C 219 16.52 2.26 18.16
N TYR C 220 17.73 1.81 18.49
CA TYR C 220 18.69 1.32 17.50
C TYR C 220 18.13 0.13 16.71
N ASP C 221 18.39 0.11 15.40
CA ASP C 221 17.94 -0.98 14.55
C ASP C 221 19.13 -1.52 13.75
N SER C 222 20.17 -1.93 14.48
CA SER C 222 21.41 -2.46 13.91
C SER C 222 21.29 -3.83 13.26
N VAL C 223 22.18 -4.10 12.30
CA VAL C 223 22.18 -5.38 11.60
C VAL C 223 22.63 -6.51 12.52
N ILE C 224 21.98 -7.66 12.37
CA ILE C 224 22.25 -8.85 13.18
C ILE C 224 22.66 -10.04 12.32
N SER C 225 22.55 -9.87 11.00
CA SER C 225 22.90 -10.89 10.02
C SER C 225 23.14 -10.21 8.69
N CYS C 226 24.01 -10.80 7.88
CA CYS C 226 24.34 -10.22 6.59
C CYS C 226 24.88 -11.25 5.60
N LYS C 227 24.40 -11.19 4.36
CA LYS C 227 24.83 -12.10 3.32
C LYS C 227 25.08 -11.41 1.98
N LEU C 228 26.27 -11.60 1.42
CA LEU C 228 26.61 -11.00 0.14
C LEU C 228 26.02 -11.83 -0.99
N PHE C 229 25.23 -11.18 -1.85
CA PHE C 229 24.60 -11.86 -2.97
C PHE C 229 25.24 -11.41 -4.27
N HIS C 230 25.35 -12.33 -5.23
CA HIS C 230 25.96 -12.05 -6.52
C HIS C 230 27.07 -11.01 -6.49
N GLU C 231 27.95 -11.13 -5.49
CA GLU C 231 29.09 -10.23 -5.34
C GLU C 231 28.75 -8.74 -5.33
N ARG C 232 27.47 -8.39 -5.47
CA ARG C 232 27.06 -6.99 -5.49
C ARG C 232 26.12 -6.56 -4.36
N TYR C 233 24.95 -7.18 -4.30
CA TYR C 233 23.96 -6.86 -3.29
C TYR C 233 24.31 -7.41 -1.93
N LEU C 234 24.12 -6.59 -0.90
CA LEU C 234 24.41 -6.96 0.47
C LEU C 234 23.15 -7.07 1.31
N ILE C 235 22.52 -8.23 1.31
CA ILE C 235 21.30 -8.46 2.08
C ILE C 235 21.56 -8.38 3.57
N VAL C 236 20.79 -7.57 4.30
CA VAL C 236 20.97 -7.43 5.74
C VAL C 236 19.70 -7.61 6.58
N LEU C 237 19.87 -8.00 7.84
CA LEU C 237 18.75 -8.21 8.76
C LEU C 237 18.93 -7.37 10.02
N THR C 238 17.95 -6.51 10.29
CA THR C 238 18.01 -5.66 11.48
C THR C 238 17.33 -6.33 12.67
N GLN C 239 17.53 -5.73 13.84
CA GLN C 239 16.97 -6.23 15.08
C GLN C 239 15.45 -6.23 15.05
N ASN C 240 14.87 -5.44 14.16
CA ASN C 240 13.42 -5.37 14.04
C ASN C 240 12.98 -6.19 12.83
N CYS C 241 13.87 -7.08 12.41
CA CYS C 241 13.63 -7.98 11.30
C CYS C 241 13.22 -7.29 10.01
N HIS C 242 13.95 -6.24 9.67
CA HIS C 242 13.71 -5.51 8.44
C HIS C 242 14.79 -6.02 7.49
N LEU C 243 14.39 -6.40 6.28
CA LEU C 243 15.37 -6.90 5.31
C LEU C 243 15.81 -5.79 4.36
N LYS C 244 16.76 -4.95 4.78
CA LYS C 244 17.27 -3.87 3.94
C LYS C 244 18.33 -4.41 2.97
N ILE C 245 18.13 -4.23 1.68
CA ILE C 245 19.08 -4.71 0.67
C ILE C 245 19.92 -3.58 0.08
N TRP C 246 21.24 -3.68 0.20
CA TRP C 246 22.14 -2.66 -0.33
C TRP C 246 22.80 -3.04 -1.64
N ASP C 247 22.89 -2.06 -2.54
CA ASP C 247 23.52 -2.27 -3.83
C ASP C 247 24.89 -1.60 -3.70
N LEU C 248 25.95 -2.39 -3.68
CA LEU C 248 27.31 -1.85 -3.53
C LEU C 248 27.87 -1.16 -4.77
N THR C 249 27.07 -1.12 -5.83
CA THR C 249 27.47 -0.42 -7.05
C THR C 249 27.17 1.04 -6.75
N SER C 250 25.94 1.25 -6.29
CA SER C 250 25.43 2.57 -5.94
C SER C 250 25.72 2.94 -4.49
N PHE C 251 25.93 1.95 -3.65
CA PHE C 251 26.15 2.19 -2.23
C PHE C 251 24.85 2.86 -1.78
N THR C 252 23.75 2.40 -2.37
CA THR C 252 22.41 2.92 -2.11
C THR C 252 21.43 1.87 -1.61
N LEU C 253 20.68 2.20 -0.58
CA LEU C 253 19.67 1.27 -0.05
C LEU C 253 18.68 1.05 -1.18
N ILE C 254 18.59 -0.20 -1.66
CA ILE C 254 17.72 -0.54 -2.77
C ILE C 254 16.37 -1.12 -2.35
N GLN C 255 16.32 -1.73 -1.18
CA GLN C 255 15.07 -2.32 -0.70
C GLN C 255 14.94 -2.15 0.80
N ASP C 256 13.73 -2.36 1.31
CA ASP C 256 13.49 -2.26 2.74
C ASP C 256 12.18 -2.94 3.04
N TYR C 257 12.24 -4.25 3.25
CA TYR C 257 11.06 -5.05 3.54
C TYR C 257 10.85 -5.18 5.05
N ASP C 258 9.61 -5.42 5.43
CA ASP C 258 9.23 -5.60 6.83
C ASP C 258 8.80 -7.05 6.97
N MET C 259 9.77 -7.91 7.31
CA MET C 259 9.55 -9.34 7.46
C MET C 259 8.34 -9.75 8.30
N VAL C 260 8.14 -9.05 9.41
CA VAL C 260 7.06 -9.38 10.36
C VAL C 260 5.60 -9.08 10.01
N SER C 261 5.35 -8.05 9.20
CA SER C 261 3.97 -7.72 8.88
C SER C 261 3.19 -8.84 8.20
N GLN C 262 3.88 -9.65 7.39
CA GLN C 262 3.24 -10.74 6.65
C GLN C 262 2.50 -11.81 7.45
N SER C 263 2.97 -12.14 8.64
CA SER C 263 2.27 -13.13 9.45
C SER C 263 1.21 -12.39 10.26
N ASP C 264 0.62 -13.07 11.25
CA ASP C 264 -0.41 -12.46 12.09
C ASP C 264 0.14 -11.23 12.83
N SER C 265 -0.54 -10.10 12.69
CA SER C 265 -0.11 -8.87 13.34
C SER C 265 -0.08 -9.08 14.85
N ASP C 266 1.08 -9.50 15.36
CA ASP C 266 1.25 -9.74 16.79
C ASP C 266 2.00 -8.60 17.47
N PRO C 267 1.30 -7.50 17.80
CA PRO C 267 1.95 -6.37 18.46
C PRO C 267 2.30 -6.77 19.89
N SER C 268 1.61 -7.80 20.38
CA SER C 268 1.82 -8.32 21.73
C SER C 268 3.31 -8.34 22.01
N HIS C 269 4.02 -9.33 21.47
CA HIS C 269 5.46 -9.36 21.66
C HIS C 269 6.28 -10.07 20.59
N PHE C 270 7.04 -9.25 19.87
CA PHE C 270 7.93 -9.68 18.82
C PHE C 270 9.30 -9.36 19.44
N ARG C 271 10.09 -10.40 19.68
CA ARG C 271 11.42 -10.25 20.28
C ARG C 271 12.44 -9.60 19.35
N LYS C 272 12.60 -8.28 19.45
CA LYS C 272 13.58 -7.61 18.60
C LYS C 272 14.92 -8.26 18.92
N VAL C 273 15.45 -9.00 17.96
CA VAL C 273 16.72 -9.70 18.14
C VAL C 273 17.70 -8.80 18.88
N GLU C 274 18.08 -9.23 20.07
CA GLU C 274 18.97 -8.47 20.92
C GLU C 274 20.44 -8.86 20.86
N ALA C 275 20.87 -9.42 19.73
CA ALA C 275 22.28 -9.82 19.57
C ALA C 275 22.56 -10.41 18.18
N VAL C 276 23.73 -10.09 17.62
CA VAL C 276 24.12 -10.58 16.31
C VAL C 276 24.17 -12.12 16.36
N GLY C 277 23.58 -12.76 15.36
CA GLY C 277 23.56 -14.21 15.30
C GLY C 277 23.35 -14.75 13.88
N GLU C 278 23.13 -16.06 13.76
CA GLU C 278 22.94 -16.67 12.45
C GLU C 278 21.45 -16.79 12.14
N TYR C 279 20.85 -15.69 11.71
CA TYR C 279 19.43 -15.65 11.41
C TYR C 279 19.05 -15.84 9.96
N LEU C 280 20.04 -16.06 9.11
CA LEU C 280 19.73 -16.29 7.71
C LEU C 280 20.91 -16.83 6.92
N SER C 281 20.62 -17.56 5.85
CA SER C 281 21.64 -18.11 4.98
C SER C 281 20.97 -18.40 3.65
N LEU C 282 21.69 -18.23 2.56
CA LEU C 282 21.12 -18.46 1.25
C LEU C 282 21.88 -19.47 0.42
N TYR C 283 21.13 -20.22 -0.37
CA TYR C 283 21.74 -21.21 -1.25
C TYR C 283 21.96 -20.50 -2.57
N ASN C 284 21.13 -20.80 -3.57
CA ASN C 284 21.26 -20.14 -4.86
C ASN C 284 20.64 -18.76 -4.80
N ASN C 285 19.36 -18.69 -5.17
CA ASN C 285 18.62 -17.45 -5.15
C ASN C 285 17.50 -17.58 -4.13
N THR C 286 17.58 -18.61 -3.29
CA THR C 286 16.58 -18.81 -2.26
C THR C 286 17.19 -18.27 -0.97
N LEU C 287 16.36 -17.77 -0.07
CA LEU C 287 16.87 -17.24 1.18
C LEU C 287 15.86 -17.50 2.29
N VAL C 288 16.37 -18.00 3.42
CA VAL C 288 15.51 -18.27 4.58
C VAL C 288 15.91 -17.32 5.71
N THR C 289 14.95 -16.98 6.55
CA THR C 289 15.21 -16.07 7.65
C THR C 289 14.56 -16.56 8.94
N LEU C 290 15.24 -16.36 10.06
CA LEU C 290 14.69 -16.81 11.33
C LEU C 290 14.07 -15.68 12.14
N LEU C 291 12.74 -15.62 12.13
CA LEU C 291 12.01 -14.59 12.87
C LEU C 291 11.55 -15.10 14.23
N PRO C 292 11.59 -14.23 15.26
CA PRO C 292 11.20 -14.50 16.65
C PRO C 292 9.70 -14.50 16.95
N LEU C 293 9.12 -15.70 17.08
CA LEU C 293 7.70 -15.88 17.40
C LEU C 293 7.62 -17.13 18.27
N GLU C 294 8.27 -17.04 19.43
CA GLU C 294 8.38 -18.13 20.39
C GLU C 294 9.57 -18.91 19.86
N ASN C 295 10.35 -18.21 19.03
CA ASN C 295 11.52 -18.76 18.37
C ASN C 295 10.97 -19.87 17.47
N GLY C 296 10.14 -19.47 16.51
CA GLY C 296 9.54 -20.46 15.63
C GLY C 296 9.25 -20.08 14.19
N LEU C 297 9.93 -19.09 13.63
CA LEU C 297 9.62 -18.76 12.24
C LEU C 297 10.79 -18.76 11.27
N PHE C 298 10.64 -19.56 10.22
CA PHE C 298 11.65 -19.70 9.17
C PHE C 298 11.08 -19.23 7.84
N GLN C 299 11.15 -17.93 7.59
CA GLN C 299 10.62 -17.40 6.33
C GLN C 299 11.61 -17.59 5.20
N MET C 300 11.10 -18.01 4.06
CA MET C 300 11.94 -18.25 2.91
C MET C 300 11.29 -17.84 1.59
N GLY C 301 11.80 -16.77 1.00
CA GLY C 301 11.28 -16.30 -0.27
C GLY C 301 12.38 -16.53 -1.28
N THR C 302 12.44 -15.70 -2.31
CA THR C 302 13.49 -15.86 -3.33
C THR C 302 13.93 -14.50 -3.87
N LEU C 303 15.21 -14.35 -4.15
CA LEU C 303 15.74 -13.11 -4.70
C LEU C 303 15.55 -13.25 -6.20
N LEU C 304 15.37 -12.14 -6.93
CA LEU C 304 15.17 -12.24 -8.37
C LEU C 304 15.29 -10.94 -9.17
N VAL C 305 16.17 -10.99 -10.18
CA VAL C 305 16.46 -9.88 -11.11
C VAL C 305 17.63 -10.29 -12.00
N LEU C 311 16.74 -5.76 -8.28
CA LEU C 311 16.80 -6.80 -7.26
C LEU C 311 15.50 -6.86 -6.46
N THR C 312 14.92 -8.04 -6.36
CA THR C 312 13.66 -8.20 -5.64
C THR C 312 13.55 -9.44 -4.76
N TYR C 313 13.09 -9.26 -3.53
CA TYR C 313 12.90 -10.38 -2.60
C TYR C 313 11.41 -10.64 -2.57
N THR C 314 11.03 -11.89 -2.78
CA THR C 314 9.62 -12.21 -2.80
C THR C 314 9.19 -13.41 -1.97
N PHE C 315 8.36 -13.11 -0.97
CA PHE C 315 7.79 -14.07 -0.04
C PHE C 315 7.38 -15.37 -0.68
N GLN C 316 7.26 -16.42 0.13
CA GLN C 316 6.85 -17.74 -0.34
C GLN C 316 6.01 -18.45 0.70
N ASN C 317 6.44 -18.36 1.96
CA ASN C 317 5.73 -18.96 3.07
C ASN C 317 6.54 -18.91 4.36
N ASN C 318 5.84 -19.00 5.47
CA ASN C 318 6.48 -18.98 6.77
C ASN C 318 6.39 -20.36 7.38
N ILE C 319 7.53 -21.02 7.55
CA ILE C 319 7.57 -22.35 8.13
C ILE C 319 7.88 -22.28 9.60
N PRO C 320 6.90 -22.66 10.44
CA PRO C 320 7.13 -22.62 11.87
C PRO C 320 8.12 -23.70 12.23
N THR C 321 8.48 -23.74 13.51
CA THR C 321 9.42 -24.73 14.00
C THR C 321 8.66 -25.66 14.92
N ASN C 322 9.11 -26.91 15.02
CA ASN C 322 8.45 -27.85 15.89
C ASN C 322 9.28 -28.00 17.16
N LEU C 323 9.20 -27.00 18.02
CA LEU C 323 9.94 -27.02 19.28
C LEU C 323 8.96 -26.84 20.43
N SER C 324 9.23 -27.50 21.54
CA SER C 324 8.36 -27.42 22.72
C SER C 324 9.15 -27.32 24.01
N ALA C 325 8.51 -27.68 25.13
CA ALA C 325 9.13 -27.62 26.45
C ALA C 325 9.36 -26.13 26.76
N SER C 326 8.47 -25.30 26.20
CA SER C 326 8.48 -23.84 26.33
C SER C 326 9.11 -23.18 25.09
N ALA C 327 9.90 -23.97 24.36
CA ALA C 327 10.61 -23.53 23.15
C ALA C 327 11.81 -22.67 23.55
N ILE C 328 12.68 -23.21 24.41
CA ILE C 328 13.86 -22.49 24.90
C ILE C 328 15.17 -22.85 24.22
N TRP C 329 15.15 -22.91 22.90
CA TRP C 329 16.35 -23.21 22.14
C TRP C 329 16.83 -21.97 21.44
N SER C 330 18.13 -21.88 21.25
CA SER C 330 18.73 -20.74 20.57
C SER C 330 19.38 -21.26 19.31
N ILE C 331 19.24 -20.51 18.22
CA ILE C 331 19.84 -20.92 16.96
C ILE C 331 21.36 -20.79 17.13
N VAL C 332 22.10 -21.79 16.70
CA VAL C 332 23.57 -21.78 16.81
C VAL C 332 24.15 -21.46 15.43
N ASP C 333 23.59 -22.12 14.43
CA ASP C 333 24.01 -21.94 13.04
C ASP C 333 23.02 -22.72 12.20
N LEU C 334 22.75 -22.21 11.00
CA LEU C 334 21.84 -22.86 10.09
C LEU C 334 22.53 -22.84 8.74
N VAL C 335 22.21 -23.80 7.89
CA VAL C 335 22.84 -23.86 6.59
C VAL C 335 21.87 -24.45 5.56
N LEU C 336 21.47 -23.61 4.62
CA LEU C 336 20.56 -24.01 3.55
C LEU C 336 21.42 -24.58 2.43
N THR C 337 21.05 -25.77 1.93
CA THR C 337 21.86 -26.38 0.88
C THR C 337 21.11 -27.41 0.04
N ARG C 338 21.82 -27.95 -0.95
CA ARG C 338 21.28 -28.97 -1.84
C ARG C 338 20.69 -30.08 -0.98
N PRO C 339 19.67 -30.76 -1.49
CA PRO C 339 19.04 -31.84 -0.71
C PRO C 339 20.02 -32.92 -0.28
N LEU C 340 19.55 -33.78 0.63
CA LEU C 340 20.34 -34.88 1.16
C LEU C 340 19.70 -36.16 0.66
N GLU C 341 20.08 -37.29 1.25
CA GLU C 341 19.51 -38.57 0.86
C GLU C 341 18.63 -39.13 1.98
N LEU C 342 17.67 -38.33 2.41
CA LEU C 342 16.75 -38.71 3.47
C LEU C 342 15.78 -39.82 3.05
N ASN C 343 14.92 -40.20 3.98
CA ASN C 343 13.94 -41.27 3.76
C ASN C 343 12.77 -40.88 2.86
N VAL C 344 12.78 -39.67 2.33
CA VAL C 344 11.72 -39.20 1.44
C VAL C 344 12.33 -38.59 0.18
N GLU C 345 12.01 -39.18 -0.98
CA GLU C 345 12.52 -38.70 -2.27
C GLU C 345 12.01 -37.31 -2.63
N ALA C 346 10.78 -37.02 -2.20
CA ALA C 346 10.14 -35.72 -2.43
C ALA C 346 10.97 -34.64 -1.72
N SER C 347 12.02 -34.18 -2.40
CA SER C 347 12.91 -33.16 -1.84
C SER C 347 13.40 -32.18 -2.91
N TYR C 348 13.56 -30.92 -2.50
CA TYR C 348 14.03 -29.85 -3.38
C TYR C 348 15.22 -29.16 -2.73
N LEU C 349 15.06 -28.79 -1.47
CA LEU C 349 16.11 -28.12 -0.69
C LEU C 349 16.16 -28.69 0.72
N ASN C 350 17.27 -28.42 1.40
CA ASN C 350 17.47 -28.88 2.77
C ASN C 350 18.07 -27.78 3.64
N LEU C 351 17.48 -27.62 4.83
CA LEU C 351 17.95 -26.61 5.76
C LEU C 351 18.45 -27.34 7.00
N ILE C 352 19.74 -27.28 7.24
CA ILE C 352 20.31 -27.93 8.42
C ILE C 352 20.29 -26.89 9.54
N VAL C 353 19.63 -27.25 10.65
CA VAL C 353 19.49 -26.30 11.75
C VAL C 353 20.06 -26.81 13.05
N LEU C 354 20.89 -25.99 13.69
CA LEU C 354 21.50 -26.37 14.94
C LEU C 354 21.02 -25.43 16.05
N TRP C 355 20.33 -26.00 17.03
CA TRP C 355 19.82 -25.22 18.15
C TRP C 355 20.65 -25.63 19.35
N LYS C 356 20.56 -24.82 20.40
CA LYS C 356 21.27 -25.10 21.64
C LYS C 356 20.46 -24.60 22.82
N SER C 357 20.58 -25.28 23.95
CA SER C 357 19.90 -24.87 25.16
C SER C 357 20.82 -25.29 26.27
N GLY C 358 21.79 -24.42 26.56
CA GLY C 358 22.76 -24.73 27.58
C GLY C 358 23.79 -25.54 26.83
N THR C 359 24.25 -26.64 27.41
CA THR C 359 25.25 -27.46 26.75
C THR C 359 24.61 -28.62 26.00
N ALA C 360 23.28 -28.60 25.94
CA ALA C 360 22.52 -29.63 25.22
C ALA C 360 22.30 -29.07 23.82
N SER C 361 22.29 -29.92 22.80
CA SER C 361 22.10 -29.43 21.44
C SER C 361 20.99 -30.16 20.69
N LYS C 362 20.55 -29.55 19.60
CA LYS C 362 19.50 -30.14 18.81
C LYS C 362 19.80 -29.89 17.35
N LEU C 363 19.86 -30.95 16.56
CA LEU C 363 20.14 -30.77 15.15
C LEU C 363 18.97 -31.32 14.36
N GLN C 364 18.48 -30.52 13.43
CA GLN C 364 17.35 -30.93 12.62
C GLN C 364 17.70 -30.58 11.20
N ILE C 365 16.89 -31.10 10.29
CA ILE C 365 17.05 -30.83 8.87
C ILE C 365 15.64 -30.55 8.36
N LEU C 366 15.42 -29.38 7.78
CA LEU C 366 14.11 -29.04 7.25
C LEU C 366 14.16 -29.45 5.78
N ASN C 367 13.29 -30.37 5.40
CA ASN C 367 13.25 -30.85 4.04
C ASN C 367 12.03 -30.27 3.35
N VAL C 368 12.28 -29.45 2.33
CA VAL C 368 11.23 -28.83 1.53
C VAL C 368 11.03 -29.68 0.28
N ASN C 369 9.81 -30.18 0.10
CA ASN C 369 9.50 -31.05 -1.03
C ASN C 369 9.54 -30.42 -2.42
N ASP C 370 8.58 -29.55 -2.70
CA ASP C 370 8.45 -28.89 -3.99
C ASP C 370 9.02 -27.47 -3.97
N GLU C 371 9.03 -26.81 -5.13
CA GLU C 371 9.54 -25.45 -5.24
C GLU C 371 8.62 -24.45 -4.55
N SER C 372 7.50 -24.97 -4.06
CA SER C 372 6.53 -24.19 -3.33
C SER C 372 6.91 -24.42 -1.87
N PHE C 373 7.36 -23.37 -1.19
CA PHE C 373 7.77 -23.56 0.19
C PHE C 373 6.57 -23.77 1.12
N LYS C 374 5.63 -24.59 0.69
CA LYS C 374 4.45 -24.87 1.47
C LYS C 374 4.36 -26.32 1.91
N ASN C 375 5.03 -27.21 1.20
CA ASN C 375 5.05 -28.63 1.57
C ASN C 375 6.44 -29.03 2.03
N TYR C 376 6.55 -29.37 3.31
CA TYR C 376 7.84 -29.73 3.90
C TYR C 376 7.69 -30.73 5.04
N GLU C 377 8.82 -31.19 5.59
CA GLU C 377 8.81 -32.13 6.70
C GLU C 377 10.05 -31.95 7.60
N TRP C 378 9.85 -31.95 8.91
CA TRP C 378 10.95 -31.79 9.86
C TRP C 378 11.63 -33.10 10.25
N ILE C 379 12.91 -33.25 9.93
CA ILE C 379 13.64 -34.46 10.25
C ILE C 379 14.57 -34.26 11.45
N GLU C 380 14.32 -35.03 12.50
CA GLU C 380 15.11 -34.91 13.72
C GLU C 380 16.24 -35.92 13.80
N SER C 381 17.06 -35.82 14.85
CA SER C 381 18.16 -36.75 14.98
C SER C 381 18.51 -36.96 16.45
N VAL C 382 19.27 -38.00 16.74
CA VAL C 382 19.67 -38.32 18.11
C VAL C 382 20.71 -37.30 18.55
N ASN C 383 20.56 -36.74 19.75
CA ASN C 383 21.49 -35.72 20.16
C ASN C 383 22.47 -36.07 21.23
N LYS C 384 22.62 -37.36 21.44
CA LYS C 384 23.59 -37.88 22.38
C LYS C 384 24.14 -39.07 21.62
N SER C 385 25.41 -39.39 21.80
CA SER C 385 26.04 -40.53 21.11
C SER C 385 25.62 -41.82 21.80
N LEU C 386 25.71 -42.93 21.07
CA LEU C 386 25.35 -44.21 21.64
C LEU C 386 26.20 -44.45 22.87
N VAL C 387 27.50 -44.20 22.79
CA VAL C 387 28.32 -44.43 23.96
C VAL C 387 27.77 -43.62 25.15
N ASP C 388 27.30 -42.40 24.89
CA ASP C 388 26.72 -41.56 25.96
C ASP C 388 25.39 -42.09 26.45
N LEU C 389 24.49 -42.45 25.53
CA LEU C 389 23.18 -42.98 25.92
C LEU C 389 23.29 -44.30 26.70
N GLN C 390 24.20 -45.18 26.31
CA GLN C 390 24.34 -46.45 27.02
C GLN C 390 24.82 -46.20 28.43
N SER C 391 25.71 -45.23 28.59
CA SER C 391 26.22 -44.94 29.92
C SER C 391 25.13 -44.35 30.78
N GLU C 392 24.37 -43.42 30.22
CA GLU C 392 23.29 -42.78 30.93
C GLU C 392 22.22 -43.77 31.35
N HIS C 393 21.74 -44.54 30.39
CA HIS C 393 20.66 -45.51 30.64
C HIS C 393 21.08 -46.90 31.11
N ASP C 394 22.29 -47.03 31.64
CA ASP C 394 22.81 -48.31 32.09
C ASP C 394 22.42 -49.41 31.09
N LEU C 395 22.85 -49.25 29.85
CA LEU C 395 22.53 -50.21 28.80
C LEU C 395 23.77 -50.93 28.29
N ASP C 396 24.90 -50.68 28.93
CA ASP C 396 26.17 -51.28 28.54
C ASP C 396 26.45 -52.61 29.24
N ILE C 397 26.52 -53.69 28.47
CA ILE C 397 26.74 -55.04 28.97
C ILE C 397 28.16 -55.50 28.74
N VAL C 398 28.85 -54.83 27.84
CA VAL C 398 30.20 -55.24 27.50
C VAL C 398 31.32 -54.82 28.46
N THR C 399 31.41 -53.53 28.79
CA THR C 399 32.46 -53.04 29.69
C THR C 399 32.68 -53.92 30.93
N LYS C 400 33.93 -54.35 31.14
CA LYS C 400 34.27 -55.21 32.28
C LYS C 400 33.99 -54.54 33.62
N THR C 401 33.49 -55.32 34.57
CA THR C 401 33.19 -54.81 35.89
C THR C 401 34.20 -55.28 36.92
N GLY C 402 33.95 -54.91 38.18
CA GLY C 402 34.83 -55.32 39.25
C GLY C 402 35.63 -54.24 39.94
N ASP C 403 36.94 -54.48 39.98
CA ASP C 403 37.91 -53.62 40.61
C ASP C 403 37.65 -52.12 40.45
N VAL C 404 38.30 -51.33 41.31
CA VAL C 404 38.18 -49.88 41.29
C VAL C 404 39.12 -49.27 40.24
N GLU C 405 40.26 -49.93 40.03
CA GLU C 405 41.23 -49.48 39.03
C GLU C 405 40.74 -49.94 37.66
N ARG C 406 39.90 -50.97 37.67
CA ARG C 406 39.30 -51.51 36.46
C ARG C 406 38.35 -50.41 35.98
N GLY C 407 37.65 -49.79 36.93
CA GLY C 407 36.73 -48.72 36.62
C GLY C 407 37.47 -47.45 36.24
N PHE C 408 38.76 -47.43 36.55
CA PHE C 408 39.60 -46.29 36.22
C PHE C 408 40.04 -46.42 34.78
N CYS C 409 40.43 -47.63 34.40
CA CYS C 409 40.86 -47.92 33.03
C CYS C 409 39.67 -47.77 32.11
N ASN C 410 38.51 -48.19 32.58
CA ASN C 410 37.30 -48.08 31.79
C ASN C 410 37.04 -46.63 31.40
N LEU C 411 36.99 -45.75 32.40
CA LEU C 411 36.73 -44.34 32.18
C LEU C 411 37.82 -43.64 31.38
N LYS C 412 39.06 -43.91 31.76
CA LYS C 412 40.21 -43.31 31.10
C LYS C 412 40.16 -43.65 29.61
N SER C 413 39.97 -44.93 29.33
CA SER C 413 39.85 -45.43 27.96
C SER C 413 38.62 -44.83 27.28
N ARG C 414 37.51 -44.81 28.00
CA ARG C 414 36.28 -44.28 27.45
C ARG C 414 36.32 -42.81 27.07
N TYR C 415 36.92 -42.00 27.94
CA TYR C 415 36.94 -40.57 27.75
C TYR C 415 38.09 -39.94 26.99
N GLY C 416 39.26 -40.54 27.09
CA GLY C 416 40.39 -39.96 26.38
C GLY C 416 41.15 -39.08 27.34
N THR C 417 42.45 -39.00 27.16
CA THR C 417 43.31 -38.22 28.04
C THR C 417 42.98 -36.75 28.21
N GLN C 418 42.64 -36.04 27.15
CA GLN C 418 42.33 -34.62 27.30
C GLN C 418 41.25 -34.38 28.36
N ILE C 419 40.15 -35.15 28.27
CA ILE C 419 39.05 -35.02 29.19
C ILE C 419 39.38 -35.61 30.57
N PHE C 420 39.90 -36.82 30.59
CA PHE C 420 40.20 -37.45 31.86
C PHE C 420 41.06 -36.56 32.74
N GLU C 421 42.14 -36.05 32.18
CA GLU C 421 43.04 -35.20 32.93
C GLU C 421 42.41 -33.88 33.33
N ARG C 422 41.47 -33.38 32.53
CA ARG C 422 40.79 -32.14 32.87
C ARG C 422 39.84 -32.36 34.03
N ALA C 423 39.36 -33.60 34.16
CA ALA C 423 38.44 -33.95 35.23
C ALA C 423 39.25 -34.20 36.51
N GLN C 424 40.44 -34.75 36.39
CA GLN C 424 41.23 -34.97 37.58
C GLN C 424 41.80 -33.64 38.07
N GLN C 425 41.74 -32.63 37.21
CA GLN C 425 42.21 -31.30 37.56
C GLN C 425 41.11 -30.69 38.44
N ILE C 426 39.90 -30.65 37.89
CA ILE C 426 38.75 -30.11 38.59
C ILE C 426 38.51 -30.82 39.91
N LEU C 427 39.07 -32.02 40.08
CA LEU C 427 38.88 -32.77 41.33
C LEU C 427 39.75 -32.23 42.44
N SER C 428 41.05 -32.13 42.18
CA SER C 428 41.99 -31.62 43.17
C SER C 428 41.69 -30.15 43.51
N GLU C 429 41.37 -29.37 42.48
CA GLU C 429 41.06 -27.96 42.64
C GLU C 429 39.91 -27.80 43.62
N ASN C 430 39.08 -28.83 43.70
CA ASN C 430 37.94 -28.82 44.60
C ASN C 430 38.24 -29.68 45.83
N LYS C 431 39.52 -29.97 46.04
CA LYS C 431 39.98 -30.76 47.19
C LYS C 431 39.47 -32.18 47.30
N ILE C 432 39.06 -32.74 46.16
CA ILE C 432 38.56 -34.10 46.10
C ILE C 432 39.73 -35.00 45.73
N ILE C 433 40.39 -35.55 46.74
CA ILE C 433 41.54 -36.42 46.51
C ILE C 433 41.32 -37.88 46.88
N MET C 434 41.87 -38.75 46.06
CA MET C 434 41.76 -40.20 46.23
C MET C 434 42.39 -40.70 47.52
N ALA C 435 41.56 -41.23 48.42
CA ALA C 435 42.02 -41.76 49.71
C ALA C 435 43.01 -42.93 49.54
N HIS C 436 42.55 -44.01 48.93
CA HIS C 436 43.40 -45.17 48.70
C HIS C 436 43.01 -45.80 47.37
N ASN C 437 43.64 -46.93 47.07
CA ASN C 437 43.38 -47.66 45.82
C ASN C 437 41.91 -47.98 45.56
N GLU C 438 41.14 -48.21 46.62
CA GLU C 438 39.74 -48.57 46.45
C GLU C 438 38.71 -47.53 46.89
N ASP C 439 39.10 -46.26 46.83
CA ASP C 439 38.20 -45.19 47.23
C ASP C 439 37.04 -45.07 46.24
N GLU C 440 36.10 -46.01 46.32
CA GLU C 440 34.95 -45.99 45.43
C GLU C 440 34.23 -44.65 45.45
N GLU C 441 34.20 -44.06 46.64
CA GLU C 441 33.56 -42.76 46.89
C GLU C 441 34.10 -41.72 45.89
N TYR C 442 35.37 -41.88 45.55
CA TYR C 442 36.10 -41.04 44.62
C TYR C 442 35.60 -41.31 43.21
N LEU C 443 35.93 -42.49 42.70
CA LEU C 443 35.53 -42.90 41.37
C LEU C 443 34.14 -42.41 41.07
N ALA C 444 33.26 -42.49 42.06
CA ALA C 444 31.90 -42.04 41.87
C ALA C 444 31.88 -40.57 41.44
N ASN C 445 32.86 -39.81 41.92
CA ASN C 445 32.93 -38.40 41.56
C ASN C 445 33.42 -38.23 40.13
N LEU C 446 34.53 -38.90 39.83
CA LEU C 446 35.13 -38.87 38.50
C LEU C 446 34.07 -39.07 37.44
N GLU C 447 33.18 -40.04 37.68
CA GLU C 447 32.11 -40.34 36.74
C GLU C 447 31.40 -39.07 36.31
N THR C 448 30.87 -38.37 37.30
CA THR C 448 30.11 -37.16 37.08
C THR C 448 30.89 -36.04 36.45
N ILE C 449 32.13 -35.84 36.90
CA ILE C 449 32.93 -34.78 36.33
C ILE C 449 33.24 -35.08 34.87
N LEU C 450 33.78 -36.27 34.60
CA LEU C 450 34.08 -36.69 33.24
C LEU C 450 32.87 -36.40 32.38
N ARG C 451 31.72 -36.91 32.80
CA ARG C 451 30.49 -36.68 32.06
C ARG C 451 30.28 -35.18 31.79
N ASP C 452 30.44 -34.36 32.82
CA ASP C 452 30.26 -32.91 32.67
C ASP C 452 31.33 -32.24 31.82
N VAL C 453 32.59 -32.59 32.06
CA VAL C 453 33.65 -32.01 31.26
C VAL C 453 33.38 -32.34 29.79
N LYS C 454 33.04 -33.59 29.50
CA LYS C 454 32.74 -33.97 28.13
C LYS C 454 31.61 -33.04 27.64
N THR C 455 30.51 -33.01 28.37
CA THR C 455 29.38 -32.18 27.97
C THR C 455 29.82 -30.74 27.72
N ALA C 456 30.72 -30.23 28.56
CA ALA C 456 31.22 -28.87 28.40
C ALA C 456 32.02 -28.80 27.10
N PHE C 457 33.07 -29.63 27.01
CA PHE C 457 33.92 -29.71 25.83
C PHE C 457 33.08 -29.78 24.58
N ASN C 458 31.94 -30.46 24.68
CA ASN C 458 31.06 -30.63 23.55
C ASN C 458 30.02 -29.56 23.27
N GLU C 459 30.04 -28.43 23.95
CA GLU C 459 29.03 -27.42 23.63
C GLU C 459 29.09 -27.06 22.14
N ALA C 460 27.93 -27.05 21.47
CA ALA C 460 27.84 -26.74 20.04
C ALA C 460 28.18 -25.29 19.71
N SER C 461 28.91 -25.10 18.60
CA SER C 461 29.34 -23.77 18.16
C SER C 461 28.99 -23.39 16.71
N SER C 462 29.13 -24.33 15.76
CA SER C 462 28.81 -24.02 14.36
C SER C 462 28.69 -25.27 13.54
N ILE C 463 28.25 -25.11 12.31
CA ILE C 463 28.13 -26.26 11.40
C ILE C 463 29.19 -26.14 10.32
N THR C 464 29.70 -27.28 9.89
CA THR C 464 30.68 -27.31 8.82
C THR C 464 30.18 -28.42 7.95
N LEU C 465 30.01 -28.17 6.66
CA LEU C 465 29.56 -29.21 5.76
C LEU C 465 30.80 -29.88 5.21
N TYR C 466 31.29 -30.89 5.92
CA TYR C 466 32.48 -31.65 5.51
C TYR C 466 32.12 -32.32 4.18
N GLY C 467 33.01 -32.21 3.20
CA GLY C 467 32.72 -32.83 1.92
C GLY C 467 31.58 -32.16 1.17
N ASP C 468 30.73 -32.96 0.55
CA ASP C 468 29.60 -32.42 -0.18
C ASP C 468 28.34 -32.32 0.67
N GLU C 469 28.19 -33.26 1.60
CA GLU C 469 26.99 -33.29 2.41
C GLU C 469 27.13 -33.75 3.85
N ILE C 470 28.34 -33.97 4.33
CA ILE C 470 28.49 -34.43 5.71
C ILE C 470 28.25 -33.35 6.75
N ILE C 471 27.20 -33.52 7.55
CA ILE C 471 26.89 -32.56 8.57
C ILE C 471 27.89 -32.73 9.70
N LEU C 472 28.54 -31.64 10.08
CA LEU C 472 29.54 -31.73 11.13
C LEU C 472 29.34 -30.57 12.07
N VAL C 473 29.58 -30.79 13.35
CA VAL C 473 29.43 -29.72 14.32
C VAL C 473 30.75 -29.52 15.02
N ASN C 474 31.14 -28.26 15.16
CA ASN C 474 32.40 -27.90 15.80
C ASN C 474 32.12 -27.45 17.22
N CYS C 475 32.81 -28.02 18.19
CA CYS C 475 32.59 -27.73 19.60
C CYS C 475 33.40 -26.63 20.25
N PHE C 476 32.98 -26.26 21.46
CA PHE C 476 33.68 -25.21 22.19
C PHE C 476 35.11 -25.60 22.51
N GLN C 477 35.32 -26.83 22.97
CA GLN C 477 36.67 -27.28 23.30
C GLN C 477 37.44 -27.76 22.07
N PRO C 478 38.64 -27.19 21.84
CA PRO C 478 39.45 -27.59 20.68
C PRO C 478 39.76 -29.09 20.64
N TYR C 479 39.71 -29.65 19.42
CA TYR C 479 39.97 -31.07 19.14
C TYR C 479 38.74 -31.94 19.39
N ASN C 480 37.59 -31.31 19.54
CA ASN C 480 36.35 -32.02 19.77
C ASN C 480 35.37 -31.63 18.70
N HIS C 481 34.87 -32.60 17.96
CA HIS C 481 33.92 -32.29 16.92
C HIS C 481 32.85 -33.37 17.01
N SER C 482 31.73 -33.15 16.34
CA SER C 482 30.66 -34.13 16.35
C SER C 482 30.07 -34.34 14.99
N LEU C 483 30.21 -35.54 14.45
CA LEU C 483 29.64 -35.82 13.15
C LEU C 483 28.24 -36.40 13.31
N TYR C 484 27.31 -35.88 12.54
CA TYR C 484 25.95 -36.35 12.57
C TYR C 484 25.78 -37.24 11.37
N LYS C 485 25.72 -38.54 11.61
CA LYS C 485 25.63 -39.53 10.56
C LYS C 485 24.24 -40.08 10.21
N LEU C 486 23.96 -40.10 8.91
CA LEU C 486 22.72 -40.62 8.37
C LEU C 486 22.65 -42.08 8.84
N ASN C 487 21.51 -42.49 9.40
CA ASN C 487 21.34 -43.86 9.89
C ASN C 487 21.01 -44.88 8.81
N THR C 488 21.54 -46.08 8.97
CA THR C 488 21.27 -47.17 8.04
C THR C 488 19.92 -47.71 8.47
N THR C 489 19.37 -48.67 7.73
CA THR C 489 18.07 -49.21 8.10
C THR C 489 18.04 -49.69 9.56
N VAL C 490 18.89 -50.68 9.86
CA VAL C 490 18.95 -51.26 11.19
C VAL C 490 19.11 -50.24 12.29
N GLU C 491 19.92 -49.23 12.03
CA GLU C 491 20.16 -48.19 13.02
C GLU C 491 18.85 -47.46 13.32
N ASN C 492 18.12 -47.13 12.27
CA ASN C 492 16.84 -46.46 12.42
C ASN C 492 15.89 -47.23 13.31
N TRP C 493 15.86 -48.55 13.18
CA TRP C 493 14.97 -49.34 14.00
C TRP C 493 15.41 -49.22 15.42
N PHE C 494 16.72 -49.28 15.61
CA PHE C 494 17.29 -49.21 16.94
C PHE C 494 16.92 -47.91 17.64
N TYR C 495 17.15 -46.79 16.95
CA TYR C 495 16.89 -45.47 17.48
C TYR C 495 15.44 -45.02 17.47
N ASN C 496 14.54 -45.90 17.07
CA ASN C 496 13.14 -45.54 17.02
C ASN C 496 12.19 -46.66 17.41
N MET C 497 12.63 -47.50 18.33
CA MET C 497 11.79 -48.60 18.82
C MET C 497 10.47 -48.05 19.36
N HIS C 498 10.58 -47.05 20.24
CA HIS C 498 9.40 -46.46 20.86
C HIS C 498 8.81 -45.33 20.02
N SER C 499 8.58 -45.59 18.73
CA SER C 499 8.02 -44.53 17.89
C SER C 499 7.45 -45.00 16.56
N GLU C 500 8.27 -45.64 15.73
CA GLU C 500 7.80 -46.11 14.43
C GLU C 500 6.36 -46.58 14.54
N THR C 501 5.43 -45.72 14.14
CA THR C 501 4.01 -46.04 14.17
C THR C 501 3.81 -47.29 13.32
N ASP C 502 4.34 -47.22 12.10
CA ASP C 502 4.27 -48.30 11.13
C ASP C 502 5.50 -49.21 11.24
N GLY C 503 6.24 -49.34 10.14
CA GLY C 503 7.42 -50.17 10.15
C GLY C 503 7.14 -51.54 9.55
N SER C 504 8.21 -52.15 9.01
CA SER C 504 8.14 -53.47 8.39
C SER C 504 7.95 -54.59 9.41
N GLU C 505 7.83 -55.81 8.90
CA GLU C 505 7.65 -56.96 9.77
C GLU C 505 8.85 -57.11 10.68
N LEU C 506 10.04 -57.01 10.09
CA LEU C 506 11.29 -57.12 10.83
C LEU C 506 11.36 -56.07 11.92
N PHE C 507 10.89 -54.86 11.63
CA PHE C 507 10.91 -53.83 12.63
C PHE C 507 10.04 -54.24 13.80
N LYS C 508 8.80 -54.64 13.49
CA LYS C 508 7.84 -55.06 14.51
C LYS C 508 8.36 -56.27 15.27
N TYR C 509 9.05 -57.17 14.56
CA TYR C 509 9.62 -58.36 15.18
C TYR C 509 10.71 -57.95 16.18
N LEU C 510 11.62 -57.08 15.74
CA LEU C 510 12.69 -56.64 16.63
C LEU C 510 12.12 -55.90 17.85
N ARG C 511 11.14 -55.03 17.61
CA ARG C 511 10.54 -54.28 18.69
C ARG C 511 9.96 -55.17 19.78
N THR C 512 9.25 -56.23 19.39
CA THR C 512 8.66 -57.08 20.39
C THR C 512 9.72 -57.93 21.06
N LEU C 513 10.84 -58.15 20.37
CA LEU C 513 11.94 -58.90 20.96
C LEU C 513 12.58 -58.01 22.02
N ASN C 514 12.70 -56.73 21.70
CA ASN C 514 13.27 -55.77 22.63
C ASN C 514 12.30 -55.59 23.80
N GLY C 515 11.01 -55.57 23.48
CA GLY C 515 9.98 -55.43 24.48
C GLY C 515 10.23 -56.39 25.63
N PHE C 516 10.56 -57.65 25.33
CA PHE C 516 10.81 -58.61 26.40
C PHE C 516 12.18 -58.54 27.04
N ALA C 517 13.21 -58.41 26.21
CA ALA C 517 14.59 -58.35 26.71
C ALA C 517 14.84 -57.13 27.59
N SER C 518 14.11 -56.05 27.33
CA SER C 518 14.33 -54.84 28.11
C SER C 518 13.88 -55.02 29.56
N THR C 519 13.01 -55.99 29.83
CA THR C 519 12.54 -56.21 31.19
C THR C 519 13.49 -56.99 32.07
N LEU C 520 14.50 -57.59 31.45
CA LEU C 520 15.52 -58.36 32.17
C LEU C 520 16.51 -57.33 32.73
N SER C 521 17.48 -57.76 33.53
CA SER C 521 18.46 -56.83 34.09
C SER C 521 19.83 -57.06 33.45
N ASN C 522 20.72 -56.09 33.62
CA ASN C 522 22.06 -56.18 33.07
C ASN C 522 22.82 -57.44 33.52
N ASP C 523 22.78 -57.75 34.81
CA ASP C 523 23.47 -58.94 35.30
C ASP C 523 22.95 -60.21 34.64
N VAL C 524 21.65 -60.23 34.31
CA VAL C 524 21.07 -61.40 33.67
C VAL C 524 21.51 -61.47 32.21
N LEU C 525 21.39 -60.36 31.51
CA LEU C 525 21.79 -60.29 30.11
C LEU C 525 23.27 -60.66 29.97
N ARG C 526 24.13 -60.12 30.83
CA ARG C 526 25.56 -60.41 30.78
C ARG C 526 25.82 -61.91 30.98
N SER C 527 25.10 -62.52 31.90
CA SER C 527 25.31 -63.93 32.19
C SER C 527 24.92 -64.78 31.02
N ILE C 528 23.96 -64.28 30.24
CA ILE C 528 23.48 -64.96 29.07
C ILE C 528 24.46 -64.82 27.91
N SER C 529 25.01 -63.62 27.76
CA SER C 529 25.97 -63.35 26.71
C SER C 529 27.18 -64.23 26.95
N LYS C 530 27.62 -64.29 28.21
CA LYS C 530 28.78 -65.11 28.59
C LYS C 530 28.53 -66.57 28.19
N LYS C 531 27.29 -67.04 28.42
CA LYS C 531 26.96 -68.41 28.09
C LYS C 531 27.06 -68.65 26.59
N PHE C 532 26.63 -67.68 25.80
CA PHE C 532 26.71 -67.84 24.37
C PHE C 532 28.16 -67.92 23.94
N LEU C 533 29.05 -67.19 24.62
CA LEU C 533 30.49 -67.23 24.32
C LEU C 533 31.07 -68.60 24.69
N ASP C 534 30.52 -69.19 25.75
CA ASP C 534 31.00 -70.49 26.19
C ASP C 534 30.66 -71.55 25.16
N ILE C 535 29.57 -71.35 24.43
CA ILE C 535 29.23 -72.33 23.42
C ILE C 535 30.29 -72.30 22.35
N ILE C 536 30.79 -71.12 22.01
CA ILE C 536 31.81 -71.01 20.99
C ILE C 536 33.20 -71.38 21.51
N THR C 537 33.47 -71.08 22.78
CA THR C 537 34.77 -71.40 23.34
C THR C 537 34.85 -72.85 23.77
N GLY C 538 33.69 -73.46 24.01
CA GLY C 538 33.71 -74.85 24.42
C GLY C 538 33.53 -75.10 25.90
N GLU C 539 33.44 -74.05 26.71
CA GLU C 539 33.23 -74.22 28.15
C GLU C 539 31.91 -74.96 28.32
N LEU C 540 31.07 -74.87 27.30
CA LEU C 540 29.84 -75.61 27.29
C LEU C 540 30.24 -76.62 26.20
N PRO C 541 30.65 -77.83 26.64
CA PRO C 541 31.10 -78.95 25.82
C PRO C 541 30.38 -79.15 24.49
N ASP C 542 31.18 -79.34 23.45
CA ASP C 542 30.69 -79.57 22.10
C ASP C 542 29.90 -80.86 22.08
N SER C 543 30.11 -81.68 23.12
CA SER C 543 29.43 -82.94 23.25
C SER C 543 27.95 -82.75 23.45
N MET C 544 27.57 -81.66 24.11
CA MET C 544 26.16 -81.39 24.38
C MET C 544 25.38 -81.05 23.13
N THR C 545 24.07 -81.28 23.23
CA THR C 545 23.15 -81.00 22.13
C THR C 545 22.74 -79.55 22.27
N THR C 546 22.37 -78.93 21.16
CA THR C 546 21.95 -77.54 21.22
C THR C 546 20.89 -77.35 22.30
N VAL C 547 19.88 -78.21 22.28
CA VAL C 547 18.80 -78.15 23.27
C VAL C 547 19.32 -78.23 24.71
N GLU C 548 20.42 -78.97 24.90
CA GLU C 548 21.00 -79.12 26.22
C GLU C 548 21.66 -77.83 26.73
N LYS C 549 22.41 -77.18 25.87
CA LYS C 549 23.08 -75.92 26.22
C LYS C 549 22.04 -74.83 26.50
N PHE C 550 21.02 -74.75 25.67
CA PHE C 550 19.98 -73.75 25.90
C PHE C 550 19.29 -74.05 27.22
N THR C 551 19.23 -75.33 27.55
CA THR C 551 18.61 -75.75 28.79
C THR C 551 19.49 -75.31 29.94
N ASP C 552 20.79 -75.53 29.78
CA ASP C 552 21.78 -75.12 30.79
C ASP C 552 21.69 -73.60 31.03
N ILE C 553 21.73 -72.83 29.93
CA ILE C 553 21.66 -71.37 29.98
C ILE C 553 20.41 -70.91 30.70
N PHE C 554 19.27 -71.52 30.35
CA PHE C 554 18.00 -71.17 30.98
C PHE C 554 18.03 -71.33 32.49
N LYS C 555 18.24 -72.56 32.94
CA LYS C 555 18.28 -72.83 34.35
C LYS C 555 19.28 -71.97 35.12
N ASN C 556 20.47 -71.76 34.55
CA ASN C 556 21.48 -70.97 35.22
C ASN C 556 21.33 -69.48 35.11
N CYS C 557 20.66 -69.03 34.06
CA CYS C 557 20.53 -67.59 33.83
C CYS C 557 19.15 -66.97 33.86
N LEU C 558 18.20 -67.59 33.18
CA LEU C 558 16.85 -67.05 33.07
C LEU C 558 15.78 -67.48 34.06
N GLU C 559 15.84 -68.72 34.52
CA GLU C 559 14.83 -69.20 35.46
C GLU C 559 14.67 -68.29 36.68
N ASN C 560 13.42 -67.92 36.97
CA ASN C 560 13.11 -67.07 38.10
C ASN C 560 13.63 -65.66 37.91
N GLN C 561 14.05 -65.35 36.70
CA GLN C 561 14.60 -64.03 36.45
C GLN C 561 13.76 -63.11 35.57
N PHE C 562 12.51 -63.49 35.33
CA PHE C 562 11.63 -62.64 34.53
C PHE C 562 10.19 -62.88 34.91
N GLU C 563 9.32 -61.95 34.53
CA GLU C 563 7.89 -62.06 34.81
C GLU C 563 7.24 -62.95 33.77
N ILE C 564 6.61 -64.02 34.22
CA ILE C 564 5.95 -64.94 33.32
C ILE C 564 4.88 -64.20 32.50
N THR C 565 4.36 -63.10 33.05
CA THR C 565 3.36 -62.34 32.33
C THR C 565 3.97 -61.86 31.01
N ASN C 566 5.17 -61.28 31.09
CA ASN C 566 5.88 -60.76 29.92
C ASN C 566 6.24 -61.83 28.89
N LEU C 567 6.48 -63.05 29.33
CA LEU C 567 6.81 -64.13 28.40
C LEU C 567 5.59 -64.41 27.52
N LYS C 568 4.41 -64.29 28.13
CA LYS C 568 3.15 -64.52 27.43
C LYS C 568 3.01 -63.46 26.34
N ILE C 569 3.22 -62.21 26.72
CA ILE C 569 3.14 -61.12 25.77
C ILE C 569 4.09 -61.42 24.64
N LEU C 570 5.32 -61.80 24.98
CA LEU C 570 6.30 -62.12 23.95
C LEU C 570 5.84 -63.31 23.10
N PHE C 571 5.47 -64.40 23.75
CA PHE C 571 5.00 -65.59 23.03
C PHE C 571 3.89 -65.26 22.04
N ASP C 572 2.92 -64.45 22.47
CA ASP C 572 1.79 -64.07 21.64
C ASP C 572 2.24 -63.30 20.40
N GLU C 573 2.87 -62.15 20.62
CA GLU C 573 3.34 -61.32 19.51
C GLU C 573 4.19 -62.11 18.51
N LEU C 574 5.03 -62.99 19.04
CA LEU C 574 5.90 -63.80 18.20
C LEU C 574 5.11 -64.63 17.18
N ASN C 575 3.97 -65.17 17.58
CA ASN C 575 3.18 -65.99 16.68
C ASN C 575 2.65 -65.30 15.42
N SER C 576 2.67 -63.98 15.40
CA SER C 576 2.19 -63.25 14.24
C SER C 576 3.29 -63.03 13.20
N PHE C 577 4.42 -63.68 13.40
CA PHE C 577 5.54 -63.52 12.49
C PHE C 577 5.94 -64.78 11.78
N ASP C 578 6.33 -64.63 10.53
CA ASP C 578 6.79 -65.77 9.76
C ASP C 578 8.29 -65.89 10.05
N ILE C 579 8.60 -66.04 11.33
CA ILE C 579 9.99 -66.14 11.82
C ILE C 579 11.08 -66.49 10.80
N PRO C 580 10.96 -67.64 10.10
CA PRO C 580 12.00 -67.98 9.13
C PRO C 580 12.29 -66.87 8.13
N VAL C 581 11.23 -66.30 7.55
CA VAL C 581 11.35 -65.22 6.57
C VAL C 581 12.04 -63.99 7.16
N VAL C 582 11.58 -63.57 8.34
CA VAL C 582 12.11 -62.42 9.04
C VAL C 582 13.60 -62.55 9.42
N LEU C 583 13.95 -63.68 10.06
CA LEU C 583 15.33 -63.92 10.46
C LEU C 583 16.24 -63.99 9.27
N ASN C 584 15.71 -64.48 8.16
CA ASN C 584 16.49 -64.60 6.94
C ASN C 584 16.86 -63.23 6.39
N ASP C 585 15.91 -62.30 6.45
CA ASP C 585 16.15 -60.95 5.97
C ASP C 585 17.10 -60.27 6.96
N LEU C 586 16.89 -60.49 8.25
CA LEU C 586 17.75 -59.88 9.26
C LEU C 586 19.17 -60.43 9.12
N ILE C 587 19.32 -61.75 9.13
CA ILE C 587 20.63 -62.34 9.03
C ILE C 587 21.29 -62.33 7.65
N ASN C 588 20.50 -62.43 6.57
CA ASN C 588 21.12 -62.45 5.25
C ASN C 588 21.09 -61.17 4.42
N ASN C 589 20.37 -60.15 4.91
CA ASN C 589 20.31 -58.88 4.20
C ASN C 589 20.81 -57.75 5.08
N GLN C 590 20.15 -57.54 6.22
CA GLN C 590 20.49 -56.49 7.14
C GLN C 590 21.83 -56.64 7.86
N MET C 591 21.98 -57.65 8.70
CA MET C 591 23.21 -57.82 9.45
C MET C 591 24.44 -58.23 8.68
N LYS C 592 24.37 -59.32 7.92
CA LYS C 592 25.56 -59.73 7.18
C LYS C 592 25.73 -58.87 5.93
N PRO C 593 26.76 -58.00 5.94
CA PRO C 593 27.07 -57.11 4.83
C PRO C 593 27.34 -57.85 3.51
N GLY C 594 27.91 -57.15 2.54
CA GLY C 594 28.14 -57.80 1.25
C GLY C 594 29.52 -57.76 0.66
N ILE C 595 29.72 -58.60 -0.35
CA ILE C 595 30.99 -58.70 -1.06
C ILE C 595 31.28 -57.37 -1.77
N PHE C 596 32.57 -57.03 -1.84
CA PHE C 596 32.96 -55.78 -2.46
C PHE C 596 33.83 -55.94 -3.70
N TRP C 597 33.35 -55.39 -4.81
CA TRP C 597 34.13 -55.41 -6.04
C TRP C 597 34.74 -54.02 -6.01
N LYS C 598 35.25 -53.68 -4.82
CA LYS C 598 35.87 -52.40 -4.50
C LYS C 598 34.98 -51.23 -4.93
N LYS C 599 34.05 -50.85 -4.06
CA LYS C 599 33.14 -49.75 -4.35
C LYS C 599 33.69 -48.40 -3.88
N ASP C 600 34.78 -48.00 -4.53
CA ASP C 600 35.46 -46.74 -4.29
C ASP C 600 35.33 -46.09 -2.92
N PHE C 601 36.37 -46.25 -2.12
CA PHE C 601 36.45 -45.65 -0.79
C PHE C 601 37.76 -44.90 -0.95
N ILE C 602 37.70 -43.70 -1.52
CA ILE C 602 38.89 -42.88 -1.76
C ILE C 602 40.02 -43.33 -0.86
N SER C 603 41.04 -43.94 -1.46
CA SER C 603 42.18 -44.43 -0.70
C SER C 603 43.02 -43.24 -0.26
N ALA C 604 43.17 -43.06 1.05
CA ALA C 604 43.93 -41.94 1.59
C ALA C 604 45.44 -42.10 1.39
N ILE C 605 46.06 -41.04 0.87
CA ILE C 605 47.50 -41.02 0.60
C ILE C 605 48.32 -40.77 1.86
N LYS C 606 47.66 -40.22 2.88
CA LYS C 606 48.29 -39.92 4.17
C LYS C 606 47.29 -40.26 5.30
N PHE C 607 47.78 -40.52 6.51
CA PHE C 607 46.89 -40.87 7.62
C PHE C 607 45.93 -39.73 7.96
N ASP C 608 44.63 -40.02 7.85
CA ASP C 608 43.62 -39.04 8.15
C ASP C 608 43.05 -39.36 9.50
N GLY C 609 43.56 -38.66 10.51
CA GLY C 609 43.11 -38.87 11.87
C GLY C 609 41.64 -38.64 12.08
N PHE C 610 41.07 -37.68 11.36
CA PHE C 610 39.66 -37.41 11.51
C PHE C 610 38.81 -38.58 11.08
N THR C 611 38.96 -39.02 9.83
CA THR C 611 38.11 -40.10 9.39
C THR C 611 38.41 -41.35 10.14
N SER C 612 39.64 -41.50 10.60
CA SER C 612 39.97 -42.71 11.34
C SER C 612 39.03 -42.93 12.53
N ILE C 613 39.01 -41.95 13.44
CA ILE C 613 38.17 -42.04 14.63
C ILE C 613 36.68 -42.01 14.22
N ILE C 614 36.33 -41.20 13.23
CA ILE C 614 34.94 -41.18 12.79
C ILE C 614 34.52 -42.57 12.31
N SER C 615 35.44 -43.29 11.70
CA SER C 615 35.11 -44.61 11.20
C SER C 615 35.01 -45.58 12.35
N LEU C 616 36.02 -45.57 13.22
CA LEU C 616 35.98 -46.49 14.35
C LEU C 616 34.72 -46.27 15.20
N GLU C 617 34.43 -45.03 15.57
CA GLU C 617 33.24 -44.77 16.36
C GLU C 617 31.97 -45.27 15.66
N SER C 618 31.87 -45.03 14.35
CA SER C 618 30.71 -45.46 13.58
C SER C 618 30.63 -46.96 13.57
N LEU C 619 31.78 -47.61 13.41
CA LEU C 619 31.82 -49.07 13.39
C LEU C 619 31.36 -49.61 14.72
N HIS C 620 31.71 -48.90 15.78
CA HIS C 620 31.36 -49.31 17.12
C HIS C 620 29.86 -49.17 17.38
N GLN C 621 29.23 -48.14 16.82
CA GLN C 621 27.79 -47.98 17.01
C GLN C 621 27.02 -49.13 16.34
N LEU C 622 27.34 -49.36 15.06
CA LEU C 622 26.71 -50.41 14.29
C LEU C 622 26.86 -51.78 14.93
N LEU C 623 28.06 -52.11 15.39
CA LEU C 623 28.24 -53.42 16.02
C LEU C 623 27.55 -53.54 17.36
N SER C 624 27.48 -52.42 18.10
CA SER C 624 26.80 -52.40 19.39
C SER C 624 25.33 -52.68 19.10
N ILE C 625 24.80 -51.98 18.10
CA ILE C 625 23.40 -52.19 17.76
C ILE C 625 23.23 -53.67 17.34
N HIS C 626 24.08 -54.16 16.43
CA HIS C 626 23.99 -55.56 16.00
C HIS C 626 24.03 -56.51 17.19
N TYR C 627 24.90 -56.19 18.14
CA TYR C 627 25.06 -57.01 19.33
C TYR C 627 23.81 -57.14 20.17
N ARG C 628 23.06 -56.05 20.30
CA ARG C 628 21.86 -56.13 21.11
C ARG C 628 20.82 -56.97 20.35
N ILE C 629 20.65 -56.68 19.08
CA ILE C 629 19.70 -57.42 18.27
C ILE C 629 20.00 -58.91 18.36
N THR C 630 21.24 -59.28 18.02
CA THR C 630 21.70 -60.66 18.02
C THR C 630 21.42 -61.37 19.32
N LEU C 631 21.80 -60.74 20.44
CA LEU C 631 21.58 -61.33 21.74
C LEU C 631 20.10 -61.56 21.97
N GLN C 632 19.28 -60.54 21.69
CA GLN C 632 17.83 -60.65 21.86
C GLN C 632 17.24 -61.80 21.07
N VAL C 633 17.66 -61.96 19.82
CA VAL C 633 17.16 -63.07 18.99
C VAL C 633 17.59 -64.40 19.58
N LEU C 634 18.89 -64.52 19.89
CA LEU C 634 19.41 -65.74 20.49
C LEU C 634 18.61 -66.09 21.74
N LEU C 635 18.25 -65.06 22.51
CA LEU C 635 17.48 -65.23 23.71
C LEU C 635 16.17 -65.98 23.45
N THR C 636 15.44 -65.60 22.41
CA THR C 636 14.19 -66.27 22.12
C THR C 636 14.41 -67.74 21.80
N PHE C 637 15.56 -68.09 21.23
CA PHE C 637 15.83 -69.49 20.90
C PHE C 637 16.09 -70.37 22.12
N VAL C 638 16.47 -69.79 23.24
CA VAL C 638 16.71 -70.62 24.40
C VAL C 638 15.46 -70.67 25.26
N LEU C 639 14.49 -69.82 24.96
CA LEU C 639 13.25 -69.78 25.71
C LEU C 639 12.14 -70.59 25.10
N PHE C 640 12.01 -70.52 23.78
CA PHE C 640 10.92 -71.22 23.13
C PHE C 640 11.41 -72.45 22.39
N ASP C 641 10.49 -73.34 22.07
CA ASP C 641 10.87 -74.56 21.38
C ASP C 641 10.99 -74.36 19.88
N LEU C 642 12.08 -73.76 19.42
CA LEU C 642 12.23 -73.58 17.99
C LEU C 642 13.06 -74.76 17.53
N ASP C 643 12.65 -75.42 16.45
CA ASP C 643 13.38 -76.58 15.99
C ASP C 643 14.85 -76.28 15.88
N THR C 644 15.61 -76.82 16.81
CA THR C 644 17.04 -76.65 16.85
C THR C 644 17.69 -77.16 15.56
N GLU C 645 16.93 -77.94 14.79
CA GLU C 645 17.42 -78.50 13.53
C GLU C 645 17.09 -77.56 12.37
N ILE C 646 15.85 -77.07 12.31
CA ILE C 646 15.45 -76.16 11.25
C ILE C 646 16.32 -74.90 11.33
N PHE C 647 16.32 -74.28 12.51
CA PHE C 647 17.08 -73.07 12.75
C PHE C 647 18.53 -73.33 13.13
N GLY C 648 18.99 -74.55 12.91
CA GLY C 648 20.36 -74.89 13.24
C GLY C 648 21.33 -73.95 12.57
N GLN C 649 21.08 -73.59 11.32
CA GLN C 649 21.97 -72.69 10.60
C GLN C 649 21.96 -71.32 11.25
N HIS C 650 20.77 -70.75 11.35
CA HIS C 650 20.60 -69.44 11.95
C HIS C 650 21.19 -69.38 13.35
N ILE C 651 20.92 -70.39 14.17
CA ILE C 651 21.44 -70.41 15.53
C ILE C 651 22.95 -70.35 15.59
N SER C 652 23.62 -71.12 14.73
CA SER C 652 25.08 -71.12 14.73
C SER C 652 25.65 -69.86 14.07
N THR C 653 24.90 -69.24 13.17
CA THR C 653 25.38 -68.03 12.52
C THR C 653 25.28 -66.90 13.52
N LEU C 654 24.23 -66.94 14.33
CA LEU C 654 24.03 -65.92 15.34
C LEU C 654 25.08 -66.05 16.43
N LEU C 655 25.31 -67.27 16.91
CA LEU C 655 26.29 -67.47 17.95
C LEU C 655 27.70 -67.05 17.49
N ASP C 656 27.94 -67.15 16.20
CA ASP C 656 29.23 -66.79 15.64
C ASP C 656 29.33 -65.27 15.53
N LEU C 657 28.21 -64.64 15.15
CA LEU C 657 28.18 -63.21 14.99
C LEU C 657 28.25 -62.54 16.35
N HIS C 658 27.60 -63.16 17.32
CA HIS C 658 27.58 -62.65 18.68
C HIS C 658 29.01 -62.61 19.21
N TYR C 659 29.72 -63.73 19.04
CA TYR C 659 31.08 -63.83 19.52
C TYR C 659 31.96 -62.75 18.93
N LYS C 660 31.91 -62.61 17.61
CA LYS C 660 32.72 -61.59 16.97
C LYS C 660 32.32 -60.21 17.46
N GLN C 661 31.02 -59.94 17.60
CA GLN C 661 30.50 -58.65 18.09
C GLN C 661 31.08 -58.32 19.45
N PHE C 662 30.96 -59.29 20.36
CA PHE C 662 31.47 -59.13 21.69
C PHE C 662 32.93 -58.76 21.61
N LEU C 663 33.73 -59.67 21.08
CA LEU C 663 35.17 -59.46 20.93
C LEU C 663 35.50 -58.06 20.43
N LEU C 664 34.91 -57.66 19.31
CA LEU C 664 35.21 -56.35 18.78
C LEU C 664 34.90 -55.25 19.79
N LEU C 665 33.69 -55.30 20.36
CA LEU C 665 33.28 -54.30 21.33
C LEU C 665 34.23 -54.31 22.52
N ASN C 666 34.77 -55.50 22.81
CA ASN C 666 35.70 -55.67 23.91
C ASN C 666 37.04 -55.04 23.57
N LEU C 667 37.53 -55.25 22.36
CA LEU C 667 38.80 -54.67 21.97
C LEU C 667 38.68 -53.16 21.84
N TYR C 668 37.49 -52.69 21.48
CA TYR C 668 37.25 -51.26 21.32
C TYR C 668 37.48 -50.54 22.63
N ARG C 669 36.95 -51.09 23.72
CA ARG C 669 37.12 -50.42 24.98
C ARG C 669 38.39 -50.79 25.71
N GLN C 670 39.10 -51.77 25.20
CA GLN C 670 40.33 -52.15 25.84
C GLN C 670 41.47 -51.27 25.32
N ASP C 671 41.39 -50.83 24.07
CA ASP C 671 42.44 -50.00 23.47
C ASP C 671 42.10 -49.49 22.06
N LYS C 672 41.34 -48.40 21.99
CA LYS C 672 40.92 -47.80 20.72
C LYS C 672 42.01 -47.66 19.66
N CYS C 673 43.14 -47.07 20.02
CA CYS C 673 44.22 -46.88 19.06
C CYS C 673 44.65 -48.20 18.45
N LEU C 674 45.07 -49.13 19.29
CA LEU C 674 45.50 -50.43 18.80
C LEU C 674 44.43 -51.03 17.87
N LEU C 675 43.16 -50.95 18.24
CA LEU C 675 42.10 -51.52 17.41
C LEU C 675 42.09 -50.88 16.03
N ALA C 676 42.01 -49.55 16.00
CA ALA C 676 42.01 -48.84 14.74
C ALA C 676 43.20 -49.29 13.89
N GLU C 677 44.35 -49.43 14.54
CA GLU C 677 45.58 -49.84 13.86
C GLU C 677 45.51 -51.22 13.19
N VAL C 678 45.12 -52.24 13.95
CA VAL C 678 45.02 -53.57 13.39
C VAL C 678 43.87 -53.62 12.44
N LEU C 679 42.87 -52.76 12.65
CA LEU C 679 41.72 -52.78 11.77
C LEU C 679 41.95 -52.05 10.46
N LEU C 680 42.85 -51.07 10.44
CA LEU C 680 43.14 -50.36 9.19
C LEU C 680 44.35 -50.96 8.48
N LYS C 681 45.10 -51.79 9.21
CA LYS C 681 46.26 -52.47 8.64
C LYS C 681 45.81 -53.84 8.19
N ASP C 682 44.49 -54.04 8.24
CA ASP C 682 43.86 -55.29 7.83
C ASP C 682 43.61 -55.18 6.32
N SER C 683 43.08 -54.03 5.89
CA SER C 683 42.84 -53.79 4.47
C SER C 683 44.14 -53.35 3.81
N SER C 684 44.54 -54.07 2.76
CA SER C 684 45.77 -53.81 2.03
C SER C 684 45.87 -52.44 1.33
N GLU C 685 45.13 -52.28 0.23
CA GLU C 685 45.14 -51.02 -0.53
C GLU C 685 44.65 -49.80 0.23
N PHE C 686 44.13 -50.01 1.44
CA PHE C 686 43.62 -48.92 2.27
C PHE C 686 44.36 -48.89 3.60
N SER C 687 45.66 -49.15 3.52
CA SER C 687 46.55 -49.20 4.68
C SER C 687 46.88 -47.86 5.33
N PHE C 688 46.25 -46.78 4.88
CA PHE C 688 46.52 -45.46 5.45
C PHE C 688 45.25 -44.79 5.98
N GLY C 689 44.11 -45.25 5.49
CA GLY C 689 42.85 -44.67 5.92
C GLY C 689 41.97 -44.52 4.70
N VAL C 690 40.94 -43.70 4.80
CA VAL C 690 40.04 -43.47 3.68
C VAL C 690 39.62 -42.01 3.63
N LYS C 691 38.93 -41.66 2.55
CA LYS C 691 38.43 -40.32 2.33
C LYS C 691 37.00 -40.48 1.80
N PHE C 692 36.00 -40.20 2.63
CA PHE C 692 34.61 -40.31 2.20
C PHE C 692 34.06 -38.89 2.08
N PHE C 693 33.28 -38.62 1.04
CA PHE C 693 32.76 -37.28 0.84
C PHE C 693 31.25 -37.14 1.02
N ASN C 694 30.51 -38.22 0.81
CA ASN C 694 29.06 -38.19 0.99
C ASN C 694 28.68 -39.25 2.02
N TYR C 695 27.40 -39.34 2.38
CA TYR C 695 26.97 -40.31 3.38
C TYR C 695 27.03 -41.72 2.85
N GLY C 696 26.79 -41.87 1.55
CA GLY C 696 26.85 -43.19 0.95
C GLY C 696 28.24 -43.80 1.07
N GLN C 697 29.24 -43.02 0.71
CA GLN C 697 30.61 -43.49 0.79
C GLN C 697 30.92 -43.87 2.25
N LEU C 698 30.49 -43.02 3.18
CA LEU C 698 30.74 -43.26 4.60
C LEU C 698 30.10 -44.56 5.07
N ILE C 699 28.81 -44.69 4.82
CA ILE C 699 28.11 -45.88 5.21
C ILE C 699 28.77 -47.10 4.58
N ALA C 700 29.12 -47.00 3.30
CA ALA C 700 29.75 -48.09 2.58
C ALA C 700 31.03 -48.54 3.25
N TYR C 701 31.88 -47.58 3.59
CA TYR C 701 33.15 -47.90 4.23
C TYR C 701 32.92 -48.57 5.58
N ILE C 702 31.93 -48.09 6.34
CA ILE C 702 31.64 -48.69 7.63
C ILE C 702 31.16 -50.11 7.39
N ASP C 703 30.16 -50.28 6.53
CA ASP C 703 29.67 -51.63 6.23
C ASP C 703 30.82 -52.51 5.80
N SER C 704 31.78 -51.87 5.16
CA SER C 704 32.97 -52.57 4.69
C SER C 704 33.77 -53.12 5.87
N LEU C 705 34.07 -52.25 6.83
CA LEU C 705 34.83 -52.67 7.99
C LEU C 705 34.04 -53.73 8.76
N ASN C 706 32.71 -53.67 8.68
CA ASN C 706 31.89 -54.65 9.38
C ASN C 706 32.19 -56.03 8.82
N SER C 707 32.29 -56.13 7.49
CA SER C 707 32.58 -57.43 6.87
C SER C 707 33.89 -57.97 7.36
N ASN C 708 34.90 -57.10 7.39
CA ASN C 708 36.19 -57.54 7.87
C ASN C 708 36.01 -58.17 9.25
N VAL C 709 35.07 -57.64 10.04
CA VAL C 709 34.84 -58.16 11.36
C VAL C 709 34.05 -59.45 11.30
N TYR C 710 33.03 -59.54 10.46
CA TYR C 710 32.29 -60.80 10.41
C TYR C 710 32.99 -61.95 9.64
N ASN C 711 33.93 -61.61 8.77
CA ASN C 711 34.66 -62.64 8.02
C ASN C 711 35.95 -63.04 8.72
N ALA C 712 36.36 -62.30 9.75
CA ALA C 712 37.59 -62.65 10.44
C ALA C 712 37.52 -64.06 11.01
N SER C 713 38.66 -64.71 11.09
CA SER C 713 38.73 -66.05 11.64
C SER C 713 38.87 -65.93 13.16
N ILE C 714 38.24 -66.85 13.89
CA ILE C 714 38.32 -66.82 15.33
C ILE C 714 38.81 -68.14 15.90
N THR C 715 39.48 -68.93 15.07
CA THR C 715 39.97 -70.20 15.56
C THR C 715 41.37 -69.96 16.13
N GLU C 716 41.63 -70.50 17.30
CA GLU C 716 42.92 -70.33 17.93
C GLU C 716 43.82 -71.43 17.42
N ASN C 717 44.87 -71.06 16.68
CA ASN C 717 45.76 -72.07 16.09
C ASN C 717 46.90 -72.64 16.96
N SER C 718 46.86 -72.39 18.27
CA SER C 718 47.88 -72.85 19.22
C SER C 718 47.54 -72.40 20.64
N PHE C 719 48.21 -72.98 21.63
CA PHE C 719 47.98 -72.60 23.01
C PHE C 719 48.26 -71.11 23.20
N PHE C 720 49.17 -70.54 22.41
CA PHE C 720 49.46 -69.12 22.52
C PHE C 720 48.21 -68.28 22.25
N MET C 721 47.52 -68.58 21.17
CA MET C 721 46.33 -67.80 20.81
C MET C 721 45.20 -68.01 21.80
N THR C 722 45.10 -69.20 22.35
CA THR C 722 44.08 -69.55 23.32
C THR C 722 44.30 -68.77 24.61
N PHE C 723 45.55 -68.68 25.03
CA PHE C 723 45.90 -67.93 26.21
C PHE C 723 45.51 -66.48 25.93
N PHE C 724 45.99 -65.93 24.82
CA PHE C 724 45.67 -64.54 24.51
C PHE C 724 44.21 -64.27 24.73
N ARG C 725 43.37 -64.98 23.99
CA ARG C 725 41.93 -64.78 24.08
C ARG C 725 41.32 -64.93 25.48
N SER C 726 41.72 -65.98 26.20
CA SER C 726 41.18 -66.24 27.53
C SER C 726 41.52 -65.11 28.46
N TYR C 727 42.76 -64.65 28.34
CA TYR C 727 43.26 -63.57 29.16
C TYR C 727 42.51 -62.28 28.89
N ILE C 728 42.22 -62.01 27.61
CA ILE C 728 41.53 -60.78 27.22
C ILE C 728 40.01 -60.79 27.17
N ILE C 729 39.41 -61.80 26.55
CA ILE C 729 37.96 -61.87 26.45
C ILE C 729 37.34 -62.05 27.83
N MET D 1 45.29 36.81 -43.12
CA MET D 1 45.12 36.92 -41.64
C MET D 1 43.67 36.68 -41.19
N ALA D 2 42.72 37.48 -41.72
CA ALA D 2 41.30 37.38 -41.37
C ALA D 2 40.50 36.61 -42.42
N CYS D 3 39.99 35.42 -42.07
CA CYS D 3 39.25 34.59 -43.01
C CYS D 3 37.76 34.63 -42.86
N LEU D 4 37.29 35.20 -41.76
CA LEU D 4 35.87 35.30 -41.55
C LEU D 4 35.45 36.77 -41.43
N SER D 5 34.22 37.07 -41.78
CA SER D 5 33.73 38.42 -41.65
C SER D 5 32.50 38.42 -40.72
N ARG D 6 32.13 39.60 -40.26
CA ARG D 6 31.00 39.73 -39.36
C ARG D 6 29.73 40.28 -40.06
N ILE D 7 28.64 39.56 -39.84
CA ILE D 7 27.34 39.88 -40.40
C ILE D 7 26.40 40.08 -39.21
N ASP D 8 25.99 41.31 -38.95
CA ASP D 8 25.15 41.53 -37.79
C ASP D 8 23.69 41.37 -38.08
N ALA D 9 23.02 40.60 -37.22
CA ALA D 9 21.62 40.34 -37.38
C ALA D 9 20.71 40.84 -36.26
N ASN D 10 19.82 41.75 -36.59
CA ASN D 10 18.87 42.22 -35.62
C ASN D 10 17.53 41.71 -36.12
N LEU D 11 17.11 40.59 -35.57
CA LEU D 11 15.86 39.95 -35.95
C LEU D 11 14.58 40.80 -36.16
N LEU D 12 14.55 42.02 -35.64
CA LEU D 12 13.37 42.87 -35.80
C LEU D 12 13.61 44.05 -36.74
N GLN D 13 14.78 44.03 -37.38
CA GLN D 13 15.18 45.10 -38.26
C GLN D 13 14.15 45.51 -39.32
N TYR D 14 13.55 44.53 -39.98
CA TYR D 14 12.58 44.80 -41.03
C TYR D 14 11.25 45.40 -40.54
N TYR D 15 11.05 45.45 -39.24
CA TYR D 15 9.79 45.96 -38.72
C TYR D 15 9.87 47.30 -38.01
N GLU D 16 8.72 47.98 -37.97
CA GLU D 16 8.62 49.27 -37.31
C GLU D 16 8.51 49.08 -35.80
N LYS D 17 7.60 48.20 -35.36
CA LYS D 17 7.45 47.92 -33.94
C LYS D 17 8.72 47.23 -33.44
N PRO D 18 9.49 47.88 -32.55
CA PRO D 18 10.74 47.34 -31.99
C PRO D 18 10.46 46.32 -30.89
N GLU D 19 9.45 45.49 -31.11
CA GLU D 19 9.05 44.47 -30.15
C GLU D 19 7.89 43.65 -30.71
N PRO D 20 8.00 42.31 -30.69
CA PRO D 20 6.93 41.47 -31.21
C PRO D 20 5.63 41.88 -30.55
N ASN D 21 4.50 41.67 -31.22
CA ASN D 21 3.24 42.04 -30.61
C ASN D 21 2.83 40.92 -29.65
N ASN D 22 3.21 39.70 -30.01
CA ASN D 22 2.89 38.54 -29.20
C ASN D 22 3.99 38.23 -28.19
N THR D 23 3.84 38.80 -26.99
CA THR D 23 4.80 38.63 -25.90
C THR D 23 4.02 38.25 -24.64
N VAL D 24 4.29 37.07 -24.08
CA VAL D 24 3.58 36.65 -22.89
C VAL D 24 4.47 36.67 -21.64
N ASP D 25 3.89 37.11 -20.52
CA ASP D 25 4.63 37.18 -19.27
C ASP D 25 4.13 36.19 -18.21
N LEU D 26 4.91 35.13 -17.99
CA LEU D 26 4.57 34.12 -16.98
C LEU D 26 5.23 34.51 -15.67
N TYR D 27 4.48 34.47 -14.58
CA TYR D 27 5.03 34.82 -13.29
C TYR D 27 5.12 33.61 -12.37
N VAL D 28 6.15 33.59 -11.53
CA VAL D 28 6.38 32.49 -10.60
C VAL D 28 6.18 32.91 -9.13
N SER D 29 5.56 32.03 -8.36
CA SER D 29 5.28 32.28 -6.95
C SER D 29 6.44 31.79 -6.07
N GLY D 53 16.77 40.69 -21.30
CA GLY D 53 17.82 39.85 -20.72
C GLY D 53 19.20 40.20 -21.25
N SER D 54 19.92 41.06 -20.53
CA SER D 54 21.24 41.51 -20.93
C SER D 54 22.45 41.04 -20.12
N GLU D 55 22.45 39.81 -19.61
CA GLU D 55 23.60 39.35 -18.87
C GLU D 55 24.06 38.01 -19.43
N TYR D 56 23.16 37.31 -20.09
CA TYR D 56 23.51 36.04 -20.70
C TYR D 56 22.49 35.65 -21.75
N SER D 57 22.97 35.06 -22.83
CA SER D 57 22.07 34.62 -23.88
C SER D 57 22.71 33.52 -24.69
N ASN D 58 21.88 32.56 -25.09
CA ASN D 58 22.37 31.42 -25.84
C ASN D 58 21.24 30.91 -26.71
N CYS D 59 21.57 29.98 -27.61
CA CYS D 59 20.63 29.35 -28.53
C CYS D 59 20.68 27.85 -28.44
N LEU D 60 19.54 27.23 -28.22
CA LEU D 60 19.50 25.78 -28.14
C LEU D 60 18.66 25.17 -29.29
N LEU D 61 19.16 24.10 -29.89
CA LEU D 61 18.44 23.42 -30.96
C LEU D 61 17.45 22.48 -30.31
N LEU D 62 16.29 22.25 -30.95
CA LEU D 62 15.29 21.37 -30.38
C LEU D 62 14.98 20.16 -31.26
N SER D 63 13.83 19.56 -30.98
CA SER D 63 13.38 18.39 -31.71
C SER D 63 12.87 18.74 -33.10
N ASN D 64 12.16 19.86 -33.19
CA ASN D 64 11.60 20.33 -34.45
C ASN D 64 12.61 21.02 -35.36
N SER D 65 13.89 20.92 -35.03
CA SER D 65 14.92 21.54 -35.86
C SER D 65 14.80 23.06 -35.88
N GLU D 66 14.11 23.59 -34.88
CA GLU D 66 13.94 25.02 -34.74
C GLU D 66 14.94 25.44 -33.66
N TYR D 67 15.30 26.72 -33.67
CA TYR D 67 16.24 27.24 -32.69
C TYR D 67 15.54 28.16 -31.72
N ILE D 68 15.74 27.94 -30.42
CA ILE D 68 15.10 28.79 -29.41
C ILE D 68 16.18 29.60 -28.70
N CYS D 69 15.91 30.88 -28.47
CA CYS D 69 16.88 31.73 -27.79
C CYS D 69 16.39 32.05 -26.41
N TYR D 70 17.34 32.19 -25.48
CA TYR D 70 16.96 32.55 -24.14
C TYR D 70 17.97 33.55 -23.61
N HIS D 71 17.46 34.50 -22.83
CA HIS D 71 18.26 35.55 -22.19
C HIS D 71 17.93 35.57 -20.72
N PHE D 72 18.96 35.62 -19.90
CA PHE D 72 18.77 35.71 -18.45
C PHE D 72 19.07 37.17 -18.18
N SER D 73 18.08 37.93 -17.70
CA SER D 73 18.28 39.36 -17.44
C SER D 73 19.53 39.60 -16.57
N SER D 74 19.90 40.88 -16.43
CA SER D 74 21.07 41.24 -15.64
C SER D 74 20.93 40.72 -14.21
N ARG D 75 19.80 41.03 -13.60
CA ARG D 75 19.51 40.64 -12.22
C ARG D 75 19.24 39.16 -12.02
N SER D 76 19.31 38.38 -13.09
CA SER D 76 19.06 36.94 -12.96
C SER D 76 17.67 36.71 -12.39
N THR D 77 16.76 37.65 -12.63
CA THR D 77 15.39 37.54 -12.14
C THR D 77 14.40 37.25 -13.26
N LEU D 78 14.84 37.40 -14.51
CA LEU D 78 13.97 37.16 -15.64
C LEU D 78 14.60 36.28 -16.68
N LEU D 79 13.81 35.35 -17.21
CA LEU D 79 14.27 34.44 -18.25
C LEU D 79 13.40 34.75 -19.47
N THR D 80 14.00 34.87 -20.65
CA THR D 80 13.21 35.16 -21.83
C THR D 80 13.40 34.13 -22.93
N PHE D 81 12.33 33.79 -23.62
CA PHE D 81 12.43 32.81 -24.71
C PHE D 81 11.80 33.35 -25.99
N TYR D 82 12.44 33.08 -27.12
CA TYR D 82 11.90 33.51 -28.41
C TYR D 82 12.58 32.68 -29.50
N PRO D 83 11.84 32.37 -30.57
CA PRO D 83 12.37 31.58 -31.69
C PRO D 83 13.29 32.35 -32.62
N LEU D 84 14.47 31.80 -32.84
CA LEU D 84 15.47 32.41 -33.71
C LEU D 84 14.93 32.75 -35.09
N SER D 85 14.18 31.82 -35.68
CA SER D 85 13.66 32.02 -37.03
C SER D 85 12.37 32.81 -37.16
N ASP D 86 11.72 33.13 -36.04
CA ASP D 86 10.47 33.89 -36.13
C ASP D 86 10.37 34.83 -34.94
N ALA D 87 11.33 35.73 -34.81
CA ALA D 87 11.33 36.64 -33.68
C ALA D 87 10.18 37.63 -33.64
N TYR D 88 9.78 38.15 -34.80
CA TYR D 88 8.70 39.12 -34.83
C TYR D 88 7.31 38.56 -34.59
N HIS D 89 6.89 37.65 -35.46
CA HIS D 89 5.56 37.05 -35.35
C HIS D 89 5.53 35.95 -34.33
N GLY D 90 6.68 35.33 -34.11
CA GLY D 90 6.79 34.27 -33.12
C GLY D 90 6.54 34.83 -31.74
N LYS D 91 6.37 33.96 -30.76
CA LYS D 91 6.10 34.43 -29.42
C LYS D 91 7.31 34.43 -28.53
N THR D 92 7.57 35.56 -27.88
CA THR D 92 8.67 35.59 -26.95
C THR D 92 7.98 35.46 -25.59
N ILE D 93 8.55 34.63 -24.73
CA ILE D 93 8.00 34.37 -23.41
C ILE D 93 8.93 34.88 -22.30
N ASN D 94 8.44 35.81 -21.49
CA ASN D 94 9.23 36.32 -20.37
C ASN D 94 8.82 35.58 -19.10
N ILE D 95 9.72 34.80 -18.53
CA ILE D 95 9.40 34.08 -17.30
C ILE D 95 9.99 34.79 -16.08
N HIS D 96 9.15 35.50 -15.35
CA HIS D 96 9.59 36.24 -14.16
C HIS D 96 9.92 35.29 -13.02
N LEU D 97 10.78 35.72 -12.11
CA LEU D 97 11.18 34.88 -10.99
C LEU D 97 11.09 35.58 -9.63
N PRO D 98 10.72 34.82 -8.57
CA PRO D 98 10.59 35.31 -7.19
C PRO D 98 11.84 36.07 -6.76
N ASN D 99 12.99 35.50 -7.07
CA ASN D 99 14.25 36.16 -6.77
C ASN D 99 15.38 35.56 -7.60
N ALA D 100 16.46 36.32 -7.72
CA ALA D 100 17.63 35.90 -8.48
C ALA D 100 18.05 34.48 -8.18
N SER D 101 18.85 33.90 -9.06
CA SER D 101 19.35 32.57 -8.81
C SER D 101 20.55 32.83 -7.90
N MET D 102 21.11 31.77 -7.33
CA MET D 102 22.26 31.89 -6.43
C MET D 102 23.45 32.61 -7.09
N ASN D 103 23.94 32.02 -8.19
CA ASN D 103 25.07 32.53 -8.92
C ASN D 103 24.83 32.67 -10.42
N GLN D 104 23.97 33.62 -10.79
CA GLN D 104 23.68 33.88 -12.18
C GLN D 104 23.38 32.63 -12.99
N ARG D 105 23.61 32.73 -14.29
CA ARG D 105 23.34 31.63 -15.21
C ARG D 105 24.14 30.39 -14.89
N TYR D 106 25.01 30.47 -13.89
CA TYR D 106 25.81 29.31 -13.52
C TYR D 106 25.00 28.34 -12.65
N THR D 107 24.02 28.87 -11.93
CA THR D 107 23.16 28.03 -11.07
C THR D 107 21.87 27.69 -11.82
N LEU D 108 21.90 27.82 -13.14
CA LEU D 108 20.73 27.53 -13.98
C LEU D 108 21.04 26.50 -15.06
N THR D 109 20.00 25.76 -15.46
CA THR D 109 20.14 24.73 -16.48
C THR D 109 18.91 24.70 -17.39
N ILE D 110 19.11 24.32 -18.65
CA ILE D 110 18.02 24.26 -19.61
C ILE D 110 18.27 23.15 -20.62
N GLN D 111 17.57 22.05 -20.49
CA GLN D 111 17.74 20.95 -21.42
C GLN D 111 16.36 20.56 -21.91
N GLU D 112 16.30 19.83 -23.02
CA GLU D 112 15.03 19.41 -23.56
C GLU D 112 14.83 17.93 -23.26
N VAL D 113 13.95 17.62 -22.32
CA VAL D 113 13.70 16.23 -21.96
C VAL D 113 12.93 15.47 -23.05
N GLU D 114 11.60 15.53 -22.98
CA GLU D 114 10.74 14.88 -23.96
C GLU D 114 9.63 15.85 -24.30
N GLN D 115 9.77 16.50 -25.44
CA GLN D 115 8.79 17.47 -25.92
C GLN D 115 8.65 18.61 -24.93
N GLN D 116 9.70 18.89 -24.17
CA GLN D 116 9.64 19.98 -23.20
C GLN D 116 10.97 20.65 -22.86
N LEU D 117 10.87 21.90 -22.41
CA LEU D 117 12.04 22.64 -21.99
C LEU D 117 12.07 22.55 -20.47
N LEU D 118 13.00 21.75 -19.95
CA LEU D 118 13.12 21.62 -18.51
C LEU D 118 14.16 22.60 -18.00
N VAL D 119 13.70 23.55 -17.19
CA VAL D 119 14.56 24.58 -16.62
C VAL D 119 14.73 24.43 -15.10
N ASN D 120 15.95 24.22 -14.64
CA ASN D 120 16.21 24.12 -13.21
C ASN D 120 17.01 25.34 -12.78
N VAL D 121 16.69 25.90 -11.63
CA VAL D 121 17.37 27.09 -11.15
C VAL D 121 17.45 27.20 -9.64
N ILE D 122 18.62 26.88 -9.08
CA ILE D 122 18.82 27.01 -7.65
C ILE D 122 18.75 28.49 -7.39
N LEU D 123 17.70 28.94 -6.70
CA LEU D 123 17.55 30.37 -6.43
C LEU D 123 18.45 30.83 -5.30
N LYS D 124 18.50 32.15 -5.09
CA LYS D 124 19.34 32.72 -4.04
C LYS D 124 18.99 32.19 -2.67
N ASP D 125 17.71 32.32 -2.29
CA ASP D 125 17.27 31.84 -0.97
C ASP D 125 17.75 30.40 -0.68
N GLY D 126 17.88 29.60 -1.73
CA GLY D 126 18.30 28.22 -1.54
C GLY D 126 17.30 27.26 -2.14
N SER D 127 16.27 27.81 -2.80
CA SER D 127 15.22 27.02 -3.42
C SER D 127 15.74 26.36 -4.70
N PHE D 128 15.02 25.35 -5.18
CA PHE D 128 15.41 24.66 -6.39
C PHE D 128 14.24 24.59 -7.37
N LEU D 129 13.95 25.74 -7.98
CA LEU D 129 12.86 25.89 -8.94
C LEU D 129 12.97 24.97 -10.14
N THR D 130 11.83 24.45 -10.59
CA THR D 130 11.81 23.56 -11.74
C THR D 130 10.76 24.07 -12.72
N LEU D 131 11.21 24.48 -13.92
CA LEU D 131 10.30 24.99 -14.93
C LEU D 131 10.07 23.93 -16.00
N GLN D 132 8.81 23.74 -16.38
CA GLN D 132 8.48 22.78 -17.42
C GLN D 132 7.66 23.50 -18.48
N LEU D 133 8.31 23.84 -19.58
CA LEU D 133 7.67 24.54 -20.67
C LEU D 133 7.47 23.60 -21.84
N PRO D 134 6.19 23.31 -22.17
CA PRO D 134 5.84 22.41 -23.28
C PRO D 134 6.37 22.95 -24.61
N LEU D 135 7.10 22.10 -25.33
CA LEU D 135 7.66 22.49 -26.61
C LEU D 135 6.59 23.15 -27.47
N SER D 136 5.36 22.66 -27.36
CA SER D 136 4.26 23.23 -28.15
C SER D 136 4.04 24.68 -27.75
N PHE D 137 3.77 24.90 -26.47
CA PHE D 137 3.53 26.25 -25.94
C PHE D 137 4.50 27.27 -26.50
N LEU D 138 5.76 26.86 -26.68
CA LEU D 138 6.79 27.76 -27.19
C LEU D 138 6.54 28.22 -28.61
N PHE D 139 5.86 27.39 -29.39
CA PHE D 139 5.58 27.73 -30.78
C PHE D 139 4.11 27.93 -31.04
N SER D 140 3.30 27.96 -29.99
CA SER D 140 1.87 28.14 -30.14
C SER D 140 1.56 29.62 -30.24
N SER D 141 0.29 29.94 -30.03
CA SER D 141 -0.16 31.32 -30.08
C SER D 141 -0.69 31.63 -28.68
N ALA D 142 -0.82 30.57 -27.89
CA ALA D 142 -1.32 30.64 -26.52
C ALA D 142 -0.62 31.69 -25.67
N ASN D 143 -1.42 32.42 -24.90
CA ASN D 143 -0.92 33.45 -24.00
C ASN D 143 -1.20 32.97 -22.57
N THR D 144 -1.54 31.68 -22.48
CA THR D 144 -1.87 31.03 -21.20
C THR D 144 -1.16 29.69 -21.15
N LEU D 145 -0.90 29.20 -19.94
CA LEU D 145 -0.26 27.90 -19.78
C LEU D 145 -1.00 27.12 -18.69
N ASN D 146 -1.37 25.88 -18.99
CA ASN D 146 -2.10 25.03 -18.04
C ASN D 146 -1.20 24.04 -17.33
N GLY D 147 -1.63 23.61 -16.15
CA GLY D 147 -0.87 22.64 -15.38
C GLY D 147 0.18 23.24 -14.47
N GLU D 148 1.14 22.40 -14.07
CA GLU D 148 2.21 22.82 -13.19
C GLU D 148 3.50 23.00 -14.00
N TRP D 149 3.78 24.22 -14.44
CA TRP D 149 4.99 24.47 -15.20
C TRP D 149 6.15 24.83 -14.28
N PHE D 150 5.91 24.83 -12.97
CA PHE D 150 6.96 25.14 -12.01
C PHE D 150 6.74 24.54 -10.63
N HIS D 151 7.82 24.05 -10.02
CA HIS D 151 7.75 23.44 -8.69
C HIS D 151 8.92 23.90 -7.82
N LEU D 152 8.63 24.75 -6.83
CA LEU D 152 9.69 25.19 -5.93
C LEU D 152 10.02 23.98 -5.04
N GLN D 153 11.25 23.92 -4.53
CA GLN D 153 11.66 22.78 -3.73
C GLN D 153 12.92 23.10 -2.90
N ASN D 154 13.01 22.54 -1.70
CA ASN D 154 14.16 22.78 -0.83
C ASN D 154 14.81 21.47 -0.46
N PRO D 155 15.60 20.89 -1.38
CA PRO D 155 16.28 19.61 -1.14
C PRO D 155 17.32 19.66 0.00
N TYR D 156 18.37 20.45 -0.21
CA TYR D 156 19.44 20.59 0.79
C TYR D 156 19.40 21.98 1.40
N ASP D 157 20.07 22.18 2.53
CA ASP D 157 20.11 23.48 3.18
C ASP D 157 21.32 24.24 2.67
N PHE D 158 21.08 25.21 1.77
CA PHE D 158 22.19 25.98 1.21
C PHE D 158 22.54 27.23 2.00
N THR D 159 21.98 27.35 3.21
CA THR D 159 22.27 28.53 4.04
C THR D 159 23.69 28.39 4.61
N VAL D 160 24.08 27.16 4.87
CA VAL D 160 25.40 26.90 5.41
C VAL D 160 26.43 26.88 4.27
N ARG D 161 26.51 25.76 3.57
CA ARG D 161 27.44 25.60 2.45
C ARG D 161 26.81 26.04 1.13
N VAL D 162 27.01 27.31 0.80
CA VAL D 162 26.47 27.92 -0.42
C VAL D 162 27.03 27.33 -1.72
N PRO D 163 26.14 26.88 -2.63
CA PRO D 163 26.52 26.30 -3.91
C PRO D 163 26.81 27.41 -4.91
N HIS D 164 27.42 27.09 -6.05
CA HIS D 164 27.69 28.15 -7.01
C HIS D 164 27.66 27.70 -8.47
N PHE D 165 27.53 26.40 -8.72
CA PHE D 165 27.53 25.89 -10.09
C PHE D 165 26.73 24.60 -10.26
N LEU D 166 25.59 24.72 -10.93
CA LEU D 166 24.67 23.60 -11.21
C LEU D 166 25.04 22.91 -12.52
N PHE D 167 25.01 21.59 -12.56
CA PHE D 167 25.39 20.91 -13.80
C PHE D 167 24.53 19.72 -14.17
N TYR D 168 23.80 19.85 -15.27
CA TYR D 168 22.94 18.76 -15.72
C TYR D 168 23.78 17.55 -16.14
N VAL D 169 23.19 16.37 -16.03
CA VAL D 169 23.83 15.10 -16.39
C VAL D 169 22.80 14.18 -17.07
N SER D 170 21.60 14.21 -16.51
CA SER D 170 20.49 13.40 -17.00
C SER D 170 19.17 13.99 -16.51
N PRO D 171 18.05 13.57 -17.13
CA PRO D 171 16.70 14.04 -16.77
C PRO D 171 16.42 14.00 -15.26
N GLN D 172 16.95 12.97 -14.60
CA GLN D 172 16.74 12.80 -13.18
C GLN D 172 17.98 13.09 -12.33
N PHE D 173 19.18 12.92 -12.90
CA PHE D 173 20.40 13.16 -12.15
C PHE D 173 21.34 14.28 -12.65
N SER D 174 21.71 15.17 -11.73
CA SER D 174 22.60 16.30 -12.01
C SER D 174 23.21 16.85 -10.70
N VAL D 175 24.53 17.06 -10.70
CA VAL D 175 25.25 17.52 -9.52
C VAL D 175 25.21 19.03 -9.23
N VAL D 176 25.69 19.39 -8.04
CA VAL D 176 25.75 20.77 -7.58
C VAL D 176 27.17 21.01 -7.09
N PHE D 177 27.78 22.12 -7.49
CA PHE D 177 29.13 22.40 -7.05
C PHE D 177 29.10 23.52 -6.02
N LEU D 178 29.77 23.28 -4.89
CA LEU D 178 29.81 24.22 -3.78
C LEU D 178 31.02 25.15 -3.72
N GLU D 179 30.79 26.34 -3.18
CA GLU D 179 31.83 27.35 -3.04
C GLU D 179 33.01 26.85 -2.22
N ASP D 180 32.75 25.98 -1.24
CA ASP D 180 33.82 25.46 -0.41
C ASP D 180 34.59 24.32 -1.09
N GLY D 181 34.04 23.77 -2.18
CA GLY D 181 34.74 22.71 -2.90
C GLY D 181 33.97 21.41 -3.00
N GLY D 182 32.92 21.28 -2.20
CA GLY D 182 32.12 20.07 -2.20
C GLY D 182 31.15 19.85 -3.34
N LEU D 183 30.97 18.58 -3.70
CA LEU D 183 30.06 18.19 -4.76
C LEU D 183 28.86 17.46 -4.18
N LEU D 184 27.70 18.08 -4.29
CA LEU D 184 26.47 17.45 -3.80
C LEU D 184 25.93 16.62 -4.96
N GLY D 185 25.00 15.72 -4.67
CA GLY D 185 24.41 14.92 -5.72
C GLY D 185 22.95 15.34 -5.74
N LEU D 186 22.21 14.96 -6.76
CA LEU D 186 20.81 15.33 -6.80
C LEU D 186 20.05 14.37 -7.69
N LYS D 187 19.49 13.33 -7.06
CA LYS D 187 18.73 12.31 -7.78
C LYS D 187 17.23 12.54 -7.69
N LYS D 188 16.57 12.35 -8.83
CA LYS D 188 15.14 12.51 -8.95
C LYS D 188 14.55 11.11 -8.77
N VAL D 189 13.57 11.00 -7.89
CA VAL D 189 12.93 9.71 -7.63
C VAL D 189 11.66 9.55 -8.47
N ASP D 190 10.62 10.28 -8.11
CA ASP D 190 9.36 10.25 -8.83
C ASP D 190 9.50 10.99 -10.15
N GLY D 191 9.23 12.29 -10.12
CA GLY D 191 9.34 13.12 -11.29
C GLY D 191 9.40 14.58 -10.91
N VAL D 192 9.40 14.84 -9.60
CA VAL D 192 9.45 16.21 -9.08
C VAL D 192 10.32 16.39 -7.83
N HIS D 193 10.65 15.30 -7.14
CA HIS D 193 11.48 15.42 -5.94
C HIS D 193 12.94 15.01 -6.13
N TYR D 194 13.83 15.78 -5.50
CA TYR D 194 15.27 15.55 -5.58
C TYR D 194 15.87 15.27 -4.21
N GLU D 195 16.79 14.31 -4.16
CA GLU D 195 17.45 13.96 -2.89
C GLU D 195 18.97 13.97 -3.07
N PRO D 196 19.68 14.69 -2.18
CA PRO D 196 21.15 14.80 -2.21
C PRO D 196 22.00 13.54 -1.95
N LEU D 197 22.56 12.96 -3.02
CA LEU D 197 23.42 11.78 -2.92
C LEU D 197 24.89 12.19 -2.85
N LEU D 198 25.34 12.54 -1.64
CA LEU D 198 26.71 13.00 -1.39
C LEU D 198 27.88 12.09 -1.82
N PHE D 199 28.91 12.71 -2.39
CA PHE D 199 30.11 12.01 -2.85
C PHE D 199 31.16 12.07 -1.75
N ASN D 200 32.09 11.12 -1.77
CA ASN D 200 33.16 11.08 -0.79
C ASN D 200 34.16 12.19 -1.09
N ASP D 201 34.49 12.99 -0.09
CA ASP D 201 35.45 14.07 -0.30
C ASP D 201 36.38 14.21 0.89
N ASN D 202 37.68 14.03 0.65
CA ASN D 202 38.70 14.13 1.68
C ASN D 202 39.70 15.23 1.36
N SER D 203 39.42 16.01 0.32
CA SER D 203 40.28 17.09 -0.08
C SER D 203 40.25 18.18 0.97
N TYR D 204 39.38 18.04 1.95
CA TYR D 204 39.23 19.01 3.02
C TYR D 204 40.31 18.87 4.10
N LEU D 205 40.86 17.66 4.21
CA LEU D 205 41.88 17.36 5.21
C LEU D 205 43.18 18.16 5.06
N LYS D 206 43.28 18.90 3.96
CA LYS D 206 44.45 19.73 3.68
C LYS D 206 44.45 20.90 4.66
N CYS D 207 43.39 20.98 5.46
CA CYS D 207 43.22 22.03 6.46
C CYS D 207 44.15 21.75 7.64
N LEU D 208 44.60 20.50 7.73
CA LEU D 208 45.51 20.06 8.79
C LEU D 208 46.88 20.67 8.56
N THR D 209 47.03 21.35 7.43
CA THR D 209 48.28 22.00 7.07
C THR D 209 48.23 23.45 7.52
N ARG D 210 49.39 24.00 7.86
CA ARG D 210 49.46 25.39 8.30
C ARG D 210 49.19 26.32 7.11
N PHE D 211 48.85 25.72 5.96
CA PHE D 211 48.60 26.48 4.76
C PHE D 211 47.15 26.65 4.34
N PHE D 212 46.24 25.99 5.04
CA PHE D 212 44.83 26.11 4.71
C PHE D 212 43.96 25.95 5.96
N SER D 213 42.95 26.82 6.06
CA SER D 213 42.02 26.81 7.18
C SER D 213 40.61 26.67 6.61
N ARG D 214 39.84 25.70 7.11
CA ARG D 214 38.47 25.52 6.63
C ARG D 214 37.72 26.86 6.76
N SER D 215 38.00 27.57 7.84
CA SER D 215 37.37 28.85 8.15
C SER D 215 37.85 30.01 7.27
N SER D 216 38.75 29.71 6.32
CA SER D 216 39.30 30.73 5.43
C SER D 216 38.40 31.09 4.25
N LYS D 217 38.38 32.38 3.93
CA LYS D 217 37.59 32.91 2.83
C LYS D 217 38.29 32.58 1.51
N SER D 218 39.59 32.27 1.62
CA SER D 218 40.39 31.89 0.47
C SER D 218 40.58 30.37 0.59
N ASP D 219 41.74 29.87 0.19
CA ASP D 219 42.05 28.44 0.28
C ASP D 219 41.12 27.53 -0.53
N TYR D 220 39.91 28.02 -0.81
CA TYR D 220 38.91 27.26 -1.58
C TYR D 220 39.42 26.90 -2.99
N ASP D 221 39.12 25.68 -3.42
CA ASP D 221 39.52 25.22 -4.75
C ASP D 221 38.29 24.66 -5.48
N SER D 222 37.26 25.51 -5.59
CA SER D 222 36.00 25.17 -6.23
C SER D 222 36.07 25.00 -7.75
N VAL D 223 35.15 24.21 -8.28
CA VAL D 223 35.08 23.96 -9.72
C VAL D 223 34.65 25.22 -10.49
N ILE D 224 35.27 25.43 -11.64
CA ILE D 224 35.00 26.59 -12.49
C ILE D 224 34.53 26.18 -13.89
N SER D 225 34.61 24.88 -14.16
CA SER D 225 34.19 24.30 -15.43
C SER D 225 33.93 22.81 -15.22
N CYS D 226 33.03 22.26 -16.01
CA CYS D 226 32.68 20.86 -15.87
C CYS D 226 32.08 20.28 -17.15
N LYS D 227 32.53 19.08 -17.51
CA LYS D 227 32.04 18.40 -18.72
C LYS D 227 31.77 16.91 -18.48
N LEU D 228 30.56 16.47 -18.82
CA LEU D 228 30.20 15.08 -18.65
C LEU D 228 30.73 14.27 -19.82
N PHE D 229 31.52 13.24 -19.51
CA PHE D 229 32.09 12.38 -20.54
C PHE D 229 31.42 11.01 -20.52
N HIS D 230 31.27 10.41 -21.70
CA HIS D 230 30.63 9.11 -21.83
C HIS D 230 29.54 8.82 -20.81
N GLU D 231 28.67 9.82 -20.57
CA GLU D 231 27.57 9.69 -19.64
C GLU D 231 27.93 9.20 -18.24
N ARG D 232 29.22 8.95 -17.99
CA ARG D 232 29.66 8.46 -16.68
C ARG D 232 30.65 9.36 -15.93
N TYR D 233 31.81 9.59 -16.54
CA TYR D 233 32.85 10.42 -15.94
C TYR D 233 32.51 11.90 -16.01
N LEU D 234 32.75 12.59 -14.90
CA LEU D 234 32.48 14.00 -14.80
C LEU D 234 33.78 14.81 -14.66
N ILE D 235 34.37 15.19 -15.78
CA ILE D 235 35.62 15.96 -15.79
C ILE D 235 35.40 17.36 -15.21
N VAL D 236 36.21 17.76 -14.22
CA VAL D 236 36.07 19.09 -13.62
C VAL D 236 37.38 19.90 -13.55
N LEU D 237 37.24 21.23 -13.50
CA LEU D 237 38.37 22.13 -13.43
C LEU D 237 38.25 23.06 -12.24
N THR D 238 39.26 23.01 -11.36
CA THR D 238 39.26 23.86 -10.17
C THR D 238 39.95 25.18 -10.43
N GLN D 239 39.80 26.09 -9.47
CA GLN D 239 40.39 27.42 -9.56
C GLN D 239 41.91 27.36 -9.62
N ASN D 240 42.47 26.24 -9.17
CA ASN D 240 43.92 26.07 -9.20
C ASN D 240 44.30 25.20 -10.38
N CYS D 241 43.38 25.11 -11.33
CA CYS D 241 43.57 24.34 -12.55
C CYS D 241 43.96 22.89 -12.33
N HIS D 242 43.25 22.25 -11.41
CA HIS D 242 43.46 20.83 -11.15
C HIS D 242 42.35 20.13 -11.91
N LEU D 243 42.70 19.10 -12.67
CA LEU D 243 41.68 18.37 -13.42
C LEU D 243 41.23 17.11 -12.67
N LYS D 244 40.32 17.27 -11.72
CA LYS D 244 39.81 16.13 -10.97
C LYS D 244 38.70 15.43 -11.75
N ILE D 245 38.87 14.13 -12.02
CA ILE D 245 37.87 13.36 -12.77
C ILE D 245 37.04 12.45 -11.85
N TRP D 246 35.72 12.62 -11.88
CA TRP D 246 34.84 11.81 -11.05
C TRP D 246 34.12 10.70 -11.82
N ASP D 247 34.03 9.54 -11.20
CA ASP D 247 33.35 8.40 -11.80
C ASP D 247 32.01 8.31 -11.09
N LEU D 248 30.92 8.58 -11.82
CA LEU D 248 29.57 8.57 -11.24
C LEU D 248 29.00 7.18 -10.95
N THR D 249 29.82 6.15 -11.15
CA THR D 249 29.40 4.79 -10.83
C THR D 249 29.83 4.65 -9.38
N SER D 250 31.13 4.88 -9.17
CA SER D 250 31.74 4.81 -7.85
C SER D 250 31.38 6.02 -7.00
N PHE D 251 31.22 7.17 -7.66
CA PHE D 251 30.95 8.41 -6.96
C PHE D 251 32.22 8.66 -6.16
N THR D 252 33.34 8.23 -6.75
CA THR D 252 34.66 8.36 -6.14
C THR D 252 35.61 9.13 -7.06
N LEU D 253 36.38 10.04 -6.48
CA LEU D 253 37.36 10.80 -7.25
C LEU D 253 38.33 9.79 -7.85
N ILE D 254 38.37 9.72 -9.17
CA ILE D 254 39.21 8.77 -9.89
C ILE D 254 40.54 9.32 -10.35
N GLN D 255 40.61 10.63 -10.55
CA GLN D 255 41.85 11.26 -11.01
C GLN D 255 42.03 12.63 -10.38
N ASP D 256 43.25 13.16 -10.46
CA ASP D 256 43.52 14.48 -9.93
C ASP D 256 44.83 14.97 -10.52
N TYR D 257 44.73 15.57 -11.70
CA TYR D 257 45.90 16.08 -12.39
C TYR D 257 46.13 17.55 -12.06
N ASP D 258 47.39 17.97 -12.20
CA ASP D 258 47.78 19.35 -11.96
C ASP D 258 48.17 19.94 -13.30
N MET D 259 47.19 20.53 -13.97
CA MET D 259 47.37 21.12 -15.29
C MET D 259 48.61 22.02 -15.45
N VAL D 260 48.91 22.79 -14.40
CA VAL D 260 50.03 23.73 -14.46
C VAL D 260 51.47 23.22 -14.36
N SER D 261 51.68 22.11 -13.66
CA SER D 261 53.03 21.59 -13.54
C SER D 261 53.59 21.23 -14.92
N GLN D 262 52.71 20.79 -15.81
CA GLN D 262 53.07 20.40 -17.17
C GLN D 262 54.11 21.34 -17.79
N SER D 263 53.88 22.64 -17.62
CA SER D 263 54.79 23.64 -18.18
C SER D 263 55.65 24.34 -17.13
N ASP D 264 56.36 25.37 -17.58
CA ASP D 264 57.25 26.19 -16.75
C ASP D 264 56.72 26.49 -15.35
N SER D 265 57.37 25.93 -14.34
CA SER D 265 56.98 26.15 -12.96
C SER D 265 57.16 27.62 -12.64
N ASP D 266 56.15 28.42 -12.98
CA ASP D 266 56.19 29.86 -12.76
C ASP D 266 55.78 30.28 -11.35
N PRO D 267 56.75 30.69 -10.52
CA PRO D 267 56.41 31.11 -9.16
C PRO D 267 55.78 32.50 -9.25
N SER D 268 56.23 33.27 -10.26
CA SER D 268 55.73 34.63 -10.51
C SER D 268 54.23 34.69 -10.26
N HIS D 269 53.43 34.35 -11.26
CA HIS D 269 51.98 34.37 -11.06
C HIS D 269 51.14 33.44 -11.91
N PHE D 270 50.31 32.68 -11.21
CA PHE D 270 49.37 31.73 -11.78
C PHE D 270 48.03 32.26 -11.30
N ARG D 271 47.29 32.90 -12.19
CA ARG D 271 46.00 33.48 -11.84
C ARG D 271 44.97 32.41 -11.50
N LYS D 272 44.84 32.06 -10.22
CA LYS D 272 43.85 31.06 -9.84
C LYS D 272 42.51 31.61 -10.31
N VAL D 273 41.93 30.96 -11.31
CA VAL D 273 40.66 31.38 -11.87
C VAL D 273 39.72 31.80 -10.74
N GLU D 274 39.37 33.08 -10.75
CA GLU D 274 38.52 33.65 -9.71
C GLU D 274 37.03 33.74 -10.06
N ALA D 275 36.55 32.88 -10.94
CA ALA D 275 35.15 32.89 -11.35
C ALA D 275 34.81 31.78 -12.34
N VAL D 276 33.63 31.17 -12.19
CA VAL D 276 33.19 30.11 -13.08
C VAL D 276 33.10 30.65 -14.50
N GLY D 277 33.65 29.91 -15.46
CA GLY D 277 33.64 30.34 -16.84
C GLY D 277 33.80 29.19 -17.82
N GLU D 278 33.96 29.49 -19.11
CA GLU D 278 34.11 28.45 -20.12
C GLU D 278 35.59 28.16 -20.38
N TYR D 279 36.20 27.38 -19.50
CA TYR D 279 37.61 27.06 -19.61
C TYR D 279 37.94 25.74 -20.27
N LEU D 280 36.93 25.03 -20.73
CA LEU D 280 37.18 23.77 -21.42
C LEU D 280 35.95 23.23 -22.14
N SER D 281 36.20 22.46 -23.20
CA SER D 281 35.14 21.84 -23.99
C SER D 281 35.78 20.67 -24.72
N LEU D 282 35.02 19.60 -24.89
CA LEU D 282 35.56 18.42 -25.55
C LEU D 282 34.75 18.00 -26.75
N TYR D 283 35.45 17.47 -27.75
CA TYR D 283 34.79 16.98 -28.95
C TYR D 283 34.55 15.50 -28.72
N ASN D 284 35.35 14.65 -29.35
CA ASN D 284 35.18 13.22 -29.15
C ASN D 284 35.84 12.81 -27.84
N ASN D 285 37.10 12.41 -27.94
CA ASN D 285 37.87 12.00 -26.79
C ASN D 285 39.01 12.99 -26.61
N THR D 286 38.95 14.11 -27.30
CA THR D 286 39.98 15.14 -27.18
C THR D 286 39.42 16.17 -26.23
N LEU D 287 40.29 16.85 -25.49
CA LEU D 287 39.84 17.87 -24.56
C LEU D 287 40.86 18.98 -24.48
N VAL D 288 40.38 20.22 -24.56
CA VAL D 288 41.27 21.38 -24.46
C VAL D 288 40.92 22.14 -23.18
N THR D 289 41.90 22.81 -22.61
CA THR D 289 41.69 23.55 -21.37
C THR D 289 42.37 24.91 -21.43
N LEU D 290 41.74 25.92 -20.85
CA LEU D 290 42.32 27.25 -20.88
C LEU D 290 42.99 27.64 -19.57
N LEU D 291 44.32 27.58 -19.55
CA LEU D 291 45.09 27.93 -18.36
C LEU D 291 45.59 29.38 -18.40
N PRO D 292 45.58 30.06 -17.24
CA PRO D 292 46.02 31.45 -17.06
C PRO D 292 47.53 31.71 -17.01
N LEU D 293 48.08 32.20 -18.10
CA LEU D 293 49.50 32.53 -18.22
C LEU D 293 49.59 33.75 -19.12
N GLU D 294 48.99 34.83 -18.63
CA GLU D 294 48.87 36.11 -19.33
C GLU D 294 47.65 35.90 -20.22
N ASN D 295 46.85 34.90 -19.81
CA ASN D 295 45.65 34.47 -20.51
C ASN D 295 46.14 33.98 -21.87
N GLY D 296 46.96 32.93 -21.83
CA GLY D 296 47.50 32.41 -23.07
C GLY D 296 47.78 30.92 -23.19
N LEU D 297 47.10 30.07 -22.43
CA LEU D 297 47.37 28.65 -22.58
C LEU D 297 46.17 27.77 -22.86
N PHE D 298 46.27 27.03 -23.97
CA PHE D 298 45.23 26.11 -24.41
C PHE D 298 45.77 24.70 -24.42
N GLN D 299 45.72 24.01 -23.27
CA GLN D 299 46.22 22.64 -23.20
C GLN D 299 45.19 21.66 -23.72
N MET D 300 45.66 20.71 -24.52
CA MET D 300 44.77 19.72 -25.09
C MET D 300 45.39 18.34 -25.16
N GLY D 301 44.88 17.43 -24.34
CA GLY D 301 45.37 16.07 -24.31
C GLY D 301 44.25 15.22 -24.84
N THR D 302 44.16 13.96 -24.39
CA THR D 302 43.10 13.08 -24.85
C THR D 302 42.67 12.15 -23.72
N LEU D 303 41.38 11.86 -23.65
CA LEU D 303 40.86 10.93 -22.64
C LEU D 303 41.00 9.56 -23.26
N LEU D 304 41.18 8.51 -22.46
CA LEU D 304 41.34 7.17 -23.04
C LEU D 304 41.22 5.98 -22.08
N VAL D 305 40.31 5.06 -22.42
CA VAL D 305 40.02 3.84 -21.68
C VAL D 305 38.82 3.16 -22.31
N LEU D 311 39.92 5.15 -16.85
CA LEU D 311 39.88 6.46 -17.49
C LEU D 311 41.18 7.20 -17.32
N THR D 312 41.75 7.68 -18.42
CA THR D 312 43.03 8.38 -18.38
C THR D 312 43.13 9.62 -19.26
N TYR D 313 43.63 10.71 -18.70
CA TYR D 313 43.84 11.94 -19.44
C TYR D 313 45.32 12.03 -19.74
N THR D 314 45.66 12.24 -20.99
CA THR D 314 47.06 12.29 -21.34
C THR D 314 47.49 13.47 -22.22
N PHE D 315 48.35 14.29 -21.63
CA PHE D 315 48.92 15.48 -22.24
C PHE D 315 49.29 15.29 -23.71
N GLN D 316 49.41 16.39 -24.43
CA GLN D 316 49.78 16.38 -25.85
C GLN D 316 50.64 17.58 -26.19
N ASN D 317 50.24 18.74 -25.69
CA ASN D 317 50.98 19.98 -25.91
C ASN D 317 50.21 21.19 -25.41
N ASN D 318 50.93 22.27 -25.15
CA ASN D 318 50.33 23.50 -24.68
C ASN D 318 50.42 24.53 -25.80
N ILE D 319 49.26 24.92 -26.32
CA ILE D 319 49.22 25.90 -27.38
C ILE D 319 48.96 27.28 -26.83
N PRO D 320 49.94 28.17 -26.93
CA PRO D 320 49.77 29.52 -26.42
C PRO D 320 48.75 30.23 -27.28
N THR D 321 48.43 31.46 -26.91
CA THR D 321 47.49 32.26 -27.64
C THR D 321 48.26 33.43 -28.25
N ASN D 322 47.78 33.94 -29.37
CA ASN D 322 48.44 35.07 -29.99
C ASN D 322 47.64 36.33 -29.69
N LEU D 323 47.78 36.82 -28.46
CA LEU D 323 47.08 38.02 -28.04
C LEU D 323 48.10 39.02 -27.53
N SER D 324 47.86 40.31 -27.77
CA SER D 324 48.77 41.36 -27.33
C SER D 324 48.00 42.57 -26.80
N ALA D 325 48.67 43.73 -26.78
CA ALA D 325 48.09 44.97 -26.26
C ALA D 325 47.91 44.79 -24.76
N SER D 326 48.80 43.96 -24.19
CA SER D 326 48.82 43.61 -22.76
C SER D 326 48.18 42.23 -22.53
N ALA D 327 47.35 41.82 -23.50
CA ALA D 327 46.61 40.55 -23.46
C ALA D 327 45.44 40.66 -22.46
N ILE D 328 44.58 41.66 -22.67
CA ILE D 328 43.43 41.91 -21.80
C ILE D 328 42.09 41.42 -22.32
N TRP D 329 42.07 40.20 -22.82
CA TRP D 329 40.84 39.62 -23.31
C TRP D 329 40.37 38.55 -22.36
N SER D 330 39.06 38.37 -22.29
CA SER D 330 38.48 37.36 -21.41
C SER D 330 37.78 36.36 -22.29
N ILE D 331 37.89 35.08 -21.96
CA ILE D 331 37.25 34.04 -22.74
C ILE D 331 35.74 34.19 -22.50
N VAL D 332 34.96 34.12 -23.57
CA VAL D 332 33.49 34.26 -23.49
C VAL D 332 32.88 32.87 -23.62
N ASP D 333 33.39 32.13 -24.59
CA ASP D 333 32.94 30.78 -24.86
C ASP D 333 33.89 30.20 -25.91
N LEU D 334 34.15 28.91 -25.81
CA LEU D 334 35.01 28.23 -26.76
C LEU D 334 34.27 26.97 -27.18
N VAL D 335 34.56 26.48 -28.37
CA VAL D 335 33.88 25.29 -28.84
C VAL D 335 34.80 24.49 -29.76
N LEU D 336 35.19 23.31 -29.29
CA LEU D 336 36.05 22.42 -30.05
C LEU D 336 35.15 21.57 -30.94
N THR D 337 35.47 21.47 -32.22
CA THR D 337 34.63 20.70 -33.13
C THR D 337 35.33 20.23 -34.41
N ARG D 338 34.57 19.50 -35.22
CA ARG D 338 35.05 18.98 -36.49
C ARG D 338 35.64 20.14 -37.28
N PRO D 339 36.64 19.87 -38.12
CA PRO D 339 37.26 20.94 -38.90
C PRO D 339 36.29 21.73 -39.75
N LEU D 340 36.76 22.86 -40.26
CA LEU D 340 35.97 23.73 -41.11
C LEU D 340 36.56 23.68 -42.50
N GLU D 341 36.18 24.62 -43.35
CA GLU D 341 36.71 24.65 -44.71
C GLU D 341 37.60 25.88 -44.91
N LEU D 342 38.59 25.99 -44.04
CA LEU D 342 39.53 27.11 -44.08
C LEU D 342 40.46 27.06 -45.28
N ASN D 343 41.34 28.05 -45.36
CA ASN D 343 42.29 28.17 -46.47
C ASN D 343 43.43 27.16 -46.45
N VAL D 344 43.43 26.26 -45.47
CA VAL D 344 44.47 25.24 -45.36
C VAL D 344 43.84 23.86 -45.18
N GLU D 345 44.12 22.97 -46.13
CA GLU D 345 43.58 21.60 -46.10
C GLU D 345 44.12 20.79 -44.90
N ALA D 346 45.36 21.08 -44.52
CA ALA D 346 46.01 20.42 -43.40
C ALA D 346 45.24 20.74 -42.12
N SER D 347 44.17 19.98 -41.88
CA SER D 347 43.33 20.18 -40.70
C SER D 347 42.82 18.86 -40.13
N TYR D 348 42.72 18.83 -38.79
CA TYR D 348 42.25 17.66 -38.05
C TYR D 348 41.08 18.07 -37.14
N LEU D 349 41.29 19.15 -36.39
CA LEU D 349 40.28 19.67 -35.47
C LEU D 349 40.26 21.19 -35.53
N ASN D 350 39.18 21.78 -35.03
CA ASN D 350 39.01 23.22 -35.00
C ASN D 350 38.46 23.70 -33.66
N LEU D 351 39.07 24.75 -33.14
CA LEU D 351 38.66 25.32 -31.87
C LEU D 351 38.20 26.73 -32.12
N ILE D 352 36.91 26.97 -31.94
CA ILE D 352 36.37 28.30 -32.15
C ILE D 352 36.45 29.01 -30.81
N VAL D 353 37.13 30.15 -30.79
CA VAL D 353 37.33 30.88 -29.55
C VAL D 353 36.77 32.29 -29.58
N LEU D 354 36.00 32.64 -28.57
CA LEU D 354 35.41 33.96 -28.49
C LEU D 354 35.94 34.69 -27.27
N TRP D 355 36.65 35.79 -27.51
CA TRP D 355 37.20 36.58 -26.42
C TRP D 355 36.42 37.87 -26.38
N LYS D 356 36.55 38.59 -25.27
CA LYS D 356 35.86 39.86 -25.12
C LYS D 356 36.73 40.79 -24.27
N SER D 357 36.62 42.09 -24.53
CA SER D 357 37.34 43.07 -23.77
C SER D 357 36.45 44.28 -23.76
N GLY D 358 35.52 44.29 -22.83
CA GLY D 358 34.58 45.39 -22.76
C GLY D 358 33.50 44.97 -23.72
N THR D 359 33.03 45.89 -24.56
CA THR D 359 32.00 45.56 -25.52
C THR D 359 32.60 45.21 -26.88
N ALA D 360 33.92 45.11 -26.93
CA ALA D 360 34.64 44.76 -28.16
C ALA D 360 34.82 43.24 -28.10
N SER D 361 34.79 42.57 -29.25
CA SER D 361 34.96 41.12 -29.23
C SER D 361 36.02 40.62 -30.19
N LYS D 362 36.42 39.39 -29.99
CA LYS D 362 37.45 38.81 -30.84
C LYS D 362 37.10 37.36 -31.08
N LEU D 363 36.98 36.96 -32.34
CA LEU D 363 36.67 35.58 -32.63
C LEU D 363 37.81 34.99 -33.44
N GLN D 364 38.28 33.84 -33.02
CA GLN D 364 39.37 33.19 -33.70
C GLN D 364 39.00 31.75 -33.83
N ILE D 365 39.77 31.04 -34.65
CA ILE D 365 39.57 29.62 -34.86
C ILE D 365 40.98 29.02 -34.79
N LEU D 366 41.20 28.08 -33.88
CA LEU D 366 42.50 27.43 -33.78
C LEU D 366 42.39 26.19 -34.65
N ASN D 367 43.23 26.12 -35.68
CA ASN D 367 43.22 24.99 -36.58
C ASN D 367 44.43 24.12 -36.30
N VAL D 368 44.16 22.88 -35.85
CA VAL D 368 45.21 21.90 -35.56
C VAL D 368 45.36 20.99 -36.78
N ASN D 369 46.56 20.97 -37.36
CA ASN D 369 46.82 20.18 -38.56
C ASN D 369 46.75 18.67 -38.42
N ASP D 370 47.73 18.10 -37.72
CA ASP D 370 47.83 16.65 -37.52
C ASP D 370 47.28 16.21 -36.16
N GLU D 371 47.25 14.90 -35.92
CA GLU D 371 46.76 14.35 -34.65
C GLU D 371 47.73 14.67 -33.51
N SER D 372 48.85 15.27 -33.87
CA SER D 372 49.87 15.69 -32.92
C SER D 372 49.52 17.14 -32.65
N PHE D 373 49.12 17.45 -31.43
CA PHE D 373 48.75 18.82 -31.12
C PHE D 373 49.96 19.74 -31.05
N LYS D 374 50.87 19.58 -32.01
CA LYS D 374 52.08 20.39 -32.06
C LYS D 374 52.14 21.29 -33.28
N ASN D 375 51.43 20.92 -34.34
CA ASN D 375 51.39 21.75 -35.55
C ASN D 375 50.00 22.33 -35.73
N TYR D 376 49.92 23.66 -35.64
CA TYR D 376 48.65 24.35 -35.73
C TYR D 376 48.82 25.77 -36.31
N GLU D 377 47.69 26.46 -36.53
CA GLU D 377 47.71 27.82 -37.05
C GLU D 377 46.50 28.63 -36.55
N TRP D 378 46.75 29.87 -36.12
CA TRP D 378 45.67 30.73 -35.61
C TRP D 378 44.98 31.55 -36.71
N ILE D 379 43.69 31.31 -36.91
CA ILE D 379 42.93 32.04 -37.91
C ILE D 379 42.04 33.12 -37.31
N GLU D 380 42.31 34.36 -37.69
CA GLU D 380 41.56 35.48 -37.16
C GLU D 380 40.41 35.92 -38.05
N SER D 381 39.63 36.89 -37.59
CA SER D 381 38.50 37.36 -38.37
C SER D 381 38.21 38.81 -38.09
N VAL D 382 37.42 39.46 -38.95
CA VAL D 382 37.07 40.86 -38.78
C VAL D 382 36.07 40.96 -37.66
N ASN D 383 36.27 41.90 -36.74
CA ASN D 383 35.37 41.97 -35.61
C ASN D 383 34.41 43.12 -35.56
N LYS D 384 34.25 43.75 -36.71
CA LYS D 384 33.29 44.84 -36.86
C LYS D 384 32.70 44.51 -38.22
N SER D 385 31.42 44.82 -38.42
CA SER D 385 30.75 44.54 -39.69
C SER D 385 31.16 45.60 -40.71
N LEU D 386 31.03 45.29 -41.98
CA LEU D 386 31.37 46.25 -43.01
C LEU D 386 30.56 47.51 -42.80
N VAL D 387 29.26 47.38 -42.58
CA VAL D 387 28.46 48.58 -42.37
C VAL D 387 29.07 49.43 -41.23
N ASP D 388 29.56 48.78 -40.17
CA ASP D 388 30.19 49.49 -39.05
C ASP D 388 31.52 50.10 -39.43
N LEU D 389 32.38 49.33 -40.09
CA LEU D 389 33.69 49.85 -40.50
C LEU D 389 33.58 51.02 -41.48
N GLN D 390 32.64 50.95 -42.43
CA GLN D 390 32.50 52.04 -43.38
C GLN D 390 32.06 53.30 -42.68
N SER D 391 31.19 53.15 -41.68
CA SER D 391 30.72 54.32 -40.96
C SER D 391 31.86 54.92 -40.14
N GLU D 392 32.62 54.06 -39.48
CA GLU D 392 33.73 54.50 -38.66
C GLU D 392 34.80 55.20 -39.49
N HIS D 393 35.24 54.54 -40.57
CA HIS D 393 36.30 55.08 -41.42
C HIS D 393 35.87 55.98 -42.57
N ASP D 394 34.68 56.55 -42.48
CA ASP D 394 34.14 57.41 -43.53
C ASP D 394 34.49 56.83 -44.90
N LEU D 395 34.02 55.62 -45.15
CA LEU D 395 34.28 54.93 -46.40
C LEU D 395 33.00 54.72 -47.22
N ASP D 396 31.89 55.26 -46.72
CA ASP D 396 30.61 55.12 -47.39
C ASP D 396 30.33 56.24 -48.40
N ILE D 397 30.20 55.85 -49.66
CA ILE D 397 29.97 56.78 -50.78
C ILE D 397 28.53 56.75 -51.24
N VAL D 398 27.82 55.69 -50.89
CA VAL D 398 26.46 55.53 -51.35
C VAL D 398 25.39 56.32 -50.61
N THR D 399 25.33 56.22 -49.28
CA THR D 399 24.32 56.92 -48.47
C THR D 399 24.12 58.38 -48.88
N LYS D 400 22.87 58.75 -49.18
CA LYS D 400 22.54 60.12 -49.61
C LYS D 400 22.87 61.16 -48.54
N THR D 401 23.38 62.30 -48.99
CA THR D 401 23.73 63.37 -48.08
C THR D 401 22.74 64.52 -48.15
N GLY D 402 23.04 65.58 -47.39
CA GLY D 402 22.18 66.75 -47.40
C GLY D 402 21.43 67.06 -46.13
N ASP D 403 20.11 67.22 -46.31
CA ASP D 403 19.18 67.54 -45.26
C ASP D 403 19.48 66.89 -43.90
N VAL D 404 18.87 67.45 -42.86
CA VAL D 404 19.02 66.94 -41.49
C VAL D 404 18.07 65.77 -41.24
N GLU D 405 16.91 65.81 -41.89
CA GLU D 405 15.92 64.75 -41.76
C GLU D 405 16.35 63.59 -42.66
N ARG D 406 17.17 63.93 -43.65
CA ARG D 406 17.73 62.96 -44.58
C ARG D 406 18.68 62.11 -43.74
N GLY D 407 19.42 62.80 -42.86
CA GLY D 407 20.36 62.12 -41.99
C GLY D 407 19.64 61.36 -40.89
N PHE D 408 18.35 61.66 -40.73
CA PHE D 408 17.52 61.01 -39.73
C PHE D 408 17.04 59.69 -40.31
N CYS D 409 16.61 59.74 -41.58
CA CYS D 409 16.14 58.56 -42.28
C CYS D 409 17.29 57.60 -42.47
N ASN D 410 18.46 58.16 -42.75
CA ASN D 410 19.64 57.36 -42.95
C ASN D 410 19.93 56.51 -41.71
N LEU D 411 20.03 57.17 -40.56
CA LEU D 411 20.31 56.50 -39.30
C LEU D 411 19.22 55.53 -38.87
N LYS D 412 17.98 56.00 -38.95
CA LYS D 412 16.82 55.19 -38.58
C LYS D 412 16.81 53.90 -39.40
N SER D 413 16.98 54.06 -40.72
CA SER D 413 17.04 52.92 -41.64
C SER D 413 18.26 52.06 -41.33
N ARG D 414 19.39 52.72 -41.12
CA ARG D 414 20.63 51.99 -40.84
C ARG D 414 20.61 51.16 -39.56
N TYR D 415 20.05 51.73 -38.49
CA TYR D 415 20.05 51.06 -37.20
C TYR D 415 18.89 50.16 -36.83
N GLY D 416 17.70 50.48 -37.32
CA GLY D 416 16.58 49.65 -36.97
C GLY D 416 15.87 50.29 -35.80
N THR D 417 14.57 50.10 -35.73
CA THR D 417 13.75 50.69 -34.69
C THR D 417 14.12 50.37 -33.26
N GLN D 418 14.43 49.12 -32.94
CA GLN D 418 14.78 48.79 -31.56
C GLN D 418 15.91 49.68 -31.02
N ILE D 419 16.98 49.83 -31.80
CA ILE D 419 18.11 50.64 -31.41
C ILE D 419 17.80 52.14 -31.51
N PHE D 420 17.25 52.57 -32.63
CA PHE D 420 16.99 53.99 -32.80
C PHE D 420 16.18 54.55 -31.64
N GLU D 421 15.09 53.86 -31.31
CA GLU D 421 14.23 54.31 -30.24
C GLU D 421 14.91 54.24 -28.88
N ARG D 422 15.83 53.29 -28.70
CA ARG D 422 16.54 53.20 -27.44
C ARG D 422 17.52 54.35 -27.29
N ALA D 423 17.99 54.86 -28.43
CA ALA D 423 18.92 55.98 -28.44
C ALA D 423 18.15 57.27 -28.23
N GLN D 424 16.94 57.36 -28.76
CA GLN D 424 16.18 58.58 -28.56
C GLN D 424 15.67 58.62 -27.12
N GLN D 425 15.73 57.48 -26.45
CA GLN D 425 15.30 57.38 -25.06
C GLN D 425 16.44 57.98 -24.22
N ILE D 426 17.63 57.42 -24.40
CA ILE D 426 18.81 57.88 -23.69
C ILE D 426 19.06 59.37 -23.94
N LEU D 427 18.50 59.92 -25.01
CA LEU D 427 18.70 61.34 -25.31
C LEU D 427 17.86 62.24 -24.40
N SER D 428 16.57 61.98 -24.36
CA SER D 428 15.68 62.77 -23.52
C SER D 428 16.01 62.60 -22.04
N GLU D 429 16.32 61.36 -21.65
CA GLU D 429 16.67 61.04 -20.28
C GLU D 429 17.85 61.89 -19.84
N ASN D 430 18.67 62.29 -20.80
CA ASN D 430 19.83 63.11 -20.52
C ASN D 430 19.55 64.56 -20.92
N LYS D 431 18.27 64.89 -21.10
CA LYS D 431 17.83 66.24 -21.45
C LYS D 431 18.31 66.80 -22.77
N ILE D 432 18.66 65.90 -23.69
CA ILE D 432 19.13 66.28 -25.00
C ILE D 432 17.94 66.25 -25.94
N ILE D 433 17.29 67.40 -26.11
CA ILE D 433 16.12 67.50 -26.96
C ILE D 433 16.32 68.33 -28.22
N MET D 434 15.71 67.85 -29.32
CA MET D 434 15.80 68.48 -30.62
C MET D 434 15.19 69.88 -30.64
N ALA D 435 16.05 70.89 -30.88
CA ALA D 435 15.60 72.29 -30.93
C ALA D 435 14.61 72.54 -32.07
N HIS D 436 15.05 72.31 -33.30
CA HIS D 436 14.20 72.50 -34.45
C HIS D 436 14.57 71.45 -35.50
N ASN D 437 13.79 71.40 -36.57
CA ASN D 437 14.01 70.44 -37.65
C ASN D 437 15.44 70.34 -38.18
N GLU D 438 16.24 71.39 -38.04
CA GLU D 438 17.62 71.36 -38.54
C GLU D 438 18.71 71.45 -37.48
N ASP D 439 18.39 71.00 -36.27
CA ASP D 439 19.34 71.03 -35.17
C ASP D 439 20.47 70.03 -35.41
N GLU D 440 21.38 70.39 -36.30
CA GLU D 440 22.51 69.52 -36.62
C GLU D 440 23.26 69.09 -35.36
N GLU D 441 23.34 70.00 -34.41
CA GLU D 441 24.02 69.80 -33.13
C GLU D 441 23.47 68.52 -32.46
N TYR D 442 22.18 68.29 -32.69
CA TYR D 442 21.44 67.14 -32.16
C TYR D 442 21.88 65.89 -32.90
N LEU D 443 21.50 65.81 -34.17
CA LEU D 443 21.85 64.67 -35.01
C LEU D 443 23.26 64.21 -34.68
N ALA D 444 24.16 65.16 -34.47
CA ALA D 444 25.53 64.79 -34.15
C ALA D 444 25.57 63.89 -32.91
N ASN D 445 24.62 64.11 -32.01
CA ASN D 445 24.56 63.32 -30.78
C ASN D 445 24.03 61.93 -31.08
N LEU D 446 22.90 61.88 -31.77
CA LEU D 446 22.26 60.64 -32.16
C LEU D 446 23.29 59.67 -32.73
N GLU D 447 24.16 60.20 -33.59
CA GLU D 447 25.19 59.39 -34.22
C GLU D 447 25.92 58.55 -33.19
N THR D 448 26.48 59.24 -32.22
CA THR D 448 27.27 58.62 -31.17
C THR D 448 26.50 57.67 -30.30
N ILE D 449 25.28 58.06 -29.93
CA ILE D 449 24.48 57.19 -29.08
C ILE D 449 24.12 55.91 -29.84
N LEU D 450 23.55 56.07 -31.04
CA LEU D 450 23.19 54.93 -31.86
C LEU D 450 24.38 54.00 -31.91
N ARG D 451 25.54 54.53 -32.28
CA ARG D 451 26.73 53.73 -32.34
C ARG D 451 26.97 52.97 -31.03
N ASP D 452 26.88 53.68 -29.90
CA ASP D 452 27.08 53.07 -28.61
C ASP D 452 25.99 52.06 -28.23
N VAL D 453 24.74 52.43 -28.42
CA VAL D 453 23.66 51.50 -28.11
C VAL D 453 23.88 50.21 -28.92
N LYS D 454 24.18 50.35 -30.20
CA LYS D 454 24.42 49.17 -31.01
C LYS D 454 25.55 48.37 -30.33
N THR D 455 26.67 49.04 -30.10
CA THR D 455 27.81 48.36 -29.48
C THR D 455 27.40 47.67 -28.19
N ALA D 456 26.54 48.33 -27.42
CA ALA D 456 26.07 47.73 -26.16
C ALA D 456 25.22 46.49 -26.49
N PHE D 457 24.14 46.70 -27.27
CA PHE D 457 23.26 45.62 -27.70
C PHE D 457 24.07 44.45 -28.22
N ASN D 458 25.19 44.75 -28.86
CA ASN D 458 26.04 43.71 -29.43
C ASN D 458 27.08 43.06 -28.53
N GLU D 459 27.10 43.34 -27.24
CA GLU D 459 28.11 42.68 -26.43
C GLU D 459 28.03 41.16 -26.57
N ALA D 460 29.18 40.51 -26.81
CA ALA D 460 29.22 39.06 -27.00
C ALA D 460 28.90 38.26 -25.73
N SER D 461 28.15 37.17 -25.89
CA SER D 461 27.73 36.32 -24.78
C SER D 461 28.04 34.83 -24.90
N SER D 462 27.85 34.25 -26.10
CA SER D 462 28.13 32.82 -26.28
C SER D 462 28.20 32.45 -27.74
N ILE D 463 28.60 31.22 -28.00
CA ILE D 463 28.67 30.75 -29.37
C ILE D 463 27.57 29.72 -29.58
N THR D 464 27.04 29.68 -30.79
CA THR D 464 26.02 28.71 -31.14
C THR D 464 26.48 28.25 -32.49
N LEU D 465 26.59 26.95 -32.67
CA LEU D 465 26.99 26.43 -33.97
C LEU D 465 25.71 26.17 -34.74
N TYR D 466 25.23 27.18 -35.46
CA TYR D 466 24.02 27.06 -36.27
C TYR D 466 24.32 26.03 -37.36
N GLY D 467 23.41 25.08 -37.54
CA GLY D 467 23.64 24.07 -38.55
C GLY D 467 24.77 23.11 -38.20
N ASP D 468 25.59 22.78 -39.19
CA ASP D 468 26.69 21.87 -38.95
C ASP D 468 27.97 22.61 -38.62
N GLU D 469 28.14 23.79 -39.20
CA GLU D 469 29.37 24.55 -39.00
C GLU D 469 29.26 26.07 -38.96
N ILE D 470 28.05 26.62 -38.97
CA ILE D 470 27.94 28.08 -38.95
C ILE D 470 28.24 28.69 -37.59
N ILE D 471 29.31 29.47 -37.52
CA ILE D 471 29.67 30.12 -36.29
C ILE D 471 28.71 31.27 -36.05
N LEU D 472 28.10 31.28 -34.89
CA LEU D 472 27.13 32.32 -34.59
C LEU D 472 27.40 32.82 -33.18
N VAL D 473 27.19 34.11 -32.97
CA VAL D 473 27.40 34.67 -31.65
C VAL D 473 26.10 35.31 -31.18
N ASN D 474 25.73 35.03 -29.94
CA ASN D 474 24.51 35.54 -29.35
C ASN D 474 24.85 36.72 -28.46
N CYS D 475 24.17 37.84 -28.67
CA CYS D 475 24.45 39.07 -27.93
C CYS D 475 23.68 39.34 -26.65
N PHE D 476 24.14 40.35 -25.92
CA PHE D 476 23.48 40.70 -24.67
C PHE D 476 22.05 41.16 -24.90
N GLN D 477 21.83 42.02 -25.89
CA GLN D 477 20.49 42.51 -26.16
C GLN D 477 19.67 41.52 -27.00
N PRO D 478 18.47 41.14 -26.51
CA PRO D 478 17.61 40.20 -27.23
C PRO D 478 17.28 40.65 -28.67
N TYR D 479 17.28 39.68 -29.59
CA TYR D 479 16.98 39.89 -31.01
C TYR D 479 18.20 40.39 -31.78
N ASN D 480 19.37 40.30 -31.17
CA ASN D 480 20.60 40.73 -31.80
C ASN D 480 21.57 39.59 -31.81
N HIS D 481 22.00 39.17 -33.00
CA HIS D 481 22.94 38.06 -33.08
C HIS D 481 23.98 38.48 -34.10
N SER D 482 25.08 37.75 -34.15
CA SER D 482 26.13 38.06 -35.10
C SER D 482 26.67 36.83 -35.77
N LEU D 483 26.48 36.73 -37.07
CA LEU D 483 27.01 35.59 -37.79
C LEU D 483 28.39 35.89 -38.33
N TYR D 484 29.32 34.97 -38.10
CA TYR D 484 30.66 35.11 -38.59
C TYR D 484 30.77 34.25 -39.83
N LYS D 485 30.82 34.92 -40.97
CA LYS D 485 30.85 34.26 -42.26
C LYS D 485 32.21 34.09 -42.95
N LEU D 486 32.44 32.86 -43.40
CA LEU D 486 33.66 32.49 -44.11
C LEU D 486 33.71 33.41 -45.33
N ASN D 487 34.86 34.05 -45.56
CA ASN D 487 35.01 34.96 -46.70
C ASN D 487 35.31 34.27 -48.03
N THR D 488 34.74 34.81 -49.10
CA THR D 488 34.96 34.29 -50.43
C THR D 488 36.32 34.85 -50.85
N THR D 489 36.81 34.46 -52.01
CA THR D 489 38.11 34.96 -52.46
C THR D 489 38.17 36.49 -52.43
N VAL D 490 37.32 37.12 -53.23
CA VAL D 490 37.28 38.56 -53.34
C VAL D 490 37.19 39.27 -52.02
N GLU D 491 36.37 38.73 -51.12
CA GLU D 491 36.20 39.32 -49.80
C GLU D 491 37.54 39.33 -49.06
N ASN D 492 38.25 38.20 -49.12
CA ASN D 492 39.54 38.10 -48.47
C ASN D 492 40.51 39.17 -48.94
N TRP D 493 40.50 39.47 -50.23
CA TRP D 493 41.40 40.49 -50.72
C TRP D 493 41.01 41.80 -50.13
N PHE D 494 39.71 42.04 -50.11
CA PHE D 494 39.17 43.28 -49.57
C PHE D 494 39.59 43.51 -48.12
N TYR D 495 39.37 42.49 -47.30
CA TYR D 495 39.67 42.54 -45.87
C TYR D 495 41.13 42.35 -45.49
N ASN D 496 42.00 42.23 -46.49
CA ASN D 496 43.41 42.04 -46.21
C ASN D 496 44.34 42.76 -47.17
N MET D 497 43.93 43.92 -47.65
CA MET D 497 44.75 44.72 -48.55
C MET D 497 46.08 45.02 -47.90
N HIS D 498 46.04 45.52 -46.67
CA HIS D 498 47.25 45.89 -45.93
C HIS D 498 47.82 44.72 -45.16
N SER D 499 48.02 43.58 -45.82
CA SER D 499 48.56 42.43 -45.12
C SER D 499 49.09 41.31 -46.02
N GLU D 500 48.23 40.77 -46.88
CA GLU D 500 48.65 39.67 -47.76
C GLU D 500 50.08 39.90 -48.22
N THR D 501 51.01 39.21 -47.55
CA THR D 501 52.42 39.31 -47.91
C THR D 501 52.57 38.91 -49.37
N ASP D 502 51.99 37.76 -49.69
CA ASP D 502 52.00 37.19 -51.03
C ASP D 502 50.76 37.62 -51.79
N GLY D 503 49.99 36.65 -52.26
CA GLY D 503 48.79 36.96 -53.01
C GLY D 503 49.02 36.83 -54.51
N SER D 504 47.93 36.57 -55.23
CA SER D 504 47.94 36.41 -56.67
C SER D 504 48.15 37.72 -57.40
N GLU D 505 48.23 37.65 -58.72
CA GLU D 505 48.42 38.84 -59.54
C GLU D 505 47.24 39.79 -59.35
N LEU D 506 46.03 39.22 -59.40
CA LEU D 506 44.80 39.98 -59.23
C LEU D 506 44.78 40.66 -57.87
N PHE D 507 45.28 39.98 -56.85
CA PHE D 507 45.31 40.59 -55.54
C PHE D 507 46.20 41.80 -55.57
N LYS D 508 47.43 41.61 -56.09
CA LYS D 508 48.41 42.69 -56.19
C LYS D 508 47.89 43.82 -57.07
N TYR D 509 47.15 43.47 -58.11
CA TYR D 509 46.57 44.46 -59.02
C TYR D 509 45.53 45.28 -58.28
N LEU D 510 44.62 44.61 -57.56
CA LEU D 510 43.59 45.33 -56.83
C LEU D 510 44.22 46.21 -55.75
N ARG D 511 45.21 45.67 -55.04
CA ARG D 511 45.85 46.44 -53.99
C ARG D 511 46.46 47.74 -54.48
N THR D 512 47.12 47.71 -55.64
CA THR D 512 47.73 48.92 -56.13
C THR D 512 46.66 49.86 -56.68
N LEU D 513 45.53 49.30 -57.07
CA LEU D 513 44.43 50.13 -57.57
C LEU D 513 43.85 50.85 -56.36
N ASN D 514 43.76 50.14 -55.25
CA ASN D 514 43.23 50.72 -54.01
C ASN D 514 44.24 51.75 -53.49
N GLY D 515 45.51 51.41 -53.62
CA GLY D 515 46.58 52.28 -53.19
C GLY D 515 46.34 53.69 -53.72
N PHE D 516 45.97 53.82 -54.98
CA PHE D 516 45.74 55.15 -55.54
C PHE D 516 44.38 55.77 -55.22
N ALA D 517 43.33 54.95 -55.33
CA ALA D 517 41.97 55.44 -55.06
C ALA D 517 41.79 55.88 -53.62
N SER D 518 42.52 55.27 -52.70
CA SER D 518 42.36 55.62 -51.31
C SER D 518 42.86 57.03 -51.00
N THR D 519 43.70 57.58 -51.88
CA THR D 519 44.22 58.92 -51.63
C THR D 519 43.27 60.03 -52.06
N LEU D 520 42.23 59.67 -52.81
CA LEU D 520 41.22 60.63 -53.25
C LEU D 520 40.26 60.83 -52.07
N SER D 521 39.32 61.76 -52.20
CA SER D 521 38.38 62.00 -51.11
C SER D 521 36.99 61.50 -51.48
N ASN D 522 36.13 61.36 -50.48
CA ASN D 522 34.77 60.91 -50.70
C ASN D 522 34.00 61.76 -51.72
N ASP D 523 34.07 63.08 -51.58
CA ASP D 523 33.37 63.95 -52.52
C ASP D 523 33.85 63.74 -53.95
N VAL D 524 35.13 63.41 -54.12
CA VAL D 524 35.66 63.18 -55.46
C VAL D 524 35.18 61.84 -56.00
N LEU D 525 35.30 60.79 -55.17
CA LEU D 525 34.85 59.47 -55.56
C LEU D 525 33.36 59.49 -55.91
N ARG D 526 32.54 60.15 -55.08
CA ARG D 526 31.09 60.24 -55.34
C ARG D 526 30.81 60.92 -56.68
N SER D 527 31.55 61.97 -56.97
CA SER D 527 31.32 62.72 -58.20
C SER D 527 31.65 61.88 -59.41
N ILE D 528 32.60 60.96 -59.21
CA ILE D 528 33.03 60.06 -60.25
C ILE D 528 32.02 58.94 -60.47
N SER D 529 31.49 58.42 -59.37
CA SER D 529 30.50 57.37 -59.43
C SER D 529 29.28 57.92 -60.16
N LYS D 530 28.88 59.13 -59.78
CA LYS D 530 27.73 59.78 -60.39
C LYS D 530 27.93 59.87 -61.91
N LYS D 531 29.15 60.22 -62.31
CA LYS D 531 29.45 60.35 -63.73
C LYS D 531 29.29 59.01 -64.44
N PHE D 532 29.72 57.93 -63.80
CA PHE D 532 29.58 56.64 -64.42
C PHE D 532 28.11 56.29 -64.59
N LEU D 533 27.27 56.72 -63.64
CA LEU D 533 25.82 56.48 -63.75
C LEU D 533 25.23 57.29 -64.89
N ASP D 534 25.79 58.48 -65.12
CA ASP D 534 25.30 59.34 -66.19
C ASP D 534 25.57 58.70 -67.53
N ILE D 535 26.66 57.94 -67.63
CA ILE D 535 26.95 57.28 -68.88
C ILE D 535 25.83 56.29 -69.18
N ILE D 536 25.37 55.58 -68.17
CA ILE D 536 24.30 54.61 -68.37
C ILE D 536 22.93 55.26 -68.50
N THR D 537 22.72 56.36 -67.80
CA THR D 537 21.43 57.03 -67.88
C THR D 537 21.33 57.92 -69.09
N GLY D 538 22.48 58.32 -69.63
CA GLY D 538 22.44 59.16 -70.80
C GLY D 538 22.67 60.64 -70.55
N GLU D 539 22.80 61.05 -69.29
CA GLU D 539 23.05 62.46 -68.99
C GLU D 539 24.36 62.83 -69.68
N LEU D 540 25.17 61.82 -69.95
CA LEU D 540 26.39 62.02 -70.70
C LEU D 540 25.93 61.35 -72.00
N PRO D 541 25.49 62.17 -72.97
CA PRO D 541 24.99 61.76 -74.29
C PRO D 541 25.66 60.56 -74.93
N ASP D 542 24.83 59.67 -75.44
CA ASP D 542 25.27 58.46 -76.10
C ASP D 542 26.04 58.85 -77.36
N SER D 543 25.85 60.09 -77.77
CA SER D 543 26.50 60.63 -78.95
C SER D 543 28.00 60.72 -78.75
N MET D 544 28.41 60.98 -77.52
CA MET D 544 29.84 61.10 -77.22
C MET D 544 30.59 59.79 -77.34
N THR D 545 31.89 59.92 -77.56
CA THR D 545 32.78 58.78 -77.69
C THR D 545 33.23 58.43 -76.28
N THR D 546 33.57 57.17 -76.07
CA THR D 546 34.02 56.76 -74.77
C THR D 546 35.13 57.70 -74.27
N VAL D 547 36.11 57.93 -75.12
CA VAL D 547 37.22 58.82 -74.77
C VAL D 547 36.75 60.22 -74.36
N GLU D 548 35.65 60.67 -74.95
CA GLU D 548 35.10 61.98 -74.64
C GLU D 548 34.49 62.06 -73.23
N LYS D 549 33.72 61.04 -72.87
CA LYS D 549 33.10 60.96 -71.56
C LYS D 549 34.16 60.85 -70.47
N PHE D 550 35.17 60.01 -70.70
CA PHE D 550 36.22 59.88 -69.71
C PHE D 550 36.95 61.20 -69.58
N THR D 551 37.01 61.94 -70.68
CA THR D 551 37.65 63.24 -70.70
C THR D 551 36.83 64.20 -69.87
N ASP D 552 35.51 64.15 -70.08
CA ASP D 552 34.56 64.98 -69.33
C ASP D 552 34.68 64.70 -67.83
N ILE D 553 34.63 63.42 -67.46
CA ILE D 553 34.73 62.99 -66.07
C ILE D 553 36.03 63.48 -65.43
N PHE D 554 37.14 63.33 -66.16
CA PHE D 554 38.43 63.77 -65.65
C PHE D 554 38.45 65.26 -65.31
N LYS D 555 38.22 66.10 -66.31
CA LYS D 555 38.22 67.53 -66.10
C LYS D 555 37.25 67.99 -65.02
N ASN D 556 36.06 67.41 -64.97
CA ASN D 556 35.09 67.81 -63.97
C ASN D 556 35.27 67.19 -62.60
N CYS D 557 35.92 66.03 -62.54
CA CYS D 557 36.07 65.35 -61.27
C CYS D 557 37.47 65.13 -60.70
N LEU D 558 38.38 64.66 -61.56
CA LEU D 558 39.74 64.35 -61.12
C LEU D 558 40.83 65.40 -61.24
N GLU D 559 40.76 66.26 -62.26
CA GLU D 559 41.79 67.28 -62.43
C GLU D 559 42.01 68.13 -61.18
N ASN D 560 43.27 68.26 -60.77
CA ASN D 560 43.64 69.04 -59.61
C ASN D 560 43.13 68.41 -58.33
N GLN D 561 42.69 67.16 -58.42
CA GLN D 561 42.16 66.50 -57.24
C GLN D 561 43.00 65.37 -56.68
N PHE D 562 44.23 65.23 -57.16
CA PHE D 562 45.09 64.18 -56.65
C PHE D 562 46.55 64.58 -56.80
N GLU D 563 47.43 63.89 -56.06
CA GLU D 563 48.86 64.17 -56.12
C GLU D 563 49.45 63.46 -57.32
N ILE D 564 50.07 64.23 -58.21
CA ILE D 564 50.68 63.66 -59.39
C ILE D 564 51.75 62.63 -58.99
N THR D 565 52.29 62.77 -57.79
CA THR D 565 53.29 61.81 -57.33
C THR D 565 52.65 60.41 -57.30
N ASN D 566 51.48 60.34 -56.69
CA ASN D 566 50.74 59.07 -56.56
C ASN D 566 50.31 58.46 -57.90
N LEU D 567 50.06 59.29 -58.90
CA LEU D 567 49.68 58.77 -60.22
C LEU D 567 50.86 58.01 -60.81
N LYS D 568 52.06 58.50 -60.54
CA LYS D 568 53.30 57.89 -61.02
C LYS D 568 53.42 56.51 -60.39
N ILE D 569 53.25 56.46 -59.07
CA ILE D 569 53.33 55.22 -58.35
C ILE D 569 52.34 54.27 -58.98
N LEU D 570 51.13 54.74 -59.19
CA LEU D 570 50.10 53.90 -59.80
C LEU D 570 50.50 53.47 -61.21
N PHE D 571 50.88 54.44 -62.05
CA PHE D 571 51.28 54.15 -63.42
C PHE D 571 52.38 53.07 -63.47
N ASP D 572 53.37 53.21 -62.59
CA ASP D 572 54.48 52.24 -62.54
C ASP D 572 54.01 50.84 -62.21
N GLU D 573 53.41 50.68 -61.03
CA GLU D 573 52.93 49.37 -60.59
C GLU D 573 52.02 48.71 -61.64
N LEU D 574 51.18 49.51 -62.27
CA LEU D 574 50.27 49.01 -63.29
C LEU D 574 51.01 48.30 -64.42
N ASN D 575 52.15 48.84 -64.83
CA ASN D 575 52.90 48.24 -65.92
C ASN D 575 53.40 46.82 -65.71
N SER D 576 53.42 46.35 -64.47
CA SER D 576 53.87 45.01 -64.18
C SER D 576 52.74 43.99 -64.27
N PHE D 577 51.60 44.41 -64.79
CA PHE D 577 50.46 43.52 -64.91
C PHE D 577 50.01 43.29 -66.32
N ASP D 578 49.57 42.06 -66.58
CA ASP D 578 49.07 41.71 -67.89
C ASP D 578 47.58 42.06 -67.85
N ILE D 579 47.30 43.33 -67.57
CA ILE D 579 45.93 43.85 -67.46
C ILE D 579 44.79 43.03 -68.10
N PRO D 580 44.87 42.74 -69.42
CA PRO D 580 43.79 41.97 -70.03
C PRO D 580 43.50 40.66 -69.29
N VAL D 581 44.55 39.90 -68.98
CA VAL D 581 44.42 38.62 -68.28
C VAL D 581 43.78 38.80 -66.91
N VAL D 582 44.30 39.75 -66.14
CA VAL D 582 43.80 40.05 -64.79
C VAL D 582 42.32 40.49 -64.76
N LEU D 583 41.97 41.46 -65.59
CA LEU D 583 40.61 41.96 -65.64
C LEU D 583 39.65 40.87 -66.07
N ASN D 584 40.14 39.97 -66.91
CA ASN D 584 39.31 38.88 -67.40
C ASN D 584 38.95 37.93 -66.28
N ASP D 585 39.93 37.65 -65.42
CA ASP D 585 39.70 36.76 -64.29
C ASP D 585 38.80 37.50 -63.28
N LEU D 586 39.05 38.79 -63.08
CA LEU D 586 38.23 39.56 -62.15
C LEU D 586 36.81 39.64 -62.67
N ILE D 587 36.63 40.08 -63.90
CA ILE D 587 35.29 40.22 -64.46
C ILE D 587 34.60 38.92 -64.88
N ASN D 588 35.34 37.93 -65.35
CA ASN D 588 34.68 36.69 -65.79
C ASN D 588 34.71 35.49 -64.85
N ASN D 589 35.47 35.60 -63.76
CA ASN D 589 35.53 34.51 -62.78
C ASN D 589 35.08 34.99 -61.41
N GLN D 590 35.79 35.97 -60.87
CA GLN D 590 35.50 36.50 -59.55
C GLN D 590 34.18 37.26 -59.41
N MET D 591 34.04 38.39 -60.10
CA MET D 591 32.82 39.18 -59.97
C MET D 591 31.56 38.62 -60.58
N LYS D 592 31.59 38.26 -61.86
CA LYS D 592 30.37 37.71 -62.45
C LYS D 592 30.17 36.27 -62.04
N PRO D 593 29.16 36.02 -61.19
CA PRO D 593 28.84 34.67 -60.69
C PRO D 593 28.52 33.68 -61.82
N GLY D 594 27.93 32.54 -61.47
CA GLY D 594 27.64 31.55 -62.49
C GLY D 594 26.24 31.01 -62.60
N ILE D 595 25.99 30.33 -63.72
CA ILE D 595 24.70 29.73 -64.01
C ILE D 595 24.40 28.63 -62.98
N PHE D 596 23.14 28.48 -62.64
CA PHE D 596 22.74 27.49 -61.65
C PHE D 596 21.84 26.40 -62.18
N TRP D 597 22.29 25.15 -62.03
CA TRP D 597 21.47 24.02 -62.44
C TRP D 597 20.89 23.60 -61.10
N LYS D 598 20.44 24.63 -60.37
CA LYS D 598 19.86 24.51 -59.04
C LYS D 598 20.75 23.71 -58.10
N LYS D 599 21.72 24.38 -57.49
CA LYS D 599 22.64 23.73 -56.56
C LYS D 599 22.13 23.74 -55.13
N ASP D 600 21.04 23.02 -54.93
CA ASP D 600 20.39 22.84 -53.64
C ASP D 600 20.58 23.93 -52.59
N PHE D 601 19.56 24.75 -52.44
CA PHE D 601 19.54 25.81 -51.44
C PHE D 601 18.23 25.44 -50.74
N ILE D 602 18.30 24.51 -49.79
CA ILE D 602 17.13 24.04 -49.06
C ILE D 602 16.01 25.07 -49.15
N SER D 603 14.96 24.73 -49.89
CA SER D 603 13.83 25.63 -50.07
C SER D 603 13.04 25.68 -48.78
N ALA D 604 12.94 26.85 -48.17
CA ALA D 604 12.21 27.01 -46.91
C ALA D 604 10.70 26.91 -47.07
N ILE D 605 10.09 26.08 -46.23
CA ILE D 605 8.64 25.85 -46.25
C ILE D 605 7.87 26.98 -45.58
N LYS D 606 8.57 27.75 -44.75
CA LYS D 606 8.00 28.88 -44.02
C LYS D 606 9.03 30.03 -44.00
N PHE D 607 8.56 31.28 -43.83
CA PHE D 607 9.49 32.42 -43.83
C PHE D 607 10.47 32.33 -42.66
N ASP D 608 11.76 32.30 -43.02
CA ASP D 608 12.81 32.22 -42.03
C ASP D 608 13.41 33.60 -41.90
N GLY D 609 12.95 34.34 -40.90
CA GLY D 609 13.44 35.68 -40.67
C GLY D 609 14.94 35.76 -40.44
N PHE D 610 15.49 34.76 -39.77
CA PHE D 610 16.91 34.78 -39.51
C PHE D 610 17.72 34.74 -40.79
N THR D 611 17.53 33.71 -41.60
CA THR D 611 18.33 33.63 -42.80
C THR D 611 18.03 34.78 -43.71
N SER D 612 16.81 35.28 -43.67
CA SER D 612 16.48 36.37 -44.56
C SER D 612 17.44 37.53 -44.40
N ILE D 613 17.51 38.09 -43.18
CA ILE D 613 18.39 39.22 -42.90
C ILE D 613 19.86 38.79 -43.05
N ILE D 614 20.20 37.58 -42.63
CA ILE D 614 21.58 37.12 -42.80
C ILE D 614 21.95 37.11 -44.28
N SER D 615 20.99 36.79 -45.13
CA SER D 615 21.28 36.75 -46.56
C SER D 615 21.40 38.15 -47.08
N LEU D 616 20.42 39.00 -46.78
CA LEU D 616 20.46 40.37 -47.26
C LEU D 616 21.75 41.08 -46.82
N GLU D 617 22.10 41.00 -45.52
CA GLU D 617 23.32 41.65 -45.05
C GLU D 617 24.56 41.11 -45.79
N SER D 618 24.62 39.80 -45.98
CA SER D 618 25.74 39.17 -46.71
C SER D 618 25.78 39.67 -48.13
N LEU D 619 24.63 39.73 -48.77
CA LEU D 619 24.56 40.20 -50.15
C LEU D 619 25.03 41.64 -50.23
N HIS D 620 24.73 42.41 -49.19
CA HIS D 620 25.13 43.80 -49.17
C HIS D 620 26.64 43.98 -48.99
N GLN D 621 27.27 43.08 -48.24
CA GLN D 621 28.71 43.18 -48.05
C GLN D 621 29.43 42.90 -49.38
N LEU D 622 29.06 41.78 -50.01
CA LEU D 622 29.65 41.38 -51.27
C LEU D 622 29.49 42.44 -52.36
N LEU D 623 28.30 43.02 -52.47
CA LEU D 623 28.12 44.04 -53.49
C LEU D 623 28.83 45.34 -53.19
N SER D 624 28.96 45.66 -51.90
CA SER D 624 29.67 46.85 -51.48
C SER D 624 31.12 46.64 -51.88
N ILE D 625 31.65 45.47 -51.55
CA ILE D 625 33.02 45.17 -51.92
C ILE D 625 33.16 45.26 -53.46
N HIS D 626 32.26 44.60 -54.19
CA HIS D 626 32.31 44.64 -55.67
C HIS D 626 32.28 46.09 -56.17
N TYR D 627 31.45 46.89 -55.53
CA TYR D 627 31.30 48.29 -55.89
C TYR D 627 32.58 49.10 -55.79
N ARG D 628 33.36 48.84 -54.74
CA ARG D 628 34.58 49.59 -54.58
C ARG D 628 35.58 49.14 -55.67
N ILE D 629 35.72 47.83 -55.81
CA ILE D 629 36.63 47.30 -56.80
C ILE D 629 36.30 47.87 -58.19
N THR D 630 35.04 47.70 -58.60
CA THR D 630 34.54 48.17 -59.89
C THR D 630 34.85 49.63 -60.14
N LEU D 631 34.52 50.47 -59.17
CA LEU D 631 34.76 51.91 -59.30
C LEU D 631 36.26 52.15 -59.48
N GLN D 632 37.07 51.53 -58.64
CA GLN D 632 38.52 51.70 -58.73
C GLN D 632 39.06 51.34 -60.11
N VAL D 633 38.60 50.21 -60.66
CA VAL D 633 39.04 49.78 -61.98
C VAL D 633 38.60 50.79 -63.03
N LEU D 634 37.33 51.15 -63.01
CA LEU D 634 36.80 52.13 -63.95
C LEU D 634 37.64 53.41 -63.89
N LEU D 635 38.05 53.76 -62.68
CA LEU D 635 38.85 54.95 -62.47
C LEU D 635 40.13 54.92 -63.30
N THR D 636 40.83 53.79 -63.30
CA THR D 636 42.05 53.71 -64.07
C THR D 636 41.80 53.90 -65.56
N PHE D 637 40.63 53.49 -66.04
CA PHE D 637 40.31 53.65 -67.45
C PHE D 637 40.07 55.09 -67.88
N VAL D 638 39.73 55.98 -66.94
CA VAL D 638 39.51 57.35 -67.35
C VAL D 638 40.79 58.16 -67.16
N LEU D 639 41.77 57.57 -66.49
CA LEU D 639 43.03 58.24 -66.22
C LEU D 639 44.12 57.90 -67.23
N PHE D 640 44.20 56.64 -67.61
CA PHE D 640 45.24 56.21 -68.52
C PHE D 640 44.70 55.93 -69.90
N ASP D 641 45.60 55.92 -70.88
CA ASP D 641 45.17 55.67 -72.24
C ASP D 641 45.01 54.19 -72.54
N LEU D 642 43.93 53.58 -72.09
CA LEU D 642 43.73 52.16 -72.38
C LEU D 642 42.86 52.14 -73.62
N ASP D 643 43.22 51.33 -74.61
CA ASP D 643 42.44 51.31 -75.84
C ASP D 643 40.98 51.13 -75.55
N THR D 644 40.24 52.20 -75.73
CA THR D 644 38.81 52.22 -75.50
C THR D 644 38.11 51.19 -76.40
N GLU D 645 38.83 50.70 -77.41
CA GLU D 645 38.28 49.71 -78.34
C GLU D 645 38.60 48.30 -77.84
N ILE D 646 39.85 48.05 -77.44
CA ILE D 646 40.23 46.74 -76.93
C ILE D 646 39.40 46.42 -75.69
N PHE D 647 39.44 47.33 -74.73
CA PHE D 647 38.72 47.18 -73.47
C PHE D 647 37.29 47.66 -73.55
N GLY D 648 36.79 47.87 -74.76
CA GLY D 648 35.42 48.32 -74.92
C GLY D 648 34.45 47.39 -74.22
N GLN D 649 34.67 46.09 -74.31
CA GLN D 649 33.77 45.13 -73.67
C GLN D 649 33.83 45.30 -72.16
N HIS D 650 35.04 45.17 -71.63
CA HIS D 650 35.25 45.31 -70.19
C HIS D 650 34.71 46.63 -69.66
N ILE D 651 34.99 47.72 -70.35
CA ILE D 651 34.52 49.03 -69.91
C ILE D 651 33.01 49.09 -69.79
N SER D 652 32.31 48.55 -70.79
CA SER D 652 30.85 48.58 -70.74
C SER D 652 30.27 47.56 -69.76
N THR D 653 31.01 46.48 -69.49
CA THR D 653 30.53 45.50 -68.54
C THR D 653 30.68 46.06 -67.14
N LEU D 654 31.77 46.81 -66.94
CA LEU D 654 32.01 47.42 -65.65
C LEU D 654 30.99 48.52 -65.40
N LEU D 655 30.77 49.39 -66.38
CA LEU D 655 29.81 50.45 -66.19
C LEU D 655 28.40 49.92 -65.91
N ASP D 656 28.11 48.74 -66.42
CA ASP D 656 26.82 48.12 -66.22
C ASP D 656 26.76 47.51 -64.82
N LEU D 657 27.86 46.93 -64.39
CA LEU D 657 27.93 46.30 -63.08
C LEU D 657 27.90 47.37 -62.00
N HIS D 658 28.55 48.49 -62.28
CA HIS D 658 28.63 49.58 -61.34
C HIS D 658 27.23 50.11 -61.11
N TYR D 659 26.50 50.35 -62.18
CA TYR D 659 25.15 50.86 -62.09
C TYR D 659 24.27 49.94 -61.25
N LYS D 660 24.30 48.65 -61.54
CA LYS D 660 23.49 47.74 -60.76
C LYS D 660 23.93 47.73 -59.30
N GLN D 661 25.24 47.75 -59.05
CA GLN D 661 25.80 47.77 -57.69
C GLN D 661 25.27 48.97 -56.91
N PHE D 662 25.41 50.14 -57.52
CA PHE D 662 24.94 51.36 -56.92
C PHE D 662 23.49 51.19 -56.57
N LEU D 663 22.64 51.02 -57.57
CA LEU D 663 21.21 50.83 -57.37
C LEU D 663 20.89 49.91 -56.19
N LEU D 664 21.47 48.71 -56.21
CA LEU D 664 21.17 47.78 -55.14
C LEU D 664 21.54 48.36 -53.77
N LEU D 665 22.76 48.89 -53.67
CA LEU D 665 23.22 49.47 -52.43
C LEU D 665 22.31 50.62 -52.01
N ASN D 666 21.75 51.29 -53.02
CA ASN D 666 20.85 52.41 -52.79
C ASN D 666 19.52 51.92 -52.28
N LEU D 667 19.00 50.84 -52.86
CA LEU D 667 17.72 50.33 -52.39
C LEU D 667 17.89 49.72 -51.02
N TYR D 668 19.06 49.17 -50.74
CA TYR D 668 19.31 48.55 -49.43
C TYR D 668 19.13 49.57 -48.32
N ARG D 669 19.70 50.75 -48.49
CA ARG D 669 19.59 51.72 -47.44
C ARG D 669 18.33 52.56 -47.52
N GLN D 670 17.59 52.42 -48.60
CA GLN D 670 16.37 53.17 -48.71
C GLN D 670 15.23 52.43 -48.01
N ASP D 671 15.29 51.09 -47.99
CA ASP D 671 14.22 50.29 -47.37
C ASP D 671 14.54 48.78 -47.35
N LYS D 672 15.31 48.33 -46.37
CA LYS D 672 15.70 46.93 -46.24
C LYS D 672 14.59 45.92 -46.42
N CYS D 673 13.49 46.09 -45.70
CA CYS D 673 12.38 45.13 -45.82
C CYS D 673 11.90 45.01 -47.26
N LEU D 674 11.48 46.12 -47.85
CA LEU D 674 11.02 46.10 -49.22
C LEU D 674 12.03 45.38 -50.13
N LEU D 675 13.33 45.68 -49.98
CA LEU D 675 14.34 45.05 -50.82
C LEU D 675 14.32 43.54 -50.66
N ALA D 676 14.42 43.09 -49.42
CA ALA D 676 14.41 41.66 -49.16
C ALA D 676 13.19 41.02 -49.83
N GLU D 677 12.05 41.71 -49.71
CA GLU D 677 10.79 41.24 -50.27
C GLU D 677 10.82 41.05 -51.81
N VAL D 678 11.20 42.09 -52.53
CA VAL D 678 11.25 42.03 -53.98
C VAL D 678 12.38 41.11 -54.37
N LEU D 679 13.39 41.00 -53.53
CA LEU D 679 14.51 40.15 -53.86
C LEU D 679 14.25 38.68 -53.60
N LEU D 680 13.38 38.34 -52.65
CA LEU D 680 13.07 36.93 -52.38
C LEU D 680 11.82 36.49 -53.15
N LYS D 681 11.07 37.46 -53.67
CA LYS D 681 9.87 37.18 -54.46
C LYS D 681 10.29 37.19 -55.93
N ASP D 682 11.60 37.28 -56.13
CA ASP D 682 12.19 37.29 -57.47
C ASP D 682 12.40 35.82 -57.86
N SER D 683 12.94 35.03 -56.94
CA SER D 683 13.14 33.60 -57.18
C SER D 683 11.83 32.87 -56.94
N SER D 684 11.39 32.12 -57.96
CA SER D 684 10.14 31.37 -57.91
C SER D 684 10.04 30.26 -56.85
N GLU D 685 10.75 29.16 -57.07
CA GLU D 685 10.75 28.02 -56.14
C GLU D 685 11.29 28.33 -54.75
N PHE D 686 11.84 29.52 -54.57
CA PHE D 686 12.41 29.94 -53.29
C PHE D 686 11.70 31.20 -52.79
N SER D 687 10.40 31.25 -53.03
CA SER D 687 9.54 32.37 -52.66
C SER D 687 9.27 32.56 -51.17
N PHE D 688 9.89 31.75 -50.32
CA PHE D 688 9.68 31.86 -48.89
C PHE D 688 10.98 32.11 -48.12
N GLY D 689 12.08 31.78 -48.74
CA GLY D 689 13.38 31.97 -48.11
C GLY D 689 14.21 30.75 -48.39
N VAL D 690 15.26 30.53 -47.61
CA VAL D 690 16.13 29.39 -47.80
C VAL D 690 16.59 28.85 -46.45
N LYS D 691 17.25 27.71 -46.50
CA LYS D 691 17.77 27.04 -45.32
C LYS D 691 19.18 26.56 -45.69
N PHE D 692 20.21 27.24 -45.19
CA PHE D 692 21.59 26.82 -45.46
C PHE D 692 22.16 26.24 -44.18
N PHE D 693 22.91 25.15 -44.29
CA PHE D 693 23.46 24.50 -43.11
C PHE D 693 24.98 24.60 -42.97
N ASN D 694 25.70 24.73 -44.08
CA ASN D 694 27.15 24.86 -44.04
C ASN D 694 27.54 26.17 -44.71
N TYR D 695 28.82 26.52 -44.71
CA TYR D 695 29.26 27.77 -45.32
C TYR D 695 29.15 27.73 -46.82
N GLY D 696 29.36 26.55 -47.40
CA GLY D 696 29.26 26.42 -48.85
C GLY D 696 27.85 26.76 -49.33
N GLN D 697 26.85 26.19 -48.67
CA GLN D 697 25.49 26.46 -49.05
C GLN D 697 25.20 27.95 -48.93
N LEU D 698 25.68 28.56 -47.84
CA LEU D 698 25.47 29.99 -47.59
C LEU D 698 26.10 30.83 -48.68
N ILE D 699 27.38 30.62 -48.92
CA ILE D 699 28.07 31.36 -49.93
C ILE D 699 27.35 31.18 -51.26
N ALA D 700 26.98 29.93 -51.57
CA ALA D 700 26.29 29.64 -52.83
C ALA D 700 25.02 30.44 -53.00
N TYR D 701 24.20 30.47 -51.96
CA TYR D 701 22.94 31.22 -52.02
C TYR D 701 23.21 32.71 -52.22
N ILE D 702 24.23 33.24 -51.54
CA ILE D 702 24.55 34.65 -51.69
C ILE D 702 24.99 34.88 -53.12
N ASP D 703 25.95 34.10 -53.61
CA ASP D 703 26.41 34.26 -54.99
C ASP D 703 25.22 34.16 -55.93
N SER D 704 24.26 33.36 -55.52
CA SER D 704 23.05 33.17 -56.29
C SER D 704 22.26 34.49 -56.38
N LEU D 705 22.02 35.12 -55.24
CA LEU D 705 21.30 36.37 -55.22
C LEU D 705 22.07 37.42 -56.01
N ASN D 706 23.40 37.30 -56.01
CA ASN D 706 24.22 38.27 -56.73
C ASN D 706 23.88 38.20 -58.21
N SER D 707 23.74 36.99 -58.74
CA SER D 707 23.40 36.83 -60.16
C SER D 707 22.08 37.50 -60.45
N ASN D 708 21.10 37.27 -59.59
CA ASN D 708 19.81 37.90 -59.81
C ASN D 708 20.01 39.40 -59.96
N VAL D 709 20.98 39.95 -59.23
CA VAL D 709 21.25 41.37 -59.30
C VAL D 709 22.02 41.71 -60.56
N TYR D 710 23.01 40.92 -60.95
CA TYR D 710 23.72 41.27 -62.19
C TYR D 710 22.97 40.94 -63.50
N ASN D 711 22.00 40.03 -63.44
CA ASN D 711 21.23 39.68 -64.63
C ASN D 711 19.95 40.51 -64.75
N ALA D 712 19.59 41.24 -63.69
CA ALA D 712 18.39 42.04 -63.76
C ALA D 712 18.45 43.04 -64.89
N SER D 713 17.28 43.35 -65.45
CA SER D 713 17.21 44.31 -66.52
C SER D 713 17.13 45.72 -65.92
N ILE D 714 17.76 46.68 -66.57
CA ILE D 714 17.72 48.04 -66.07
C ILE D 714 17.21 49.02 -67.11
N THR D 715 16.50 48.52 -68.11
CA THR D 715 16.00 49.41 -69.12
C THR D 715 14.63 49.89 -68.66
N GLU D 716 14.40 51.19 -68.79
CA GLU D 716 13.13 51.77 -68.39
C GLU D 716 12.17 51.67 -69.56
N ASN D 717 11.13 50.85 -69.42
CA ASN D 717 10.19 50.65 -70.52
C ASN D 717 9.06 51.68 -70.75
N SER D 718 9.15 52.84 -70.08
CA SER D 718 8.15 53.92 -70.18
C SER D 718 8.56 55.09 -69.31
N PHE D 719 7.90 56.24 -69.49
CA PHE D 719 8.19 57.42 -68.69
C PHE D 719 7.95 57.11 -67.22
N PHE D 720 7.01 56.21 -66.92
CA PHE D 720 6.77 55.83 -65.54
C PHE D 720 8.03 55.28 -64.84
N MET D 721 8.70 54.34 -65.50
CA MET D 721 9.88 53.72 -64.92
C MET D 721 11.04 54.70 -64.85
N THR D 722 11.13 55.61 -65.80
CA THR D 722 12.18 56.60 -65.83
C THR D 722 12.00 57.57 -64.67
N PHE D 723 10.76 57.97 -64.42
CA PHE D 723 10.46 58.84 -63.30
C PHE D 723 10.90 58.09 -62.04
N PHE D 724 10.36 56.89 -61.85
CA PHE D 724 10.72 56.13 -60.66
C PHE D 724 12.19 56.22 -60.38
N ARG D 725 12.99 55.73 -61.31
CA ARG D 725 14.44 55.72 -61.14
C ARG D 725 15.09 57.06 -60.84
N SER D 726 14.70 58.09 -61.59
CA SER D 726 15.27 59.43 -61.41
C SER D 726 14.98 59.94 -60.04
N TYR D 727 13.75 59.70 -59.59
CA TYR D 727 13.30 60.14 -58.30
C TYR D 727 14.06 59.44 -57.18
N ILE D 728 14.32 58.14 -57.36
CA ILE D 728 15.02 57.34 -56.36
C ILE D 728 16.54 57.27 -56.42
N ILE D 729 17.09 57.02 -57.61
CA ILE D 729 18.54 56.91 -57.75
C ILE D 729 19.17 58.25 -57.47
HG HG E . -30.31 -30.66 24.19
HG HG F . -46.16 -25.28 38.10
HG HG G . -20.11 -11.04 23.13
HG HG H . -26.65 21.44 -12.99
HG HG I . -10.08 32.19 -3.74
HG HG J . -36.45 14.21 5.58
HG HG K . 29.52 -30.85 19.71
HG HG L . 12.99 -42.25 11.12
HG HG M . 45.87 -45.45 16.52
HG HG N . 27.42 39.96 -30.96
HG HG O . 43.23 35.35 -45.19
HG HG P . 10.69 42.29 -45.24
#